data_6G4G
#
_entry.id   6G4G
#
_cell.length_a   76.360
_cell.length_b   116.300
_cell.length_c   124.160
_cell.angle_alpha   86.77
_cell.angle_beta   87.76
_cell.angle_gamma   88.20
#
_symmetry.space_group_name_H-M   'P 1'
#
loop_
_entity.id
_entity.type
_entity.pdbx_description
1 polymer 'Ectonucleotide pyrophosphatase/phosphodiesterase family member 3'
2 branched 2-acetamido-2-deoxy-beta-D-glucopyranose-(1-4)-2-acetamido-2-deoxy-beta-D-glucopyranose
3 non-polymer 'CALCIUM ION'
4 non-polymer 2-acetamido-2-deoxy-beta-D-glucopyranose
#
_entity_poly.entity_id   1
_entity_poly.type   'polypeptide(L)'
_entity_poly.pdbx_seq_one_letter_code
;AETGEEHIGSCRKKCFDSSHRGLEGCRCDSGCTDRGDCCWDFEDTCVKSTQIWTCNSFRCGETRLEAALCSCADDCLQRK
DCCTDYKAVCQGEVPWVTEACASSQEPQCPEGFDQPPVILFSMDGFRAEYLQTWSTLLPNINKLKTCGLHSKYMRAVYPT
KTFPNHYTIVTGLYPESHGIIDNNMYDVYLNKNFSLSSVEKSNPAWWSGQPIWLTAMYQGLKAASYYWPGSDVAVNGSFP
NIYRNYSNSVPYESRIATLLQWLDLPKAERPSFYTIYVEEPDSAGHKSGPVSAGVIKALQLVDDAFGMLMEGLKQRNLHN
CVNIIVLADHGMDQTSCDRVEYMTDYFPEINFYMYQGPAPRIRTRNIPQDFFTFNSEEIVRDLSCRKSDQHFKPYLTPDL
PKRLHYAKNVRIDKVHLMVDRQWLAYRNKGSSNCEGGTHGYNNEFKSMEAIFLAHGPSFKEKTVIEPFENIEVYNLLCDL
LHIQPAPNNGSHGSLNHLLKAPFYQPSHAEELSKSAGCGFTTPLPKDSLNCSCLALQTSGQEEQVNQRLNLNRGEVSATE
KTNLPFGRPRVIQKNKDHCLLYHREYVSGFGKAMKMPMWSSYTVPKPGDTSSLPPTVPDCLRADVRVDPSESQKCSFYLA
DQNIDHGFLYPPAIKGNNESQYDALITSNLVPMYKEFKKMWDYFHKVLLIKYAIERNGVNVVSGPIFDYNYDGHFDAPDE
ITNYVAGTDVPVPTHYFVVLTSCKNKTHTPDSCPGWLDVLPFVVPHRPTNVESCPENKAEDLWVEERFKAHIARVRDVEL
LTGLDFYQEKTQPVSEILQLKTYLPTFETIIGTKHHHHHH
;
_entity_poly.pdbx_strand_id   A,B,C,D
#
# COMPACT_ATOMS: atom_id res chain seq x y z
N GLY A 9 14.68 -14.00 -50.94
CA GLY A 9 14.96 -13.19 -52.12
C GLY A 9 14.16 -11.91 -52.25
N SER A 10 13.36 -11.55 -51.20
CA SER A 10 12.50 -10.37 -51.14
C SER A 10 12.32 -9.89 -49.66
N CYS A 11 11.45 -8.86 -49.42
CA CYS A 11 11.20 -8.28 -48.09
C CYS A 11 10.26 -9.06 -47.19
N ARG A 12 9.62 -10.13 -47.73
CA ARG A 12 8.70 -11.01 -47.03
C ARG A 12 9.39 -11.62 -45.80
N LYS A 13 8.77 -11.43 -44.59
CA LYS A 13 9.23 -11.94 -43.29
C LYS A 13 10.64 -11.43 -42.87
N LYS A 14 11.12 -10.33 -43.50
CA LYS A 14 12.44 -9.73 -43.24
C LYS A 14 12.39 -8.16 -43.06
N CYS A 15 11.19 -7.62 -42.90
CA CYS A 15 10.92 -6.18 -42.72
C CYS A 15 11.79 -5.50 -41.65
N PHE A 16 12.64 -4.55 -42.07
CA PHE A 16 13.59 -3.79 -41.21
C PHE A 16 14.60 -4.73 -40.55
N ASP A 17 15.69 -5.02 -41.28
CA ASP A 17 16.71 -5.98 -40.88
C ASP A 17 18.06 -5.58 -41.45
N SER A 18 19.14 -5.98 -40.77
CA SER A 18 20.51 -5.78 -41.26
C SER A 18 20.82 -6.74 -42.45
N SER A 19 19.82 -7.59 -42.84
CA SER A 19 19.89 -8.57 -43.94
C SER A 19 20.16 -7.87 -45.26
N HIS A 20 21.16 -8.39 -45.98
CA HIS A 20 21.57 -7.95 -47.30
C HIS A 20 21.08 -8.97 -48.29
N ARG A 21 20.52 -10.06 -47.74
CA ARG A 21 19.93 -11.18 -48.45
C ARG A 21 18.75 -10.64 -49.26
N GLY A 22 18.82 -10.77 -50.58
CA GLY A 22 17.76 -10.29 -51.45
C GLY A 22 17.84 -10.82 -52.87
N LEU A 23 17.32 -10.02 -53.83
CA LEU A 23 17.32 -10.35 -55.26
C LEU A 23 18.79 -10.29 -55.72
N GLU A 24 19.33 -9.09 -55.87
CA GLU A 24 20.73 -8.91 -56.17
C GLU A 24 21.30 -8.04 -55.07
N GLY A 25 21.09 -8.51 -53.85
CA GLY A 25 21.50 -7.80 -52.64
C GLY A 25 20.56 -6.68 -52.25
N CYS A 26 19.25 -6.85 -52.49
CA CYS A 26 18.30 -5.83 -52.12
C CYS A 26 18.09 -5.84 -50.61
N ARG A 27 17.80 -4.66 -50.01
CA ARG A 27 17.61 -4.44 -48.57
C ARG A 27 16.16 -4.22 -48.17
N CYS A 28 15.88 -4.31 -46.87
CA CYS A 28 14.54 -4.16 -46.32
C CYS A 28 14.47 -3.25 -45.09
N ASP A 29 15.56 -2.49 -44.81
CA ASP A 29 15.66 -1.51 -43.71
C ASP A 29 15.02 -0.19 -44.13
N SER A 30 14.70 0.69 -43.17
CA SER A 30 14.06 1.97 -43.49
C SER A 30 14.95 2.95 -44.33
N GLY A 31 16.25 2.71 -44.36
CA GLY A 31 17.14 3.55 -45.15
C GLY A 31 17.28 3.13 -46.61
N CYS A 32 16.70 1.96 -46.99
CA CYS A 32 16.78 1.41 -48.35
C CYS A 32 16.13 2.30 -49.38
N THR A 33 15.11 3.06 -48.97
CA THR A 33 14.33 3.94 -49.86
C THR A 33 15.23 5.00 -50.48
N ASP A 34 15.94 5.74 -49.63
CA ASP A 34 16.88 6.80 -50.01
C ASP A 34 18.11 6.26 -50.70
N ARG A 35 18.45 4.97 -50.50
CA ARG A 35 19.59 4.33 -51.16
C ARG A 35 19.15 3.68 -52.48
N GLY A 36 17.84 3.47 -52.62
CA GLY A 36 17.23 2.79 -53.77
C GLY A 36 17.40 1.29 -53.73
N ASP A 37 17.93 0.76 -52.60
CA ASP A 37 18.24 -0.64 -52.33
C ASP A 37 17.02 -1.51 -52.01
N CYS A 38 15.83 -0.92 -51.82
CA CYS A 38 14.66 -1.72 -51.42
C CYS A 38 14.36 -2.86 -52.36
N CYS A 39 13.83 -3.97 -51.81
CA CYS A 39 13.34 -5.07 -52.63
C CYS A 39 12.00 -4.60 -53.14
N TRP A 40 11.64 -4.99 -54.35
CA TRP A 40 10.42 -4.57 -55.03
C TRP A 40 9.13 -4.59 -54.15
N ASP A 41 9.03 -5.53 -53.20
CA ASP A 41 7.87 -5.67 -52.33
C ASP A 41 7.97 -4.92 -51.01
N PHE A 42 9.06 -4.16 -50.80
CA PHE A 42 9.28 -3.45 -49.54
C PHE A 42 8.10 -2.63 -49.06
N GLU A 43 7.66 -1.63 -49.85
CA GLU A 43 6.57 -0.73 -49.48
C GLU A 43 5.29 -1.45 -49.13
N ASP A 44 4.91 -2.46 -49.91
CA ASP A 44 3.69 -3.19 -49.68
C ASP A 44 3.77 -4.11 -48.47
N THR A 45 4.86 -4.93 -48.34
CA THR A 45 4.99 -5.83 -47.17
C THR A 45 5.29 -5.07 -45.86
N CYS A 46 6.18 -4.05 -45.90
CA CYS A 46 6.65 -3.34 -44.68
C CYS A 46 6.01 -2.01 -44.39
N VAL A 47 5.67 -1.22 -45.42
CA VAL A 47 5.19 0.13 -45.18
C VAL A 47 3.64 0.24 -45.23
N LYS A 48 3.00 0.07 -46.39
CA LYS A 48 1.55 0.24 -46.49
C LYS A 48 0.79 -0.71 -45.60
N SER A 49 1.34 -1.90 -45.34
CA SER A 49 0.74 -2.92 -44.50
C SER A 49 0.43 -2.42 -43.07
N THR A 50 1.33 -1.62 -42.48
CA THR A 50 1.07 -1.09 -41.14
C THR A 50 -0.04 -0.04 -41.13
N GLN A 51 -0.50 0.43 -42.33
CA GLN A 51 -1.53 1.47 -42.39
C GLN A 51 -2.81 1.10 -43.10
N ILE A 52 -2.98 -0.14 -43.57
CA ILE A 52 -4.29 -0.49 -44.14
C ILE A 52 -5.04 -1.41 -43.23
N TRP A 53 -6.35 -1.48 -43.51
CA TRP A 53 -7.31 -2.30 -42.79
C TRP A 53 -7.65 -3.57 -43.58
N THR A 54 -6.80 -3.92 -44.60
CA THR A 54 -7.06 -5.13 -45.37
C THR A 54 -5.79 -5.92 -45.76
N CYS A 55 -5.95 -7.28 -45.81
CA CYS A 55 -4.92 -8.24 -46.24
C CYS A 55 -4.87 -8.23 -47.77
N ASN A 56 -3.77 -8.76 -48.33
CA ASN A 56 -3.48 -8.83 -49.77
C ASN A 56 -2.42 -9.91 -50.02
N SER A 57 -1.96 -10.01 -51.28
CA SER A 57 -0.89 -10.90 -51.75
C SER A 57 0.38 -10.84 -50.87
N PHE A 58 0.81 -9.65 -50.49
CA PHE A 58 2.03 -9.35 -49.72
C PHE A 58 1.93 -9.75 -48.24
N ARG A 59 0.79 -9.42 -47.64
CA ARG A 59 0.48 -9.65 -46.24
C ARG A 59 0.11 -11.08 -45.89
N CYS A 60 -0.64 -11.81 -46.76
CA CYS A 60 -0.99 -13.19 -46.38
C CYS A 60 0.25 -13.91 -45.91
N GLY A 61 0.17 -14.45 -44.70
CA GLY A 61 1.24 -15.22 -44.08
C GLY A 61 2.41 -14.44 -43.53
N GLU A 62 2.23 -13.12 -43.38
CA GLU A 62 3.28 -12.20 -42.90
C GLU A 62 3.73 -12.47 -41.50
N THR A 63 4.95 -11.98 -41.17
CA THR A 63 5.48 -12.06 -39.80
C THR A 63 4.86 -10.86 -39.15
N ARG A 64 4.21 -11.08 -38.02
CA ARG A 64 3.46 -10.06 -37.28
C ARG A 64 4.28 -8.76 -37.08
N LEU A 65 3.65 -7.63 -37.45
CA LEU A 65 4.20 -6.28 -37.28
C LEU A 65 3.43 -5.62 -36.16
N GLU A 66 4.16 -5.14 -35.14
CA GLU A 66 3.55 -4.52 -33.95
C GLU A 66 2.79 -3.23 -34.34
N ALA A 67 3.41 -2.38 -35.23
CA ALA A 67 2.88 -1.10 -35.70
C ALA A 67 1.50 -1.22 -36.46
N ALA A 68 1.22 -2.43 -37.05
CA ALA A 68 0.03 -2.77 -37.86
C ALA A 68 -1.32 -2.56 -37.20
N LEU A 69 -2.32 -2.22 -38.04
CA LEU A 69 -3.71 -1.90 -37.69
C LEU A 69 -4.54 -3.09 -37.27
N CYS A 70 -4.44 -4.16 -38.07
CA CYS A 70 -5.04 -5.48 -37.97
C CYS A 70 -3.83 -6.49 -38.32
N SER A 71 -4.08 -7.83 -38.42
CA SER A 71 -3.06 -8.84 -38.79
C SER A 71 -3.45 -9.75 -39.95
N CYS A 72 -2.44 -10.30 -40.65
CA CYS A 72 -2.57 -11.27 -41.73
C CYS A 72 -1.65 -12.47 -41.47
N ALA A 73 -1.04 -12.50 -40.27
CA ALA A 73 -0.17 -13.55 -39.80
C ALA A 73 -0.92 -14.86 -39.61
N ASP A 74 -0.23 -16.00 -39.75
CA ASP A 74 -0.80 -17.34 -39.62
C ASP A 74 -1.53 -17.59 -38.31
N ASP A 75 -1.19 -16.86 -37.25
CA ASP A 75 -1.79 -17.03 -35.94
C ASP A 75 -2.82 -15.95 -35.63
N CYS A 76 -3.27 -15.20 -36.66
CA CYS A 76 -4.23 -14.13 -36.40
C CYS A 76 -5.61 -14.64 -36.01
N LEU A 77 -6.06 -15.82 -36.53
CA LEU A 77 -7.40 -16.36 -36.19
C LEU A 77 -7.46 -16.75 -34.72
N GLN A 78 -6.40 -17.42 -34.22
CA GLN A 78 -6.26 -17.83 -32.82
C GLN A 78 -6.02 -16.60 -31.95
N ARG A 79 -5.19 -15.63 -32.44
CA ARG A 79 -4.94 -14.37 -31.73
C ARG A 79 -6.12 -13.40 -31.78
N LYS A 80 -7.15 -13.70 -32.62
CA LYS A 80 -8.38 -12.92 -32.83
C LYS A 80 -8.14 -11.52 -33.42
N ASP A 81 -7.03 -11.31 -34.15
CA ASP A 81 -6.74 -9.98 -34.71
C ASP A 81 -6.65 -9.90 -36.23
N CYS A 82 -7.21 -10.88 -36.97
CA CYS A 82 -7.21 -10.84 -38.43
C CYS A 82 -7.91 -9.63 -38.96
N CYS A 83 -7.61 -9.30 -40.19
CA CYS A 83 -8.31 -8.31 -40.92
C CYS A 83 -9.61 -8.98 -41.37
N THR A 84 -10.70 -8.24 -41.65
CA THR A 84 -11.98 -8.86 -42.01
C THR A 84 -11.90 -9.72 -43.28
N ASP A 85 -11.06 -9.31 -44.24
CA ASP A 85 -10.89 -10.01 -45.50
C ASP A 85 -9.87 -11.20 -45.46
N TYR A 86 -9.30 -11.53 -44.25
CA TYR A 86 -8.33 -12.63 -44.06
C TYR A 86 -8.81 -13.93 -44.67
N LYS A 87 -9.98 -14.42 -44.24
CA LYS A 87 -10.51 -15.69 -44.75
C LYS A 87 -10.75 -15.70 -46.27
N ALA A 88 -11.26 -14.59 -46.86
CA ALA A 88 -11.52 -14.56 -48.30
C ALA A 88 -10.24 -14.41 -49.14
N VAL A 89 -9.29 -13.59 -48.67
CA VAL A 89 -8.05 -13.26 -49.38
C VAL A 89 -6.98 -14.33 -49.18
N CYS A 90 -6.72 -14.70 -47.91
CA CYS A 90 -5.70 -15.68 -47.52
C CYS A 90 -6.17 -17.13 -47.54
N GLN A 91 -7.48 -17.40 -47.42
CA GLN A 91 -8.04 -18.77 -47.43
C GLN A 91 -9.04 -19.04 -48.56
N GLY A 92 -9.15 -18.09 -49.50
CA GLY A 92 -10.01 -18.18 -50.68
C GLY A 92 -11.46 -18.50 -50.44
N GLU A 93 -11.98 -18.14 -49.26
CA GLU A 93 -13.38 -18.35 -48.91
C GLU A 93 -14.25 -17.34 -49.66
N VAL A 94 -15.51 -17.71 -49.98
CA VAL A 94 -16.44 -16.81 -50.69
C VAL A 94 -16.94 -15.78 -49.70
N PRO A 95 -16.70 -14.46 -49.93
CA PRO A 95 -17.15 -13.44 -48.97
C PRO A 95 -18.66 -13.36 -48.81
N TRP A 96 -19.13 -12.98 -47.62
CA TRP A 96 -20.54 -12.82 -47.27
C TRP A 96 -21.32 -12.12 -48.40
N VAL A 97 -20.77 -11.00 -48.91
CA VAL A 97 -21.34 -10.15 -49.96
C VAL A 97 -21.64 -10.93 -51.26
N THR A 98 -20.69 -11.75 -51.75
CA THR A 98 -20.89 -12.54 -52.99
C THR A 98 -21.72 -13.80 -52.75
N GLU A 99 -21.49 -14.48 -51.61
CA GLU A 99 -22.17 -15.69 -51.11
C GLU A 99 -23.71 -15.54 -51.25
N ALA A 100 -24.43 -16.65 -51.48
CA ALA A 100 -25.90 -16.60 -51.63
C ALA A 100 -26.61 -16.18 -50.35
N CYS A 101 -27.93 -15.86 -50.43
CA CYS A 101 -28.71 -15.47 -49.25
C CYS A 101 -28.86 -16.60 -48.24
N ALA A 102 -28.78 -16.27 -46.94
CA ALA A 102 -28.91 -17.23 -45.83
C ALA A 102 -30.37 -17.66 -45.59
N SER A 103 -30.60 -18.97 -45.41
CA SER A 103 -31.93 -19.55 -45.19
C SER A 103 -32.20 -19.88 -43.70
N SER A 104 -31.18 -19.72 -42.80
CA SER A 104 -31.21 -20.11 -41.36
C SER A 104 -32.57 -19.91 -40.60
N GLN A 105 -33.35 -21.00 -40.43
CA GLN A 105 -34.63 -20.91 -39.71
C GLN A 105 -34.45 -20.82 -38.18
N GLU A 106 -33.23 -21.09 -37.67
CA GLU A 106 -32.87 -20.99 -36.25
C GLU A 106 -31.48 -20.37 -36.11
N PRO A 107 -31.20 -19.60 -35.02
CA PRO A 107 -29.86 -18.99 -34.89
C PRO A 107 -28.72 -19.97 -34.80
N GLN A 108 -27.84 -19.95 -35.83
CA GLN A 108 -26.68 -20.83 -35.81
C GLN A 108 -25.58 -20.05 -35.15
N CYS A 109 -25.58 -20.17 -33.83
CA CYS A 109 -24.65 -19.45 -33.00
C CYS A 109 -23.48 -20.29 -32.52
N PRO A 110 -22.28 -19.68 -32.42
CA PRO A 110 -21.13 -20.40 -31.86
C PRO A 110 -21.37 -20.83 -30.39
N GLU A 111 -20.42 -21.63 -29.85
CA GLU A 111 -20.47 -22.08 -28.46
C GLU A 111 -20.24 -20.87 -27.60
N GLY A 112 -21.05 -20.75 -26.56
CA GLY A 112 -21.01 -19.61 -25.65
C GLY A 112 -22.12 -18.64 -25.98
N PHE A 113 -22.39 -18.46 -27.29
CA PHE A 113 -23.47 -17.60 -27.74
C PHE A 113 -24.77 -18.33 -27.50
N ASP A 114 -25.31 -18.10 -26.29
CA ASP A 114 -26.55 -18.70 -25.86
C ASP A 114 -27.67 -18.00 -26.61
N GLN A 115 -27.62 -16.66 -26.59
CA GLN A 115 -28.61 -15.86 -27.29
C GLN A 115 -27.99 -14.96 -28.38
N PRO A 116 -28.59 -14.93 -29.60
CA PRO A 116 -28.02 -14.15 -30.70
C PRO A 116 -27.93 -12.67 -30.44
N PRO A 117 -26.74 -12.07 -30.60
CA PRO A 117 -26.59 -10.63 -30.35
C PRO A 117 -27.42 -9.74 -31.28
N VAL A 118 -27.74 -8.55 -30.81
CA VAL A 118 -28.53 -7.59 -31.54
C VAL A 118 -27.62 -6.39 -31.79
N ILE A 119 -27.52 -5.98 -33.07
CA ILE A 119 -26.77 -4.79 -33.46
C ILE A 119 -27.75 -3.84 -34.13
N LEU A 120 -27.97 -2.70 -33.49
CA LEU A 120 -28.79 -1.61 -34.01
C LEU A 120 -27.79 -0.57 -34.57
N PHE A 121 -27.85 -0.37 -35.89
CA PHE A 121 -26.93 0.48 -36.63
C PHE A 121 -27.67 1.59 -37.31
N SER A 122 -27.28 2.87 -37.06
CA SER A 122 -27.91 4.00 -37.73
C SER A 122 -26.94 4.79 -38.58
N MET A 123 -27.39 5.10 -39.82
CA MET A 123 -26.69 5.85 -40.87
C MET A 123 -27.60 6.97 -41.45
N ASP A 124 -27.04 7.87 -42.30
CA ASP A 124 -27.75 8.98 -43.05
C ASP A 124 -27.06 9.36 -44.39
N GLY A 125 -27.72 10.19 -45.20
CA GLY A 125 -27.22 10.59 -46.51
C GLY A 125 -27.56 9.59 -47.59
N TRP A 134 -28.73 2.35 -58.13
CA TRP A 134 -28.80 2.25 -56.69
C TRP A 134 -27.87 1.13 -56.08
N SER A 135 -28.26 -0.16 -56.18
CA SER A 135 -27.59 -1.37 -55.64
C SER A 135 -26.05 -1.48 -55.88
N THR A 136 -25.56 -1.46 -57.14
CA THR A 136 -24.14 -1.49 -57.52
C THR A 136 -23.22 -0.48 -56.77
N LEU A 137 -23.78 0.61 -56.25
CA LEU A 137 -23.04 1.63 -55.49
C LEU A 137 -22.78 1.15 -54.05
N LEU A 138 -23.82 0.58 -53.42
CA LEU A 138 -23.74 0.10 -52.05
C LEU A 138 -24.09 -1.42 -51.99
N PRO A 139 -23.11 -2.31 -52.31
CA PRO A 139 -23.43 -3.75 -52.39
C PRO A 139 -23.76 -4.49 -51.08
N ASN A 140 -23.17 -4.06 -49.96
CA ASN A 140 -23.31 -4.73 -48.68
C ASN A 140 -24.66 -4.44 -48.09
N ILE A 141 -25.03 -3.13 -48.01
CA ILE A 141 -26.32 -2.65 -47.49
C ILE A 141 -27.41 -3.20 -48.41
N ASN A 142 -27.13 -3.29 -49.74
CA ASN A 142 -28.11 -3.87 -50.66
C ASN A 142 -28.34 -5.35 -50.36
N LYS A 143 -27.27 -6.13 -50.09
CA LYS A 143 -27.39 -7.56 -49.77
C LYS A 143 -28.29 -7.76 -48.59
N LEU A 144 -28.25 -6.84 -47.64
CA LEU A 144 -29.07 -6.87 -46.44
C LEU A 144 -30.56 -6.70 -46.79
N LYS A 145 -30.87 -5.71 -47.67
CA LYS A 145 -32.21 -5.42 -48.16
C LYS A 145 -32.70 -6.64 -48.96
N THR A 146 -31.79 -7.19 -49.81
CA THR A 146 -31.98 -8.33 -50.70
C THR A 146 -32.39 -9.61 -49.93
N CYS A 147 -31.55 -10.05 -48.99
CA CYS A 147 -31.77 -11.27 -48.24
C CYS A 147 -32.70 -11.10 -47.09
N GLY A 148 -32.60 -9.98 -46.39
CA GLY A 148 -33.39 -9.75 -45.19
C GLY A 148 -34.76 -9.15 -45.40
N LEU A 149 -35.10 -8.25 -44.49
CA LEU A 149 -36.38 -7.58 -44.33
C LEU A 149 -36.21 -6.04 -44.41
N HIS A 150 -37.09 -5.35 -45.14
CA HIS A 150 -37.03 -3.89 -45.23
C HIS A 150 -38.40 -3.25 -45.22
N SER A 151 -38.52 -2.11 -44.50
CA SER A 151 -39.76 -1.37 -44.42
C SER A 151 -39.65 -0.16 -45.30
N LYS A 152 -40.70 0.07 -46.10
CA LYS A 152 -40.89 1.16 -47.06
C LYS A 152 -40.28 2.49 -46.53
N TYR A 153 -40.87 3.01 -45.44
CA TYR A 153 -40.45 4.19 -44.69
C TYR A 153 -40.73 3.88 -43.20
N MET A 154 -39.91 4.38 -42.28
CA MET A 154 -40.21 4.15 -40.89
C MET A 154 -40.72 5.48 -40.30
N ARG A 155 -42.02 5.52 -39.95
CA ARG A 155 -42.66 6.71 -39.41
C ARG A 155 -41.99 7.20 -38.14
N ALA A 156 -41.51 8.47 -38.19
CA ALA A 156 -40.90 9.19 -37.07
C ALA A 156 -41.94 10.00 -36.33
N VAL A 157 -41.75 10.11 -35.02
CA VAL A 157 -42.65 10.88 -34.15
C VAL A 157 -42.31 12.39 -34.19
N TYR A 158 -43.26 13.27 -33.78
CA TYR A 158 -43.09 14.72 -33.76
C TYR A 158 -42.14 15.12 -32.60
N PRO A 159 -41.22 16.11 -32.76
CA PRO A 159 -40.87 16.82 -34.00
C PRO A 159 -40.16 15.79 -34.85
N THR A 160 -40.10 15.91 -36.17
CA THR A 160 -39.49 14.74 -36.80
C THR A 160 -37.93 14.82 -36.89
N LYS A 161 -37.27 15.47 -35.89
CA LYS A 161 -35.83 15.66 -35.75
C LYS A 161 -35.09 14.39 -35.31
N THR A 162 -33.82 14.22 -35.76
CA THR A 162 -32.95 13.05 -35.56
C THR A 162 -32.64 12.74 -34.11
N PHE A 163 -32.11 13.71 -33.36
CA PHE A 163 -31.72 13.47 -31.96
C PHE A 163 -32.88 12.93 -31.11
N PRO A 164 -34.08 13.60 -31.01
CA PRO A 164 -35.18 13.01 -30.23
C PRO A 164 -35.63 11.64 -30.78
N ASN A 165 -35.68 11.52 -32.10
CA ASN A 165 -36.11 10.30 -32.78
C ASN A 165 -35.19 9.12 -32.48
N HIS A 166 -33.90 9.37 -32.28
CA HIS A 166 -32.98 8.30 -31.92
C HIS A 166 -33.23 7.81 -30.51
N TYR A 167 -33.49 8.75 -29.57
CA TYR A 167 -33.80 8.40 -28.20
C TYR A 167 -35.15 7.68 -28.12
N THR A 168 -36.14 8.10 -28.95
CA THR A 168 -37.45 7.41 -29.02
C THR A 168 -37.24 5.98 -29.44
N ILE A 169 -36.42 5.73 -30.51
CA ILE A 169 -36.12 4.38 -31.02
C ILE A 169 -35.73 3.44 -29.85
N VAL A 170 -34.66 3.80 -29.11
CA VAL A 170 -34.13 3.00 -27.99
C VAL A 170 -35.02 3.00 -26.71
N THR A 171 -35.88 4.01 -26.49
CA THR A 171 -36.71 4.00 -25.29
C THR A 171 -38.15 3.46 -25.44
N GLY A 172 -38.71 3.52 -26.67
CA GLY A 172 -40.10 3.18 -26.94
C GLY A 172 -41.07 4.30 -26.53
N LEU A 173 -40.55 5.43 -26.04
CA LEU A 173 -41.40 6.51 -25.60
C LEU A 173 -41.49 7.69 -26.56
N TYR A 174 -42.63 8.44 -26.50
CA TYR A 174 -42.85 9.66 -27.25
C TYR A 174 -41.90 10.71 -26.60
N PRO A 175 -41.38 11.72 -27.36
CA PRO A 175 -40.50 12.72 -26.74
C PRO A 175 -41.07 13.35 -25.47
N GLU A 176 -42.39 13.63 -25.42
CA GLU A 176 -43.05 14.21 -24.25
C GLU A 176 -42.86 13.39 -22.97
N SER A 177 -42.58 12.09 -23.12
CA SER A 177 -42.43 11.13 -22.02
C SER A 177 -40.98 10.77 -21.79
N HIS A 178 -40.16 10.71 -22.84
CA HIS A 178 -38.76 10.41 -22.60
C HIS A 178 -37.93 11.67 -22.25
N GLY A 179 -38.50 12.84 -22.47
CA GLY A 179 -37.85 14.09 -22.10
C GLY A 179 -37.16 14.89 -23.19
N ILE A 180 -36.56 14.20 -24.18
CA ILE A 180 -35.82 14.91 -25.25
C ILE A 180 -36.82 15.38 -26.30
N ILE A 181 -37.47 16.51 -26.05
CA ILE A 181 -38.54 17.04 -26.89
C ILE A 181 -38.06 17.85 -28.14
N ASP A 182 -36.76 18.19 -28.18
CA ASP A 182 -36.10 18.97 -29.23
C ASP A 182 -34.59 19.05 -28.89
N ASN A 183 -33.73 19.41 -29.87
CA ASN A 183 -32.28 19.57 -29.65
C ASN A 183 -32.03 20.76 -28.70
N ASN A 184 -32.96 21.71 -28.66
CA ASN A 184 -32.86 22.84 -27.76
C ASN A 184 -34.11 22.93 -26.90
N MET A 185 -33.92 23.12 -25.59
CA MET A 185 -35.01 23.21 -24.63
C MET A 185 -34.65 23.88 -23.28
N TYR A 186 -35.67 24.33 -22.56
CA TYR A 186 -35.47 24.90 -21.24
C TYR A 186 -36.50 24.27 -20.29
N ASP A 187 -36.01 23.64 -19.20
CA ASP A 187 -36.86 23.07 -18.17
C ASP A 187 -36.91 24.11 -17.03
N VAL A 188 -38.11 24.63 -16.73
CA VAL A 188 -38.28 25.64 -15.68
C VAL A 188 -37.93 25.09 -14.28
N TYR A 189 -38.29 23.82 -14.00
CA TYR A 189 -38.08 23.14 -12.72
C TYR A 189 -36.61 22.88 -12.44
N LEU A 190 -35.80 22.75 -13.50
CA LEU A 190 -34.36 22.62 -13.38
C LEU A 190 -33.75 24.03 -13.45
N ASN A 191 -34.41 24.95 -14.17
CA ASN A 191 -33.94 26.28 -14.56
C ASN A 191 -32.58 26.08 -15.21
N LYS A 192 -32.57 25.22 -16.25
CA LYS A 192 -31.41 24.83 -17.01
C LYS A 192 -31.79 24.78 -18.47
N ASN A 193 -30.81 25.05 -19.33
CA ASN A 193 -30.99 25.06 -20.77
C ASN A 193 -30.30 23.83 -21.36
N PHE A 194 -30.97 23.11 -22.28
CA PHE A 194 -30.39 21.94 -22.97
C PHE A 194 -30.15 22.30 -24.43
N SER A 195 -28.98 21.92 -24.92
CA SER A 195 -28.50 22.10 -26.28
C SER A 195 -27.41 21.06 -26.51
N LEU A 196 -27.22 20.67 -27.78
CA LEU A 196 -26.21 19.65 -28.09
C LEU A 196 -24.78 20.19 -27.91
N SER A 197 -24.61 21.52 -28.10
CA SER A 197 -23.33 22.19 -27.91
C SER A 197 -22.93 22.31 -26.41
N SER A 198 -23.93 22.36 -25.52
CA SER A 198 -23.79 22.46 -24.07
C SER A 198 -23.34 21.20 -23.34
N VAL A 199 -22.69 21.38 -22.17
CA VAL A 199 -22.26 20.34 -21.22
C VAL A 199 -23.56 19.71 -20.60
N GLU A 200 -24.67 20.51 -20.55
CA GLU A 200 -25.97 20.13 -20.03
C GLU A 200 -26.56 18.95 -20.75
N LYS A 201 -26.12 18.71 -22.01
CA LYS A 201 -26.54 17.57 -22.85
C LYS A 201 -26.27 16.27 -22.10
N SER A 202 -25.23 16.29 -21.27
CA SER A 202 -24.76 15.16 -20.46
C SER A 202 -25.49 15.00 -19.10
N ASN A 203 -26.20 16.05 -18.63
CA ASN A 203 -26.98 16.02 -17.38
C ASN A 203 -28.08 14.91 -17.45
N PRO A 204 -28.04 13.90 -16.55
CA PRO A 204 -29.02 12.82 -16.61
C PRO A 204 -30.47 13.18 -16.36
N ALA A 205 -30.74 14.39 -15.78
CA ALA A 205 -32.07 14.87 -15.44
C ALA A 205 -32.92 15.11 -16.66
N TRP A 206 -32.27 15.38 -17.79
CA TRP A 206 -32.96 15.64 -19.06
C TRP A 206 -33.47 14.32 -19.63
N TRP A 207 -32.79 13.25 -19.30
CA TRP A 207 -33.04 11.95 -19.86
C TRP A 207 -33.96 11.10 -19.03
N SER A 208 -35.22 11.10 -19.43
CA SER A 208 -36.24 10.28 -18.78
C SER A 208 -36.42 8.99 -19.59
N GLY A 209 -37.21 8.04 -19.07
CA GLY A 209 -37.41 6.76 -19.71
C GLY A 209 -36.31 5.78 -19.36
N GLN A 210 -36.39 4.56 -19.97
CA GLN A 210 -35.41 3.50 -19.77
C GLN A 210 -34.94 2.95 -21.13
N PRO A 211 -33.75 3.37 -21.60
CA PRO A 211 -33.28 2.90 -22.92
C PRO A 211 -32.95 1.42 -22.92
N ILE A 212 -33.08 0.80 -24.10
CA ILE A 212 -32.91 -0.63 -24.34
C ILE A 212 -31.63 -1.19 -23.71
N TRP A 213 -30.53 -0.39 -23.69
CA TRP A 213 -29.31 -0.90 -23.07
C TRP A 213 -29.53 -1.16 -21.59
N LEU A 214 -30.18 -0.21 -20.87
CA LEU A 214 -30.48 -0.37 -19.46
C LEU A 214 -31.38 -1.56 -19.22
N THR A 215 -32.47 -1.69 -20.00
CA THR A 215 -33.43 -2.79 -19.92
C THR A 215 -32.70 -4.14 -19.93
N ALA A 216 -31.77 -4.34 -20.90
CA ALA A 216 -30.97 -5.54 -21.06
C ALA A 216 -30.05 -5.75 -19.85
N MET A 217 -29.39 -4.67 -19.39
CA MET A 217 -28.48 -4.68 -18.25
C MET A 217 -29.20 -5.08 -16.96
N TYR A 218 -30.33 -4.41 -16.67
CA TYR A 218 -31.19 -4.64 -15.53
C TYR A 218 -31.74 -6.09 -15.58
N GLN A 219 -31.71 -6.74 -16.76
CA GLN A 219 -32.23 -8.07 -16.94
C GLN A 219 -31.14 -9.12 -17.25
N GLY A 220 -29.97 -8.89 -16.67
CA GLY A 220 -28.84 -9.80 -16.76
C GLY A 220 -27.87 -9.60 -17.90
N LEU A 221 -28.36 -9.25 -19.09
CA LEU A 221 -27.50 -9.07 -20.27
C LEU A 221 -26.53 -7.87 -20.14
N LYS A 222 -25.53 -7.80 -21.02
CA LYS A 222 -24.56 -6.71 -21.06
C LYS A 222 -24.74 -5.96 -22.38
N ALA A 223 -24.47 -4.66 -22.40
CA ALA A 223 -24.72 -3.82 -23.57
C ALA A 223 -23.60 -2.88 -23.85
N ALA A 224 -23.32 -2.67 -25.11
CA ALA A 224 -22.28 -1.75 -25.56
C ALA A 224 -22.82 -0.75 -26.53
N SER A 225 -22.12 0.38 -26.66
CA SER A 225 -22.49 1.43 -27.59
C SER A 225 -21.30 2.20 -28.13
N TYR A 226 -21.23 2.27 -29.48
CA TYR A 226 -20.25 3.05 -30.21
C TYR A 226 -20.99 4.28 -30.81
N TYR A 227 -21.50 5.15 -29.87
CA TYR A 227 -22.32 6.35 -30.10
C TYR A 227 -23.82 6.02 -30.39
N TRP A 228 -24.71 6.82 -29.76
CA TRP A 228 -26.15 6.82 -29.89
C TRP A 228 -26.71 7.79 -28.88
N PRO A 229 -27.63 8.71 -29.30
CA PRO A 229 -28.22 9.66 -28.34
C PRO A 229 -28.49 9.04 -26.97
N GLY A 230 -27.81 9.59 -25.96
CA GLY A 230 -28.01 9.17 -24.57
C GLY A 230 -27.24 7.99 -24.05
N SER A 231 -26.44 7.31 -24.91
CA SER A 231 -25.62 6.19 -24.48
C SER A 231 -24.33 6.66 -23.81
N ASP A 232 -23.98 7.94 -23.98
CA ASP A 232 -22.83 8.53 -23.32
C ASP A 232 -23.32 9.36 -22.13
N VAL A 233 -24.52 8.99 -21.58
CA VAL A 233 -25.20 9.64 -20.44
C VAL A 233 -25.56 8.56 -19.39
N ALA A 234 -25.33 8.86 -18.10
CA ALA A 234 -25.66 7.98 -16.99
C ALA A 234 -27.16 8.12 -16.66
N VAL A 235 -28.01 7.70 -17.65
CA VAL A 235 -29.48 7.70 -17.61
C VAL A 235 -29.89 6.76 -16.50
N ASN A 236 -30.64 7.25 -15.54
CA ASN A 236 -31.01 6.48 -14.35
C ASN A 236 -29.72 5.96 -13.64
N GLY A 237 -28.76 6.88 -13.51
CA GLY A 237 -27.47 6.71 -12.82
C GLY A 237 -26.55 5.61 -13.30
N SER A 238 -26.69 5.19 -14.57
CA SER A 238 -25.85 4.15 -15.15
C SER A 238 -25.71 4.29 -16.65
N PHE A 239 -24.48 4.05 -17.11
CA PHE A 239 -24.08 4.11 -18.50
C PHE A 239 -24.13 2.68 -19.02
N PRO A 240 -23.99 2.44 -20.34
CA PRO A 240 -23.91 1.05 -20.80
C PRO A 240 -22.58 0.42 -20.34
N ASN A 241 -22.54 -0.94 -20.20
CA ASN A 241 -21.33 -1.67 -19.79
C ASN A 241 -20.11 -1.17 -20.54
N ILE A 242 -20.22 -1.03 -21.87
CA ILE A 242 -19.21 -0.44 -22.73
C ILE A 242 -19.85 0.70 -23.55
N TYR A 243 -19.20 1.87 -23.53
CA TYR A 243 -19.65 3.04 -24.27
C TYR A 243 -18.47 3.89 -24.70
N ARG A 244 -18.69 4.72 -25.73
CA ARG A 244 -17.69 5.66 -26.23
C ARG A 244 -18.32 7.05 -26.23
N ASN A 245 -17.57 8.05 -25.73
CA ASN A 245 -18.00 9.47 -25.67
C ASN A 245 -17.90 10.03 -27.09
N TYR A 246 -19.03 10.61 -27.58
CA TYR A 246 -19.21 11.08 -28.94
C TYR A 246 -18.10 11.95 -29.49
N SER A 247 -17.66 11.58 -30.72
CA SER A 247 -16.63 12.21 -31.52
C SER A 247 -16.66 11.65 -32.93
N ASN A 248 -16.67 12.52 -33.91
CA ASN A 248 -16.63 12.20 -35.36
C ASN A 248 -15.18 12.06 -35.87
N SER A 249 -14.16 12.02 -34.96
CA SER A 249 -12.73 11.91 -35.33
C SER A 249 -12.38 10.52 -35.89
N VAL A 250 -12.82 9.46 -35.16
CA VAL A 250 -12.61 8.03 -35.37
C VAL A 250 -13.02 7.53 -36.75
N PRO A 251 -12.12 6.83 -37.50
CA PRO A 251 -12.52 6.27 -38.80
C PRO A 251 -13.48 5.10 -38.61
N TYR A 252 -14.33 4.84 -39.61
CA TYR A 252 -15.34 3.77 -39.54
C TYR A 252 -14.72 2.40 -39.28
N GLU A 253 -13.55 2.11 -39.91
CA GLU A 253 -12.89 0.83 -39.74
C GLU A 253 -12.46 0.64 -38.30
N SER A 254 -12.00 1.72 -37.63
CA SER A 254 -11.63 1.53 -36.24
C SER A 254 -12.84 1.23 -35.36
N ARG A 255 -13.99 1.88 -35.66
CA ARG A 255 -15.26 1.65 -34.96
C ARG A 255 -15.68 0.19 -35.13
N ILE A 256 -15.67 -0.31 -36.39
CA ILE A 256 -16.06 -1.68 -36.70
C ILE A 256 -15.10 -2.67 -36.02
N ALA A 257 -13.79 -2.36 -35.97
CA ALA A 257 -12.79 -3.20 -35.30
C ALA A 257 -13.11 -3.35 -33.83
N THR A 258 -13.44 -2.24 -33.15
CA THR A 258 -13.82 -2.21 -31.73
C THR A 258 -15.08 -3.03 -31.50
N LEU A 259 -16.06 -2.90 -32.41
CA LEU A 259 -17.32 -3.61 -32.36
C LEU A 259 -17.09 -5.13 -32.35
N LEU A 260 -16.11 -5.58 -33.16
CA LEU A 260 -15.73 -6.97 -33.29
C LEU A 260 -14.90 -7.46 -32.10
N GLN A 261 -14.10 -6.57 -31.48
CA GLN A 261 -13.29 -6.88 -30.30
C GLN A 261 -14.24 -7.19 -29.15
N TRP A 262 -15.35 -6.42 -29.09
CA TRP A 262 -16.40 -6.54 -28.08
C TRP A 262 -17.10 -7.90 -28.17
N LEU A 263 -17.21 -8.42 -29.41
CA LEU A 263 -17.83 -9.72 -29.66
C LEU A 263 -16.81 -10.83 -29.41
N ASP A 264 -15.53 -10.47 -29.36
CA ASP A 264 -14.43 -11.40 -29.09
C ASP A 264 -14.16 -11.48 -27.59
N LEU A 265 -14.86 -10.66 -26.79
CA LEU A 265 -14.79 -10.66 -25.32
C LEU A 265 -15.24 -12.01 -24.71
N PRO A 266 -14.78 -12.35 -23.48
CA PRO A 266 -15.24 -13.59 -22.83
C PRO A 266 -16.72 -13.45 -22.48
N LYS A 267 -17.51 -14.58 -22.60
CA LYS A 267 -18.97 -14.63 -22.38
C LYS A 267 -19.43 -13.71 -21.26
N ALA A 268 -18.72 -13.82 -20.11
CA ALA A 268 -18.93 -13.05 -18.88
C ALA A 268 -19.06 -11.57 -19.14
N GLU A 269 -18.04 -10.95 -19.79
CA GLU A 269 -17.97 -9.51 -20.12
C GLU A 269 -18.69 -9.12 -21.43
N ARG A 270 -18.86 -10.07 -22.37
CA ARG A 270 -19.39 -9.88 -23.72
C ARG A 270 -20.82 -9.37 -23.80
N PRO A 271 -21.02 -8.18 -24.41
CA PRO A 271 -22.38 -7.65 -24.57
C PRO A 271 -23.27 -8.45 -25.52
N SER A 272 -24.58 -8.43 -25.22
CA SER A 272 -25.65 -9.06 -25.99
C SER A 272 -26.32 -8.03 -26.90
N PHE A 273 -26.27 -6.73 -26.54
CA PHE A 273 -26.89 -5.65 -27.32
C PHE A 273 -25.89 -4.60 -27.74
N TYR A 274 -26.01 -4.09 -28.98
CA TYR A 274 -25.09 -3.08 -29.51
C TYR A 274 -25.79 -1.95 -30.26
N THR A 275 -25.36 -0.73 -30.00
CA THR A 275 -25.83 0.47 -30.68
C THR A 275 -24.62 1.12 -31.31
N ILE A 276 -24.77 1.49 -32.58
CA ILE A 276 -23.72 2.16 -33.34
C ILE A 276 -24.36 3.21 -34.24
N TYR A 277 -23.99 4.48 -34.00
CA TYR A 277 -24.47 5.66 -34.73
C TYR A 277 -23.35 6.18 -35.63
N VAL A 278 -23.69 6.45 -36.90
CA VAL A 278 -22.78 6.97 -37.94
C VAL A 278 -23.49 8.11 -38.70
N GLU A 279 -22.84 9.31 -38.82
CA GLU A 279 -23.39 10.48 -39.51
C GLU A 279 -22.47 11.07 -40.63
N ALA A 293 -22.28 14.24 -55.24
CA ALA A 293 -21.15 13.75 -56.03
C ALA A 293 -20.07 12.98 -55.18
N GLY A 294 -19.64 13.65 -54.11
CA GLY A 294 -18.73 13.12 -53.10
C GLY A 294 -19.57 12.54 -51.98
N VAL A 295 -20.89 12.53 -52.24
CA VAL A 295 -21.99 11.99 -51.43
C VAL A 295 -21.91 10.46 -51.59
N ILE A 296 -21.80 10.00 -52.86
CA ILE A 296 -21.67 8.58 -53.17
C ILE A 296 -20.38 8.07 -52.58
N LYS A 297 -19.29 8.83 -52.76
CA LYS A 297 -17.97 8.50 -52.21
C LYS A 297 -18.07 8.28 -50.69
N ALA A 298 -18.81 9.17 -50.00
CA ALA A 298 -19.03 9.09 -48.55
C ALA A 298 -19.86 7.87 -48.19
N LEU A 299 -21.02 7.67 -48.89
CA LEU A 299 -21.95 6.54 -48.67
C LEU A 299 -21.26 5.22 -48.83
N GLN A 300 -20.38 5.13 -49.84
CA GLN A 300 -19.60 3.96 -50.12
C GLN A 300 -18.69 3.65 -48.93
N LEU A 301 -18.10 4.67 -48.28
CA LEU A 301 -17.30 4.48 -47.06
C LEU A 301 -18.08 3.83 -45.92
N VAL A 302 -19.38 4.18 -45.74
CA VAL A 302 -20.19 3.52 -44.71
C VAL A 302 -20.57 2.10 -45.17
N ASP A 303 -20.81 1.89 -46.49
CA ASP A 303 -21.15 0.56 -46.99
C ASP A 303 -19.95 -0.37 -46.85
N ASP A 304 -18.74 0.17 -47.01
CA ASP A 304 -17.51 -0.59 -46.86
C ASP A 304 -17.34 -1.01 -45.41
N ALA A 305 -17.59 -0.07 -44.47
CA ALA A 305 -17.56 -0.30 -43.01
C ALA A 305 -18.61 -1.31 -42.63
N PHE A 306 -19.75 -1.30 -43.32
CA PHE A 306 -20.83 -2.23 -43.07
C PHE A 306 -20.40 -3.63 -43.51
N GLY A 307 -19.78 -3.70 -44.68
CA GLY A 307 -19.27 -4.94 -45.27
C GLY A 307 -18.14 -5.53 -44.46
N MET A 308 -17.43 -4.67 -43.72
CA MET A 308 -16.35 -5.06 -42.85
C MET A 308 -16.95 -5.74 -41.65
N LEU A 309 -18.05 -5.17 -41.13
CA LEU A 309 -18.78 -5.75 -40.00
C LEU A 309 -19.31 -7.17 -40.35
N MET A 310 -19.94 -7.31 -41.53
CA MET A 310 -20.46 -8.59 -41.98
C MET A 310 -19.38 -9.61 -42.17
N GLU A 311 -18.25 -9.19 -42.76
CA GLU A 311 -17.12 -10.08 -42.98
C GLU A 311 -16.51 -10.56 -41.66
N GLY A 312 -16.40 -9.63 -40.72
CA GLY A 312 -15.90 -9.91 -39.38
C GLY A 312 -16.73 -10.97 -38.72
N LEU A 313 -18.09 -10.84 -38.82
CA LEU A 313 -19.06 -11.78 -38.26
C LEU A 313 -18.93 -13.15 -38.91
N LYS A 314 -18.83 -13.19 -40.27
CA LYS A 314 -18.64 -14.45 -40.99
C LYS A 314 -17.43 -15.22 -40.46
N GLN A 315 -16.27 -14.53 -40.32
CA GLN A 315 -14.98 -15.00 -39.79
C GLN A 315 -15.08 -15.50 -38.34
N ARG A 316 -16.16 -15.12 -37.61
CA ARG A 316 -16.47 -15.51 -36.22
C ARG A 316 -17.61 -16.56 -36.15
N ASN A 317 -18.24 -16.83 -37.32
CA ASN A 317 -19.37 -17.73 -37.52
C ASN A 317 -20.64 -17.14 -36.87
N LEU A 318 -20.69 -15.80 -36.87
CA LEU A 318 -21.78 -15.07 -36.27
C LEU A 318 -22.70 -14.45 -37.32
N HIS A 319 -22.35 -14.50 -38.63
CA HIS A 319 -23.15 -13.92 -39.72
C HIS A 319 -24.60 -14.44 -39.80
N ASN A 320 -24.85 -15.68 -39.33
CA ASN A 320 -26.18 -16.30 -39.26
C ASN A 320 -26.63 -16.49 -37.80
N CYS A 321 -26.01 -15.72 -36.90
CA CYS A 321 -26.30 -15.68 -35.47
C CYS A 321 -26.84 -14.30 -35.14
N VAL A 322 -26.02 -13.25 -35.34
CA VAL A 322 -26.37 -11.88 -35.04
C VAL A 322 -27.58 -11.42 -35.82
N ASN A 323 -28.56 -10.81 -35.09
CA ASN A 323 -29.73 -10.14 -35.64
C ASN A 323 -29.32 -8.66 -35.72
N ILE A 324 -29.12 -8.18 -36.95
CA ILE A 324 -28.68 -6.82 -37.24
C ILE A 324 -29.82 -6.02 -37.85
N ILE A 325 -30.08 -4.83 -37.29
CA ILE A 325 -31.06 -3.86 -37.76
C ILE A 325 -30.27 -2.62 -38.20
N VAL A 326 -30.55 -2.15 -39.42
CA VAL A 326 -29.94 -0.95 -40.00
C VAL A 326 -31.02 0.06 -40.29
N LEU A 327 -30.78 1.31 -39.88
CA LEU A 327 -31.69 2.40 -40.09
C LEU A 327 -30.94 3.39 -40.94
N ALA A 328 -31.48 3.67 -42.11
CA ALA A 328 -30.85 4.55 -43.07
C ALA A 328 -31.74 5.72 -43.35
N ASP A 329 -31.42 6.83 -42.69
CA ASP A 329 -32.17 8.06 -42.80
C ASP A 329 -31.98 8.60 -44.17
N HIS A 330 -33.07 8.52 -44.96
CA HIS A 330 -33.14 8.99 -46.34
C HIS A 330 -33.72 10.38 -46.45
N GLY A 331 -33.90 11.02 -45.29
CA GLY A 331 -34.42 12.38 -45.16
C GLY A 331 -33.56 13.43 -45.82
N MET A 332 -34.20 14.38 -46.53
CA MET A 332 -33.54 15.49 -47.22
C MET A 332 -34.05 16.84 -46.74
N ASP A 333 -33.13 17.83 -46.70
CA ASP A 333 -33.42 19.21 -46.28
C ASP A 333 -34.30 19.85 -47.36
N GLN A 334 -35.61 19.92 -47.07
CA GLN A 334 -36.61 20.50 -47.97
C GLN A 334 -36.79 22.02 -47.76
N THR A 335 -35.90 22.64 -46.97
CA THR A 335 -35.92 24.06 -46.65
C THR A 335 -35.18 24.90 -47.70
N SER A 336 -35.62 26.17 -47.85
CA SER A 336 -35.07 27.18 -48.73
C SER A 336 -35.20 28.53 -48.05
N CYS A 337 -34.25 29.44 -48.30
CA CYS A 337 -34.27 30.78 -47.74
C CYS A 337 -35.45 31.60 -48.29
N ASP A 338 -36.07 31.11 -49.39
CA ASP A 338 -37.23 31.74 -50.04
C ASP A 338 -38.53 31.32 -49.33
N ARG A 339 -38.54 30.11 -48.71
CA ARG A 339 -39.67 29.58 -47.95
C ARG A 339 -39.42 29.71 -46.44
N VAL A 340 -39.40 30.97 -45.95
CA VAL A 340 -39.21 31.32 -44.54
C VAL A 340 -40.26 32.36 -44.16
N GLU A 341 -40.97 32.11 -43.03
CA GLU A 341 -41.98 33.01 -42.45
C GLU A 341 -41.32 33.76 -41.29
N TYR A 342 -41.55 35.08 -41.19
CA TYR A 342 -40.94 35.86 -40.10
C TYR A 342 -41.99 36.47 -39.24
N MET A 343 -41.77 36.41 -37.92
CA MET A 343 -42.69 36.92 -36.90
C MET A 343 -42.81 38.43 -36.92
N THR A 344 -41.80 39.11 -37.49
CA THR A 344 -41.77 40.57 -37.67
C THR A 344 -42.98 41.04 -38.48
N ASP A 345 -43.47 40.19 -39.42
CA ASP A 345 -44.63 40.43 -40.30
C ASP A 345 -45.96 40.32 -39.54
N TYR A 346 -45.93 39.69 -38.36
CA TYR A 346 -47.12 39.49 -37.55
C TYR A 346 -47.13 40.34 -36.26
N PHE A 347 -45.94 40.73 -35.78
CA PHE A 347 -45.82 41.55 -34.58
C PHE A 347 -45.07 42.88 -34.82
N PRO A 348 -45.61 44.02 -34.31
CA PRO A 348 -44.88 45.28 -34.41
C PRO A 348 -43.61 45.26 -33.55
N GLU A 349 -43.66 44.50 -32.43
CA GLU A 349 -42.58 44.29 -31.48
C GLU A 349 -42.52 42.82 -31.03
N ILE A 350 -41.31 42.28 -30.92
CA ILE A 350 -41.06 40.90 -30.50
C ILE A 350 -40.26 40.90 -29.20
N ASN A 351 -40.92 40.54 -28.08
CA ASN A 351 -40.28 40.49 -26.78
C ASN A 351 -40.24 39.06 -26.19
N PHE A 352 -40.64 38.08 -27.01
CA PHE A 352 -40.66 36.68 -26.63
C PHE A 352 -39.45 35.98 -27.19
N TYR A 353 -39.09 34.83 -26.61
CA TYR A 353 -38.04 33.97 -27.09
C TYR A 353 -38.74 32.95 -28.00
N MET A 354 -38.12 32.65 -29.14
CA MET A 354 -38.63 31.69 -30.11
C MET A 354 -37.60 30.65 -30.44
N TYR A 355 -37.98 29.35 -30.31
CA TYR A 355 -37.19 28.17 -30.70
C TYR A 355 -37.55 28.07 -32.15
N GLN A 356 -36.58 28.35 -33.03
CA GLN A 356 -36.84 28.51 -34.47
C GLN A 356 -36.73 27.27 -35.31
N GLY A 357 -37.15 27.40 -36.56
CA GLY A 357 -37.08 26.30 -37.51
C GLY A 357 -38.39 25.68 -37.91
N PRO A 358 -38.43 24.33 -37.95
CA PRO A 358 -39.63 23.65 -38.47
C PRO A 358 -40.71 23.27 -37.45
N ALA A 359 -40.39 23.17 -36.15
CA ALA A 359 -41.37 22.88 -35.10
C ALA A 359 -41.19 23.98 -34.02
N PRO A 360 -41.50 25.27 -34.35
CA PRO A 360 -41.25 26.37 -33.43
C PRO A 360 -42.09 26.36 -32.18
N ARG A 361 -41.53 26.95 -31.11
CA ARG A 361 -42.18 27.11 -29.82
C ARG A 361 -41.81 28.51 -29.32
N ILE A 362 -42.77 29.24 -28.75
CA ILE A 362 -42.56 30.59 -28.23
C ILE A 362 -42.74 30.61 -26.69
N ARG A 363 -41.82 31.35 -26.00
CA ARG A 363 -41.80 31.51 -24.54
C ARG A 363 -41.37 32.92 -24.12
N THR A 364 -41.45 33.24 -22.81
CA THR A 364 -40.99 34.54 -22.30
C THR A 364 -39.46 34.54 -22.27
N ARG A 365 -38.86 35.73 -22.27
CA ARG A 365 -37.42 35.85 -22.15
C ARG A 365 -37.08 35.83 -20.65
N ASN A 366 -38.02 36.37 -19.80
CA ASN A 366 -37.87 36.42 -18.35
C ASN A 366 -38.20 35.09 -17.71
N ILE A 367 -37.21 34.17 -17.79
CA ILE A 367 -37.25 32.82 -17.24
C ILE A 367 -36.35 32.70 -16.01
N PRO A 368 -36.76 32.03 -14.91
CA PRO A 368 -38.03 31.30 -14.72
C PRO A 368 -39.23 32.14 -14.31
N GLN A 369 -38.95 33.32 -13.72
CA GLN A 369 -39.89 34.27 -13.14
C GLN A 369 -41.24 34.36 -13.86
N ASP A 370 -41.27 34.61 -15.18
CA ASP A 370 -42.52 34.80 -15.92
C ASP A 370 -43.01 33.60 -16.74
N PHE A 371 -42.32 32.46 -16.66
CA PHE A 371 -42.60 31.25 -17.44
C PHE A 371 -44.08 30.86 -17.50
N PHE A 372 -44.75 30.79 -16.34
CA PHE A 372 -46.15 30.35 -16.32
C PHE A 372 -47.15 31.47 -16.51
N THR A 373 -46.72 32.74 -16.23
CA THR A 373 -47.54 33.94 -16.36
C THR A 373 -47.69 34.40 -17.81
N PHE A 374 -46.65 34.16 -18.66
CA PHE A 374 -46.57 34.52 -20.08
C PHE A 374 -47.89 34.26 -20.79
N ASN A 375 -48.43 35.26 -21.50
CA ASN A 375 -49.71 35.10 -22.19
C ASN A 375 -49.53 34.32 -23.49
N SER A 376 -49.57 33.00 -23.36
CA SER A 376 -49.41 32.08 -24.48
C SER A 376 -50.64 32.13 -25.36
N GLU A 377 -51.83 32.29 -24.75
CA GLU A 377 -53.13 32.33 -25.45
C GLU A 377 -53.20 33.50 -26.41
N GLU A 378 -52.66 34.68 -25.98
CA GLU A 378 -52.60 35.91 -26.77
C GLU A 378 -51.71 35.71 -28.00
N ILE A 379 -50.55 35.02 -27.85
CA ILE A 379 -49.63 34.78 -28.96
C ILE A 379 -50.33 33.97 -30.06
N VAL A 380 -50.99 32.83 -29.71
CA VAL A 380 -51.70 32.00 -30.69
C VAL A 380 -52.79 32.82 -31.41
N ARG A 381 -53.49 33.67 -30.65
CA ARG A 381 -54.55 34.51 -31.16
C ARG A 381 -53.99 35.53 -32.14
N ASP A 382 -52.91 36.22 -31.75
CA ASP A 382 -52.26 37.25 -32.56
C ASP A 382 -51.57 36.70 -33.81
N LEU A 383 -51.42 35.38 -33.91
CA LEU A 383 -50.81 34.71 -35.06
C LEU A 383 -51.87 33.94 -35.87
N SER A 384 -53.11 33.90 -35.37
CA SER A 384 -54.19 33.17 -36.03
C SER A 384 -54.89 33.94 -37.16
N CYS A 385 -54.98 33.29 -38.33
CA CYS A 385 -55.62 33.78 -39.55
C CYS A 385 -55.21 35.22 -39.86
N ARG A 386 -53.90 35.45 -39.91
CA ARG A 386 -53.34 36.77 -40.14
C ARG A 386 -53.15 37.07 -41.62
N LYS A 387 -52.71 36.06 -42.39
CA LYS A 387 -52.53 36.13 -43.84
C LYS A 387 -53.25 34.95 -44.49
N SER A 388 -53.71 35.12 -45.73
CA SER A 388 -54.43 34.07 -46.47
C SER A 388 -53.50 32.96 -46.91
N ASP A 389 -52.27 33.34 -47.31
CA ASP A 389 -51.20 32.44 -47.77
C ASP A 389 -50.39 31.80 -46.63
N GLN A 390 -50.51 32.35 -45.39
CA GLN A 390 -49.85 31.96 -44.13
C GLN A 390 -49.36 30.50 -44.11
N HIS A 391 -48.03 30.32 -44.06
CA HIS A 391 -47.39 29.01 -44.14
C HIS A 391 -47.09 28.35 -42.80
N PHE A 392 -47.91 28.67 -41.78
CA PHE A 392 -47.85 28.08 -40.44
C PHE A 392 -49.22 28.24 -39.75
N LYS A 393 -49.45 27.45 -38.70
CA LYS A 393 -50.67 27.54 -37.90
C LYS A 393 -50.33 27.49 -36.38
N PRO A 394 -50.53 28.61 -35.64
CA PRO A 394 -50.26 28.58 -34.21
C PRO A 394 -51.28 27.72 -33.48
N TYR A 395 -50.82 27.07 -32.41
CA TYR A 395 -51.61 26.21 -31.54
C TYR A 395 -51.12 26.36 -30.11
N LEU A 396 -52.02 26.13 -29.17
CA LEU A 396 -51.65 25.95 -27.77
C LEU A 396 -51.46 24.44 -27.78
N THR A 397 -50.44 23.92 -27.10
CA THR A 397 -50.12 22.50 -27.14
C THR A 397 -51.37 21.57 -26.95
N PRO A 398 -52.34 21.80 -26.02
CA PRO A 398 -53.48 20.87 -25.94
C PRO A 398 -54.40 20.87 -27.19
N ASP A 399 -54.38 21.96 -27.96
CA ASP A 399 -55.17 22.07 -29.18
C ASP A 399 -54.51 21.41 -30.40
N LEU A 400 -53.24 20.99 -30.26
CA LEU A 400 -52.45 20.35 -31.33
C LEU A 400 -53.09 18.99 -31.70
N PRO A 401 -52.97 18.51 -32.98
CA PRO A 401 -53.47 17.17 -33.34
C PRO A 401 -53.00 16.09 -32.38
N LYS A 402 -53.97 15.34 -31.80
CA LYS A 402 -53.71 14.33 -30.74
C LYS A 402 -52.71 13.22 -31.12
N ARG A 403 -52.64 12.86 -32.43
CA ARG A 403 -51.74 11.83 -32.94
C ARG A 403 -50.30 12.17 -32.67
N LEU A 404 -49.95 13.46 -32.62
CA LEU A 404 -48.57 13.93 -32.41
C LEU A 404 -48.01 13.62 -31.02
N HIS A 405 -48.87 13.55 -29.98
CA HIS A 405 -48.48 13.32 -28.59
C HIS A 405 -47.33 14.27 -28.20
N TYR A 406 -47.57 15.57 -28.37
CA TYR A 406 -46.55 16.56 -28.12
C TYR A 406 -47.08 17.72 -27.25
N ALA A 407 -47.39 17.40 -25.97
CA ALA A 407 -47.94 18.39 -25.08
C ALA A 407 -47.62 18.16 -23.63
N LYS A 408 -47.68 16.92 -23.16
CA LYS A 408 -47.48 16.57 -21.74
C LYS A 408 -46.00 16.53 -21.28
N ASN A 409 -45.40 17.73 -21.15
CA ASN A 409 -44.04 17.98 -20.67
C ASN A 409 -43.86 19.50 -20.50
N VAL A 410 -43.29 19.96 -19.33
CA VAL A 410 -43.03 21.39 -19.05
C VAL A 410 -42.10 21.99 -20.10
N ARG A 411 -41.18 21.16 -20.61
CA ARG A 411 -40.19 21.45 -21.64
C ARG A 411 -40.87 21.89 -22.95
N ILE A 412 -42.10 21.38 -23.21
CA ILE A 412 -42.89 21.72 -24.38
C ILE A 412 -43.70 22.95 -24.05
N ASP A 413 -43.23 24.10 -24.57
CA ASP A 413 -43.85 25.40 -24.40
C ASP A 413 -45.25 25.36 -24.99
N LYS A 414 -46.23 25.99 -24.27
CA LYS A 414 -47.63 26.03 -24.66
C LYS A 414 -47.83 26.55 -26.05
N VAL A 415 -47.09 27.60 -26.44
CA VAL A 415 -47.14 28.16 -27.80
C VAL A 415 -46.38 27.22 -28.73
N HIS A 416 -47.07 26.74 -29.75
CA HIS A 416 -46.43 25.88 -30.72
C HIS A 416 -46.92 26.29 -32.10
N LEU A 417 -46.00 26.33 -33.08
CA LEU A 417 -46.32 26.69 -34.45
C LEU A 417 -46.21 25.47 -35.32
N MET A 418 -47.23 25.23 -36.13
CA MET A 418 -47.18 24.11 -37.06
C MET A 418 -46.85 24.67 -38.39
N VAL A 419 -45.56 24.54 -38.76
CA VAL A 419 -45.07 25.08 -40.01
C VAL A 419 -45.33 24.08 -41.11
N ASP A 420 -45.72 24.59 -42.30
CA ASP A 420 -46.00 23.81 -43.51
C ASP A 420 -44.71 23.09 -43.92
N ARG A 421 -44.85 21.95 -44.63
CA ARG A 421 -43.69 21.21 -45.15
C ARG A 421 -42.93 22.16 -46.09
N GLN A 422 -41.59 22.08 -46.08
CA GLN A 422 -40.68 22.91 -46.89
C GLN A 422 -40.50 24.39 -46.39
N TRP A 423 -41.30 24.78 -45.41
CA TRP A 423 -41.25 26.11 -44.82
C TRP A 423 -40.59 26.09 -43.42
N LEU A 424 -40.09 27.25 -43.00
CA LEU A 424 -39.46 27.49 -41.70
C LEU A 424 -40.01 28.78 -41.09
N ALA A 425 -39.96 28.91 -39.76
CA ALA A 425 -40.43 30.12 -39.10
C ALA A 425 -39.32 30.64 -38.20
N TYR A 426 -39.09 31.97 -38.23
CA TYR A 426 -38.02 32.64 -37.51
C TYR A 426 -38.47 33.91 -36.84
N ARG A 427 -37.72 34.34 -35.81
CA ARG A 427 -37.96 35.56 -35.04
C ARG A 427 -37.98 36.78 -35.98
N ASN A 428 -36.85 37.02 -36.68
CA ASN A 428 -36.64 38.10 -37.63
C ASN A 428 -35.68 37.63 -38.75
N LYS A 429 -35.39 38.53 -39.70
CA LYS A 429 -34.46 38.24 -40.78
C LYS A 429 -33.06 38.50 -40.24
N GLY A 430 -32.32 37.44 -39.99
CA GLY A 430 -30.98 37.51 -39.43
C GLY A 430 -30.48 36.18 -38.95
N SER A 447 -35.14 16.67 -40.95
CA SER A 447 -36.25 15.77 -40.61
C SER A 447 -36.05 14.24 -40.95
N MET A 448 -35.93 13.40 -39.91
CA MET A 448 -35.80 11.94 -40.04
C MET A 448 -37.00 11.28 -40.78
N GLU A 449 -36.63 10.35 -41.70
CA GLU A 449 -37.41 9.49 -42.60
C GLU A 449 -36.42 8.37 -42.96
N ALA A 450 -36.43 7.31 -42.16
CA ALA A 450 -35.46 6.24 -42.31
C ALA A 450 -36.02 5.00 -42.92
N ILE A 451 -35.15 4.21 -43.55
CA ILE A 451 -35.53 2.93 -44.10
C ILE A 451 -35.07 1.86 -43.12
N PHE A 452 -36.02 1.04 -42.64
CA PHE A 452 -35.74 0.00 -41.66
C PHE A 452 -35.30 -1.25 -42.40
N LEU A 453 -34.13 -1.78 -42.05
CA LEU A 453 -33.52 -2.98 -42.66
C LEU A 453 -33.14 -3.95 -41.55
N ALA A 454 -33.48 -5.23 -41.72
CA ALA A 454 -33.19 -6.23 -40.71
C ALA A 454 -32.79 -7.53 -41.33
N HIS A 455 -31.74 -8.14 -40.77
CA HIS A 455 -31.19 -9.40 -41.21
C HIS A 455 -30.82 -10.21 -39.98
N GLY A 456 -31.02 -11.50 -40.04
CA GLY A 456 -30.72 -12.33 -38.88
C GLY A 456 -31.64 -13.54 -38.77
N PRO A 457 -31.22 -14.54 -37.98
CA PRO A 457 -32.03 -15.75 -37.84
C PRO A 457 -33.41 -15.60 -37.18
N SER A 458 -33.64 -14.50 -36.41
CA SER A 458 -34.92 -14.29 -35.73
C SER A 458 -35.94 -13.62 -36.63
N PHE A 459 -35.45 -12.94 -37.70
CA PHE A 459 -36.22 -12.17 -38.69
C PHE A 459 -36.63 -12.96 -39.91
N LYS A 460 -37.82 -12.59 -40.48
CA LYS A 460 -38.37 -13.15 -41.72
C LYS A 460 -37.42 -12.80 -42.87
N GLU A 461 -37.26 -13.73 -43.83
CA GLU A 461 -36.33 -13.54 -44.93
C GLU A 461 -37.02 -13.07 -46.19
N LYS A 462 -36.32 -12.22 -46.99
CA LYS A 462 -36.77 -11.69 -48.28
C LYS A 462 -38.23 -11.26 -48.20
N THR A 463 -38.51 -10.31 -47.28
CA THR A 463 -39.84 -9.78 -46.96
C THR A 463 -39.84 -8.26 -46.97
N VAL A 464 -40.87 -7.66 -47.60
CA VAL A 464 -41.08 -6.21 -47.60
C VAL A 464 -42.16 -5.96 -46.55
N ILE A 465 -41.87 -5.15 -45.53
CA ILE A 465 -42.89 -4.91 -44.52
C ILE A 465 -43.43 -3.45 -44.62
N GLU A 466 -44.72 -3.32 -44.28
CA GLU A 466 -45.49 -2.09 -44.29
C GLU A 466 -44.96 -1.07 -43.28
N PRO A 467 -45.01 0.25 -43.62
CA PRO A 467 -44.53 1.28 -42.70
C PRO A 467 -45.11 1.26 -41.30
N PHE A 468 -44.26 1.54 -40.32
CA PHE A 468 -44.64 1.57 -38.90
C PHE A 468 -43.94 2.71 -38.15
N GLU A 469 -44.44 3.04 -36.95
CA GLU A 469 -43.82 4.08 -36.14
C GLU A 469 -42.59 3.51 -35.38
N ASN A 470 -41.57 4.33 -35.20
CA ASN A 470 -40.36 3.93 -34.49
C ASN A 470 -40.56 3.67 -33.00
N ILE A 471 -41.71 4.10 -32.47
CA ILE A 471 -42.05 3.85 -31.06
C ILE A 471 -42.23 2.33 -30.86
N GLU A 472 -42.62 1.60 -31.94
CA GLU A 472 -42.85 0.14 -31.94
C GLU A 472 -41.59 -0.71 -31.68
N VAL A 473 -40.42 -0.31 -32.28
CA VAL A 473 -39.07 -0.93 -32.30
C VAL A 473 -38.54 -1.46 -30.94
N TYR A 474 -38.66 -0.67 -29.85
CA TYR A 474 -38.18 -1.06 -28.51
C TYR A 474 -38.71 -2.43 -28.07
N ASN A 475 -40.02 -2.71 -28.24
CA ASN A 475 -40.56 -4.03 -27.87
C ASN A 475 -39.85 -5.11 -28.70
N LEU A 476 -39.67 -4.87 -30.02
CA LEU A 476 -38.98 -5.79 -30.95
C LEU A 476 -37.60 -6.07 -30.44
N LEU A 477 -36.89 -5.01 -29.99
CA LEU A 477 -35.54 -5.17 -29.41
C LEU A 477 -35.55 -6.10 -28.17
N CYS A 478 -36.55 -5.93 -27.28
CA CYS A 478 -36.72 -6.75 -26.09
C CYS A 478 -37.06 -8.15 -26.46
N ASP A 479 -37.85 -8.34 -27.54
CA ASP A 479 -38.21 -9.69 -27.95
C ASP A 479 -36.98 -10.37 -28.51
N LEU A 480 -36.23 -9.68 -29.39
CA LEU A 480 -35.01 -10.24 -29.97
C LEU A 480 -34.06 -10.63 -28.85
N LEU A 481 -34.06 -9.88 -27.75
CA LEU A 481 -33.15 -10.12 -26.62
C LEU A 481 -33.76 -11.00 -25.53
N HIS A 482 -35.07 -11.32 -25.68
CA HIS A 482 -35.83 -12.14 -24.74
C HIS A 482 -35.98 -11.50 -23.35
N ILE A 483 -36.14 -10.18 -23.33
CA ILE A 483 -36.30 -9.45 -22.09
C ILE A 483 -37.68 -8.84 -22.04
N GLN A 484 -38.10 -8.43 -20.83
CA GLN A 484 -39.37 -7.75 -20.62
C GLN A 484 -39.20 -6.21 -20.89
N PRO A 485 -39.93 -5.67 -21.90
CA PRO A 485 -39.88 -4.23 -22.14
C PRO A 485 -40.47 -3.45 -20.93
N ALA A 486 -39.87 -2.25 -20.68
CA ALA A 486 -40.26 -1.36 -19.62
C ALA A 486 -41.50 -0.64 -20.16
N PRO A 487 -42.35 0.02 -19.33
CA PRO A 487 -43.54 0.67 -19.90
C PRO A 487 -43.18 1.69 -21.00
N ASN A 488 -43.63 1.38 -22.22
CA ASN A 488 -43.39 2.17 -23.43
C ASN A 488 -44.71 2.52 -24.15
N ASN A 489 -44.59 3.14 -25.33
CA ASN A 489 -45.75 3.56 -26.10
C ASN A 489 -46.04 2.68 -27.30
N GLY A 490 -45.15 1.73 -27.57
CA GLY A 490 -45.38 0.79 -28.66
C GLY A 490 -46.44 -0.18 -28.22
N SER A 491 -47.07 -0.86 -29.16
CA SER A 491 -48.04 -1.87 -28.81
C SER A 491 -47.39 -3.23 -29.09
N HIS A 492 -47.11 -4.01 -28.01
CA HIS A 492 -46.42 -5.32 -28.03
C HIS A 492 -47.09 -6.39 -28.89
N GLY A 493 -46.43 -6.76 -29.99
CA GLY A 493 -46.95 -7.76 -30.93
C GLY A 493 -47.36 -7.21 -32.28
N SER A 494 -47.25 -5.88 -32.43
CA SER A 494 -47.58 -5.17 -33.65
C SER A 494 -46.61 -5.64 -34.72
N LEU A 495 -45.30 -5.66 -34.37
CA LEU A 495 -44.19 -6.04 -35.25
C LEU A 495 -43.85 -7.52 -35.22
N ASN A 496 -44.68 -8.36 -34.60
CA ASN A 496 -44.46 -9.80 -34.61
C ASN A 496 -44.30 -10.38 -36.03
N HIS A 497 -44.92 -9.75 -37.06
CA HIS A 497 -44.87 -10.13 -38.48
C HIS A 497 -43.46 -10.02 -39.08
N LEU A 498 -42.55 -9.34 -38.38
CA LEU A 498 -41.15 -9.17 -38.76
C LEU A 498 -40.32 -10.37 -38.24
N LEU A 499 -40.92 -11.18 -37.34
CA LEU A 499 -40.25 -12.28 -36.67
C LEU A 499 -40.67 -13.66 -37.14
N LYS A 500 -39.67 -14.56 -37.26
CA LYS A 500 -39.82 -15.96 -37.62
C LYS A 500 -40.59 -16.69 -36.50
N ALA A 501 -40.16 -16.49 -35.24
CA ALA A 501 -40.80 -17.08 -34.07
C ALA A 501 -40.96 -16.00 -32.98
N PRO A 502 -42.09 -15.26 -33.00
CA PRO A 502 -42.31 -14.20 -32.01
C PRO A 502 -42.23 -14.65 -30.57
N PHE A 503 -41.50 -13.86 -29.75
CA PHE A 503 -41.28 -14.10 -28.33
C PHE A 503 -42.51 -13.74 -27.48
N TYR A 504 -43.28 -12.75 -27.95
CA TYR A 504 -44.45 -12.28 -27.22
C TYR A 504 -45.70 -12.49 -28.01
N GLN A 505 -46.72 -13.15 -27.41
CA GLN A 505 -47.98 -13.34 -28.10
C GLN A 505 -49.04 -12.44 -27.53
N PRO A 506 -49.50 -11.47 -28.34
CA PRO A 506 -50.46 -10.48 -27.86
C PRO A 506 -51.81 -11.05 -27.52
N SER A 507 -52.50 -10.38 -26.59
CA SER A 507 -53.82 -10.78 -26.11
C SER A 507 -54.74 -9.59 -26.00
N HIS A 508 -56.03 -9.78 -26.31
CA HIS A 508 -57.07 -8.74 -26.22
C HIS A 508 -57.18 -8.23 -24.78
N ALA A 509 -57.29 -6.91 -24.61
CA ALA A 509 -57.38 -6.32 -23.27
C ALA A 509 -58.69 -6.73 -22.66
N GLU A 510 -58.69 -7.12 -21.38
CA GLU A 510 -59.93 -7.52 -20.72
C GLU A 510 -60.74 -6.30 -20.26
N GLU A 511 -62.07 -6.39 -20.45
CA GLU A 511 -63.03 -5.38 -20.01
C GLU A 511 -63.03 -5.37 -18.46
N LEU A 512 -63.06 -4.18 -17.87
CA LEU A 512 -63.03 -4.03 -16.42
C LEU A 512 -64.41 -3.63 -15.84
N SER A 513 -65.37 -3.33 -16.72
CA SER A 513 -66.73 -3.00 -16.30
C SER A 513 -67.76 -3.72 -17.19
N LYS A 514 -68.70 -4.49 -16.57
CA LYS A 514 -69.74 -5.22 -17.28
C LYS A 514 -70.97 -4.34 -17.46
N SER A 515 -71.63 -4.42 -18.65
CA SER A 515 -72.85 -3.65 -18.92
C SER A 515 -73.95 -4.09 -17.97
N ALA A 516 -74.74 -3.11 -17.48
CA ALA A 516 -75.81 -3.37 -16.52
C ALA A 516 -76.96 -2.42 -16.67
N GLY A 517 -78.16 -2.95 -16.49
CA GLY A 517 -79.40 -2.17 -16.54
C GLY A 517 -79.81 -1.73 -17.93
N CYS A 518 -80.66 -0.66 -17.96
CA CYS A 518 -81.22 -0.02 -19.15
C CYS A 518 -82.08 -0.96 -19.97
N GLY A 519 -82.90 -1.71 -19.25
CA GLY A 519 -83.84 -2.62 -19.87
C GLY A 519 -85.12 -1.87 -20.13
N PHE A 520 -85.90 -2.36 -21.10
CA PHE A 520 -87.19 -1.79 -21.43
C PHE A 520 -88.19 -2.29 -20.37
N THR A 521 -88.68 -1.35 -19.57
CA THR A 521 -89.61 -1.61 -18.47
C THR A 521 -91.01 -1.04 -18.77
N THR A 522 -91.11 0.24 -19.19
CA THR A 522 -92.39 0.87 -19.55
C THR A 522 -92.27 1.62 -20.88
N PRO A 523 -93.36 1.70 -21.70
CA PRO A 523 -93.27 2.44 -22.97
C PRO A 523 -93.61 3.92 -22.81
N LEU A 524 -93.88 4.35 -21.56
CA LEU A 524 -94.17 5.74 -21.19
C LEU A 524 -93.12 6.19 -20.15
N PRO A 525 -92.52 7.38 -20.31
CA PRO A 525 -91.49 7.80 -19.35
C PRO A 525 -92.03 8.43 -18.09
N LYS A 526 -91.30 8.22 -16.97
CA LYS A 526 -91.63 8.75 -15.64
C LYS A 526 -91.52 10.29 -15.63
N ASP A 527 -90.29 10.79 -15.92
CA ASP A 527 -89.91 12.21 -16.00
C ASP A 527 -89.81 12.57 -17.49
N SER A 528 -90.49 13.66 -17.91
CA SER A 528 -90.50 14.17 -19.28
C SER A 528 -89.15 14.78 -19.70
N LEU A 529 -88.37 15.21 -18.69
CA LEU A 529 -87.04 15.84 -18.76
C LEU A 529 -87.08 17.19 -19.47
N ASN A 530 -88.22 17.92 -19.34
CA ASN A 530 -88.48 19.23 -19.97
C ASN A 530 -88.24 19.20 -21.49
N CYS A 531 -88.48 18.01 -22.10
CA CYS A 531 -88.31 17.71 -23.51
C CYS A 531 -89.60 17.87 -24.33
N SER A 532 -89.45 18.19 -25.64
CA SER A 532 -90.59 18.44 -26.51
C SER A 532 -90.50 17.83 -27.92
N CYS A 533 -91.59 17.16 -28.30
CA CYS A 533 -91.88 16.59 -29.62
C CYS A 533 -93.40 16.62 -29.77
N LEU A 534 -93.89 17.56 -30.55
CA LEU A 534 -95.32 17.81 -30.76
C LEU A 534 -96.01 16.75 -31.65
N ALA A 535 -95.24 15.86 -32.30
CA ALA A 535 -95.77 14.81 -33.16
C ALA A 535 -96.18 13.57 -32.35
N VAL A 545 -93.99 3.79 -30.69
CA VAL A 545 -92.81 4.61 -30.98
C VAL A 545 -91.68 4.25 -30.01
N ASN A 546 -91.93 4.41 -28.68
CA ASN A 546 -90.96 4.02 -27.64
C ASN A 546 -90.81 2.48 -27.69
N GLN A 547 -91.82 1.79 -28.30
CA GLN A 547 -91.85 0.34 -28.45
C GLN A 547 -90.75 -0.15 -29.42
N ARG A 548 -90.32 0.71 -30.35
CA ARG A 548 -89.26 0.46 -31.32
C ARG A 548 -87.89 0.32 -30.62
N LEU A 549 -87.84 0.70 -29.31
CA LEU A 549 -86.66 0.61 -28.42
C LEU A 549 -86.65 -0.74 -27.69
N ASN A 550 -87.77 -1.49 -27.78
CA ASN A 550 -87.96 -2.82 -27.21
C ASN A 550 -87.69 -3.88 -28.29
N LEU A 551 -86.43 -4.28 -28.40
CA LEU A 551 -85.96 -5.26 -29.38
C LEU A 551 -86.01 -6.65 -28.73
N ASN A 552 -86.49 -7.66 -29.48
CA ASN A 552 -86.52 -9.05 -29.02
C ASN A 552 -85.13 -9.67 -29.20
N ARG A 553 -84.88 -10.88 -28.61
CA ARG A 553 -83.59 -11.59 -28.68
C ARG A 553 -83.10 -11.73 -30.13
N GLY A 554 -84.04 -11.93 -31.06
CA GLY A 554 -83.79 -12.07 -32.49
C GLY A 554 -83.47 -10.75 -33.16
N GLU A 555 -84.21 -9.68 -32.77
CA GLU A 555 -84.04 -8.31 -33.25
C GLU A 555 -82.70 -7.72 -32.76
N VAL A 556 -82.29 -8.10 -31.54
CA VAL A 556 -81.03 -7.69 -30.90
C VAL A 556 -79.88 -8.30 -31.69
N SER A 557 -79.95 -9.61 -31.96
CA SER A 557 -78.95 -10.36 -32.72
C SER A 557 -78.76 -9.77 -34.13
N ALA A 558 -79.87 -9.27 -34.74
CA ALA A 558 -79.90 -8.65 -36.06
C ALA A 558 -79.08 -7.36 -36.09
N THR A 559 -79.33 -6.43 -35.13
CA THR A 559 -78.58 -5.15 -35.04
C THR A 559 -77.10 -5.39 -34.62
N GLU A 560 -76.85 -6.42 -33.80
CA GLU A 560 -75.50 -6.78 -33.38
C GLU A 560 -74.71 -7.24 -34.60
N LYS A 561 -75.32 -8.09 -35.46
CA LYS A 561 -74.71 -8.61 -36.68
C LYS A 561 -74.35 -7.48 -37.66
N THR A 562 -75.30 -6.58 -37.90
CA THR A 562 -75.22 -5.47 -38.84
C THR A 562 -74.33 -4.32 -38.30
N ASN A 563 -74.63 -3.80 -37.10
CA ASN A 563 -74.00 -2.60 -36.55
C ASN A 563 -72.86 -2.82 -35.56
N LEU A 564 -72.56 -4.06 -35.16
CA LEU A 564 -71.40 -4.38 -34.30
C LEU A 564 -70.74 -5.57 -35.01
N PRO A 565 -70.14 -5.34 -36.19
CA PRO A 565 -69.63 -6.47 -36.98
C PRO A 565 -68.33 -7.04 -36.43
N PHE A 566 -67.58 -6.21 -35.71
CA PHE A 566 -66.31 -6.62 -35.14
C PHE A 566 -66.48 -6.69 -33.64
N GLY A 567 -67.73 -6.81 -33.21
CA GLY A 567 -68.07 -6.85 -31.81
C GLY A 567 -68.20 -5.46 -31.25
N ARG A 568 -68.57 -5.40 -29.98
CA ARG A 568 -68.78 -4.13 -29.29
C ARG A 568 -67.48 -3.65 -28.68
N PRO A 569 -67.27 -2.32 -28.59
CA PRO A 569 -66.03 -1.85 -27.93
C PRO A 569 -66.06 -2.28 -26.47
N ARG A 570 -64.92 -2.73 -25.96
CA ARG A 570 -64.84 -3.19 -24.58
C ARG A 570 -64.37 -2.07 -23.65
N VAL A 571 -65.09 -1.91 -22.54
CA VAL A 571 -64.80 -0.89 -21.51
C VAL A 571 -63.55 -1.32 -20.68
N ILE A 572 -62.36 -0.82 -21.07
CA ILE A 572 -61.13 -1.13 -20.33
C ILE A 572 -60.93 -0.04 -19.23
N GLN A 573 -62.00 0.20 -18.47
CA GLN A 573 -62.10 1.19 -17.39
C GLN A 573 -62.71 0.52 -16.15
N LYS A 574 -61.99 0.61 -15.00
CA LYS A 574 -62.45 0.06 -13.71
C LYS A 574 -63.59 0.91 -13.12
N ASN A 575 -64.67 0.25 -12.64
CA ASN A 575 -65.86 0.88 -12.03
C ASN A 575 -66.54 1.96 -12.90
N LYS A 576 -66.58 1.77 -14.22
CA LYS A 576 -67.23 2.69 -15.15
C LYS A 576 -68.67 2.18 -15.37
N ASP A 577 -69.66 2.81 -14.73
CA ASP A 577 -71.06 2.40 -14.83
C ASP A 577 -71.67 2.72 -16.19
N HIS A 578 -71.94 1.66 -16.95
CA HIS A 578 -72.48 1.76 -18.28
C HIS A 578 -73.53 0.69 -18.57
N CYS A 579 -74.20 0.84 -19.73
CA CYS A 579 -75.20 -0.06 -20.28
C CYS A 579 -75.29 0.13 -21.79
N LEU A 580 -75.59 -0.94 -22.52
CA LEU A 580 -75.74 -0.88 -23.96
C LEU A 580 -77.20 -0.63 -24.30
N LEU A 581 -77.43 0.11 -25.37
CA LEU A 581 -78.78 0.41 -25.85
C LEU A 581 -78.86 -0.12 -27.27
N TYR A 582 -79.84 -0.99 -27.52
CA TYR A 582 -79.99 -1.65 -28.80
C TYR A 582 -81.11 -1.06 -29.61
N HIS A 583 -80.78 -0.54 -30.83
CA HIS A 583 -81.73 0.00 -31.82
C HIS A 583 -81.46 -0.62 -33.17
N ARG A 584 -82.53 -0.71 -33.99
CA ARG A 584 -82.54 -1.28 -35.33
C ARG A 584 -81.36 -0.82 -36.22
N GLU A 585 -81.12 0.50 -36.23
CA GLU A 585 -80.13 1.19 -37.06
C GLU A 585 -78.81 1.48 -36.36
N TYR A 586 -78.74 1.36 -35.00
CA TYR A 586 -77.52 1.67 -34.21
C TYR A 586 -77.48 1.05 -32.80
N VAL A 587 -76.26 0.92 -32.23
CA VAL A 587 -76.03 0.42 -30.87
C VAL A 587 -75.06 1.39 -30.16
N SER A 588 -75.49 2.00 -29.04
CA SER A 588 -74.67 2.92 -28.25
C SER A 588 -74.27 2.31 -26.89
N GLY A 589 -73.10 2.72 -26.37
CA GLY A 589 -72.58 2.33 -25.07
C GLY A 589 -72.74 3.51 -24.14
N PHE A 590 -73.82 3.50 -23.31
CA PHE A 590 -74.22 4.61 -22.45
C PHE A 590 -73.51 4.69 -21.09
N GLY A 591 -72.75 5.78 -20.92
CA GLY A 591 -72.03 6.12 -19.70
C GLY A 591 -72.92 6.91 -18.77
N LYS A 592 -73.47 6.20 -17.75
CA LYS A 592 -74.45 6.65 -16.75
C LYS A 592 -74.05 7.92 -15.99
N ALA A 593 -72.81 7.97 -15.46
CA ALA A 593 -72.32 9.13 -14.70
C ALA A 593 -72.18 10.37 -15.53
N MET A 594 -71.82 10.20 -16.82
CA MET A 594 -71.68 11.35 -17.70
C MET A 594 -73.00 11.67 -18.43
N LYS A 595 -74.03 10.83 -18.21
CA LYS A 595 -75.39 10.98 -18.74
C LYS A 595 -75.44 11.08 -20.28
N MET A 596 -74.39 10.51 -20.93
CA MET A 596 -74.19 10.50 -22.39
C MET A 596 -73.56 9.19 -22.82
N PRO A 597 -73.65 8.81 -24.12
CA PRO A 597 -73.00 7.57 -24.56
C PRO A 597 -71.52 7.73 -24.86
N MET A 598 -70.69 6.90 -24.23
CA MET A 598 -69.24 6.84 -24.44
C MET A 598 -69.00 6.51 -25.94
N TRP A 599 -69.63 5.42 -26.42
CA TRP A 599 -69.56 5.03 -27.81
C TRP A 599 -70.94 4.87 -28.47
N SER A 600 -70.97 4.86 -29.81
CA SER A 600 -72.14 4.63 -30.65
C SER A 600 -71.65 3.94 -31.92
N SER A 601 -72.31 2.85 -32.30
CA SER A 601 -71.93 2.00 -33.42
C SER A 601 -73.08 1.87 -34.44
N TYR A 602 -72.75 1.91 -35.75
CA TYR A 602 -73.70 1.84 -36.85
C TYR A 602 -73.01 1.59 -38.19
N THR A 603 -73.62 0.77 -39.04
CA THR A 603 -73.11 0.41 -40.36
C THR A 603 -73.96 1.09 -41.43
N VAL A 604 -73.42 2.18 -41.99
CA VAL A 604 -74.07 2.94 -43.05
C VAL A 604 -73.88 2.17 -44.34
N PRO A 605 -74.96 1.62 -44.95
CA PRO A 605 -74.78 0.86 -46.20
C PRO A 605 -74.57 1.78 -47.41
N LYS A 606 -73.99 1.24 -48.52
CA LYS A 606 -73.72 2.01 -49.74
C LYS A 606 -74.98 2.72 -50.28
N PRO A 607 -74.93 4.08 -50.28
CA PRO A 607 -76.11 4.86 -50.72
C PRO A 607 -76.45 4.76 -52.21
N GLY A 608 -77.74 4.98 -52.53
CA GLY A 608 -78.28 4.94 -53.89
C GLY A 608 -78.03 6.20 -54.70
N PRO A 614 -82.75 13.40 -47.41
CA PRO A 614 -83.53 13.17 -46.19
C PRO A 614 -83.13 14.08 -45.02
N PRO A 615 -83.97 15.06 -44.62
CA PRO A 615 -83.58 15.95 -43.50
C PRO A 615 -83.86 15.34 -42.12
N THR A 616 -83.35 15.99 -41.06
CA THR A 616 -83.56 15.55 -39.68
C THR A 616 -84.90 16.08 -39.19
N VAL A 617 -85.72 15.21 -38.52
CA VAL A 617 -87.04 15.53 -37.95
C VAL A 617 -86.91 16.69 -36.92
N PRO A 618 -87.53 17.84 -37.23
CA PRO A 618 -87.35 19.01 -36.36
C PRO A 618 -88.23 19.06 -35.13
N ASP A 619 -87.76 19.83 -34.11
CA ASP A 619 -88.42 20.12 -32.83
C ASP A 619 -89.01 18.87 -32.16
N CYS A 620 -88.30 17.75 -32.32
CA CYS A 620 -88.70 16.46 -31.78
C CYS A 620 -87.60 15.84 -30.96
N LEU A 621 -87.88 15.68 -29.66
CA LEU A 621 -86.99 15.12 -28.65
C LEU A 621 -87.80 14.58 -27.50
N ARG A 622 -87.39 13.41 -26.97
CA ARG A 622 -88.07 12.74 -25.86
C ARG A 622 -87.11 11.95 -24.95
N ALA A 623 -87.54 11.67 -23.71
CA ALA A 623 -86.77 10.93 -22.71
C ALA A 623 -86.59 9.47 -23.11
N ASP A 624 -85.45 8.87 -22.76
CA ASP A 624 -85.27 7.46 -23.06
C ASP A 624 -85.89 6.63 -21.93
N VAL A 625 -86.94 5.86 -22.28
CA VAL A 625 -87.73 4.98 -21.40
C VAL A 625 -86.91 3.82 -20.77
N ARG A 626 -85.61 3.69 -21.15
CA ARG A 626 -84.70 2.65 -20.65
C ARG A 626 -83.75 3.22 -19.61
N VAL A 627 -83.39 4.50 -19.78
CA VAL A 627 -82.43 5.21 -18.94
C VAL A 627 -83.11 6.03 -17.85
N ASP A 628 -82.66 5.83 -16.59
CA ASP A 628 -83.14 6.52 -15.39
C ASP A 628 -83.01 8.06 -15.57
N PRO A 629 -83.99 8.88 -15.10
CA PRO A 629 -83.84 10.35 -15.24
C PRO A 629 -82.61 10.87 -14.47
N SER A 630 -82.28 10.19 -13.35
CA SER A 630 -81.14 10.48 -12.50
C SER A 630 -79.85 10.31 -13.29
N GLU A 631 -79.86 9.43 -14.31
CA GLU A 631 -78.72 9.13 -15.18
C GLU A 631 -78.89 9.66 -16.61
N SER A 632 -79.85 10.56 -16.86
CA SER A 632 -80.00 11.09 -18.23
C SER A 632 -80.14 12.60 -18.31
N GLN A 633 -79.62 13.17 -19.41
CA GLN A 633 -79.65 14.60 -19.76
C GLN A 633 -81.08 15.08 -20.00
N LYS A 634 -81.35 16.34 -19.63
CA LYS A 634 -82.64 17.01 -19.80
C LYS A 634 -82.50 18.08 -20.88
N CYS A 635 -83.59 18.37 -21.61
CA CYS A 635 -83.62 19.39 -22.66
C CYS A 635 -83.41 20.79 -22.06
N SER A 636 -83.84 20.95 -20.81
CA SER A 636 -83.73 22.14 -19.97
C SER A 636 -82.28 22.51 -19.60
N PHE A 637 -81.32 21.60 -19.84
CA PHE A 637 -79.92 21.85 -19.51
C PHE A 637 -79.26 22.78 -20.52
N TYR A 638 -79.92 22.98 -21.72
CA TYR A 638 -79.27 23.65 -22.84
C TYR A 638 -79.64 25.14 -23.13
N LEU A 639 -80.81 25.41 -23.73
CA LEU A 639 -81.15 26.79 -24.12
C LEU A 639 -80.21 27.28 -25.26
N ASN A 643 -74.49 28.96 -26.65
CA ASN A 643 -73.04 28.78 -26.67
C ASN A 643 -72.71 27.30 -26.84
N ILE A 644 -73.25 26.48 -25.94
CA ILE A 644 -73.15 25.01 -25.92
C ILE A 644 -74.59 24.44 -25.96
N ASP A 645 -74.86 23.63 -26.99
CA ASP A 645 -76.15 23.04 -27.31
C ASP A 645 -76.02 21.52 -27.52
N HIS A 646 -77.13 20.81 -27.36
CA HIS A 646 -77.13 19.37 -27.55
C HIS A 646 -76.94 19.05 -29.04
N GLY A 647 -76.09 18.07 -29.31
CA GLY A 647 -75.83 17.57 -30.67
C GLY A 647 -76.14 16.09 -30.72
N PHE A 648 -76.47 15.56 -31.92
CA PHE A 648 -76.76 14.14 -32.06
C PHE A 648 -75.47 13.33 -32.36
N LEU A 649 -75.05 12.45 -31.41
CA LEU A 649 -73.85 11.62 -31.61
C LEU A 649 -74.08 10.71 -32.82
N TYR A 650 -75.30 10.16 -32.92
CA TYR A 650 -75.71 9.35 -34.04
C TYR A 650 -76.64 10.19 -34.92
N PRO A 651 -76.26 10.45 -36.20
CA PRO A 651 -77.12 11.23 -37.11
C PRO A 651 -78.48 10.56 -37.35
N PRO A 652 -79.62 11.18 -36.91
CA PRO A 652 -80.93 10.50 -37.05
C PRO A 652 -81.40 10.15 -38.46
N ALA A 653 -81.13 11.01 -39.44
CA ALA A 653 -81.56 10.82 -40.83
C ALA A 653 -80.65 9.92 -41.70
N ILE A 654 -79.49 9.43 -41.18
CA ILE A 654 -78.51 8.66 -41.93
C ILE A 654 -79.05 7.32 -42.48
N LYS A 655 -79.89 6.62 -41.69
CA LYS A 655 -80.46 5.34 -42.10
C LYS A 655 -81.94 5.23 -41.80
N GLY A 656 -82.66 4.63 -42.73
CA GLY A 656 -84.08 4.34 -42.57
C GLY A 656 -85.00 5.42 -43.06
N ASN A 657 -86.28 5.32 -42.67
CA ASN A 657 -87.33 6.26 -43.07
C ASN A 657 -87.51 7.36 -42.02
N ASN A 658 -88.67 8.06 -42.08
CA ASN A 658 -89.03 9.14 -41.16
C ASN A 658 -89.26 8.64 -39.74
N GLU A 659 -89.79 7.40 -39.59
CA GLU A 659 -90.09 6.83 -38.28
C GLU A 659 -88.86 6.14 -37.67
N SER A 660 -87.90 5.71 -38.52
CA SER A 660 -86.62 5.12 -38.08
C SER A 660 -85.84 6.16 -37.25
N GLN A 661 -86.06 7.45 -37.55
CA GLN A 661 -85.47 8.61 -36.89
C GLN A 661 -85.88 8.73 -35.43
N TYR A 662 -87.10 8.30 -35.08
CA TYR A 662 -87.60 8.36 -33.70
C TYR A 662 -86.70 7.59 -32.71
N ASP A 663 -86.06 6.50 -33.16
CA ASP A 663 -85.11 5.69 -32.36
C ASP A 663 -83.83 6.49 -31.96
N ALA A 664 -83.52 7.58 -32.71
CA ALA A 664 -82.37 8.48 -32.53
C ALA A 664 -82.73 9.82 -31.89
N LEU A 665 -84.04 10.20 -31.90
CA LEU A 665 -84.57 11.45 -31.31
C LEU A 665 -84.92 11.28 -29.83
N ILE A 666 -83.92 10.82 -29.05
CA ILE A 666 -83.99 10.57 -27.62
C ILE A 666 -82.78 11.16 -26.86
N THR A 667 -82.93 11.32 -25.51
CA THR A 667 -81.96 11.87 -24.56
C THR A 667 -80.66 11.07 -24.50
N SER A 668 -80.70 9.78 -24.94
CA SER A 668 -79.55 8.85 -24.96
C SER A 668 -78.61 9.11 -26.14
N ASN A 669 -79.09 9.86 -27.15
CA ASN A 669 -78.35 10.24 -28.36
C ASN A 669 -77.91 11.72 -28.28
N LEU A 670 -78.04 12.33 -27.11
CA LEU A 670 -77.65 13.71 -26.98
C LEU A 670 -76.28 13.79 -26.39
N VAL A 671 -75.45 14.69 -26.96
CA VAL A 671 -74.08 14.96 -26.52
C VAL A 671 -73.84 16.47 -26.49
N PRO A 672 -73.21 17.03 -25.42
CA PRO A 672 -72.97 18.49 -25.37
C PRO A 672 -71.99 18.98 -26.46
N MET A 673 -72.44 19.93 -27.29
CA MET A 673 -71.63 20.48 -28.38
C MET A 673 -71.65 21.98 -28.46
N TYR A 674 -70.51 22.57 -28.81
CA TYR A 674 -70.48 24.01 -29.00
C TYR A 674 -71.18 24.33 -30.31
N LYS A 675 -71.91 25.46 -30.39
CA LYS A 675 -72.65 25.88 -31.58
C LYS A 675 -71.78 25.73 -32.85
N GLU A 676 -70.52 26.22 -32.77
CA GLU A 676 -69.54 26.19 -33.84
C GLU A 676 -69.04 24.79 -34.17
N PHE A 677 -68.90 23.89 -33.16
CA PHE A 677 -68.48 22.50 -33.41
C PHE A 677 -69.61 21.76 -34.14
N LYS A 678 -70.89 21.89 -33.63
CA LYS A 678 -72.09 21.27 -34.19
C LYS A 678 -72.15 21.49 -35.70
N LYS A 679 -71.77 22.70 -36.17
CA LYS A 679 -71.66 23.08 -37.60
C LYS A 679 -70.78 22.08 -38.37
N MET A 680 -69.55 21.84 -37.86
CA MET A 680 -68.61 20.90 -38.45
C MET A 680 -69.13 19.48 -38.37
N TRP A 681 -69.66 19.10 -37.18
CA TRP A 681 -70.16 17.77 -36.85
C TRP A 681 -71.25 17.37 -37.80
N ASP A 682 -72.27 18.25 -37.94
CA ASP A 682 -73.43 18.03 -38.80
C ASP A 682 -73.07 17.97 -40.26
N TYR A 683 -72.12 18.82 -40.72
CA TYR A 683 -71.68 18.79 -42.10
C TYR A 683 -71.02 17.46 -42.44
N PHE A 684 -70.16 16.94 -41.55
CA PHE A 684 -69.47 15.67 -41.75
C PHE A 684 -70.49 14.54 -41.87
N HIS A 685 -71.50 14.52 -40.99
CA HIS A 685 -72.51 13.48 -40.95
C HIS A 685 -73.56 13.61 -42.06
N LYS A 686 -73.83 14.82 -42.55
CA LYS A 686 -74.83 15.07 -43.59
C LYS A 686 -74.25 14.95 -45.00
N VAL A 687 -72.97 15.31 -45.17
CA VAL A 687 -72.34 15.39 -46.49
C VAL A 687 -71.17 14.43 -46.68
N LEU A 688 -70.09 14.61 -45.92
CA LEU A 688 -68.85 13.85 -46.04
C LEU A 688 -69.00 12.33 -45.85
N LEU A 689 -69.71 11.91 -44.78
CA LEU A 689 -69.96 10.51 -44.42
C LEU A 689 -70.60 9.69 -45.56
N ILE A 690 -71.60 10.29 -46.25
CA ILE A 690 -72.34 9.67 -47.37
C ILE A 690 -71.41 9.49 -48.57
N LYS A 691 -70.52 10.48 -48.80
CA LYS A 691 -69.49 10.45 -49.83
C LYS A 691 -68.56 9.25 -49.55
N TYR A 692 -68.10 9.09 -48.28
CA TYR A 692 -67.23 7.99 -47.86
C TYR A 692 -67.92 6.65 -47.97
N ALA A 693 -69.21 6.57 -47.55
CA ALA A 693 -70.00 5.33 -47.59
C ALA A 693 -70.15 4.79 -49.02
N ILE A 694 -70.11 5.67 -50.04
CA ILE A 694 -70.14 5.32 -51.45
C ILE A 694 -68.75 4.75 -51.83
N GLU A 695 -67.69 5.53 -51.53
CA GLU A 695 -66.27 5.20 -51.79
C GLU A 695 -65.87 3.82 -51.27
N ARG A 696 -66.29 3.50 -50.02
CA ARG A 696 -65.92 2.28 -49.29
C ARG A 696 -66.96 1.11 -49.34
N ASN A 697 -68.12 1.29 -50.07
CA ASN A 697 -69.23 0.34 -50.20
C ASN A 697 -69.71 0.00 -48.78
N GLY A 698 -70.30 1.00 -48.14
CA GLY A 698 -70.73 0.93 -46.75
C GLY A 698 -69.57 1.25 -45.83
N VAL A 699 -69.88 1.61 -44.56
CA VAL A 699 -68.88 1.90 -43.56
C VAL A 699 -69.43 1.71 -42.13
N ASN A 700 -68.60 1.15 -41.23
CA ASN A 700 -68.97 1.03 -39.83
C ASN A 700 -68.35 2.20 -39.05
N VAL A 701 -69.27 3.06 -38.58
CA VAL A 701 -68.92 4.27 -37.86
C VAL A 701 -69.01 4.09 -36.35
N VAL A 702 -67.91 4.47 -35.66
CA VAL A 702 -67.91 4.56 -34.20
C VAL A 702 -67.53 5.99 -33.81
N SER A 703 -68.50 6.70 -33.23
CA SER A 703 -68.42 8.10 -32.79
C SER A 703 -68.49 8.12 -31.26
N GLY A 704 -67.87 9.12 -30.63
CA GLY A 704 -67.96 9.23 -29.19
C GLY A 704 -67.22 10.38 -28.52
N PRO A 705 -67.69 10.77 -27.31
CA PRO A 705 -67.01 11.84 -26.55
C PRO A 705 -65.63 11.42 -26.02
N ILE A 706 -64.71 12.40 -25.94
CA ILE A 706 -63.37 12.17 -25.38
C ILE A 706 -63.11 13.27 -24.37
N PHE A 707 -62.71 12.89 -23.13
CA PHE A 707 -62.37 13.81 -22.05
C PHE A 707 -60.88 13.69 -21.73
N ASP A 708 -60.06 14.65 -22.20
CA ASP A 708 -58.62 14.63 -21.92
C ASP A 708 -58.10 16.03 -21.53
N TYR A 709 -58.66 16.54 -20.42
CA TYR A 709 -58.38 17.86 -19.90
C TYR A 709 -56.95 18.10 -19.51
N ASN A 710 -56.25 17.06 -18.99
CA ASN A 710 -54.83 17.18 -18.61
C ASN A 710 -53.88 16.83 -19.78
N TYR A 711 -54.44 16.63 -21.00
CA TYR A 711 -53.75 16.32 -22.25
C TYR A 711 -52.60 15.32 -22.07
N ASP A 712 -52.91 14.18 -21.45
CA ASP A 712 -51.89 13.18 -21.27
C ASP A 712 -52.11 12.01 -22.23
N GLY A 713 -53.16 12.11 -23.04
CA GLY A 713 -53.43 11.18 -24.14
C GLY A 713 -54.22 9.96 -23.78
N HIS A 714 -54.74 9.99 -22.57
CA HIS A 714 -55.55 8.97 -21.98
C HIS A 714 -56.86 9.57 -21.60
N PHE A 715 -57.86 8.72 -21.38
CA PHE A 715 -59.13 9.20 -20.91
C PHE A 715 -58.90 9.81 -19.51
N ASP A 716 -59.72 10.81 -19.16
CA ASP A 716 -59.70 11.43 -17.83
C ASP A 716 -60.50 10.63 -16.83
N ALA A 717 -59.99 10.60 -15.59
CA ALA A 717 -60.68 10.08 -14.43
C ALA A 717 -61.75 11.15 -14.10
N PRO A 718 -62.86 10.83 -13.43
CA PRO A 718 -63.89 11.86 -13.18
C PRO A 718 -63.38 13.18 -12.57
N ASP A 719 -62.52 13.06 -11.55
CA ASP A 719 -61.88 14.15 -10.81
C ASP A 719 -60.97 15.03 -11.69
N GLU A 720 -60.66 14.57 -12.91
CA GLU A 720 -59.81 15.32 -13.86
C GLU A 720 -60.62 16.29 -14.73
N ILE A 721 -61.93 15.98 -15.02
CA ILE A 721 -62.82 16.84 -15.81
C ILE A 721 -63.07 18.16 -15.05
N THR A 722 -62.64 19.28 -15.68
CA THR A 722 -62.71 20.62 -15.13
C THR A 722 -63.91 21.46 -15.63
N ASN A 723 -64.48 21.17 -16.83
CA ASN A 723 -65.63 21.97 -17.26
C ASN A 723 -66.86 21.11 -17.67
N TYR A 724 -68.07 21.66 -17.32
CA TYR A 724 -69.41 21.07 -17.49
C TYR A 724 -70.37 22.05 -18.16
N VAL A 725 -71.52 21.52 -18.62
CA VAL A 725 -72.59 22.34 -19.22
C VAL A 725 -73.10 23.19 -18.07
N ALA A 726 -73.19 24.52 -18.27
CA ALA A 726 -73.55 25.49 -17.22
C ALA A 726 -74.71 25.05 -16.32
N GLY A 727 -74.39 24.99 -15.04
CA GLY A 727 -75.29 24.64 -13.95
C GLY A 727 -75.60 23.17 -13.81
N THR A 728 -74.95 22.33 -14.63
CA THR A 728 -75.16 20.88 -14.61
C THR A 728 -73.87 20.11 -14.30
N ASP A 729 -73.99 18.77 -14.21
CA ASP A 729 -72.87 17.85 -13.94
C ASP A 729 -72.50 17.02 -15.20
N VAL A 730 -73.03 17.42 -16.38
CA VAL A 730 -72.73 16.79 -17.67
C VAL A 730 -71.38 17.34 -18.16
N PRO A 731 -70.33 16.47 -18.26
CA PRO A 731 -69.00 16.98 -18.66
C PRO A 731 -68.89 17.38 -20.12
N VAL A 732 -68.07 18.39 -20.38
CA VAL A 732 -67.89 18.82 -21.76
C VAL A 732 -66.75 17.99 -22.40
N PRO A 733 -67.00 17.19 -23.46
CA PRO A 733 -65.90 16.44 -24.06
C PRO A 733 -64.87 17.42 -24.62
N THR A 734 -63.59 17.12 -24.42
CA THR A 734 -62.49 17.95 -24.93
C THR A 734 -62.38 17.76 -26.44
N HIS A 735 -62.67 16.52 -26.91
CA HIS A 735 -62.66 16.06 -28.30
C HIS A 735 -63.85 15.13 -28.56
N TYR A 736 -63.97 14.74 -29.83
CA TYR A 736 -64.92 13.75 -30.30
C TYR A 736 -64.18 12.83 -31.26
N PHE A 737 -64.51 11.56 -31.24
CA PHE A 737 -63.83 10.69 -32.17
C PHE A 737 -64.79 10.11 -33.16
N VAL A 738 -64.30 9.87 -34.38
CA VAL A 738 -65.05 9.20 -35.43
C VAL A 738 -64.08 8.19 -36.06
N VAL A 739 -64.40 6.89 -35.93
CA VAL A 739 -63.59 5.81 -36.49
C VAL A 739 -64.38 5.17 -37.62
N LEU A 740 -63.81 5.30 -38.81
CA LEU A 740 -64.43 4.76 -39.99
C LEU A 740 -63.77 3.45 -40.32
N THR A 741 -64.49 2.36 -40.04
CA THR A 741 -64.02 1.02 -40.23
C THR A 741 -64.83 0.41 -41.37
N SER A 742 -64.25 0.32 -42.55
CA SER A 742 -64.90 -0.27 -43.72
C SER A 742 -64.03 -1.44 -44.13
N CYS A 743 -64.25 -2.04 -45.31
CA CYS A 743 -63.36 -3.13 -45.67
C CYS A 743 -62.39 -2.82 -46.79
N LYS A 744 -61.17 -3.42 -46.70
CA LYS A 744 -60.09 -3.29 -47.68
C LYS A 744 -60.55 -3.83 -49.03
N ASN A 745 -61.16 -5.05 -49.06
CA ASN A 745 -61.73 -5.58 -50.30
C ASN A 745 -63.08 -4.96 -50.38
N LYS A 746 -63.19 -3.96 -51.26
CA LYS A 746 -64.40 -3.14 -51.44
C LYS A 746 -65.60 -3.92 -51.99
N THR A 747 -65.37 -5.17 -52.46
CA THR A 747 -66.44 -6.04 -52.99
C THR A 747 -67.45 -6.43 -51.88
N HIS A 748 -66.99 -6.42 -50.59
CA HIS A 748 -67.81 -6.73 -49.41
C HIS A 748 -68.07 -5.47 -48.61
N THR A 749 -69.25 -5.42 -47.99
CA THR A 749 -69.63 -4.32 -47.09
C THR A 749 -68.87 -4.49 -45.75
N PRO A 750 -68.81 -3.51 -44.82
CA PRO A 750 -68.07 -3.74 -43.56
C PRO A 750 -68.68 -4.80 -42.64
N ASP A 751 -70.00 -4.96 -42.70
CA ASP A 751 -70.72 -5.95 -41.90
C ASP A 751 -70.42 -7.39 -42.33
N SER A 752 -70.01 -7.60 -43.60
CA SER A 752 -69.70 -8.92 -44.14
C SER A 752 -68.28 -9.03 -44.70
N CYS A 753 -67.24 -8.72 -43.87
CA CYS A 753 -65.88 -8.82 -44.42
C CYS A 753 -64.94 -9.81 -43.73
N PRO A 754 -64.48 -10.83 -44.54
CA PRO A 754 -63.58 -11.87 -44.01
C PRO A 754 -62.10 -11.47 -43.85
N GLY A 755 -61.59 -10.68 -44.79
CA GLY A 755 -60.21 -10.24 -44.80
C GLY A 755 -59.99 -9.05 -43.90
N TRP A 756 -58.89 -8.32 -44.18
CA TRP A 756 -58.48 -7.12 -43.45
C TRP A 756 -59.46 -5.97 -43.59
N LEU A 757 -59.49 -5.11 -42.57
CA LEU A 757 -60.36 -3.93 -42.55
C LEU A 757 -59.57 -2.69 -42.92
N ASP A 758 -60.23 -1.70 -43.52
CA ASP A 758 -59.55 -0.44 -43.82
C ASP A 758 -60.10 0.56 -42.81
N VAL A 759 -59.19 1.18 -42.05
CA VAL A 759 -59.60 2.11 -41.01
C VAL A 759 -59.30 3.62 -41.36
N LEU A 760 -60.05 4.54 -40.72
CA LEU A 760 -59.95 5.98 -40.89
C LEU A 760 -60.41 6.70 -39.63
N PRO A 761 -59.52 6.76 -38.61
CA PRO A 761 -59.89 7.40 -37.33
C PRO A 761 -59.55 8.90 -37.18
N PHE A 762 -60.48 9.66 -36.60
CA PHE A 762 -60.36 11.09 -36.32
C PHE A 762 -60.58 11.36 -34.82
N VAL A 763 -59.71 12.20 -34.23
CA VAL A 763 -59.85 12.70 -32.86
C VAL A 763 -59.87 14.22 -32.99
N VAL A 764 -61.04 14.75 -33.38
CA VAL A 764 -61.30 16.16 -33.66
C VAL A 764 -61.57 16.97 -32.38
N PRO A 765 -60.82 18.08 -32.15
CA PRO A 765 -61.02 18.87 -30.96
C PRO A 765 -62.39 19.52 -30.89
N HIS A 766 -63.02 19.38 -29.71
CA HIS A 766 -64.31 19.98 -29.42
C HIS A 766 -64.08 21.40 -28.87
N ARG A 767 -63.82 22.35 -29.79
CA ARG A 767 -63.52 23.76 -29.53
C ARG A 767 -64.74 24.69 -29.79
N PRO A 768 -64.89 25.81 -29.03
CA PRO A 768 -66.08 26.68 -29.19
C PRO A 768 -66.12 27.60 -30.41
N THR A 769 -64.96 27.86 -31.02
CA THR A 769 -64.80 28.69 -32.22
C THR A 769 -63.94 27.89 -33.19
N ASN A 770 -64.13 28.09 -34.50
CA ASN A 770 -63.40 27.38 -35.55
C ASN A 770 -62.20 28.17 -36.07
N VAL A 771 -61.58 29.01 -35.22
CA VAL A 771 -60.40 29.81 -35.57
C VAL A 771 -59.32 28.95 -36.26
N GLU A 772 -59.15 27.68 -35.82
CA GLU A 772 -58.17 26.76 -36.39
C GLU A 772 -58.34 26.61 -37.90
N SER A 773 -59.59 26.43 -38.36
CA SER A 773 -59.94 26.22 -39.76
C SER A 773 -59.87 27.50 -40.60
N CYS A 774 -59.84 28.67 -39.95
CA CYS A 774 -59.87 30.01 -40.56
C CYS A 774 -61.00 30.03 -41.60
N PRO A 775 -62.28 29.99 -41.15
CA PRO A 775 -63.38 29.85 -42.10
C PRO A 775 -63.87 31.13 -42.76
N GLU A 776 -63.27 32.31 -42.41
CA GLU A 776 -63.68 33.65 -42.84
C GLU A 776 -64.41 33.68 -44.19
N ASN A 777 -65.76 33.63 -44.06
CA ASN A 777 -66.81 33.70 -45.08
C ASN A 777 -67.02 32.40 -45.88
N LYS A 778 -65.98 31.56 -46.00
CA LYS A 778 -65.99 30.29 -46.73
C LYS A 778 -67.07 29.33 -46.26
N ALA A 779 -67.68 28.62 -47.23
CA ALA A 779 -68.70 27.61 -46.93
C ALA A 779 -68.00 26.35 -46.46
N GLU A 780 -68.71 25.51 -45.68
CA GLU A 780 -68.23 24.26 -45.09
C GLU A 780 -67.51 23.32 -46.07
N ASP A 781 -67.95 23.32 -47.35
CA ASP A 781 -67.38 22.50 -48.42
C ASP A 781 -65.91 22.81 -48.74
N LEU A 782 -65.38 23.90 -48.13
CA LEU A 782 -64.02 24.38 -48.31
C LEU A 782 -63.08 24.09 -47.11
N TRP A 783 -63.63 23.93 -45.88
CA TRP A 783 -62.77 23.78 -44.70
C TRP A 783 -63.07 22.62 -43.74
N VAL A 784 -64.34 22.14 -43.65
CA VAL A 784 -64.72 21.08 -42.70
C VAL A 784 -63.93 19.80 -42.93
N GLU A 785 -63.89 19.29 -44.19
CA GLU A 785 -63.15 18.06 -44.51
C GLU A 785 -61.67 18.21 -44.18
N GLU A 786 -61.09 19.36 -44.56
CA GLU A 786 -59.70 19.74 -44.32
C GLU A 786 -59.37 19.62 -42.84
N ARG A 787 -60.30 20.08 -41.96
CA ARG A 787 -60.17 20.04 -40.50
C ARG A 787 -60.23 18.63 -39.95
N PHE A 788 -61.17 17.83 -40.50
CA PHE A 788 -61.34 16.45 -40.10
C PHE A 788 -60.08 15.66 -40.44
N LYS A 789 -59.57 15.81 -41.69
CA LYS A 789 -58.35 15.17 -42.18
C LYS A 789 -57.13 15.63 -41.37
N ALA A 790 -57.11 16.92 -40.92
CA ALA A 790 -56.05 17.51 -40.09
C ALA A 790 -55.96 16.85 -38.72
N HIS A 791 -57.06 16.21 -38.29
CA HIS A 791 -57.13 15.54 -37.00
C HIS A 791 -57.29 14.01 -37.13
N ILE A 792 -56.50 13.42 -38.04
CA ILE A 792 -56.47 11.97 -38.20
C ILE A 792 -55.61 11.45 -37.06
N ALA A 793 -55.78 10.17 -36.69
CA ALA A 793 -55.00 9.50 -35.64
C ALA A 793 -55.25 8.02 -35.74
N ARG A 794 -54.40 7.22 -35.08
CA ARG A 794 -54.50 5.76 -35.04
C ARG A 794 -55.73 5.36 -34.20
N VAL A 795 -56.23 4.11 -34.38
CA VAL A 795 -57.31 3.57 -33.57
C VAL A 795 -56.80 3.52 -32.14
N ARG A 796 -55.55 3.06 -31.93
CA ARG A 796 -54.93 2.99 -30.61
C ARG A 796 -54.92 4.35 -29.88
N ASP A 797 -54.70 5.45 -30.63
CA ASP A 797 -54.73 6.81 -30.09
C ASP A 797 -56.09 7.10 -29.40
N VAL A 798 -57.22 6.66 -30.05
CA VAL A 798 -58.63 6.71 -29.59
C VAL A 798 -58.75 5.85 -28.32
N GLU A 799 -58.38 4.55 -28.42
CA GLU A 799 -58.46 3.53 -27.35
C GLU A 799 -57.90 4.06 -26.06
N LEU A 800 -56.76 4.78 -26.16
CA LEU A 800 -56.06 5.36 -25.03
C LEU A 800 -56.88 6.49 -24.35
N LEU A 801 -57.41 7.42 -25.18
CA LEU A 801 -58.19 8.61 -24.86
C LEU A 801 -59.62 8.27 -24.40
N THR A 802 -60.07 7.04 -24.64
CA THR A 802 -61.43 6.63 -24.31
C THR A 802 -61.48 5.53 -23.29
N GLY A 803 -60.50 4.65 -23.29
CA GLY A 803 -60.54 3.50 -22.39
C GLY A 803 -61.44 2.44 -22.97
N LEU A 804 -61.60 2.44 -24.29
CA LEU A 804 -62.39 1.44 -24.97
C LEU A 804 -61.40 0.62 -25.77
N ASP A 805 -61.81 -0.61 -26.15
CA ASP A 805 -61.01 -1.56 -26.94
C ASP A 805 -61.84 -2.11 -28.06
N PHE A 806 -61.41 -1.78 -29.27
CA PHE A 806 -62.08 -2.12 -30.52
C PHE A 806 -61.76 -3.49 -31.11
N TYR A 807 -62.71 -3.97 -31.94
CA TYR A 807 -62.64 -5.18 -32.77
C TYR A 807 -62.27 -6.48 -32.03
N GLN A 808 -62.67 -6.62 -30.74
CA GLN A 808 -62.39 -7.84 -29.96
C GLN A 808 -63.12 -9.11 -30.48
N GLU A 809 -63.92 -8.97 -31.57
CA GLU A 809 -64.68 -10.04 -32.21
C GLU A 809 -64.37 -10.18 -33.73
N LYS A 810 -63.16 -9.74 -34.18
CA LYS A 810 -62.73 -9.88 -35.58
C LYS A 810 -61.85 -11.12 -35.68
N THR A 811 -62.28 -12.11 -36.47
CA THR A 811 -61.63 -13.41 -36.71
C THR A 811 -60.29 -13.27 -37.47
N GLN A 812 -59.28 -12.72 -36.76
CA GLN A 812 -57.89 -12.45 -37.16
C GLN A 812 -57.06 -12.61 -35.88
N PRO A 813 -55.75 -12.90 -35.95
CA PRO A 813 -54.96 -12.98 -34.70
C PRO A 813 -54.74 -11.59 -34.10
N VAL A 814 -54.62 -11.48 -32.75
CA VAL A 814 -54.42 -10.21 -32.03
C VAL A 814 -53.23 -9.43 -32.61
N SER A 815 -52.13 -10.10 -33.00
CA SER A 815 -50.96 -9.45 -33.65
C SER A 815 -51.41 -8.62 -34.88
N GLU A 816 -52.26 -9.23 -35.75
CA GLU A 816 -52.81 -8.60 -36.95
C GLU A 816 -53.70 -7.39 -36.63
N ILE A 817 -54.59 -7.47 -35.63
CA ILE A 817 -55.46 -6.35 -35.25
C ILE A 817 -54.60 -5.19 -34.68
N LEU A 818 -53.60 -5.53 -33.85
CA LEU A 818 -52.62 -4.61 -33.29
C LEU A 818 -51.90 -3.87 -34.41
N GLN A 819 -51.71 -4.54 -35.59
CA GLN A 819 -51.15 -3.92 -36.81
C GLN A 819 -52.07 -2.78 -37.29
N LEU A 820 -53.40 -3.06 -37.36
CA LEU A 820 -54.42 -2.15 -37.84
C LEU A 820 -54.64 -1.01 -36.85
N LYS A 821 -54.55 -1.34 -35.55
CA LYS A 821 -54.78 -0.34 -34.50
C LYS A 821 -53.64 0.66 -34.38
N THR A 822 -52.53 0.41 -35.10
CA THR A 822 -51.37 1.28 -35.11
C THR A 822 -51.17 1.94 -36.48
N TYR A 823 -51.99 1.61 -37.51
CA TYR A 823 -51.87 2.24 -38.83
C TYR A 823 -52.51 3.57 -38.83
N LEU A 824 -51.72 4.59 -39.21
CA LEU A 824 -52.10 5.99 -39.35
C LEU A 824 -52.36 6.25 -40.85
N PRO A 825 -53.58 6.76 -41.23
CA PRO A 825 -53.85 7.03 -42.65
C PRO A 825 -52.97 8.17 -43.19
N THR A 826 -52.49 8.02 -44.43
CA THR A 826 -51.55 8.97 -45.05
C THR A 826 -52.21 10.14 -45.83
N PHE A 827 -51.76 11.39 -45.55
CA PHE A 827 -52.19 12.66 -46.17
C PHE A 827 -51.09 13.71 -45.97
N GLY B 9 -23.91 -6.24 49.46
CA GLY B 9 -23.65 -5.72 50.80
C GLY B 9 -22.20 -5.50 51.16
N SER B 10 -21.27 -5.68 50.18
CA SER B 10 -19.83 -5.53 50.32
C SER B 10 -19.17 -5.07 48.97
N CYS B 11 -17.82 -5.05 48.88
CA CYS B 11 -17.08 -4.60 47.69
C CYS B 11 -16.96 -5.63 46.56
N ARG B 12 -17.39 -6.88 46.82
CA ARG B 12 -17.37 -8.01 45.89
C ARG B 12 -18.17 -7.63 44.63
N LYS B 13 -17.51 -7.74 43.46
CA LYS B 13 -18.03 -7.47 42.11
C LYS B 13 -18.56 -6.02 41.91
N LYS B 14 -18.13 -5.07 42.77
CA LYS B 14 -18.54 -3.66 42.74
C LYS B 14 -17.35 -2.67 42.87
N CYS B 15 -16.11 -3.18 42.75
CA CYS B 15 -14.85 -2.43 42.83
C CYS B 15 -14.86 -1.14 41.99
N PHE B 16 -14.78 0.04 42.65
CA PHE B 16 -14.76 1.40 42.06
C PHE B 16 -16.05 1.67 41.31
N ASP B 17 -17.07 2.15 42.06
CA ASP B 17 -18.41 2.38 41.58
C ASP B 17 -19.08 3.51 42.35
N SER B 18 -20.04 4.18 41.71
CA SER B 18 -20.83 5.22 42.34
C SER B 18 -21.87 4.60 43.31
N SER B 19 -21.85 3.25 43.45
CA SER B 19 -22.72 2.47 44.32
C SER B 19 -22.48 2.83 45.79
N HIS B 20 -23.59 3.09 46.49
CA HIS B 20 -23.63 3.40 47.92
C HIS B 20 -24.17 2.18 48.64
N ARG B 21 -24.76 1.24 47.89
CA ARG B 21 -25.32 0.02 48.44
C ARG B 21 -24.19 -0.88 49.02
N GLY B 22 -24.37 -1.23 50.29
CA GLY B 22 -23.49 -2.02 51.13
C GLY B 22 -24.07 -2.10 52.52
N LEU B 23 -23.59 -3.06 53.37
CA LEU B 23 -24.10 -3.17 54.75
C LEU B 23 -23.70 -1.92 55.52
N GLU B 24 -24.70 -1.10 55.88
CA GLU B 24 -24.59 0.21 56.53
C GLU B 24 -24.16 1.27 55.51
N GLY B 25 -24.42 1.02 54.24
CA GLY B 25 -24.10 1.94 53.15
C GLY B 25 -22.62 2.23 52.96
N CYS B 26 -21.80 1.16 52.95
CA CYS B 26 -20.36 1.25 52.77
C CYS B 26 -19.99 1.40 51.27
N ARG B 27 -18.96 2.21 50.94
CA ARG B 27 -18.55 2.50 49.54
C ARG B 27 -17.38 1.65 49.04
N CYS B 28 -17.16 1.65 47.72
CA CYS B 28 -16.12 0.85 47.08
C CYS B 28 -15.30 1.63 46.05
N ASP B 29 -15.44 2.98 46.03
CA ASP B 29 -14.70 3.91 45.15
C ASP B 29 -13.34 4.20 45.76
N SER B 30 -12.39 4.71 44.95
CA SER B 30 -11.04 4.98 45.45
C SER B 30 -10.96 6.10 46.53
N GLY B 31 -12.00 6.91 46.65
CA GLY B 31 -12.04 7.95 47.65
C GLY B 31 -12.54 7.50 49.02
N CYS B 32 -13.08 6.25 49.11
CA CYS B 32 -13.63 5.69 50.36
C CYS B 32 -12.62 5.57 51.46
N THR B 33 -11.32 5.38 51.10
CA THR B 33 -10.22 5.19 52.03
C THR B 33 -10.05 6.41 52.93
N ASP B 34 -9.91 7.57 52.30
CA ASP B 34 -9.75 8.86 52.96
C ASP B 34 -11.00 9.30 53.70
N ARG B 35 -12.20 8.79 53.28
CA ARG B 35 -13.49 9.09 53.92
C ARG B 35 -13.77 8.09 55.04
N GLY B 36 -13.10 6.94 55.00
CA GLY B 36 -13.30 5.84 55.94
C GLY B 36 -14.54 5.02 55.64
N ASP B 37 -15.19 5.31 54.49
CA ASP B 37 -16.42 4.68 54.00
C ASP B 37 -16.25 3.28 53.40
N CYS B 38 -15.01 2.81 53.20
CA CYS B 38 -14.78 1.51 52.56
C CYS B 38 -15.51 0.37 53.23
N CYS B 39 -15.94 -0.63 52.43
CA CYS B 39 -16.52 -1.86 52.96
C CYS B 39 -15.32 -2.64 53.45
N TRP B 40 -15.48 -3.39 54.54
CA TRP B 40 -14.45 -4.19 55.17
C TRP B 40 -13.54 -4.97 54.21
N ASP B 41 -14.10 -5.46 53.07
CA ASP B 41 -13.36 -6.27 52.09
C ASP B 41 -12.75 -5.45 50.95
N PHE B 42 -12.85 -4.11 50.99
CA PHE B 42 -12.35 -3.25 49.93
C PHE B 42 -10.92 -3.53 49.51
N GLU B 43 -9.97 -3.39 50.45
CA GLU B 43 -8.55 -3.58 50.17
C GLU B 43 -8.22 -4.94 49.59
N ASP B 44 -8.84 -6.00 50.12
CA ASP B 44 -8.56 -7.35 49.66
C ASP B 44 -9.19 -7.65 48.30
N THR B 45 -10.48 -7.30 48.08
CA THR B 45 -11.14 -7.54 46.78
C THR B 45 -10.65 -6.60 45.66
N CYS B 46 -10.43 -5.31 45.97
CA CYS B 46 -10.05 -4.32 44.95
C CYS B 46 -8.57 -3.93 44.92
N VAL B 47 -8.00 -3.49 46.07
CA VAL B 47 -6.64 -2.95 46.13
C VAL B 47 -5.57 -4.03 45.93
N LYS B 48 -5.39 -4.89 46.96
CA LYS B 48 -4.40 -5.93 47.05
C LYS B 48 -4.56 -7.01 46.00
N SER B 49 -5.82 -7.40 45.66
CA SER B 49 -6.15 -8.44 44.68
C SER B 49 -5.34 -8.42 43.39
N THR B 50 -5.20 -7.24 42.79
CA THR B 50 -4.48 -7.04 41.52
C THR B 50 -2.96 -7.33 41.61
N GLN B 51 -2.33 -7.00 42.75
CA GLN B 51 -0.91 -7.10 43.10
C GLN B 51 -0.40 -8.49 43.48
N ILE B 52 -1.30 -9.48 43.63
CA ILE B 52 -1.00 -10.86 44.08
C ILE B 52 -0.99 -11.89 42.92
N TRP B 53 -0.13 -12.93 43.03
CA TRP B 53 -0.03 -14.05 42.07
C TRP B 53 -0.82 -15.28 42.57
N THR B 54 -1.73 -15.08 43.57
CA THR B 54 -2.58 -16.16 44.09
C THR B 54 -4.03 -15.71 44.42
N CYS B 55 -4.98 -16.65 44.20
CA CYS B 55 -6.42 -16.52 44.51
C CYS B 55 -6.58 -16.75 46.00
N ASN B 56 -7.59 -16.10 46.59
CA ASN B 56 -7.94 -16.22 47.99
C ASN B 56 -9.45 -16.32 48.09
N SER B 57 -10.04 -16.32 49.31
CA SER B 57 -11.49 -16.42 49.51
C SER B 57 -12.29 -15.23 48.95
N PHE B 58 -11.68 -14.04 48.86
CA PHE B 58 -12.28 -12.81 48.31
C PHE B 58 -12.27 -12.86 46.74
N ARG B 59 -11.11 -13.30 46.18
CA ARG B 59 -10.82 -13.38 44.75
C ARG B 59 -11.60 -14.48 44.04
N CYS B 60 -11.91 -15.61 44.71
CA CYS B 60 -12.70 -16.66 44.06
C CYS B 60 -14.05 -16.10 43.62
N GLY B 61 -14.30 -16.23 42.32
CA GLY B 61 -15.52 -15.75 41.67
C GLY B 61 -15.59 -14.25 41.43
N GLU B 62 -14.47 -13.54 41.61
CA GLU B 62 -14.40 -12.08 41.45
C GLU B 62 -14.68 -11.63 40.02
N THR B 63 -14.98 -10.33 39.87
CA THR B 63 -15.17 -9.72 38.56
C THR B 63 -13.80 -9.31 38.07
N ARG B 64 -13.52 -9.56 36.79
CA ARG B 64 -12.24 -9.29 36.13
C ARG B 64 -11.78 -7.85 36.29
N LEU B 65 -10.54 -7.70 36.77
CA LEU B 65 -9.87 -6.41 36.95
C LEU B 65 -8.76 -6.33 35.92
N GLU B 66 -8.67 -5.22 35.17
CA GLU B 66 -7.65 -5.06 34.14
C GLU B 66 -6.24 -4.95 34.75
N ALA B 67 -6.13 -4.26 35.91
CA ALA B 67 -4.88 -4.04 36.65
C ALA B 67 -4.24 -5.36 37.19
N ALA B 68 -5.04 -6.45 37.27
CA ALA B 68 -4.65 -7.79 37.82
C ALA B 68 -3.59 -8.55 37.03
N LEU B 69 -2.69 -9.24 37.77
CA LEU B 69 -1.56 -10.06 37.29
C LEU B 69 -2.03 -11.36 36.62
N CYS B 70 -2.91 -12.10 37.33
CA CYS B 70 -3.55 -13.36 36.97
C CYS B 70 -5.09 -13.14 37.22
N SER B 71 -5.95 -14.20 37.04
CA SER B 71 -7.40 -14.12 37.32
C SER B 71 -7.95 -15.22 38.24
N CYS B 72 -9.08 -14.93 38.90
CA CYS B 72 -9.84 -15.84 39.76
C CYS B 72 -11.32 -15.85 39.35
N ALA B 73 -11.62 -15.11 38.26
CA ALA B 73 -12.95 -14.98 37.68
C ALA B 73 -13.45 -16.32 37.19
N ASP B 74 -14.79 -16.50 37.16
CA ASP B 74 -15.46 -17.72 36.72
C ASP B 74 -15.06 -18.23 35.34
N ASP B 75 -14.62 -17.32 34.46
CA ASP B 75 -14.24 -17.66 33.10
C ASP B 75 -12.72 -17.74 32.93
N CYS B 76 -11.95 -17.81 34.03
CA CYS B 76 -10.50 -17.85 33.90
C CYS B 76 -9.98 -19.15 33.31
N LEU B 77 -10.65 -20.31 33.56
CA LEU B 77 -10.19 -21.60 33.02
C LEU B 77 -10.31 -21.64 31.51
N GLN B 78 -11.46 -21.15 30.99
CA GLN B 78 -11.74 -21.06 29.56
C GLN B 78 -10.86 -19.97 28.94
N ARG B 79 -10.70 -18.82 29.64
CA ARG B 79 -9.84 -17.72 29.20
C ARG B 79 -8.34 -18.02 29.33
N LYS B 80 -7.99 -19.12 30.02
CA LYS B 80 -6.62 -19.60 30.25
C LYS B 80 -5.75 -18.64 31.10
N ASP B 81 -6.37 -17.82 31.96
CA ASP B 81 -5.59 -16.88 32.76
C ASP B 81 -5.71 -17.04 34.29
N CYS B 82 -6.14 -18.23 34.78
CA CYS B 82 -6.24 -18.48 36.22
C CYS B 82 -4.91 -18.36 36.90
N CYS B 83 -4.96 -18.15 38.20
CA CYS B 83 -3.79 -18.21 39.05
C CYS B 83 -3.55 -19.70 39.27
N THR B 84 -2.32 -20.11 39.60
CA THR B 84 -2.01 -21.55 39.74
C THR B 84 -2.85 -22.26 40.81
N ASP B 85 -3.14 -21.54 41.90
CA ASP B 85 -3.91 -22.07 43.02
C ASP B 85 -5.47 -22.01 42.84
N TYR B 86 -5.97 -21.56 41.65
CA TYR B 86 -7.40 -21.46 41.34
C TYR B 86 -8.16 -22.75 41.68
N LYS B 87 -7.76 -23.88 41.07
CA LYS B 87 -8.42 -25.16 41.31
C LYS B 87 -8.39 -25.62 42.79
N ALA B 88 -7.27 -25.42 43.50
CA ALA B 88 -7.19 -25.85 44.90
C ALA B 88 -7.94 -24.95 45.87
N VAL B 89 -7.88 -23.63 45.64
CA VAL B 89 -8.50 -22.62 46.50
C VAL B 89 -9.99 -22.43 46.21
N CYS B 90 -10.33 -22.21 44.93
CA CYS B 90 -11.68 -21.96 44.45
C CYS B 90 -12.51 -23.23 44.19
N GLN B 91 -11.87 -24.38 43.91
CA GLN B 91 -12.56 -25.64 43.64
C GLN B 91 -12.23 -26.78 44.63
N GLY B 92 -11.51 -26.44 45.70
CA GLY B 92 -11.13 -27.36 46.78
C GLY B 92 -10.43 -28.64 46.36
N GLU B 93 -9.71 -28.59 45.22
CA GLU B 93 -8.95 -29.72 44.70
C GLU B 93 -7.68 -29.90 45.54
N VAL B 94 -7.18 -31.15 45.66
CA VAL B 94 -5.96 -31.43 46.42
C VAL B 94 -4.76 -31.00 45.60
N PRO B 95 -3.93 -30.05 46.08
CA PRO B 95 -2.77 -29.60 45.27
C PRO B 95 -1.74 -30.69 45.00
N TRP B 96 -1.05 -30.59 43.86
CA TRP B 96 0.00 -31.50 43.41
C TRP B 96 0.94 -31.89 44.55
N VAL B 97 1.40 -30.88 45.31
CA VAL B 97 2.34 -30.99 46.43
C VAL B 97 1.82 -31.91 47.54
N THR B 98 0.54 -31.79 47.97
CA THR B 98 -0.03 -32.64 49.02
C THR B 98 -0.43 -34.03 48.48
N GLU B 99 -1.01 -34.05 47.27
CA GLU B 99 -1.46 -35.23 46.51
C GLU B 99 -0.39 -36.35 46.53
N ALA B 100 -0.80 -37.63 46.49
CA ALA B 100 0.15 -38.77 46.51
C ALA B 100 1.00 -38.84 45.23
N CYS B 101 2.07 -39.66 45.24
CA CYS B 101 2.96 -39.83 44.09
C CYS B 101 2.24 -40.52 42.93
N ASP B 114 0.17 -36.38 19.43
CA ASP B 114 0.86 -35.65 20.49
C ASP B 114 2.04 -36.41 21.12
N GLN B 115 2.89 -35.68 21.86
CA GLN B 115 4.07 -36.16 22.58
C GLN B 115 4.26 -35.35 23.89
N PRO B 116 4.75 -35.98 24.98
CA PRO B 116 4.91 -35.24 26.24
C PRO B 116 5.99 -34.16 26.18
N PRO B 117 5.70 -32.94 26.71
CA PRO B 117 6.70 -31.86 26.67
C PRO B 117 7.95 -32.14 27.54
N VAL B 118 9.08 -31.47 27.22
CA VAL B 118 10.32 -31.67 27.97
C VAL B 118 10.75 -30.35 28.58
N ILE B 119 10.87 -30.30 29.92
CA ILE B 119 11.26 -29.08 30.64
C ILE B 119 12.58 -29.27 31.39
N LEU B 120 13.59 -28.49 31.00
CA LEU B 120 14.89 -28.52 31.63
C LEU B 120 15.02 -27.23 32.44
N PHE B 121 15.12 -27.38 33.75
CA PHE B 121 15.12 -26.30 34.72
C PHE B 121 16.41 -26.29 35.53
N SER B 122 17.13 -25.16 35.55
CA SER B 122 18.35 -25.07 36.36
C SER B 122 18.27 -23.98 37.42
N MET B 123 18.80 -24.28 38.61
CA MET B 123 18.82 -23.45 39.81
C MET B 123 20.09 -23.70 40.66
N ASP B 124 20.31 -22.95 41.79
CA ASP B 124 21.50 -23.13 42.67
C ASP B 124 21.36 -22.70 44.18
N GLY B 125 21.86 -23.56 45.10
CA GLY B 125 21.89 -23.40 46.56
C GLY B 125 22.25 -24.69 47.27
N LEU B 138 11.73 -26.77 51.57
CA LEU B 138 11.48 -26.84 50.13
C LEU B 138 10.56 -28.06 49.78
N PRO B 139 9.24 -27.94 50.02
CA PRO B 139 8.33 -29.08 49.78
C PRO B 139 8.09 -29.54 48.35
N ASN B 140 8.13 -28.62 47.39
CA ASN B 140 7.83 -28.90 45.98
C ASN B 140 8.96 -29.65 45.32
N ILE B 141 10.20 -29.12 45.46
CA ILE B 141 11.43 -29.73 44.91
C ILE B 141 11.64 -31.07 45.61
N ASN B 142 11.28 -31.15 46.92
CA ASN B 142 11.40 -32.43 47.61
C ASN B 142 10.44 -33.46 47.04
N LYS B 143 9.17 -33.08 46.73
CA LYS B 143 8.18 -33.98 46.15
C LYS B 143 8.68 -34.59 44.86
N LEU B 144 9.45 -33.82 44.10
CA LEU B 144 10.04 -34.26 42.85
C LEU B 144 11.12 -35.34 43.09
N LYS B 145 11.99 -35.14 44.09
CA LYS B 145 13.03 -36.07 44.51
C LYS B 145 12.34 -37.34 45.04
N THR B 146 11.27 -37.15 45.86
CA THR B 146 10.41 -38.15 46.49
C THR B 146 9.76 -39.08 45.48
N CYS B 147 8.96 -38.55 44.54
CA CYS B 147 8.23 -39.35 43.57
C CYS B 147 9.07 -39.76 42.39
N GLY B 148 9.92 -38.86 41.91
CA GLY B 148 10.72 -39.10 40.73
C GLY B 148 12.03 -39.82 40.92
N LEU B 149 13.02 -39.35 40.16
CA LEU B 149 14.36 -39.87 40.03
C LEU B 149 15.42 -38.81 40.40
N HIS B 150 16.47 -39.20 41.15
CA HIS B 150 17.53 -38.28 41.53
C HIS B 150 18.90 -38.93 41.52
N SER B 151 19.90 -38.20 41.01
CA SER B 151 21.28 -38.69 40.97
C SER B 151 22.05 -38.02 42.07
N LYS B 152 22.85 -38.85 42.79
CA LYS B 152 23.74 -38.51 43.91
C LYS B 152 24.40 -37.14 43.67
N TYR B 153 25.16 -37.05 42.55
CA TYR B 153 25.83 -35.87 42.02
C TYR B 153 26.09 -36.06 40.51
N MET B 154 26.01 -34.99 39.76
CA MET B 154 26.26 -34.96 38.33
C MET B 154 27.71 -34.48 38.14
N ARG B 155 28.56 -35.35 37.57
CA ARG B 155 29.95 -35.03 37.28
C ARG B 155 29.96 -33.95 36.17
N ALA B 156 30.53 -32.77 36.48
CA ALA B 156 30.70 -31.66 35.53
C ALA B 156 32.04 -31.80 34.82
N VAL B 157 32.10 -31.37 33.57
CA VAL B 157 33.31 -31.43 32.76
C VAL B 157 34.24 -30.25 33.09
N TYR B 158 35.55 -30.35 32.76
CA TYR B 158 36.56 -29.31 33.00
C TYR B 158 36.35 -28.16 31.99
N PRO B 159 36.48 -26.85 32.37
CA PRO B 159 36.71 -26.35 33.74
C PRO B 159 35.40 -26.59 34.46
N THR B 160 35.35 -26.67 35.76
CA THR B 160 34.03 -27.05 36.26
C THR B 160 33.09 -25.83 36.49
N LYS B 161 33.25 -24.75 35.67
CA LYS B 161 32.47 -23.51 35.67
C LYS B 161 31.04 -23.68 35.11
N THR B 162 30.07 -22.90 35.65
CA THR B 162 28.64 -22.93 35.32
C THR B 162 28.31 -22.63 33.86
N PHE B 163 28.77 -21.48 33.32
CA PHE B 163 28.46 -21.08 31.94
C PHE B 163 28.85 -22.17 30.92
N PRO B 164 30.14 -22.65 30.85
CA PRO B 164 30.45 -23.72 29.88
C PRO B 164 29.66 -24.99 30.14
N ASN B 165 29.49 -25.35 31.42
CA ASN B 165 28.78 -26.55 31.83
C ASN B 165 27.30 -26.53 31.42
N HIS B 166 26.68 -25.33 31.37
CA HIS B 166 25.28 -25.24 30.91
C HIS B 166 25.19 -25.47 29.42
N TYR B 167 26.17 -24.94 28.65
CA TYR B 167 26.25 -25.18 27.21
C TYR B 167 26.56 -26.65 26.89
N THR B 168 27.43 -27.29 27.70
CA THR B 168 27.77 -28.72 27.62
C THR B 168 26.51 -29.59 27.82
N ILE B 169 25.65 -29.22 28.79
CA ILE B 169 24.41 -29.92 29.06
C ILE B 169 23.54 -30.02 27.80
N VAL B 170 23.21 -28.86 27.19
CA VAL B 170 22.34 -28.78 26.01
C VAL B 170 23.01 -29.25 24.69
N THR B 171 24.36 -29.41 24.63
CA THR B 171 25.05 -29.84 23.39
C THR B 171 25.60 -31.27 23.40
N GLY B 172 25.90 -31.76 24.60
CA GLY B 172 26.51 -33.07 24.82
C GLY B 172 28.00 -33.07 24.53
N LEU B 173 28.54 -31.89 24.20
CA LEU B 173 29.92 -31.69 23.81
C LEU B 173 30.86 -31.20 24.90
N TYR B 174 32.15 -31.62 24.82
CA TYR B 174 33.18 -31.14 25.73
C TYR B 174 33.43 -29.66 25.36
N PRO B 175 33.75 -28.76 26.31
CA PRO B 175 33.98 -27.35 25.95
C PRO B 175 34.92 -27.17 24.78
N GLU B 176 35.97 -28.02 24.65
CA GLU B 176 36.95 -27.97 23.54
C GLU B 176 36.30 -28.13 22.17
N SER B 177 35.17 -28.87 22.14
CA SER B 177 34.41 -29.15 20.94
C SER B 177 33.28 -28.13 20.74
N HIS B 178 32.53 -27.71 21.81
CA HIS B 178 31.42 -26.76 21.64
C HIS B 178 31.87 -25.29 21.57
N GLY B 179 33.11 -25.01 21.94
CA GLY B 179 33.69 -23.68 21.84
C GLY B 179 33.76 -22.84 23.10
N ILE B 180 32.77 -22.98 24.00
CA ILE B 180 32.76 -22.18 25.24
C ILE B 180 33.66 -22.83 26.28
N ILE B 181 34.97 -22.57 26.17
CA ILE B 181 36.00 -23.21 26.99
C ILE B 181 36.19 -22.53 28.37
N ASP B 182 35.61 -21.34 28.57
CA ASP B 182 35.68 -20.53 29.79
C ASP B 182 34.82 -19.27 29.59
N ASN B 183 34.45 -18.55 30.69
CA ASN B 183 33.66 -17.31 30.61
C ASN B 183 34.47 -16.21 29.90
N ASN B 184 35.81 -16.32 29.95
CA ASN B 184 36.69 -15.38 29.28
C ASN B 184 37.62 -16.14 28.36
N MET B 185 37.75 -15.66 27.11
CA MET B 185 38.61 -16.28 26.09
C MET B 185 38.98 -15.36 24.93
N TYR B 186 40.04 -15.73 24.21
CA TYR B 186 40.48 -15.02 23.03
C TYR B 186 40.73 -16.02 21.91
N ASP B 187 40.04 -15.85 20.77
CA ASP B 187 40.23 -16.70 19.60
C ASP B 187 41.15 -15.92 18.66
N VAL B 188 42.34 -16.46 18.36
CA VAL B 188 43.31 -15.81 17.50
C VAL B 188 42.79 -15.63 16.05
N TYR B 189 42.06 -16.65 15.54
CA TYR B 189 41.52 -16.69 14.17
C TYR B 189 40.43 -15.67 13.96
N LEU B 190 39.72 -15.31 15.04
CA LEU B 190 38.69 -14.28 15.01
C LEU B 190 39.37 -12.95 15.36
N ASN B 191 40.43 -13.01 16.19
CA ASN B 191 41.12 -11.89 16.84
C ASN B 191 40.04 -11.07 17.55
N LYS B 192 39.30 -11.77 18.41
CA LYS B 192 38.19 -11.23 19.17
C LYS B 192 38.29 -11.79 20.57
N ASN B 193 37.79 -11.03 21.54
CA ASN B 193 37.79 -11.40 22.95
C ASN B 193 36.36 -11.73 23.36
N PHE B 194 36.15 -12.84 24.08
CA PHE B 194 34.84 -13.23 24.60
C PHE B 194 34.83 -13.05 26.12
N SER B 195 33.73 -12.48 26.62
CA SER B 195 33.42 -12.25 28.03
C SER B 195 31.92 -12.10 28.13
N LEU B 196 31.35 -12.43 29.29
CA LEU B 196 29.90 -12.36 29.48
C LEU B 196 29.38 -10.92 29.49
N SER B 197 30.23 -9.97 29.96
CA SER B 197 29.93 -8.53 30.00
C SER B 197 29.92 -7.89 28.59
N SER B 198 30.72 -8.47 27.65
CA SER B 198 30.89 -8.02 26.27
C SER B 198 29.72 -8.34 25.33
N VAL B 199 29.61 -7.55 24.26
CA VAL B 199 28.65 -7.69 23.16
C VAL B 199 29.01 -8.97 22.38
N GLU B 200 30.33 -9.32 22.40
CA GLU B 200 30.90 -10.50 21.74
C GLU B 200 30.29 -11.80 22.21
N LYS B 201 29.73 -11.81 23.42
CA LYS B 201 29.05 -12.97 24.01
C LYS B 201 27.95 -13.44 23.07
N SER B 202 27.37 -12.48 22.32
CA SER B 202 26.27 -12.67 21.37
C SER B 202 26.71 -13.11 19.98
N ASN B 203 28.02 -12.96 19.65
CA ASN B 203 28.59 -13.38 18.36
C ASN B 203 28.44 -14.90 18.17
N PRO B 204 27.70 -15.36 17.13
CA PRO B 204 27.49 -16.79 16.95
C PRO B 204 28.72 -17.64 16.62
N ALA B 205 29.85 -17.00 16.22
CA ALA B 205 31.10 -17.67 15.86
C ALA B 205 31.74 -18.37 17.05
N TRP B 206 31.45 -17.89 18.27
CA TRP B 206 31.97 -18.46 19.51
C TRP B 206 31.25 -19.78 19.81
N TRP B 207 30.02 -19.86 19.36
CA TRP B 207 29.13 -20.95 19.66
C TRP B 207 29.14 -22.05 18.62
N SER B 208 29.93 -23.09 18.90
CA SER B 208 30.00 -24.27 18.07
C SER B 208 29.07 -25.33 18.65
N GLY B 209 28.88 -26.44 17.94
CA GLY B 209 27.97 -27.51 18.33
C GLY B 209 26.53 -27.22 17.92
N GLN B 210 25.62 -28.14 18.27
CA GLN B 210 24.21 -28.01 17.95
C GLN B 210 23.36 -28.22 19.23
N PRO B 211 22.90 -27.11 19.88
CA PRO B 211 22.12 -27.27 21.12
C PRO B 211 20.78 -27.93 20.88
N ILE B 212 20.28 -28.61 21.91
CA ILE B 212 19.05 -29.40 21.92
C ILE B 212 17.86 -28.64 21.30
N TRP B 213 17.77 -27.31 21.51
CA TRP B 213 16.67 -26.57 20.91
C TRP B 213 16.73 -26.63 19.40
N LEU B 214 17.94 -26.42 18.81
CA LEU B 214 18.12 -26.50 17.36
C LEU B 214 17.81 -27.89 16.83
N THR B 215 18.33 -28.94 17.49
CA THR B 215 18.11 -30.34 17.13
C THR B 215 16.62 -30.62 16.96
N ALA B 216 15.80 -30.20 17.96
CA ALA B 216 14.35 -30.36 17.96
C ALA B 216 13.71 -29.57 16.81
N MET B 217 14.15 -28.31 16.62
CA MET B 217 13.67 -27.41 15.57
C MET B 217 13.93 -27.98 14.16
N TYR B 218 15.19 -28.39 13.92
CA TYR B 218 15.66 -29.00 12.68
C TYR B 218 14.92 -30.33 12.42
N GLN B 219 14.28 -30.90 13.47
CA GLN B 219 13.54 -32.16 13.34
C GLN B 219 12.03 -32.00 13.51
N GLY B 220 11.53 -30.82 13.12
CA GLY B 220 10.11 -30.51 13.14
C GLY B 220 9.55 -29.90 14.40
N LEU B 221 10.09 -30.26 15.58
CA LEU B 221 9.61 -29.78 16.90
C LEU B 221 9.93 -28.28 17.19
N LYS B 222 9.10 -27.61 18.02
CA LYS B 222 9.32 -26.21 18.38
C LYS B 222 9.92 -26.12 19.78
N ALA B 223 10.76 -25.10 20.03
CA ALA B 223 11.46 -24.97 21.30
C ALA B 223 11.43 -23.57 21.85
N ALA B 224 11.31 -23.45 23.16
CA ALA B 224 11.31 -22.16 23.85
C ALA B 224 12.37 -22.13 24.94
N SER B 225 12.79 -20.91 25.32
CA SER B 225 13.76 -20.71 26.37
C SER B 225 13.55 -19.42 27.16
N TYR B 226 13.41 -19.53 28.49
CA TYR B 226 13.27 -18.36 29.35
C TYR B 226 14.59 -18.27 30.10
N TYR B 227 15.64 -17.91 29.34
CA TYR B 227 17.05 -17.82 29.72
C TYR B 227 17.69 -19.21 29.76
N TRP B 228 18.93 -19.30 29.26
CA TRP B 228 19.82 -20.46 29.25
C TRP B 228 21.05 -20.11 28.41
N PRO B 229 22.30 -20.33 28.92
CA PRO B 229 23.48 -20.01 28.10
C PRO B 229 23.37 -20.41 26.62
N GLY B 230 23.49 -19.41 25.75
CA GLY B 230 23.46 -19.59 24.31
C GLY B 230 22.10 -19.64 23.65
N SER B 231 21.01 -19.61 24.46
CA SER B 231 19.65 -19.61 23.93
C SER B 231 19.24 -18.22 23.45
N ASP B 232 19.99 -17.18 23.88
CA ASP B 232 19.77 -15.81 23.44
C ASP B 232 20.83 -15.46 22.37
N VAL B 233 21.31 -16.50 21.64
CA VAL B 233 22.32 -16.43 20.55
C VAL B 233 21.80 -17.20 19.32
N ALA B 234 21.99 -16.61 18.12
CA ALA B 234 21.61 -17.21 16.85
C ALA B 234 22.69 -18.24 16.42
N VAL B 235 22.83 -19.31 17.24
CA VAL B 235 23.77 -20.44 17.09
C VAL B 235 23.41 -21.13 15.79
N ASN B 236 24.37 -21.24 14.85
CA ASN B 236 24.12 -21.77 13.52
C ASN B 236 22.96 -20.99 12.84
N GLY B 237 23.05 -19.67 12.95
CA GLY B 237 22.16 -18.68 12.36
C GLY B 237 20.68 -18.72 12.71
N SER B 238 20.35 -19.31 13.87
CA SER B 238 18.95 -19.39 14.33
C SER B 238 18.85 -19.44 15.84
N PHE B 239 17.85 -18.73 16.35
CA PHE B 239 17.53 -18.65 17.77
C PHE B 239 16.44 -19.68 18.04
N PRO B 240 16.07 -19.98 19.31
CA PRO B 240 14.91 -20.86 19.53
C PRO B 240 13.61 -20.17 19.08
N ASN B 241 12.56 -20.93 18.71
CA ASN B 241 11.26 -20.38 18.29
C ASN B 241 10.83 -19.25 19.22
N ILE B 242 10.89 -19.48 20.55
CA ILE B 242 10.63 -18.48 21.58
C ILE B 242 11.83 -18.42 22.52
N TYR B 243 12.31 -17.20 22.78
CA TYR B 243 13.44 -16.97 23.68
C TYR B 243 13.31 -15.61 24.37
N ARG B 244 14.00 -15.47 25.51
CA ARG B 244 14.03 -14.22 26.27
C ARG B 244 15.48 -13.83 26.47
N ASN B 245 15.78 -12.54 26.23
CA ASN B 245 17.11 -11.95 26.37
C ASN B 245 17.35 -11.74 27.86
N TYR B 246 18.48 -12.31 28.33
CA TYR B 246 18.89 -12.37 29.73
C TYR B 246 18.73 -11.07 30.52
N SER B 247 18.12 -11.22 31.71
CA SER B 247 17.86 -10.19 32.69
C SER B 247 17.44 -10.83 34.00
N ASN B 248 18.07 -10.41 35.08
CA ASN B 248 17.80 -10.88 36.44
C ASN B 248 16.59 -10.16 37.08
N SER B 249 16.09 -9.09 36.41
CA SER B 249 15.02 -8.19 36.87
C SER B 249 13.69 -8.89 37.18
N VAL B 250 13.22 -9.71 36.22
CA VAL B 250 11.97 -10.46 36.18
C VAL B 250 11.71 -11.35 37.42
N PRO B 251 10.53 -11.19 38.08
CA PRO B 251 10.21 -12.09 39.21
C PRO B 251 9.92 -13.51 38.71
N TYR B 252 10.16 -14.51 39.58
CA TYR B 252 9.97 -15.93 39.24
C TYR B 252 8.55 -16.24 38.78
N GLU B 253 7.53 -15.66 39.46
CA GLU B 253 6.12 -15.88 39.12
C GLU B 253 5.82 -15.41 37.70
N SER B 254 6.42 -14.27 37.31
CA SER B 254 6.27 -13.72 35.98
C SER B 254 6.83 -14.69 34.94
N ARG B 255 7.98 -15.37 35.26
CA ARG B 255 8.65 -16.36 34.40
C ARG B 255 7.79 -17.60 34.24
N ILE B 256 7.29 -18.12 35.38
CA ILE B 256 6.46 -19.33 35.40
C ILE B 256 5.14 -19.10 34.64
N ALA B 257 4.56 -17.88 34.76
CA ALA B 257 3.34 -17.49 34.04
C ALA B 257 3.56 -17.57 32.54
N THR B 258 4.70 -17.05 32.04
CA THR B 258 5.10 -17.07 30.62
C THR B 258 5.27 -18.49 30.14
N LEU B 259 5.91 -19.32 30.98
CA LEU B 259 6.16 -20.72 30.70
C LEU B 259 4.83 -21.47 30.44
N LEU B 260 3.81 -21.14 31.24
CA LEU B 260 2.48 -21.73 31.14
C LEU B 260 1.69 -21.18 29.96
N GLN B 261 1.94 -19.91 29.57
CA GLN B 261 1.29 -19.26 28.41
C GLN B 261 1.74 -19.98 27.16
N TRP B 262 3.04 -20.35 27.12
CA TRP B 262 3.71 -21.07 26.04
C TRP B 262 3.09 -22.45 25.84
N LEU B 263 2.67 -23.09 26.96
CA LEU B 263 2.03 -24.40 26.94
C LEU B 263 0.55 -24.26 26.60
N ASP B 264 0.02 -23.03 26.71
CA ASP B 264 -1.37 -22.71 26.38
C ASP B 264 -1.49 -22.31 24.91
N LEU B 265 -0.35 -22.25 24.20
CA LEU B 265 -0.29 -21.94 22.77
C LEU B 265 -0.98 -23.03 21.95
N PRO B 266 -1.48 -22.72 20.71
CA PRO B 266 -2.09 -23.78 19.88
C PRO B 266 -1.01 -24.77 19.45
N LYS B 267 -1.34 -26.09 19.38
CA LYS B 267 -0.43 -27.21 19.05
C LYS B 267 0.63 -26.83 18.02
N ALA B 268 0.17 -26.19 16.92
CA ALA B 268 0.96 -25.70 15.80
C ALA B 268 2.18 -24.89 16.26
N GLU B 269 1.95 -23.82 17.05
CA GLU B 269 2.97 -22.90 17.59
C GLU B 269 3.66 -23.38 18.88
N ARG B 270 2.96 -24.24 19.66
CA ARG B 270 3.37 -24.73 20.98
C ARG B 270 4.68 -25.52 21.01
N PRO B 271 5.69 -25.01 21.76
CA PRO B 271 6.97 -25.73 21.88
C PRO B 271 6.86 -27.07 22.61
N SER B 272 7.72 -28.00 22.19
CA SER B 272 7.85 -29.35 22.73
C SER B 272 9.00 -29.38 23.77
N PHE B 273 9.99 -28.48 23.61
CA PHE B 273 11.14 -28.39 24.51
C PHE B 273 11.25 -27.03 25.20
N TYR B 274 11.61 -27.03 26.50
CA TYR B 274 11.76 -25.81 27.28
C TYR B 274 13.01 -25.79 28.15
N THR B 275 13.70 -24.65 28.13
CA THR B 275 14.88 -24.39 28.96
C THR B 275 14.58 -23.18 29.80
N ILE B 276 14.83 -23.29 31.10
CA ILE B 276 14.61 -22.22 32.06
C ILE B 276 15.74 -22.22 33.08
N TYR B 277 16.49 -21.11 33.10
CA TYR B 277 17.63 -20.89 33.99
C TYR B 277 17.24 -19.88 35.08
N VAL B 278 17.57 -20.20 36.34
CA VAL B 278 17.29 -19.37 37.53
C VAL B 278 18.56 -19.34 38.42
N GLU B 279 19.04 -18.13 38.78
CA GLU B 279 20.25 -17.93 39.63
C GLU B 279 19.97 -17.06 40.88
N ALA B 293 20.93 -17.35 56.06
CA ALA B 293 19.69 -17.06 56.81
C ALA B 293 18.56 -16.56 55.90
N GLY B 294 18.92 -15.63 55.01
CA GLY B 294 18.06 -15.08 53.98
C GLY B 294 18.28 -15.90 52.73
N VAL B 295 19.10 -16.97 52.90
CA VAL B 295 19.50 -17.98 51.93
C VAL B 295 18.28 -18.91 51.77
N ILE B 296 17.73 -19.35 52.91
CA ILE B 296 16.56 -20.21 52.93
C ILE B 296 15.39 -19.45 52.34
N LYS B 297 15.23 -18.18 52.75
CA LYS B 297 14.20 -17.29 52.24
C LYS B 297 14.29 -17.21 50.70
N ALA B 298 15.52 -17.11 50.16
CA ALA B 298 15.76 -17.05 48.72
C ALA B 298 15.45 -18.38 48.01
N LEU B 299 15.89 -19.51 48.60
CA LEU B 299 15.66 -20.85 48.07
C LEU B 299 14.19 -21.20 48.03
N GLN B 300 13.46 -20.78 49.08
CA GLN B 300 12.03 -20.97 49.21
C GLN B 300 11.32 -20.27 48.08
N LEU B 301 11.78 -19.07 47.67
CA LEU B 301 11.22 -18.34 46.52
C LEU B 301 11.31 -19.15 45.21
N VAL B 302 12.40 -19.92 44.99
CA VAL B 302 12.51 -20.75 43.80
C VAL B 302 11.60 -21.98 43.96
N ASP B 303 11.49 -22.52 45.19
CA ASP B 303 10.64 -23.69 45.42
C ASP B 303 9.18 -23.34 45.22
N ASP B 304 8.80 -22.11 45.60
CA ASP B 304 7.44 -21.61 45.43
C ASP B 304 7.13 -21.48 43.94
N ALA B 305 8.09 -20.91 43.16
CA ALA B 305 8.01 -20.76 41.71
C ALA B 305 7.92 -22.12 41.04
N PHE B 306 8.62 -23.11 41.63
CA PHE B 306 8.59 -24.48 41.12
C PHE B 306 7.21 -25.10 41.34
N GLY B 307 6.67 -24.85 42.54
CA GLY B 307 5.36 -25.34 42.96
C GLY B 307 4.25 -24.71 42.14
N MET B 308 4.51 -23.48 41.65
CA MET B 308 3.59 -22.73 40.80
C MET B 308 3.54 -23.40 39.45
N LEU B 309 4.71 -23.82 38.95
CA LEU B 309 4.81 -24.51 37.67
C LEU B 309 4.04 -25.83 37.72
N MET B 310 4.25 -26.62 38.80
CA MET B 310 3.57 -27.90 38.95
C MET B 310 2.07 -27.74 39.05
N GLU B 311 1.62 -26.72 39.81
CA GLU B 311 0.20 -26.44 39.98
C GLU B 311 -0.44 -26.03 38.66
N GLY B 312 0.26 -25.20 37.90
CA GLY B 312 -0.18 -24.76 36.59
C GLY B 312 -0.39 -25.94 35.66
N LEU B 313 0.58 -26.90 35.67
CA LEU B 313 0.53 -28.12 34.88
C LEU B 313 -0.65 -28.99 35.29
N LYS B 314 -0.87 -29.17 36.62
CA LYS B 314 -2.00 -29.96 37.13
C LYS B 314 -3.32 -29.41 36.58
N GLN B 315 -3.51 -28.07 36.62
CA GLN B 315 -4.67 -27.32 36.11
C GLN B 315 -4.93 -27.63 34.62
N ARG B 316 -3.83 -27.89 33.88
CA ARG B 316 -3.84 -28.17 32.45
C ARG B 316 -3.89 -29.67 32.13
N ASN B 317 -3.80 -30.51 33.19
CA ASN B 317 -3.75 -31.97 33.15
C ASN B 317 -2.43 -32.45 32.51
N LEU B 318 -1.37 -31.66 32.72
CA LEU B 318 -0.05 -31.93 32.18
C LEU B 318 0.95 -32.42 33.22
N HIS B 319 0.58 -32.40 34.52
CA HIS B 319 1.45 -32.82 35.62
C HIS B 319 1.99 -34.27 35.50
N ASN B 320 1.24 -35.18 34.83
CA ASN B 320 1.67 -36.56 34.58
C ASN B 320 1.95 -36.79 33.10
N CYS B 321 2.16 -35.70 32.36
CA CYS B 321 2.46 -35.66 30.94
C CYS B 321 3.89 -35.13 30.76
N VAL B 322 4.13 -33.89 31.22
CA VAL B 322 5.44 -33.26 31.10
C VAL B 322 6.53 -34.02 31.83
N ASN B 323 7.66 -34.25 31.11
CA ASN B 323 8.90 -34.82 31.64
C ASN B 323 9.76 -33.60 32.02
N ILE B 324 9.91 -33.38 33.32
CA ILE B 324 10.64 -32.26 33.88
C ILE B 324 11.95 -32.74 34.51
N ILE B 325 13.05 -32.08 34.15
CA ILE B 325 14.38 -32.33 34.70
C ILE B 325 14.79 -31.05 35.43
N VAL B 326 15.20 -31.18 36.69
CA VAL B 326 15.66 -30.08 37.52
C VAL B 326 17.12 -30.33 37.90
N LEU B 327 17.95 -29.30 37.76
CA LEU B 327 19.36 -29.38 38.09
C LEU B 327 19.59 -28.35 39.15
N ALA B 328 20.11 -28.76 40.31
CA ALA B 328 20.35 -27.85 41.42
C ALA B 328 21.78 -27.84 41.87
N ASP B 329 22.56 -26.89 41.33
CA ASP B 329 24.00 -26.76 41.63
C ASP B 329 24.22 -26.51 43.12
N HIS B 330 24.53 -27.61 43.84
CA HIS B 330 24.78 -27.56 45.27
C HIS B 330 26.22 -27.11 45.59
N GLY B 331 26.99 -26.83 44.54
CA GLY B 331 28.37 -26.34 44.63
C GLY B 331 28.50 -25.10 45.51
N MET B 332 29.58 -25.05 46.30
CA MET B 332 29.91 -23.95 47.19
C MET B 332 31.30 -23.40 46.90
N ASP B 333 31.46 -22.08 47.12
CA ASP B 333 32.72 -21.36 46.94
C ASP B 333 33.70 -21.84 48.02
N GLN B 334 34.62 -22.72 47.60
CA GLN B 334 35.64 -23.31 48.47
C GLN B 334 36.93 -22.47 48.50
N THR B 335 36.88 -21.25 47.91
CA THR B 335 38.00 -20.31 47.85
C THR B 335 38.09 -19.41 49.10
N SER B 336 39.31 -18.97 49.41
CA SER B 336 39.67 -18.07 50.50
C SER B 336 40.82 -17.21 50.05
N CYS B 337 40.89 -15.97 50.53
CA CYS B 337 41.96 -15.06 50.17
C CYS B 337 43.31 -15.52 50.74
N ASP B 338 43.27 -16.49 51.69
CA ASP B 338 44.44 -17.10 52.33
C ASP B 338 45.00 -18.24 51.45
N ARG B 339 44.12 -18.89 50.65
CA ARG B 339 44.48 -19.96 49.71
C ARG B 339 44.53 -19.43 48.28
N VAL B 340 45.53 -18.54 48.01
CA VAL B 340 45.80 -17.94 46.70
C VAL B 340 47.31 -18.03 46.42
N GLU B 341 47.68 -18.53 45.22
CA GLU B 341 49.05 -18.63 44.73
C GLU B 341 49.28 -17.46 43.77
N TYR B 342 50.44 -16.79 43.89
CA TYR B 342 50.74 -15.65 43.03
C TYR B 342 51.96 -15.92 42.20
N MET B 343 51.88 -15.57 40.91
CA MET B 343 52.94 -15.77 39.94
C MET B 343 54.17 -14.93 40.21
N THR B 344 54.00 -13.83 40.98
CA THR B 344 55.06 -12.92 41.43
C THR B 344 56.15 -13.69 42.21
N ASP B 345 55.74 -14.75 42.94
CA ASP B 345 56.60 -15.63 43.73
C ASP B 345 57.44 -16.56 42.86
N TYR B 346 57.04 -16.74 41.60
CA TYR B 346 57.70 -17.62 40.66
C TYR B 346 58.45 -16.89 39.54
N PHE B 347 58.03 -15.65 39.25
CA PHE B 347 58.67 -14.83 38.22
C PHE B 347 59.15 -13.48 38.73
N PRO B 348 60.41 -13.08 38.41
CA PRO B 348 60.89 -11.75 38.81
C PRO B 348 60.12 -10.64 38.09
N GLU B 349 59.66 -10.95 36.86
CA GLU B 349 58.87 -10.09 35.99
C GLU B 349 57.77 -10.89 35.27
N ILE B 350 56.58 -10.30 35.16
CA ILE B 350 55.43 -10.92 34.50
C ILE B 350 55.03 -10.07 33.29
N ASN B 351 55.28 -10.59 32.09
CA ASN B 351 54.95 -9.90 30.85
C ASN B 351 53.91 -10.66 30.00
N PHE B 352 53.37 -11.73 30.58
CA PHE B 352 52.35 -12.56 29.94
C PHE B 352 50.98 -12.16 30.46
N TYR B 353 49.93 -12.50 29.71
CA TYR B 353 48.55 -12.33 30.13
C TYR B 353 48.14 -13.64 30.79
N MET B 354 47.43 -13.54 31.91
CA MET B 354 46.94 -14.72 32.63
C MET B 354 45.45 -14.63 32.87
N TYR B 355 44.73 -15.71 32.50
CA TYR B 355 43.31 -15.91 32.74
C TYR B 355 43.37 -16.50 34.12
N GLN B 356 42.85 -15.76 35.12
CA GLN B 356 43.02 -16.11 36.52
C GLN B 356 41.90 -16.97 37.13
N GLY B 357 42.16 -17.43 38.35
CA GLY B 357 41.19 -18.22 39.10
C GLY B 357 41.52 -19.68 39.30
N PRO B 358 40.52 -20.57 39.12
CA PRO B 358 40.72 -22.00 39.39
C PRO B 358 41.23 -22.87 38.24
N ALA B 359 41.06 -22.42 36.97
CA ALA B 359 41.56 -23.14 35.79
C ALA B 359 42.37 -22.14 34.96
N PRO B 360 43.52 -21.66 35.49
CA PRO B 360 44.29 -20.64 34.79
C PRO B 360 44.93 -21.06 33.49
N ARG B 361 45.11 -20.07 32.59
CA ARG B 361 45.75 -20.23 31.29
C ARG B 361 46.63 -19.00 31.07
N ILE B 362 47.83 -19.19 30.55
CA ILE B 362 48.77 -18.10 30.30
C ILE B 362 49.02 -17.93 28.78
N ARG B 363 49.06 -16.66 28.31
CA ARG B 363 49.31 -16.29 26.89
C ARG B 363 50.13 -15.02 26.77
N THR B 364 50.55 -14.65 25.54
CA THR B 364 51.28 -13.41 25.29
C THR B 364 50.31 -12.22 25.38
N ARG B 365 50.85 -11.03 25.62
CA ARG B 365 50.03 -9.82 25.64
C ARG B 365 49.92 -9.32 24.19
N ASN B 366 50.98 -9.56 23.37
CA ASN B 366 51.04 -9.17 21.97
C ASN B 366 50.28 -10.15 21.08
N ILE B 367 48.95 -10.00 21.09
CA ILE B 367 48.00 -10.78 20.32
C ILE B 367 47.44 -9.97 19.14
N PRO B 368 47.29 -10.52 17.91
CA PRO B 368 47.54 -11.91 17.51
C PRO B 368 48.99 -12.22 17.15
N GLN B 369 49.75 -11.18 16.77
CA GLN B 369 51.15 -11.20 16.32
C GLN B 369 52.02 -12.31 16.94
N ASP B 370 52.11 -12.39 18.27
CA ASP B 370 52.99 -13.35 18.94
C ASP B 370 52.32 -14.59 19.51
N PHE B 371 51.00 -14.76 19.31
CA PHE B 371 50.22 -15.88 19.85
C PHE B 371 50.86 -17.27 19.73
N PHE B 372 51.35 -17.62 18.52
CA PHE B 372 51.95 -18.93 18.27
C PHE B 372 53.45 -19.00 18.56
N THR B 373 54.13 -17.84 18.57
CA THR B 373 55.56 -17.74 18.85
C THR B 373 55.86 -17.80 20.36
N PHE B 374 54.92 -17.33 21.22
CA PHE B 374 55.02 -17.30 22.68
C PHE B 374 55.60 -18.60 23.22
N ASN B 375 56.65 -18.50 24.06
CA ASN B 375 57.30 -19.69 24.61
C ASN B 375 56.48 -20.27 25.76
N SER B 376 55.51 -21.11 25.39
CA SER B 376 54.60 -21.77 26.32
C SER B 376 55.36 -22.81 27.12
N GLU B 377 56.31 -23.53 26.45
CA GLU B 377 57.12 -24.60 27.04
C GLU B 377 57.98 -24.08 28.18
N GLU B 378 58.55 -22.85 28.00
CA GLU B 378 59.37 -22.17 28.99
C GLU B 378 58.56 -21.85 30.25
N ILE B 379 57.30 -21.36 30.07
CA ILE B 379 56.43 -21.02 31.20
C ILE B 379 56.18 -22.25 32.07
N VAL B 380 55.78 -23.40 31.48
CA VAL B 380 55.52 -24.64 32.22
C VAL B 380 56.77 -25.07 32.99
N ARG B 381 57.93 -24.96 32.35
CA ARG B 381 59.22 -25.32 32.90
C ARG B 381 59.57 -24.42 34.09
N ASP B 382 59.42 -23.09 33.91
CA ASP B 382 59.72 -22.11 34.94
C ASP B 382 58.75 -22.14 36.13
N LEU B 383 57.63 -22.86 36.01
CA LEU B 383 56.66 -23.01 37.07
C LEU B 383 56.67 -24.43 37.66
N SER B 384 57.47 -25.33 37.06
CA SER B 384 57.55 -26.73 37.48
C SER B 384 58.47 -26.97 38.68
N CYS B 385 57.91 -27.66 39.71
CA CYS B 385 58.61 -28.05 40.94
C CYS B 385 59.45 -26.91 41.51
N ARG B 386 58.80 -25.75 41.70
CA ARG B 386 59.43 -24.54 42.20
C ARG B 386 59.39 -24.45 43.72
N LYS B 387 58.27 -24.86 44.33
CA LYS B 387 58.07 -24.90 45.78
C LYS B 387 57.60 -26.28 46.17
N SER B 388 57.92 -26.71 47.40
CA SER B 388 57.56 -28.04 47.92
C SER B 388 56.07 -28.11 48.22
N ASP B 389 55.52 -27.02 48.76
CA ASP B 389 54.11 -26.85 49.14
C ASP B 389 53.20 -26.45 47.96
N GLN B 390 53.80 -26.03 46.82
CA GLN B 390 53.18 -25.57 45.56
C GLN B 390 51.75 -26.09 45.33
N HIS B 391 50.77 -25.18 45.35
CA HIS B 391 49.34 -25.51 45.26
C HIS B 391 48.76 -25.47 43.83
N PHE B 392 49.61 -25.73 42.84
CA PHE B 392 49.24 -25.82 41.43
C PHE B 392 50.29 -26.64 40.66
N LYS B 393 49.94 -27.11 39.46
CA LYS B 393 50.86 -27.85 38.60
C LYS B 393 50.74 -27.36 37.14
N PRO B 394 51.77 -26.69 36.59
CA PRO B 394 51.69 -26.24 35.20
C PRO B 394 51.74 -27.43 34.26
N TYR B 395 51.05 -27.31 33.12
CA TYR B 395 50.97 -28.31 32.07
C TYR B 395 50.88 -27.63 30.73
N LEU B 396 51.37 -28.30 29.69
CA LEU B 396 51.11 -27.90 28.32
C LEU B 396 49.83 -28.69 28.09
N THR B 397 48.84 -28.11 27.41
CA THR B 397 47.54 -28.75 27.24
C THR B 397 47.61 -30.25 26.79
N PRO B 398 48.48 -30.69 25.84
CA PRO B 398 48.49 -32.14 25.51
C PRO B 398 48.97 -33.05 26.65
N ASP B 399 49.75 -32.50 27.61
CA ASP B 399 50.26 -33.23 28.77
C ASP B 399 49.24 -33.33 29.91
N LEU B 400 48.11 -32.58 29.81
CA LEU B 400 47.05 -32.56 30.82
C LEU B 400 46.37 -33.94 30.90
N PRO B 401 45.82 -34.34 32.08
CA PRO B 401 45.09 -35.63 32.17
C PRO B 401 44.05 -35.77 31.06
N LYS B 402 44.12 -36.88 30.30
CA LYS B 402 43.28 -37.13 29.12
C LYS B 402 41.77 -37.13 29.41
N ARG B 403 41.36 -37.52 30.64
CA ARG B 403 39.96 -37.55 31.04
C ARG B 403 39.28 -36.19 30.93
N LEU B 404 40.06 -35.11 31.12
CA LEU B 404 39.56 -33.72 31.09
C LEU B 404 39.11 -33.25 29.70
N HIS B 405 39.73 -33.76 28.60
CA HIS B 405 39.43 -33.41 27.20
C HIS B 405 39.43 -31.90 27.07
N TYR B 406 40.55 -31.29 27.43
CA TYR B 406 40.65 -29.83 27.45
C TYR B 406 41.94 -29.38 26.77
N ALA B 407 42.02 -29.60 25.44
CA ALA B 407 43.20 -29.25 24.67
C ALA B 407 42.94 -28.90 23.23
N LYS B 408 42.02 -29.63 22.56
CA LYS B 408 41.74 -29.45 21.14
C LYS B 408 40.80 -28.27 20.81
N ASN B 409 41.35 -27.05 20.93
CA ASN B 409 40.73 -25.75 20.61
C ASN B 409 41.81 -24.66 20.71
N VAL B 410 41.88 -23.74 19.71
CA VAL B 410 42.84 -22.62 19.68
C VAL B 410 42.64 -21.71 20.89
N ARG B 411 41.37 -21.57 21.31
CA ARG B 411 40.87 -20.82 22.45
C ARG B 411 41.52 -21.30 23.76
N ILE B 412 41.86 -22.61 23.85
CA ILE B 412 42.53 -23.20 24.99
C ILE B 412 44.02 -22.99 24.84
N ASP B 413 44.54 -22.02 25.60
CA ASP B 413 45.96 -21.66 25.58
C ASP B 413 46.80 -22.86 26.03
N LYS B 414 47.96 -23.09 25.34
CA LYS B 414 48.87 -24.20 25.62
C LYS B 414 49.27 -24.28 27.05
N VAL B 415 49.58 -23.11 27.67
CA VAL B 415 49.92 -23.05 29.09
C VAL B 415 48.64 -23.19 29.91
N HIS B 416 48.62 -24.18 30.78
CA HIS B 416 47.49 -24.39 31.65
C HIS B 416 47.99 -24.76 33.02
N LEU B 417 47.35 -24.20 34.05
CA LEU B 417 47.71 -24.47 35.44
C LEU B 417 46.62 -25.30 36.08
N MET B 418 47.02 -26.37 36.75
CA MET B 418 46.07 -27.19 37.46
C MET B 418 46.17 -26.81 38.91
N VAL B 419 45.22 -25.99 39.36
CA VAL B 419 45.20 -25.51 40.73
C VAL B 419 44.52 -26.54 41.61
N ASP B 420 45.07 -26.73 42.83
CA ASP B 420 44.56 -27.63 43.86
C ASP B 420 43.15 -27.21 44.25
N ARG B 421 42.35 -28.15 44.79
CA ARG B 421 41.00 -27.84 45.29
C ARG B 421 41.13 -26.80 46.40
N GLN B 422 40.19 -25.82 46.45
CA GLN B 422 40.16 -24.74 47.45
C GLN B 422 41.19 -23.59 47.22
N TRP B 423 42.09 -23.80 46.27
CA TRP B 423 43.12 -22.82 45.91
C TRP B 423 42.80 -22.09 44.60
N LEU B 424 43.40 -20.89 44.43
CA LEU B 424 43.27 -20.04 43.24
C LEU B 424 44.66 -19.54 42.83
N ALA B 425 44.83 -19.19 41.54
CA ALA B 425 46.10 -18.66 41.05
C ALA B 425 45.86 -17.33 40.36
N TYR B 426 46.72 -16.34 40.66
CA TYR B 426 46.61 -14.97 40.16
C TYR B 426 47.94 -14.41 39.70
N ARG B 427 47.87 -13.39 38.82
CA ARG B 427 49.01 -12.67 38.26
C ARG B 427 49.88 -12.10 39.40
N ASN B 428 49.28 -11.21 40.23
CA ASN B 428 49.89 -10.53 41.38
C ASN B 428 48.83 -10.31 42.45
N LYS B 429 49.23 -9.67 43.58
CA LYS B 429 48.30 -9.34 44.65
C LYS B 429 47.62 -8.03 44.27
N GLY B 430 46.35 -8.14 43.87
CA GLY B 430 45.49 -7.05 43.43
C GLY B 430 44.27 -7.49 42.65
N SER B 447 32.31 -23.17 40.99
CA SER B 447 32.40 -24.52 40.41
C SER B 447 31.11 -25.40 40.56
N MET B 448 30.48 -25.72 39.41
CA MET B 448 29.30 -26.58 39.31
C MET B 448 29.56 -28.02 39.82
N GLU B 449 28.61 -28.56 40.61
CA GLU B 449 28.55 -29.88 41.25
C GLU B 449 27.07 -29.96 41.56
N ALA B 450 26.28 -30.45 40.61
CA ALA B 450 24.82 -30.39 40.72
C ALA B 450 24.11 -31.71 41.00
N ILE B 451 22.85 -31.61 41.46
CA ILE B 451 22.00 -32.76 41.74
C ILE B 451 20.94 -32.85 40.63
N PHE B 452 20.91 -33.99 39.95
CA PHE B 452 20.01 -34.25 38.84
C PHE B 452 18.71 -34.80 39.38
N LEU B 453 17.58 -34.16 39.04
CA LEU B 453 16.22 -34.55 39.47
C LEU B 453 15.32 -34.66 38.25
N ALA B 454 14.54 -35.74 38.15
CA ALA B 454 13.68 -35.95 37.00
C ALA B 454 12.37 -36.57 37.40
N HIS B 455 11.30 -36.06 36.82
CA HIS B 455 9.94 -36.50 37.07
C HIS B 455 9.21 -36.50 35.75
N GLY B 456 8.36 -37.48 35.56
CA GLY B 456 7.62 -37.56 34.31
C GLY B 456 7.32 -38.98 33.89
N PRO B 457 6.36 -39.14 32.97
CA PRO B 457 5.96 -40.49 32.54
C PRO B 457 7.01 -41.32 31.81
N SER B 458 8.04 -40.69 31.22
CA SER B 458 9.09 -41.41 30.50
C SER B 458 10.19 -41.93 31.43
N PHE B 459 10.31 -41.32 32.62
CA PHE B 459 11.30 -41.61 33.68
C PHE B 459 10.84 -42.64 34.70
N LYS B 460 11.82 -43.39 35.24
CA LYS B 460 11.64 -44.38 36.31
C LYS B 460 11.18 -43.65 37.56
N GLU B 461 10.26 -44.26 38.33
CA GLU B 461 9.69 -43.64 39.54
C GLU B 461 10.37 -44.11 40.80
N LYS B 462 10.50 -43.19 41.79
CA LYS B 462 11.10 -43.42 43.11
C LYS B 462 12.39 -44.27 42.99
N THR B 463 13.37 -43.73 42.22
CA THR B 463 14.66 -44.37 41.90
C THR B 463 15.83 -43.44 42.19
N VAL B 464 16.88 -43.99 42.82
CA VAL B 464 18.13 -43.26 43.08
C VAL B 464 19.07 -43.76 42.00
N ILE B 465 19.62 -42.83 41.18
CA ILE B 465 20.53 -43.28 40.14
C ILE B 465 21.98 -42.82 40.44
N GLU B 466 22.93 -43.67 40.02
CA GLU B 466 24.36 -43.53 40.19
C GLU B 466 24.92 -42.31 39.45
N PRO B 467 25.95 -41.64 40.02
CA PRO B 467 26.53 -40.45 39.36
C PRO B 467 26.97 -40.64 37.91
N PHE B 468 26.75 -39.60 37.10
CA PHE B 468 27.09 -39.58 35.69
C PHE B 468 27.58 -38.20 35.22
N GLU B 469 28.21 -38.14 34.05
CA GLU B 469 28.68 -36.89 33.46
C GLU B 469 27.54 -36.17 32.71
N ASN B 470 27.62 -34.83 32.65
CA ASN B 470 26.61 -34.01 31.98
C ASN B 470 26.63 -34.14 30.43
N ILE B 471 27.76 -34.61 29.86
CA ILE B 471 27.87 -34.84 28.42
C ILE B 471 26.84 -35.88 27.90
N GLU B 472 26.29 -36.69 28.85
CA GLU B 472 25.32 -37.75 28.58
C GLU B 472 23.90 -37.20 28.34
N VAL B 473 23.47 -36.24 29.19
CA VAL B 473 22.13 -35.61 29.25
C VAL B 473 21.51 -35.28 27.88
N TYR B 474 22.26 -34.63 26.97
CA TYR B 474 21.76 -34.26 25.64
C TYR B 474 21.15 -35.46 24.90
N ASN B 475 21.81 -36.65 24.94
CA ASN B 475 21.27 -37.86 24.31
C ASN B 475 19.89 -38.17 24.91
N LEU B 476 19.78 -38.11 26.25
CA LEU B 476 18.55 -38.37 27.00
C LEU B 476 17.48 -37.39 26.57
N LEU B 477 17.85 -36.10 26.40
CA LEU B 477 16.92 -35.08 25.91
C LEU B 477 16.35 -35.45 24.52
N CYS B 478 17.21 -35.99 23.63
CA CYS B 478 16.84 -36.48 22.30
C CYS B 478 15.95 -37.72 22.43
N ASP B 479 16.18 -38.57 23.45
CA ASP B 479 15.41 -39.80 23.72
C ASP B 479 14.01 -39.45 24.21
N LEU B 480 13.92 -38.39 25.03
CA LEU B 480 12.66 -37.90 25.60
C LEU B 480 11.83 -37.20 24.54
N LEU B 481 12.52 -36.53 23.61
CA LEU B 481 11.88 -35.78 22.52
C LEU B 481 11.64 -36.62 21.26
N HIS B 482 12.09 -37.90 21.25
CA HIS B 482 11.95 -38.83 20.12
C HIS B 482 12.62 -38.29 18.87
N ILE B 483 13.78 -37.67 19.05
CA ILE B 483 14.56 -37.08 17.97
C ILE B 483 15.96 -37.68 17.91
N GLN B 484 16.58 -37.67 16.71
CA GLN B 484 17.93 -38.18 16.47
C GLN B 484 19.01 -37.21 16.98
N PRO B 485 19.95 -37.70 17.84
CA PRO B 485 21.00 -36.81 18.36
C PRO B 485 22.05 -36.47 17.32
N ALA B 486 22.44 -35.18 17.29
CA ALA B 486 23.50 -34.70 16.42
C ALA B 486 24.79 -35.27 17.04
N PRO B 487 25.88 -35.50 16.29
CA PRO B 487 27.09 -36.06 16.91
C PRO B 487 27.55 -35.31 18.16
N ASN B 488 27.67 -36.04 19.27
CA ASN B 488 28.10 -35.50 20.55
C ASN B 488 29.15 -36.40 21.24
N ASN B 489 29.43 -36.18 22.54
CA ASN B 489 30.44 -36.96 23.27
C ASN B 489 29.83 -37.90 24.33
N GLY B 490 28.51 -37.95 24.38
CA GLY B 490 27.85 -38.88 25.28
C GLY B 490 27.78 -40.25 24.64
N SER B 491 27.69 -41.30 25.47
CA SER B 491 27.54 -42.66 24.99
C SER B 491 26.03 -42.99 24.99
N HIS B 492 25.36 -42.83 23.83
CA HIS B 492 23.90 -43.06 23.64
C HIS B 492 23.43 -44.44 24.12
N GLY B 493 22.70 -44.44 25.24
CA GLY B 493 22.22 -45.64 25.90
C GLY B 493 22.82 -45.76 27.29
N SER B 494 23.72 -44.83 27.66
CA SER B 494 24.38 -44.79 28.97
C SER B 494 23.36 -44.50 30.08
N LEU B 495 22.38 -43.63 29.79
CA LEU B 495 21.36 -43.24 30.74
C LEU B 495 20.01 -43.92 30.49
N ASN B 496 19.98 -45.04 29.73
CA ASN B 496 18.74 -45.77 29.45
C ASN B 496 18.04 -46.25 30.75
N HIS B 497 18.86 -46.43 31.81
CA HIS B 497 18.42 -46.88 33.13
C HIS B 497 17.54 -45.86 33.86
N LEU B 498 17.53 -44.61 33.36
CA LEU B 498 16.71 -43.49 33.86
C LEU B 498 15.34 -43.52 33.20
N LEU B 499 15.18 -44.32 32.13
CA LEU B 499 13.97 -44.40 31.33
C LEU B 499 13.16 -45.65 31.52
N LYS B 500 11.82 -45.47 31.56
CA LYS B 500 10.82 -46.53 31.68
C LYS B 500 10.86 -47.40 30.41
N ALA B 501 10.81 -46.75 29.23
CA ALA B 501 10.85 -47.41 27.93
C ALA B 501 11.83 -46.67 27.02
N PRO B 502 13.13 -47.08 27.05
CA PRO B 502 14.14 -46.39 26.23
C PRO B 502 13.83 -46.35 24.74
N PHE B 503 14.00 -45.16 24.12
CA PHE B 503 13.74 -44.88 22.71
C PHE B 503 14.83 -45.45 21.78
N TYR B 504 16.05 -45.57 22.28
CA TYR B 504 17.18 -46.07 21.50
C TYR B 504 17.81 -47.27 22.19
N GLN B 505 18.06 -48.34 21.44
CA GLN B 505 18.69 -49.52 22.02
C GLN B 505 20.15 -49.65 21.55
N PRO B 506 21.13 -49.62 22.48
CA PRO B 506 22.55 -49.66 22.07
C PRO B 506 23.05 -51.00 21.61
N SER B 507 23.91 -50.99 20.57
CA SER B 507 24.53 -52.19 19.99
C SER B 507 26.04 -52.06 19.95
N HIS B 508 26.75 -53.20 20.17
CA HIS B 508 28.21 -53.24 20.15
C HIS B 508 28.77 -52.76 18.81
N ALA B 509 29.85 -51.96 18.86
CA ALA B 509 30.51 -51.44 17.68
C ALA B 509 31.05 -52.61 16.85
N GLU B 510 30.86 -52.59 15.52
CA GLU B 510 31.34 -53.68 14.68
C GLU B 510 32.85 -53.58 14.44
N GLU B 511 33.57 -54.73 14.56
CA GLU B 511 35.01 -54.83 14.31
C GLU B 511 35.21 -54.61 12.81
N LEU B 512 36.17 -53.76 12.44
CA LEU B 512 36.40 -53.39 11.04
C LEU B 512 37.59 -54.14 10.37
N SER B 513 38.49 -54.71 11.20
CA SER B 513 39.66 -55.47 10.78
C SER B 513 39.71 -56.85 11.47
N LYS B 514 39.78 -57.94 10.67
CA LYS B 514 39.84 -59.32 11.15
C LYS B 514 41.28 -59.75 11.41
N SER B 515 41.53 -60.49 12.51
CA SER B 515 42.87 -60.99 12.81
C SER B 515 43.33 -61.96 11.70
N ALA B 516 44.62 -61.89 11.35
CA ALA B 516 45.18 -62.72 10.29
C ALA B 516 46.66 -63.01 10.51
N GLY B 517 47.07 -64.22 10.17
CA GLY B 517 48.45 -64.67 10.28
C GLY B 517 48.94 -64.96 11.69
N CYS B 518 50.28 -64.94 11.86
CA CYS B 518 51.01 -65.19 13.11
C CYS B 518 50.76 -66.58 13.71
N GLY B 519 50.72 -67.56 12.84
CA GLY B 519 50.55 -68.94 13.25
C GLY B 519 51.92 -69.52 13.52
N PHE B 520 51.96 -70.58 14.32
CA PHE B 520 53.19 -71.30 14.62
C PHE B 520 53.53 -72.18 13.43
N THR B 521 54.65 -71.86 12.77
CA THR B 521 55.14 -72.55 11.57
C THR B 521 56.44 -73.33 11.86
N THR B 522 57.45 -72.69 12.48
CA THR B 522 58.72 -73.34 12.85
C THR B 522 59.12 -73.03 14.30
N PRO B 523 59.79 -73.94 15.03
CA PRO B 523 60.20 -73.62 16.41
C PRO B 523 61.57 -72.93 16.48
N LEU B 524 62.18 -72.66 15.32
CA LEU B 524 63.46 -71.96 15.17
C LEU B 524 63.22 -70.71 14.33
N PRO B 525 63.77 -69.54 14.73
CA PRO B 525 63.51 -68.31 13.95
C PRO B 525 64.42 -68.12 12.75
N LYS B 526 63.85 -67.51 11.69
CA LYS B 526 64.54 -67.21 10.44
C LYS B 526 65.65 -66.16 10.67
N ASP B 527 65.24 -64.96 11.15
CA ASP B 527 66.11 -63.82 11.48
C ASP B 527 66.20 -63.75 13.01
N SER B 528 67.43 -63.65 13.55
CA SER B 528 67.72 -63.56 15.00
C SER B 528 67.28 -62.21 15.61
N LEU B 529 67.19 -61.18 14.73
CA LEU B 529 66.82 -59.79 14.99
C LEU B 529 67.81 -59.09 15.90
N ASN B 530 69.11 -59.45 15.79
CA ASN B 530 70.25 -58.94 16.57
C ASN B 530 69.98 -59.03 18.09
N CYS B 531 69.21 -60.06 18.48
CA CYS B 531 68.77 -60.34 19.85
C CYS B 531 69.67 -61.33 20.60
N SER B 532 69.69 -61.25 21.95
CA SER B 532 70.55 -62.10 22.77
C SER B 532 69.90 -62.65 24.03
N CYS B 533 70.06 -63.97 24.22
CA CYS B 533 69.70 -64.78 25.40
C CYS B 533 70.70 -65.94 25.47
N LEU B 534 71.69 -65.81 26.35
CA LEU B 534 72.77 -66.78 26.50
C LEU B 534 72.33 -68.07 27.22
N ALA B 535 71.17 -68.04 27.90
CA ALA B 535 70.63 -69.19 28.62
C ALA B 535 70.06 -70.28 27.71
N LEU B 536 69.89 -69.98 26.41
CA LEU B 536 69.30 -70.87 25.40
C LEU B 536 70.35 -71.31 24.38
N GLN B 537 70.88 -72.55 24.53
CA GLN B 537 71.92 -73.14 23.67
C GLN B 537 71.39 -74.37 22.90
N GLY B 540 69.47 -74.56 20.26
CA GLY B 540 69.04 -75.90 20.65
C GLY B 540 67.93 -75.92 21.69
N GLN B 541 68.24 -75.42 22.93
CA GLN B 541 67.30 -75.33 24.08
C GLN B 541 66.16 -74.35 23.78
N GLU B 542 66.40 -73.44 22.80
CA GLU B 542 65.46 -72.44 22.31
C GLU B 542 64.24 -73.10 21.69
N GLU B 543 64.48 -74.17 20.89
CA GLU B 543 63.45 -74.96 20.23
C GLU B 543 62.30 -75.39 21.18
N GLN B 544 62.64 -75.81 22.42
CA GLN B 544 61.67 -76.24 23.43
C GLN B 544 60.90 -75.07 24.03
N VAL B 545 61.56 -73.92 24.33
CA VAL B 545 60.83 -72.74 24.85
C VAL B 545 59.95 -72.15 23.77
N ASN B 546 60.42 -72.22 22.50
CA ASN B 546 59.67 -71.73 21.34
C ASN B 546 58.43 -72.58 21.08
N GLN B 547 58.41 -73.81 21.62
CA GLN B 547 57.29 -74.74 21.52
C GLN B 547 56.13 -74.35 22.45
N ARG B 548 56.46 -73.64 23.56
CA ARG B 548 55.51 -73.13 24.55
C ARG B 548 54.58 -72.06 23.94
N LEU B 549 54.94 -71.57 22.71
CA LEU B 549 54.20 -70.58 21.93
C LEU B 549 53.19 -71.28 20.99
N ASN B 550 53.34 -72.63 20.88
CA ASN B 550 52.46 -73.48 20.08
C ASN B 550 51.40 -74.12 21.00
N LEU B 551 50.27 -73.41 21.14
CA LEU B 551 49.14 -73.83 21.97
C LEU B 551 48.16 -74.63 21.10
N ASN B 552 47.64 -75.76 21.62
CA ASN B 552 46.63 -76.57 20.93
C ASN B 552 45.24 -75.93 21.11
N ARG B 553 44.22 -76.39 20.36
CA ARG B 553 42.81 -75.89 20.44
C ARG B 553 42.29 -75.81 21.88
N GLY B 554 42.66 -76.82 22.68
CA GLY B 554 42.30 -76.93 24.09
C GLY B 554 43.06 -75.97 24.98
N GLU B 555 44.38 -75.81 24.70
CA GLU B 555 45.28 -74.90 25.40
C GLU B 555 44.92 -73.44 25.11
N VAL B 556 44.45 -73.15 23.88
CA VAL B 556 44.00 -71.85 23.41
C VAL B 556 42.74 -71.47 24.18
N SER B 557 41.77 -72.40 24.24
CA SER B 557 40.51 -72.19 24.96
C SER B 557 40.73 -71.91 26.45
N ALA B 558 41.78 -72.54 27.04
CA ALA B 558 42.19 -72.36 28.44
C ALA B 558 42.64 -70.92 28.70
N THR B 559 43.49 -70.35 27.81
CA THR B 559 43.98 -68.96 27.92
C THR B 559 42.85 -67.97 27.57
N GLU B 560 41.95 -68.36 26.65
CA GLU B 560 40.80 -67.53 26.23
C GLU B 560 39.75 -67.47 27.34
N LYS B 561 39.75 -68.45 28.26
CA LYS B 561 38.82 -68.50 29.39
C LYS B 561 39.32 -67.62 30.51
N THR B 562 40.61 -67.79 30.89
CA THR B 562 41.24 -67.12 32.02
C THR B 562 41.79 -65.72 31.67
N ASN B 563 42.67 -65.60 30.67
CA ASN B 563 43.28 -64.31 30.33
C ASN B 563 42.37 -63.35 29.55
N LEU B 564 41.38 -63.88 28.79
CA LEU B 564 40.40 -63.05 28.05
C LEU B 564 39.00 -63.36 28.59
N PRO B 565 38.63 -62.94 29.82
CA PRO B 565 37.31 -63.34 30.34
C PRO B 565 36.11 -62.71 29.63
N PHE B 566 36.18 -61.39 29.39
CA PHE B 566 35.11 -60.59 28.78
C PHE B 566 35.30 -60.47 27.26
N GLY B 567 36.13 -61.36 26.75
CA GLY B 567 36.45 -61.44 25.34
C GLY B 567 37.60 -60.55 24.97
N ARG B 568 37.99 -60.62 23.70
CA ARG B 568 39.09 -59.85 23.15
C ARG B 568 38.66 -58.45 22.73
N PRO B 569 39.54 -57.45 22.93
CA PRO B 569 39.21 -56.10 22.48
C PRO B 569 39.02 -56.12 20.96
N ARG B 570 37.87 -55.64 20.49
CA ARG B 570 37.54 -55.59 19.08
C ARG B 570 38.24 -54.39 18.41
N VAL B 571 38.80 -54.58 17.21
CA VAL B 571 39.55 -53.58 16.42
C VAL B 571 38.59 -52.71 15.59
N ILE B 572 38.26 -51.52 16.12
CA ILE B 572 37.34 -50.57 15.50
C ILE B 572 38.11 -49.53 14.67
N GLN B 573 38.89 -50.05 13.66
CA GLN B 573 39.71 -49.29 12.73
C GLN B 573 39.69 -50.04 11.44
N LYS B 574 39.37 -49.34 10.34
CA LYS B 574 39.38 -49.94 9.01
C LYS B 574 40.84 -50.13 8.51
N ASN B 575 41.13 -51.29 7.88
CA ASN B 575 42.44 -51.65 7.33
C ASN B 575 43.60 -51.62 8.36
N LYS B 576 43.33 -52.01 9.60
CA LYS B 576 44.36 -52.09 10.64
C LYS B 576 44.91 -53.54 10.67
N ASP B 577 46.10 -53.78 10.07
CA ASP B 577 46.66 -55.14 10.01
C ASP B 577 47.19 -55.63 11.35
N HIS B 578 46.47 -56.64 11.88
CA HIS B 578 46.79 -57.23 13.17
C HIS B 578 46.63 -58.76 13.19
N CYS B 579 47.08 -59.38 14.30
CA CYS B 579 47.00 -60.81 14.59
C CYS B 579 47.05 -61.05 16.10
N LEU B 580 46.38 -62.11 16.57
CA LEU B 580 46.39 -62.47 17.98
C LEU B 580 47.47 -63.48 18.25
N LEU B 581 48.15 -63.38 19.40
CA LEU B 581 49.22 -64.27 19.85
C LEU B 581 48.76 -64.88 21.18
N TYR B 582 48.62 -66.21 21.20
CA TYR B 582 48.11 -66.95 22.35
C TYR B 582 49.22 -67.56 23.18
N HIS B 583 49.31 -67.21 24.48
CA HIS B 583 50.31 -67.74 25.42
C HIS B 583 49.60 -68.16 26.70
N ARG B 584 50.25 -69.06 27.48
CA ARG B 584 49.73 -69.62 28.74
C ARG B 584 49.35 -68.54 29.80
N GLU B 585 50.19 -67.50 29.96
CA GLU B 585 49.95 -66.47 30.97
C GLU B 585 49.43 -65.13 30.41
N TYR B 586 49.26 -65.01 29.06
CA TYR B 586 48.77 -63.78 28.44
C TYR B 586 48.30 -63.97 26.98
N VAL B 587 47.41 -63.07 26.49
CA VAL B 587 46.91 -63.08 25.10
C VAL B 587 47.06 -61.66 24.55
N SER B 588 47.92 -61.47 23.54
CA SER B 588 48.12 -60.14 22.96
C SER B 588 47.50 -59.96 21.57
N GLY B 589 47.23 -58.71 21.21
CA GLY B 589 46.74 -58.31 19.90
C GLY B 589 47.88 -57.57 19.27
N PHE B 590 48.39 -58.05 18.12
CA PHE B 590 49.61 -57.51 17.52
C PHE B 590 49.44 -56.63 16.26
N GLY B 591 49.82 -55.35 16.40
CA GLY B 591 49.83 -54.35 15.34
C GLY B 591 51.05 -54.50 14.45
N LYS B 592 50.87 -55.18 13.30
CA LYS B 592 51.93 -55.50 12.34
C LYS B 592 52.70 -54.30 11.84
N ALA B 593 52.00 -53.23 11.42
CA ALA B 593 52.63 -52.02 10.88
C ALA B 593 53.41 -51.26 11.96
N MET B 594 52.92 -51.30 13.21
CA MET B 594 53.62 -50.64 14.30
C MET B 594 54.64 -51.58 14.99
N LYS B 595 54.70 -52.86 14.54
CA LYS B 595 55.63 -53.89 14.99
C LYS B 595 55.60 -54.13 16.52
N MET B 596 54.49 -53.76 17.16
CA MET B 596 54.30 -53.93 18.59
C MET B 596 52.85 -54.32 18.84
N PRO B 597 52.48 -54.77 20.07
CA PRO B 597 51.04 -55.05 20.33
C PRO B 597 50.14 -53.81 20.32
N MET B 598 48.85 -54.03 20.49
CA MET B 598 47.85 -52.96 20.56
C MET B 598 47.23 -53.06 21.96
N TRP B 599 47.11 -54.32 22.43
CA TRP B 599 46.58 -54.73 23.72
C TRP B 599 47.23 -56.04 24.17
N SER B 600 47.17 -56.30 25.48
CA SER B 600 47.68 -57.51 26.13
C SER B 600 46.75 -57.78 27.30
N SER B 601 45.95 -58.87 27.21
CA SER B 601 45.00 -59.27 28.24
C SER B 601 45.55 -60.44 29.05
N TYR B 602 45.73 -60.19 30.35
CA TYR B 602 46.24 -61.14 31.33
C TYR B 602 45.57 -60.91 32.67
N THR B 603 44.98 -61.98 33.23
CA THR B 603 44.35 -61.97 34.53
C THR B 603 45.42 -62.42 35.55
N VAL B 604 45.86 -61.47 36.39
CA VAL B 604 46.85 -61.68 37.46
C VAL B 604 46.04 -62.24 38.66
N PRO B 605 46.33 -63.49 39.13
CA PRO B 605 45.53 -64.07 40.22
C PRO B 605 45.96 -63.61 41.61
N LYS B 606 45.06 -63.70 42.62
CA LYS B 606 45.34 -63.27 44.02
C LYS B 606 46.64 -63.90 44.59
N PRO B 607 47.63 -63.04 44.87
CA PRO B 607 48.94 -63.51 45.35
C PRO B 607 48.97 -64.05 46.78
N GLY B 608 49.99 -64.88 47.06
CA GLY B 608 50.24 -65.48 48.37
C GLY B 608 51.30 -64.74 49.15
N PRO B 614 59.97 -62.49 43.00
CA PRO B 614 60.46 -63.10 41.76
C PRO B 614 60.93 -62.05 40.75
N PRO B 615 62.25 -61.96 40.48
CA PRO B 615 62.74 -60.94 39.52
C PRO B 615 62.57 -61.36 38.06
N THR B 616 62.78 -60.40 37.13
CA THR B 616 62.69 -60.63 35.69
C THR B 616 64.02 -61.23 35.18
N VAL B 617 63.93 -62.30 34.35
CA VAL B 617 65.09 -63.00 33.77
C VAL B 617 65.97 -62.01 32.96
N PRO B 618 67.24 -61.80 33.41
CA PRO B 618 68.09 -60.82 32.75
C PRO B 618 68.80 -61.29 31.50
N ASP B 619 69.20 -60.31 30.64
CA ASP B 619 69.95 -60.47 29.39
C ASP B 619 69.40 -61.58 28.50
N CYS B 620 68.08 -61.74 28.53
CA CYS B 620 67.40 -62.77 27.76
C CYS B 620 66.27 -62.19 26.93
N LEU B 621 66.43 -62.30 25.60
CA LEU B 621 65.52 -61.80 24.57
C LEU B 621 65.71 -62.57 23.29
N ARG B 622 64.60 -62.91 22.64
CA ARG B 622 64.60 -63.67 21.37
C ARG B 622 63.44 -63.28 20.43
N ALA B 623 63.60 -63.58 19.14
CA ALA B 623 62.61 -63.31 18.09
C ALA B 623 61.35 -64.16 18.26
N ASP B 624 60.18 -63.61 17.90
CA ASP B 624 58.96 -64.39 17.96
C ASP B 624 58.83 -65.18 16.66
N VAL B 625 58.88 -66.53 16.79
CA VAL B 625 58.78 -67.52 15.69
C VAL B 625 57.41 -67.51 14.95
N ARG B 626 56.44 -66.67 15.41
CA ARG B 626 55.11 -66.52 14.80
C ARG B 626 55.03 -65.26 13.95
N VAL B 627 55.77 -64.23 14.38
CA VAL B 627 55.77 -62.93 13.74
C VAL B 627 56.93 -62.77 12.74
N ASP B 628 56.60 -62.36 11.49
CA ASP B 628 57.53 -62.09 10.39
C ASP B 628 58.60 -61.06 10.85
N PRO B 629 59.89 -61.19 10.45
CA PRO B 629 60.91 -60.19 10.86
C PRO B 629 60.60 -58.81 10.29
N SER B 630 59.94 -58.80 9.10
CA SER B 630 59.50 -57.59 8.40
C SER B 630 58.47 -56.85 9.24
N GLU B 631 57.71 -57.58 10.09
CA GLU B 631 56.68 -57.05 10.97
C GLU B 631 57.07 -57.07 12.44
N SER B 632 58.35 -57.31 12.78
CA SER B 632 58.73 -57.33 14.19
C SER B 632 59.95 -56.48 14.54
N GLN B 633 59.95 -55.90 15.75
CA GLN B 633 61.02 -55.10 16.35
C GLN B 633 62.30 -55.92 16.56
N LYS B 634 63.45 -55.27 16.38
CA LYS B 634 64.78 -55.86 16.55
C LYS B 634 65.42 -55.25 17.79
N CYS B 635 66.31 -56.02 18.47
CA CYS B 635 67.05 -55.58 19.66
C CYS B 635 68.00 -54.44 19.28
N SER B 636 68.49 -54.47 18.03
CA SER B 636 69.38 -53.50 17.39
C SER B 636 68.75 -52.11 17.20
N PHE B 637 67.43 -51.98 17.38
CA PHE B 637 66.74 -50.70 17.22
C PHE B 637 66.98 -49.79 18.42
N TYR B 638 67.35 -50.42 19.57
CA TYR B 638 67.49 -49.88 20.92
C TYR B 638 68.92 -49.92 21.49
N LEU B 639 69.94 -49.65 20.64
CA LEU B 639 71.40 -49.75 20.88
C LEU B 639 71.84 -49.96 22.38
N ALA B 640 71.76 -48.92 23.25
CA ALA B 640 72.17 -49.01 24.67
C ALA B 640 71.51 -47.89 25.43
N ASP B 641 72.27 -47.20 26.36
CA ASP B 641 71.77 -46.05 27.12
C ASP B 641 71.45 -44.89 26.16
N GLN B 642 70.23 -44.96 25.66
CA GLN B 642 69.55 -44.09 24.71
C GLN B 642 68.43 -43.51 25.60
N ASN B 643 67.69 -42.49 25.12
CA ASN B 643 66.61 -41.98 25.97
C ASN B 643 65.41 -42.91 25.91
N ILE B 644 65.29 -43.68 24.80
CA ILE B 644 64.21 -44.64 24.54
C ILE B 644 64.73 -46.09 24.36
N ASP B 645 64.33 -46.97 25.29
CA ASP B 645 64.68 -48.39 25.36
C ASP B 645 63.42 -49.26 25.32
N HIS B 646 63.57 -50.53 24.92
CA HIS B 646 62.45 -51.46 24.85
C HIS B 646 61.97 -51.79 26.27
N GLY B 647 60.66 -51.94 26.40
CA GLY B 647 60.01 -52.29 27.65
C GLY B 647 59.09 -53.47 27.44
N PHE B 648 58.78 -54.22 28.51
CA PHE B 648 57.86 -55.33 28.33
C PHE B 648 56.46 -54.82 28.52
N LEU B 649 55.53 -55.24 27.67
CA LEU B 649 54.15 -54.76 27.86
C LEU B 649 53.58 -55.59 29.01
N TYR B 650 53.57 -56.94 28.84
CA TYR B 650 53.17 -57.90 29.87
C TYR B 650 54.41 -58.13 30.75
N PRO B 651 54.28 -57.85 32.07
CA PRO B 651 55.41 -58.08 33.00
C PRO B 651 55.82 -59.56 33.03
N PRO B 652 57.04 -59.96 32.58
CA PRO B 652 57.37 -61.40 32.49
C PRO B 652 57.29 -62.23 33.78
N ALA B 653 57.69 -61.64 34.92
CA ALA B 653 57.73 -62.33 36.21
C ALA B 653 56.40 -62.37 37.00
N ILE B 654 55.32 -61.73 36.49
CA ILE B 654 54.05 -61.60 37.21
C ILE B 654 53.34 -62.94 37.50
N LYS B 655 53.29 -63.83 36.49
CA LYS B 655 52.64 -65.13 36.60
C LYS B 655 53.55 -66.24 36.12
N GLY B 656 53.45 -67.38 36.82
CA GLY B 656 54.17 -68.61 36.54
C GLY B 656 55.53 -68.73 37.19
N ASN B 657 56.33 -69.67 36.69
CA ASN B 657 57.68 -69.93 37.19
C ASN B 657 58.74 -69.18 36.35
N ASN B 658 60.01 -69.62 36.45
CA ASN B 658 61.16 -69.07 35.74
C ASN B 658 61.08 -69.32 34.24
N GLU B 659 60.51 -70.49 33.84
CA GLU B 659 60.39 -70.85 32.42
C GLU B 659 59.13 -70.25 31.77
N SER B 660 58.10 -69.92 32.60
CA SER B 660 56.87 -69.27 32.13
C SER B 660 57.20 -67.88 31.56
N GLN B 661 58.30 -67.28 32.07
CA GLN B 661 58.88 -66.01 31.68
C GLN B 661 59.36 -66.00 30.23
N TYR B 662 59.88 -67.15 29.73
CA TYR B 662 60.35 -67.25 28.34
C TYR B 662 59.26 -66.89 27.32
N ASP B 663 57.99 -67.13 27.68
CA ASP B 663 56.80 -66.82 26.88
C ASP B 663 56.64 -65.31 26.65
N ALA B 664 57.23 -64.47 27.54
CA ALA B 664 57.19 -62.99 27.49
C ALA B 664 58.51 -62.34 27.05
N LEU B 665 59.64 -63.08 27.15
CA LEU B 665 60.98 -62.62 26.76
C LEU B 665 61.19 -62.80 25.24
N ILE B 666 60.29 -62.16 24.48
CA ILE B 666 60.22 -62.16 23.03
C ILE B 666 59.97 -60.76 22.45
N THR B 667 60.26 -60.59 21.17
CA THR B 667 60.09 -59.35 20.40
C THR B 667 58.63 -58.89 20.25
N SER B 668 57.67 -59.84 20.35
CA SER B 668 56.24 -59.54 20.24
C SER B 668 55.60 -59.01 21.57
N ASN B 669 56.42 -58.88 22.64
CA ASN B 669 56.03 -58.35 23.95
C ASN B 669 56.90 -57.13 24.33
N LEU B 670 57.45 -56.47 23.32
CA LEU B 670 58.30 -55.30 23.54
C LEU B 670 57.68 -54.03 23.01
N VAL B 671 57.77 -52.95 23.78
CA VAL B 671 57.24 -51.64 23.40
C VAL B 671 58.27 -50.53 23.63
N PRO B 672 58.35 -49.52 22.72
CA PRO B 672 59.31 -48.43 22.93
C PRO B 672 58.98 -47.58 24.16
N MET B 673 59.92 -47.49 25.11
CA MET B 673 59.71 -46.72 26.34
C MET B 673 60.86 -45.80 26.67
N TYR B 674 60.54 -44.60 27.19
CA TYR B 674 61.59 -43.71 27.61
C TYR B 674 62.18 -44.27 28.89
N LYS B 675 63.51 -44.13 29.11
CA LYS B 675 64.21 -44.66 30.28
C LYS B 675 63.45 -44.31 31.58
N GLU B 676 63.03 -43.02 31.69
CA GLU B 676 62.28 -42.47 32.80
C GLU B 676 60.87 -43.01 32.93
N PHE B 677 60.17 -43.29 31.81
CA PHE B 677 58.82 -43.88 31.84
C PHE B 677 58.92 -45.33 32.35
N LYS B 678 59.86 -46.12 31.78
CA LYS B 678 60.13 -47.52 32.13
C LYS B 678 60.20 -47.69 33.64
N LYS B 679 60.86 -46.72 34.34
CA LYS B 679 60.97 -46.64 35.81
C LYS B 679 59.59 -46.71 36.47
N MET B 680 58.66 -45.84 36.04
CA MET B 680 57.27 -45.79 36.53
C MET B 680 56.52 -47.07 36.17
N TRP B 681 56.67 -47.50 34.90
CA TRP B 681 56.02 -48.66 34.32
C TRP B 681 56.33 -49.90 35.10
N ASP B 682 57.63 -50.16 35.29
CA ASP B 682 58.15 -51.33 36.00
C ASP B 682 57.77 -51.31 37.47
N TYR B 683 57.78 -50.13 38.14
CA TYR B 683 57.38 -50.04 39.53
C TYR B 683 55.90 -50.43 39.68
N PHE B 684 55.02 -49.95 38.78
CA PHE B 684 53.60 -50.26 38.82
C PHE B 684 53.37 -51.75 38.68
N HIS B 685 54.07 -52.39 37.74
CA HIS B 685 53.93 -53.81 37.46
C HIS B 685 54.60 -54.73 38.49
N LYS B 686 55.68 -54.25 39.14
CA LYS B 686 56.42 -55.02 40.14
C LYS B 686 55.85 -54.88 41.55
N VAL B 687 55.29 -53.71 41.88
CA VAL B 687 54.84 -53.40 43.24
C VAL B 687 53.33 -53.14 43.35
N LEU B 688 52.84 -52.06 42.70
CA LEU B 688 51.44 -51.61 42.80
C LEU B 688 50.40 -52.64 42.34
N LEU B 689 50.62 -53.26 41.16
CA LEU B 689 49.74 -54.27 40.55
C LEU B 689 49.43 -55.44 41.49
N ILE B 690 50.47 -55.96 42.20
CA ILE B 690 50.36 -57.09 43.14
C ILE B 690 49.53 -56.67 44.35
N LYS B 691 49.71 -55.42 44.81
CA LYS B 691 48.94 -54.85 45.91
C LYS B 691 47.46 -54.82 45.51
N TYR B 692 47.15 -54.37 44.26
CA TYR B 692 45.76 -54.31 43.73
C TYR B 692 45.17 -55.69 43.56
N ALA B 693 45.96 -56.65 43.02
CA ALA B 693 45.55 -58.04 42.81
C ALA B 693 45.06 -58.68 44.11
N ILE B 694 45.69 -58.33 45.25
CA ILE B 694 45.32 -58.82 46.58
C ILE B 694 43.98 -58.19 46.97
N GLU B 695 43.90 -56.84 46.89
CA GLU B 695 42.73 -56.01 47.21
C GLU B 695 41.47 -56.48 46.49
N ARG B 696 41.60 -56.82 45.20
CA ARG B 696 40.54 -57.18 44.26
C ARG B 696 40.31 -58.70 44.04
N ASN B 697 41.11 -59.59 44.70
CA ASN B 697 41.08 -61.06 44.54
C ASN B 697 41.24 -61.38 43.05
N GLY B 698 42.44 -61.14 42.52
CA GLY B 698 42.72 -61.28 41.11
C GLY B 698 42.29 -60.02 40.37
N VAL B 699 43.00 -59.69 39.27
CA VAL B 699 42.70 -58.49 38.48
C VAL B 699 43.06 -58.72 36.98
N ASN B 700 42.18 -58.25 36.05
CA ASN B 700 42.41 -58.35 34.60
C ASN B 700 42.98 -57.06 34.03
N VAL B 701 44.20 -57.17 33.52
CA VAL B 701 44.94 -56.06 32.96
C VAL B 701 44.85 -56.12 31.45
N VAL B 702 44.40 -55.03 30.82
CA VAL B 702 44.43 -54.85 29.36
C VAL B 702 45.21 -53.54 29.16
N SER B 703 46.48 -53.69 28.80
CA SER B 703 47.40 -52.58 28.65
C SER B 703 48.01 -52.53 27.25
N GLY B 704 48.25 -51.32 26.76
CA GLY B 704 48.87 -51.09 25.45
C GLY B 704 49.24 -49.67 25.09
N PRO B 705 49.76 -49.48 23.84
CA PRO B 705 50.13 -48.12 23.41
C PRO B 705 48.95 -47.27 22.96
N ILE B 706 49.14 -45.93 23.04
CA ILE B 706 48.16 -44.92 22.62
C ILE B 706 48.93 -43.91 21.79
N PHE B 707 48.41 -43.58 20.58
CA PHE B 707 49.00 -42.60 19.68
C PHE B 707 47.96 -41.54 19.42
N ASP B 708 48.21 -40.34 19.97
CA ASP B 708 47.30 -39.20 19.89
C ASP B 708 48.12 -37.92 19.79
N TYR B 709 48.95 -37.83 18.76
CA TYR B 709 49.84 -36.71 18.52
C TYR B 709 49.14 -35.36 18.31
N ASN B 710 47.96 -35.36 17.66
CA ASN B 710 47.18 -34.13 17.46
C ASN B 710 46.22 -33.83 18.63
N TYR B 711 46.31 -34.62 19.74
CA TYR B 711 45.53 -34.51 20.98
C TYR B 711 44.03 -34.22 20.69
N ASP B 712 43.42 -35.08 19.86
CA ASP B 712 42.00 -34.99 19.47
C ASP B 712 41.15 -35.98 20.31
N GLY B 713 41.83 -36.77 21.15
CA GLY B 713 41.23 -37.75 22.04
C GLY B 713 40.99 -39.09 21.41
N HIS B 714 41.41 -39.22 20.16
CA HIS B 714 41.24 -40.43 19.37
C HIS B 714 42.55 -41.07 19.00
N PHE B 715 42.48 -42.34 18.59
CA PHE B 715 43.61 -43.08 18.07
C PHE B 715 44.04 -42.32 16.79
N ASP B 716 45.35 -42.27 16.58
CA ASP B 716 45.93 -41.61 15.43
C ASP B 716 45.90 -42.51 14.21
N ALA B 717 45.66 -41.88 13.06
CA ALA B 717 45.77 -42.55 11.78
C ALA B 717 47.31 -42.66 11.56
N PRO B 718 47.82 -43.62 10.77
CA PRO B 718 49.28 -43.72 10.62
C PRO B 718 50.00 -42.42 10.24
N ASP B 719 49.41 -41.68 9.27
CA ASP B 719 49.92 -40.40 8.75
C ASP B 719 49.94 -39.28 9.81
N GLU B 720 49.30 -39.51 10.97
CA GLU B 720 49.26 -38.54 12.08
C GLU B 720 50.46 -38.68 13.03
N ILE B 721 51.01 -39.91 13.18
CA ILE B 721 52.19 -40.17 14.04
C ILE B 721 53.41 -39.45 13.49
N THR B 722 53.95 -38.50 14.28
CA THR B 722 55.08 -37.64 13.94
C THR B 722 56.44 -38.13 14.48
N ASN B 723 56.47 -38.91 15.59
CA ASN B 723 57.80 -39.34 16.05
C ASN B 723 57.90 -40.89 16.26
N TYR B 724 59.12 -41.43 15.92
CA TYR B 724 59.53 -42.83 15.89
C TYR B 724 60.83 -43.08 16.65
N VAL B 725 61.13 -44.35 16.96
CA VAL B 725 62.40 -44.73 17.59
C VAL B 725 63.48 -44.39 16.55
N ALA B 726 64.52 -43.67 16.99
CA ALA B 726 65.57 -43.17 16.10
C ALA B 726 66.07 -44.19 15.06
N GLY B 727 65.94 -43.77 13.80
CA GLY B 727 66.35 -44.50 12.61
C GLY B 727 65.43 -45.63 12.20
N THR B 728 64.30 -45.79 12.91
CA THR B 728 63.34 -46.85 12.63
C THR B 728 61.95 -46.28 12.27
N ASP B 729 61.01 -47.21 11.95
CA ASP B 729 59.62 -46.90 11.61
C ASP B 729 58.64 -47.36 12.73
N VAL B 730 59.20 -47.70 13.92
CA VAL B 730 58.43 -48.07 15.11
C VAL B 730 57.93 -46.77 15.78
N PRO B 731 56.58 -46.53 15.81
CA PRO B 731 56.07 -45.27 16.40
C PRO B 731 56.19 -45.18 17.91
N VAL B 732 56.38 -43.95 18.39
CA VAL B 732 56.48 -43.74 19.83
C VAL B 732 55.09 -43.49 20.40
N PRO B 733 54.62 -44.32 21.35
CA PRO B 733 53.30 -44.05 21.93
C PRO B 733 53.32 -42.72 22.71
N THR B 734 52.20 -41.99 22.65
CA THR B 734 52.06 -40.71 23.36
C THR B 734 51.74 -41.01 24.84
N HIS B 735 51.00 -42.13 25.03
CA HIS B 735 50.50 -42.67 26.28
C HIS B 735 50.53 -44.19 26.22
N TYR B 736 50.19 -44.78 27.36
CA TYR B 736 50.06 -46.21 27.58
C TYR B 736 48.84 -46.38 28.46
N PHE B 737 47.87 -47.21 28.02
CA PHE B 737 46.66 -47.46 28.79
C PHE B 737 46.83 -48.71 29.61
N VAL B 738 46.28 -48.72 30.81
CA VAL B 738 46.30 -49.86 31.72
C VAL B 738 44.89 -49.90 32.27
N VAL B 739 44.12 -50.91 31.91
CA VAL B 739 42.74 -50.98 32.38
C VAL B 739 42.63 -52.16 33.36
N LEU B 740 42.23 -51.88 34.62
CA LEU B 740 42.16 -52.92 35.64
C LEU B 740 40.75 -53.39 35.87
N THR B 741 40.36 -54.51 35.24
CA THR B 741 39.01 -55.05 35.39
C THR B 741 38.95 -56.27 36.31
N SER B 742 38.53 -56.05 37.55
CA SER B 742 38.36 -57.13 38.50
C SER B 742 36.86 -57.27 38.68
N CYS B 743 36.42 -57.92 39.75
CA CYS B 743 35.00 -57.99 39.94
C CYS B 743 34.51 -57.24 41.15
N LYS B 744 33.28 -56.68 41.05
CA LYS B 744 32.62 -55.94 42.12
C LYS B 744 32.38 -56.86 43.32
N ASN B 745 31.83 -58.09 43.09
CA ASN B 745 31.66 -59.05 44.18
C ASN B 745 33.01 -59.70 44.27
N LYS B 746 33.79 -59.29 45.29
CA LYS B 746 35.17 -59.73 45.52
C LYS B 746 35.31 -61.23 45.83
N THR B 747 34.19 -61.91 46.11
CA THR B 747 34.17 -63.35 46.41
C THR B 747 34.62 -64.18 45.18
N HIS B 748 34.44 -63.62 43.95
CA HIS B 748 34.84 -64.24 42.67
C HIS B 748 36.03 -63.51 42.07
N THR B 749 36.87 -64.26 41.36
CA THR B 749 38.02 -63.71 40.63
C THR B 749 37.50 -63.02 39.34
N PRO B 750 38.31 -62.23 38.58
CA PRO B 750 37.75 -61.56 37.39
C PRO B 750 37.28 -62.52 36.31
N ASP B 751 38.05 -63.62 36.15
CA ASP B 751 37.83 -64.67 35.17
C ASP B 751 36.53 -65.47 35.39
N SER B 752 36.02 -65.50 36.63
CA SER B 752 34.80 -66.20 36.97
C SER B 752 33.75 -65.27 37.63
N CYS B 753 33.36 -64.18 36.94
CA CYS B 753 32.38 -63.31 37.56
C CYS B 753 31.06 -63.11 36.80
N PRO B 754 29.94 -63.53 37.46
CA PRO B 754 28.60 -63.41 36.85
C PRO B 754 27.98 -62.01 36.89
N GLY B 755 28.19 -61.31 38.00
CA GLY B 755 27.64 -59.97 38.20
C GLY B 755 28.46 -58.90 37.52
N TRP B 756 28.31 -57.66 38.01
CA TRP B 756 28.98 -56.46 37.52
C TRP B 756 30.48 -56.50 37.75
N LEU B 757 31.22 -55.80 36.88
CA LEU B 757 32.68 -55.71 36.98
C LEU B 757 33.09 -54.37 37.60
N ASP B 758 34.23 -54.36 38.28
CA ASP B 758 34.79 -53.13 38.81
C ASP B 758 36.00 -52.77 37.93
N VAL B 759 36.04 -51.54 37.40
CA VAL B 759 37.10 -51.11 36.49
C VAL B 759 37.95 -49.93 37.07
N LEU B 760 39.22 -49.86 36.66
CA LEU B 760 40.20 -48.87 37.11
C LEU B 760 41.13 -48.45 35.93
N PRO B 761 40.63 -47.63 34.96
CA PRO B 761 41.47 -47.29 33.81
C PRO B 761 42.47 -46.17 34.02
N PHE B 762 43.71 -46.35 33.49
CA PHE B 762 44.82 -45.36 33.47
C PHE B 762 45.28 -45.00 32.04
N VAL B 763 45.37 -43.70 31.73
CA VAL B 763 45.92 -43.21 30.45
C VAL B 763 47.11 -42.29 30.84
N VAL B 764 48.21 -42.96 31.19
CA VAL B 764 49.44 -42.38 31.68
C VAL B 764 50.27 -41.85 30.52
N PRO B 765 50.63 -40.56 30.55
CA PRO B 765 51.44 -40.00 29.46
C PRO B 765 52.82 -40.60 29.35
N HIS B 766 53.20 -40.98 28.11
CA HIS B 766 54.52 -41.56 27.81
C HIS B 766 55.51 -40.42 27.52
N ARG B 767 56.00 -39.77 28.61
CA ARG B 767 56.89 -38.61 28.62
C ARG B 767 58.35 -39.01 28.94
N PRO B 768 59.37 -38.30 28.37
CA PRO B 768 60.78 -38.70 28.60
C PRO B 768 61.38 -38.37 29.96
N THR B 769 60.76 -37.41 30.69
CA THR B 769 61.17 -37.00 32.03
C THR B 769 59.95 -37.04 32.94
N ASN B 770 60.14 -37.29 34.23
CA ASN B 770 59.08 -37.35 35.24
C ASN B 770 58.83 -36.03 35.99
N VAL B 771 59.14 -34.88 35.34
CA VAL B 771 58.96 -33.55 35.93
C VAL B 771 57.56 -33.38 36.55
N GLU B 772 56.54 -33.97 35.90
CA GLU B 772 55.15 -33.89 36.38
C GLU B 772 55.03 -34.36 37.80
N SER B 773 55.65 -35.50 38.15
CA SER B 773 55.53 -36.04 39.49
C SER B 773 56.39 -35.31 40.54
N CYS B 774 57.39 -34.53 40.07
CA CYS B 774 58.38 -33.79 40.89
C CYS B 774 59.08 -34.82 41.81
N PRO B 775 59.94 -35.69 41.25
CA PRO B 775 60.54 -36.75 42.05
C PRO B 775 61.56 -36.31 43.10
N GLU B 776 62.07 -35.04 43.07
CA GLU B 776 63.02 -34.40 44.01
C GLU B 776 63.72 -35.36 45.04
N ASN B 777 64.47 -36.36 44.52
CA ASN B 777 65.20 -37.44 45.23
C ASN B 777 64.33 -38.62 45.67
N LYS B 778 63.04 -38.37 46.06
CA LYS B 778 62.02 -39.31 46.54
C LYS B 778 61.99 -40.63 45.82
N ALA B 779 61.78 -41.70 46.59
CA ALA B 779 61.68 -43.06 46.06
C ALA B 779 60.32 -43.25 45.42
N GLU B 780 60.23 -44.19 44.46
CA GLU B 780 59.03 -44.50 43.69
C GLU B 780 57.76 -44.71 44.54
N ASP B 781 57.93 -45.25 45.76
CA ASP B 781 56.83 -45.53 46.71
C ASP B 781 56.10 -44.26 47.18
N LEU B 782 56.63 -43.08 46.80
CA LEU B 782 56.10 -41.78 47.16
C LEU B 782 55.39 -41.05 46.01
N TRP B 783 55.73 -41.35 44.74
CA TRP B 783 55.16 -40.59 43.63
C TRP B 783 54.56 -41.39 42.46
N VAL B 784 55.03 -42.63 42.18
CA VAL B 784 54.55 -43.42 41.03
C VAL B 784 53.03 -43.66 41.11
N GLU B 785 52.52 -44.15 42.26
CA GLU B 785 51.09 -44.42 42.43
C GLU B 785 50.28 -43.14 42.26
N GLU B 786 50.77 -42.04 42.86
CA GLU B 786 50.16 -40.71 42.80
C GLU B 786 49.98 -40.29 41.34
N ARG B 787 50.99 -40.57 40.49
CA ARG B 787 50.99 -40.26 39.05
C ARG B 787 50.00 -41.11 38.25
N PHE B 788 49.96 -42.44 38.52
CA PHE B 788 49.00 -43.35 37.90
C PHE B 788 47.56 -42.94 38.27
N LYS B 789 47.32 -42.66 39.58
CA LYS B 789 46.00 -42.24 40.04
C LYS B 789 45.62 -40.90 39.39
N ALA B 790 46.62 -40.01 39.16
CA ALA B 790 46.43 -38.70 38.54
C ALA B 790 45.96 -38.81 37.09
N HIS B 791 46.23 -39.96 36.47
CA HIS B 791 45.85 -40.19 35.09
C HIS B 791 44.85 -41.29 34.94
N ILE B 792 43.80 -41.21 35.78
CA ILE B 792 42.65 -42.09 35.74
C ILE B 792 41.78 -41.56 34.58
N ALA B 793 40.99 -42.44 33.93
CA ALA B 793 40.07 -42.06 32.85
C ALA B 793 38.97 -43.10 32.78
N ARG B 794 37.96 -42.89 31.93
CA ARG B 794 36.90 -43.88 31.74
C ARG B 794 37.44 -44.96 30.78
N VAL B 795 36.74 -46.10 30.68
CA VAL B 795 37.15 -47.14 29.72
C VAL B 795 36.80 -46.67 28.31
N ARG B 796 35.69 -45.91 28.15
CA ARG B 796 35.30 -45.30 26.88
C ARG B 796 36.39 -44.29 26.43
N ASP B 797 37.06 -43.63 27.41
CA ASP B 797 38.17 -42.69 27.18
C ASP B 797 39.34 -43.40 26.53
N VAL B 798 39.61 -44.66 26.98
CA VAL B 798 40.65 -45.57 26.48
C VAL B 798 40.25 -46.06 25.07
N GLU B 799 38.96 -46.44 24.92
CA GLU B 799 38.35 -46.94 23.69
C GLU B 799 38.59 -45.96 22.57
N LEU B 800 38.08 -44.71 22.72
CA LEU B 800 38.21 -43.61 21.75
C LEU B 800 39.65 -43.43 21.26
N LEU B 801 40.62 -43.49 22.22
CA LEU B 801 42.07 -43.30 22.08
C LEU B 801 42.81 -44.44 21.41
N THR B 802 42.20 -45.64 21.35
CA THR B 802 42.87 -46.81 20.79
C THR B 802 42.12 -47.53 19.70
N GLY B 803 40.87 -47.18 19.44
CA GLY B 803 40.06 -47.87 18.43
C GLY B 803 39.88 -49.34 18.76
N LEU B 804 39.57 -49.62 20.03
CA LEU B 804 39.38 -50.95 20.58
C LEU B 804 38.10 -50.91 21.41
N ASP B 805 37.19 -51.89 21.21
CA ASP B 805 35.92 -51.97 21.96
C ASP B 805 35.94 -53.17 22.92
N PHE B 806 36.04 -52.83 24.22
CA PHE B 806 36.10 -53.76 25.34
C PHE B 806 34.76 -54.39 25.75
N TYR B 807 34.88 -55.52 26.47
CA TYR B 807 33.78 -56.27 27.05
C TYR B 807 32.64 -56.58 26.06
N GLN B 808 33.01 -57.06 24.87
CA GLN B 808 32.03 -57.43 23.86
C GLN B 808 31.49 -58.87 24.10
N GLU B 809 32.17 -59.65 24.97
CA GLU B 809 31.78 -61.01 25.35
C GLU B 809 31.36 -61.12 26.84
N LYS B 810 30.88 -60.01 27.43
CA LYS B 810 30.41 -60.00 28.81
C LYS B 810 28.89 -60.21 28.79
N THR B 811 28.44 -61.29 29.45
CA THR B 811 27.02 -61.72 29.58
C THR B 811 26.17 -60.71 30.40
N GLN B 812 25.88 -59.54 29.78
CA GLN B 812 25.13 -58.39 30.31
C GLN B 812 24.65 -57.53 29.13
N PRO B 813 23.57 -56.72 29.25
CA PRO B 813 23.14 -55.87 28.12
C PRO B 813 24.06 -54.68 27.90
N VAL B 814 24.20 -54.25 26.61
CA VAL B 814 25.04 -53.15 26.13
C VAL B 814 24.85 -51.87 26.95
N SER B 815 23.58 -51.56 27.31
CA SER B 815 23.23 -50.40 28.13
C SER B 815 24.03 -50.39 29.45
N GLU B 816 24.11 -51.56 30.12
CA GLU B 816 24.85 -51.76 31.37
C GLU B 816 26.36 -51.64 31.17
N ILE B 817 26.87 -52.12 30.02
CA ILE B 817 28.30 -52.07 29.69
C ILE B 817 28.72 -50.61 29.45
N LEU B 818 27.86 -49.83 28.74
CA LEU B 818 28.06 -48.40 28.47
C LEU B 818 28.26 -47.61 29.79
N GLN B 819 27.46 -47.96 30.83
CA GLN B 819 27.56 -47.39 32.17
C GLN B 819 28.96 -47.60 32.74
N LEU B 820 29.41 -48.88 32.74
CA LEU B 820 30.74 -49.28 33.20
C LEU B 820 31.88 -48.60 32.40
N LYS B 821 31.68 -48.41 31.08
CA LYS B 821 32.65 -47.75 30.24
C LYS B 821 32.68 -46.23 30.48
N THR B 822 31.55 -45.66 30.97
CA THR B 822 31.44 -44.21 31.25
C THR B 822 31.77 -43.87 32.69
N TYR B 823 31.94 -44.90 33.53
CA TYR B 823 32.31 -44.71 34.93
C TYR B 823 33.73 -44.16 35.06
N LEU B 824 33.90 -43.14 35.92
CA LEU B 824 35.18 -42.53 36.27
C LEU B 824 35.47 -42.81 37.77
N PRO B 825 36.61 -43.44 38.11
CA PRO B 825 36.91 -43.70 39.53
C PRO B 825 37.19 -42.41 40.30
N THR B 826 36.66 -42.30 41.54
CA THR B 826 36.79 -41.08 42.33
C THR B 826 38.03 -41.02 43.26
N PHE B 827 38.78 -39.87 43.18
CA PHE B 827 39.99 -39.52 43.97
C PHE B 827 40.14 -38.00 44.05
N GLY C 9 -71.21 31.83 17.42
CA GLY C 9 -71.39 33.26 17.59
C GLY C 9 -70.15 34.10 17.34
N SER C 10 -69.00 33.44 17.00
CA SER C 10 -67.71 34.07 16.70
C SER C 10 -66.88 33.21 15.70
N CYS C 11 -65.58 33.55 15.45
CA CYS C 11 -64.71 32.85 14.49
C CYS C 11 -64.06 31.55 14.99
N ARG C 12 -64.20 31.18 16.29
CA ARG C 12 -63.60 29.95 16.84
C ARG C 12 -64.07 28.70 16.11
N LYS C 13 -63.11 27.82 15.74
CA LYS C 13 -63.35 26.54 15.03
C LYS C 13 -64.32 26.69 13.83
N LYS C 14 -64.30 27.88 13.22
CA LYS C 14 -65.13 28.29 12.10
C LYS C 14 -64.33 29.16 11.09
N CYS C 15 -63.00 29.17 11.23
CA CYS C 15 -62.06 29.89 10.37
C CYS C 15 -62.19 29.52 8.88
N PHE C 16 -62.55 30.51 8.04
CA PHE C 16 -62.71 30.39 6.58
C PHE C 16 -63.79 29.38 6.16
N ASP C 17 -65.06 29.85 5.97
CA ASP C 17 -66.23 29.08 5.47
C ASP C 17 -67.48 29.96 5.37
N SER C 18 -68.66 29.37 5.04
CA SER C 18 -69.91 30.11 4.90
C SER C 18 -70.74 30.14 6.21
N SER C 19 -70.05 30.25 7.36
CA SER C 19 -70.71 30.39 8.67
C SER C 19 -71.14 31.85 8.76
N HIS C 20 -72.29 32.20 8.11
CA HIS C 20 -72.87 33.55 8.14
C HIS C 20 -73.39 33.81 9.54
N ARG C 21 -73.25 32.79 10.40
CA ARG C 21 -73.63 32.76 11.80
C ARG C 21 -72.58 33.52 12.61
N GLY C 22 -73.04 34.32 13.57
CA GLY C 22 -72.19 35.13 14.43
C GLY C 22 -72.94 36.32 14.96
N LEU C 23 -72.23 37.25 15.65
CA LEU C 23 -72.90 38.44 16.20
C LEU C 23 -73.37 39.31 15.05
N GLU C 24 -74.71 39.46 14.97
CA GLU C 24 -75.50 40.09 13.92
C GLU C 24 -74.90 39.78 12.50
N GLY C 25 -74.61 38.49 12.29
CA GLY C 25 -74.17 37.92 11.04
C GLY C 25 -72.76 38.22 10.61
N CYS C 26 -71.82 38.21 11.58
CA CYS C 26 -70.42 38.41 11.25
C CYS C 26 -69.87 37.17 10.55
N ARG C 27 -68.88 37.35 9.65
CA ARG C 27 -68.27 36.30 8.83
C ARG C 27 -66.86 35.94 9.27
N CYS C 28 -66.34 34.81 8.76
CA CYS C 28 -65.01 34.32 9.09
C CYS C 28 -64.19 33.89 7.87
N ASP C 29 -64.64 34.25 6.66
CA ASP C 29 -63.97 33.97 5.39
C ASP C 29 -62.88 35.02 5.16
N SER C 30 -61.92 34.76 4.25
CA SER C 30 -60.83 35.71 4.01
C SER C 30 -61.28 37.04 3.36
N GLY C 31 -62.47 37.08 2.79
CA GLY C 31 -63.01 38.30 2.19
C GLY C 31 -63.70 39.23 3.19
N CYS C 32 -63.92 38.76 4.44
CA CYS C 32 -64.58 39.54 5.50
C CYS C 32 -63.84 40.81 5.88
N THR C 33 -62.50 40.80 5.72
CA THR C 33 -61.62 41.92 6.08
C THR C 33 -61.97 43.15 5.29
N ASP C 34 -61.99 43.00 3.97
CA ASP C 34 -62.31 44.06 3.00
C ASP C 34 -63.76 44.47 3.04
N ARG C 35 -64.66 43.58 3.53
CA ARG C 35 -66.09 43.86 3.68
C ARG C 35 -66.38 44.47 5.05
N GLY C 36 -65.47 44.28 5.99
CA GLY C 36 -65.61 44.72 7.38
C GLY C 36 -66.53 43.80 8.19
N ASP C 37 -66.92 42.66 7.60
CA ASP C 37 -67.81 41.63 8.16
C ASP C 37 -67.17 40.73 9.20
N CYS C 38 -65.83 40.76 9.38
CA CYS C 38 -65.18 39.85 10.33
C CYS C 38 -65.74 39.90 11.73
N CYS C 39 -65.75 38.73 12.43
CA CYS C 39 -66.13 38.64 13.84
C CYS C 39 -64.92 39.19 14.58
N TRP C 40 -65.16 39.85 15.70
CA TRP C 40 -64.15 40.48 16.54
C TRP C 40 -62.87 39.63 16.78
N ASP C 41 -62.99 38.30 16.86
CA ASP C 41 -61.86 37.42 17.12
C ASP C 41 -61.20 36.85 15.85
N PHE C 42 -61.65 37.28 14.65
CA PHE C 42 -61.14 36.76 13.39
C PHE C 42 -59.63 36.79 13.29
N GLU C 43 -59.02 37.98 13.38
CA GLU C 43 -57.57 38.13 13.24
C GLU C 43 -56.76 37.28 14.21
N ASP C 44 -57.19 37.19 15.47
CA ASP C 44 -56.47 36.42 16.47
C ASP C 44 -56.63 34.92 16.26
N THR C 45 -57.87 34.40 16.08
CA THR C 45 -58.11 32.97 15.86
C THR C 45 -57.66 32.48 14.46
N CYS C 46 -57.89 33.28 13.38
CA CYS C 46 -57.60 32.85 12.01
C CYS C 46 -56.31 33.47 11.34
N VAL C 47 -55.69 34.54 11.93
CA VAL C 47 -54.46 35.15 11.40
C VAL C 47 -53.25 34.94 12.32
N LYS C 48 -53.30 35.39 13.59
CA LYS C 48 -52.20 35.22 14.56
C LYS C 48 -51.93 33.74 14.86
N SER C 49 -52.98 32.92 14.79
CA SER C 49 -52.94 31.48 15.02
C SER C 49 -52.21 30.70 13.92
N THR C 50 -51.74 31.40 12.86
CA THR C 50 -50.95 30.79 11.79
C THR C 50 -49.50 31.21 11.95
N GLN C 51 -49.30 32.41 12.54
CA GLN C 51 -48.00 33.05 12.79
C GLN C 51 -47.27 32.64 14.14
N ILE C 52 -47.94 31.93 15.06
CA ILE C 52 -47.31 31.62 16.36
C ILE C 52 -46.72 30.22 16.41
N TRP C 53 -45.86 30.02 17.43
CA TRP C 53 -45.15 28.78 17.68
C TRP C 53 -45.62 28.06 18.95
N THR C 54 -46.81 28.44 19.53
CA THR C 54 -47.37 27.80 20.73
C THR C 54 -48.92 27.84 20.75
N CYS C 55 -49.53 26.78 21.35
CA CYS C 55 -50.96 26.62 21.58
C CYS C 55 -51.30 27.44 22.81
N ASN C 56 -52.54 27.82 22.98
CA ASN C 56 -52.96 28.43 24.24
C ASN C 56 -54.43 28.10 24.43
N SER C 57 -55.07 28.43 25.56
CA SER C 57 -56.47 28.08 25.69
C SER C 57 -57.24 28.37 24.36
N PHE C 58 -56.95 29.51 23.70
CA PHE C 58 -57.66 29.91 22.49
C PHE C 58 -57.42 29.03 21.28
N ARG C 59 -56.22 28.44 21.21
CA ARG C 59 -55.80 27.60 20.10
C ARG C 59 -56.20 26.12 20.25
N CYS C 60 -56.27 25.59 21.49
CA CYS C 60 -56.65 24.21 21.78
C CYS C 60 -57.96 23.86 21.12
N GLY C 61 -57.95 22.75 20.39
CA GLY C 61 -59.12 22.23 19.67
C GLY C 61 -59.53 22.98 18.43
N GLU C 62 -58.65 23.85 17.90
CA GLU C 62 -58.91 24.65 16.70
C GLU C 62 -59.15 23.84 15.45
N THR C 63 -59.81 24.47 14.45
CA THR C 63 -60.00 23.83 13.15
C THR C 63 -58.70 24.04 12.45
N ARG C 64 -58.18 22.95 11.85
CA ARG C 64 -56.94 22.90 11.10
C ARG C 64 -56.76 24.03 10.09
N LEU C 65 -55.62 24.70 10.15
CA LEU C 65 -55.27 25.79 9.25
C LEU C 65 -54.05 25.34 8.45
N GLU C 66 -54.14 25.38 7.12
CA GLU C 66 -52.97 24.97 6.31
C GLU C 66 -51.83 26.00 6.41
N ALA C 67 -52.18 27.30 6.43
CA ALA C 67 -51.22 28.40 6.55
C ALA C 67 -50.34 28.34 7.85
N ALA C 68 -50.77 27.56 8.87
CA ALA C 68 -50.17 27.44 10.21
C ALA C 68 -48.80 26.76 10.26
N LEU C 69 -47.93 27.27 11.17
CA LEU C 69 -46.55 26.85 11.46
C LEU C 69 -46.51 25.47 12.11
N CYS C 70 -47.31 25.29 13.19
CA CYS C 70 -47.52 24.08 13.97
C CYS C 70 -49.10 23.90 14.07
N SER C 71 -49.61 22.84 14.76
CA SER C 71 -51.05 22.62 14.98
C SER C 71 -51.47 22.43 16.42
N CYS C 72 -52.74 22.77 16.72
CA CYS C 72 -53.39 22.61 18.03
C CYS C 72 -54.73 21.87 17.86
N ALA C 73 -54.98 21.40 16.63
CA ALA C 73 -56.15 20.65 16.23
C ALA C 73 -56.17 19.28 16.91
N ASP C 74 -57.37 18.74 17.08
CA ASP C 74 -57.64 17.46 17.72
C ASP C 74 -56.86 16.27 17.14
N ASP C 75 -56.46 16.35 15.87
CA ASP C 75 -55.74 15.28 15.21
C ASP C 75 -54.25 15.56 15.07
N CYS C 76 -53.73 16.55 15.83
CA CYS C 76 -52.31 16.89 15.67
C CYS C 76 -51.36 15.82 16.21
N LEU C 77 -51.75 15.07 17.28
CA LEU C 77 -50.85 14.05 17.84
C LEU C 77 -50.65 12.88 16.88
N GLN C 78 -51.76 12.44 16.26
CA GLN C 78 -51.76 11.38 15.27
C GLN C 78 -51.07 11.89 14.00
N ARG C 79 -51.34 13.17 13.59
CA ARG C 79 -50.72 13.79 12.42
C ARG C 79 -49.26 14.19 12.65
N LYS C 80 -48.77 14.10 13.92
CA LYS C 80 -47.38 14.42 14.35
C LYS C 80 -47.01 15.92 14.14
N ASP C 81 -48.01 16.83 14.13
CA ASP C 81 -47.69 18.26 13.90
C ASP C 81 -48.07 19.20 15.04
N CYS C 82 -48.26 18.69 16.25
CA CYS C 82 -48.61 19.54 17.40
C CYS C 82 -47.55 20.54 17.69
N CYS C 83 -47.92 21.59 18.40
CA CYS C 83 -46.99 22.55 18.94
C CYS C 83 -46.40 21.88 20.16
N THR C 84 -45.19 22.27 20.59
CA THR C 84 -44.50 21.56 21.70
C THR C 84 -45.32 21.57 23.01
N ASP C 85 -46.02 22.67 23.28
CA ASP C 85 -46.82 22.86 24.48
C ASP C 85 -48.25 22.25 24.43
N TYR C 86 -48.61 21.55 23.31
CA TYR C 86 -49.93 20.91 23.12
C TYR C 86 -50.34 20.04 24.31
N LYS C 87 -49.53 19.02 24.66
CA LYS C 87 -49.85 18.13 25.78
C LYS C 87 -50.00 18.86 27.15
N ALA C 88 -49.13 19.84 27.46
CA ALA C 88 -49.24 20.55 28.71
C ALA C 88 -50.40 21.56 28.78
N VAL C 89 -50.63 22.29 27.68
CA VAL C 89 -51.64 23.35 27.58
C VAL C 89 -53.04 22.79 27.33
N CYS C 90 -53.16 21.93 26.29
CA CYS C 90 -54.42 21.33 25.85
C CYS C 90 -54.81 20.08 26.62
N GLN C 91 -53.84 19.35 27.21
CA GLN C 91 -54.12 18.12 27.96
C GLN C 91 -53.73 18.16 29.45
N GLY C 92 -53.32 19.35 29.92
CA GLY C 92 -52.94 19.60 31.30
C GLY C 92 -51.88 18.69 31.89
N GLU C 93 -51.00 18.15 31.02
CA GLU C 93 -49.93 17.28 31.44
C GLU C 93 -48.84 18.12 32.10
N VAL C 94 -48.02 17.52 32.99
CA VAL C 94 -46.90 18.21 33.64
C VAL C 94 -45.76 18.37 32.66
N PRO C 95 -45.37 19.61 32.29
CA PRO C 95 -44.25 19.78 31.32
C PRO C 95 -42.91 19.29 31.83
N TRP C 96 -42.04 18.86 30.91
CA TRP C 96 -40.69 18.37 31.20
C TRP C 96 -39.99 19.24 32.25
N VAL C 97 -40.03 20.56 32.06
CA VAL C 97 -39.40 21.59 32.90
C VAL C 97 -39.85 21.52 34.36
N THR C 98 -41.18 21.41 34.64
CA THR C 98 -41.69 21.33 36.02
C THR C 98 -41.55 19.93 36.61
N GLU C 99 -41.77 18.89 35.77
CA GLU C 99 -41.68 17.46 36.07
C GLU C 99 -40.40 17.12 36.84
N ALA C 100 -40.42 16.08 37.68
CA ALA C 100 -39.26 15.65 38.46
C ALA C 100 -38.14 15.11 37.58
N CYS C 101 -36.92 14.97 38.16
CA CYS C 101 -35.74 14.46 37.45
C CYS C 101 -35.90 12.98 37.13
N ALA C 102 -35.33 12.56 35.99
CA ALA C 102 -35.35 11.17 35.50
C ALA C 102 -34.34 10.28 36.25
N SER C 103 -34.79 9.09 36.73
CA SER C 103 -33.95 8.24 37.59
C SER C 103 -33.78 6.74 37.18
N SER C 104 -34.05 6.35 35.92
CA SER C 104 -33.80 4.95 35.53
C SER C 104 -32.36 4.79 34.95
N GLN C 105 -31.66 3.69 35.37
CA GLN C 105 -30.28 3.38 35.01
C GLN C 105 -30.06 2.93 33.54
N GLU C 106 -31.11 2.40 32.88
CA GLU C 106 -31.05 1.91 31.50
C GLU C 106 -31.82 2.82 30.49
N PRO C 107 -31.30 3.03 29.23
CA PRO C 107 -32.03 3.86 28.25
C PRO C 107 -33.47 3.40 27.97
N GLN C 108 -34.40 4.35 27.98
CA GLN C 108 -35.80 4.07 27.77
C GLN C 108 -36.21 4.79 26.50
N CYS C 109 -36.21 4.05 25.40
CA CYS C 109 -36.51 4.57 24.07
C CYS C 109 -37.80 4.03 23.47
N PRO C 110 -38.48 4.84 22.61
CA PRO C 110 -39.68 4.34 21.90
C PRO C 110 -39.36 3.22 20.89
N GLU C 111 -40.41 2.76 20.20
CA GLU C 111 -40.36 1.76 19.14
C GLU C 111 -39.61 2.39 18.00
N GLY C 112 -38.66 1.64 17.47
CA GLY C 112 -37.83 2.07 16.36
C GLY C 112 -36.50 2.59 16.84
N PHE C 113 -36.53 3.28 17.99
CA PHE C 113 -35.33 3.80 18.59
C PHE C 113 -34.57 2.65 19.24
N ASP C 114 -33.69 2.03 18.45
CA ASP C 114 -32.85 0.92 18.90
C ASP C 114 -31.76 1.53 19.77
N GLN C 115 -31.13 2.58 19.27
CA GLN C 115 -30.08 3.29 19.95
C GLN C 115 -30.43 4.77 20.15
N PRO C 116 -30.22 5.26 21.40
CA PRO C 116 -30.55 6.66 21.71
C PRO C 116 -29.77 7.72 20.91
N PRO C 117 -30.50 8.66 20.29
CA PRO C 117 -29.82 9.72 19.51
C PRO C 117 -28.97 10.66 20.37
N VAL C 118 -27.99 11.30 19.74
CA VAL C 118 -27.07 12.23 20.38
C VAL C 118 -27.31 13.60 19.75
N ILE C 119 -27.60 14.62 20.59
CA ILE C 119 -27.76 16.00 20.15
C ILE C 119 -26.69 16.85 20.82
N LEU C 120 -25.75 17.35 20.01
CA LEU C 120 -24.69 18.24 20.46
C LEU C 120 -25.16 19.63 20.10
N PHE C 121 -25.40 20.45 21.12
CA PHE C 121 -25.96 21.78 21.01
C PHE C 121 -24.99 22.80 21.53
N SER C 122 -24.54 23.73 20.68
CA SER C 122 -23.65 24.78 21.15
C SER C 122 -24.38 26.11 21.19
N MET C 123 -24.48 26.69 22.39
CA MET C 123 -25.12 27.99 22.63
C MET C 123 -24.05 29.04 23.02
N ASP C 124 -24.31 30.32 22.69
CA ASP C 124 -23.42 31.47 22.93
C ASP C 124 -24.11 32.56 23.81
N GLY C 125 -23.41 33.68 24.03
CA GLY C 125 -23.90 34.84 24.77
C GLY C 125 -24.28 34.69 26.24
N PHE C 126 -23.72 33.68 26.91
CA PHE C 126 -23.96 33.43 28.32
C PHE C 126 -23.11 34.36 29.13
N ARG C 127 -23.53 34.65 30.36
CA ARG C 127 -22.75 35.51 31.26
C ARG C 127 -22.72 34.88 32.66
N ALA C 128 -21.51 34.84 33.25
CA ALA C 128 -21.20 34.26 34.56
C ALA C 128 -21.96 34.90 35.70
N GLU C 129 -22.49 36.12 35.46
CA GLU C 129 -23.27 36.92 36.43
C GLU C 129 -24.64 36.24 36.72
N TYR C 130 -25.25 35.68 35.68
CA TYR C 130 -26.55 35.02 35.73
C TYR C 130 -26.47 33.63 36.31
N LEU C 131 -25.26 33.08 36.47
CA LEU C 131 -25.01 31.71 36.93
C LEU C 131 -25.74 31.31 38.23
N GLN C 132 -25.96 32.26 39.16
CA GLN C 132 -26.70 31.99 40.39
C GLN C 132 -28.24 32.16 40.22
N THR C 133 -28.65 32.92 39.17
CA THR C 133 -30.05 33.19 38.80
C THR C 133 -30.55 32.29 37.66
N TRP C 134 -29.84 31.16 37.35
CA TRP C 134 -30.19 30.21 36.28
C TRP C 134 -31.59 29.64 36.47
N SER C 135 -31.90 29.26 37.72
CA SER C 135 -33.19 28.74 38.18
C SER C 135 -34.39 29.60 37.75
N THR C 136 -34.21 30.95 37.67
CA THR C 136 -35.27 31.89 37.32
C THR C 136 -35.15 32.47 35.90
N LEU C 137 -33.92 32.76 35.42
CA LEU C 137 -33.72 33.32 34.06
C LEU C 137 -33.77 32.26 32.96
N LEU C 138 -33.03 31.16 33.15
CA LEU C 138 -32.95 30.07 32.18
C LEU C 138 -33.38 28.73 32.83
N PRO C 139 -34.70 28.52 33.04
CA PRO C 139 -35.18 27.30 33.72
C PRO C 139 -34.98 25.95 33.01
N ASN C 140 -35.07 25.94 31.68
CA ASN C 140 -34.92 24.71 30.90
C ASN C 140 -33.50 24.21 30.95
N ILE C 141 -32.53 25.10 30.61
CA ILE C 141 -31.10 24.84 30.66
C ILE C 141 -30.71 24.54 32.12
N ASN C 142 -31.37 25.22 33.09
CA ASN C 142 -31.10 24.91 34.49
C ASN C 142 -31.54 23.50 34.85
N LYS C 143 -32.73 23.04 34.37
CA LYS C 143 -33.22 21.68 34.63
C LYS C 143 -32.23 20.62 34.17
N LEU C 144 -31.52 20.93 33.07
CA LEU C 144 -30.51 20.06 32.50
C LEU C 144 -29.30 19.95 33.42
N LYS C 145 -28.84 21.10 33.96
CA LYS C 145 -27.73 21.20 34.91
C LYS C 145 -28.15 20.46 36.20
N THR C 146 -29.41 20.67 36.64
CA THR C 146 -30.08 20.12 37.81
C THR C 146 -30.14 18.60 37.79
N CYS C 147 -30.76 18.00 36.77
CA CYS C 147 -30.91 16.56 36.71
C CYS C 147 -29.71 15.85 36.17
N GLY C 148 -29.08 16.45 35.17
CA GLY C 148 -27.95 15.83 34.49
C GLY C 148 -26.59 16.04 35.11
N LEU C 149 -25.63 16.23 34.23
CA LEU C 149 -24.20 16.36 34.47
C LEU C 149 -23.65 17.71 33.95
N HIS C 150 -22.80 18.38 34.74
CA HIS C 150 -22.20 19.64 34.29
C HIS C 150 -20.74 19.76 34.71
N SER C 151 -19.90 20.29 33.82
CA SER C 151 -18.49 20.52 34.10
C SER C 151 -18.26 21.97 34.35
N LYS C 152 -17.53 22.24 35.46
CA LYS C 152 -17.15 23.56 36.01
C LYS C 152 -16.92 24.60 34.90
N TYR C 153 -15.94 24.33 33.96
CA TYR C 153 -15.60 25.09 32.75
C TYR C 153 -14.73 24.21 31.88
N MET C 154 -15.17 23.91 30.64
CA MET C 154 -14.48 23.03 29.68
C MET C 154 -13.33 23.77 28.97
N ARG C 155 -12.11 23.20 29.04
CA ARG C 155 -10.86 23.74 28.50
C ARG C 155 -10.73 23.71 26.97
N ALA C 156 -10.52 24.90 26.38
CA ALA C 156 -10.36 25.08 24.94
C ALA C 156 -8.89 25.07 24.55
N VAL C 157 -8.61 24.55 23.36
CA VAL C 157 -7.27 24.46 22.79
C VAL C 157 -6.84 25.79 22.16
N TYR C 158 -5.51 26.02 22.00
CA TYR C 158 -4.94 27.24 21.41
C TYR C 158 -5.16 27.22 19.89
N PRO C 159 -5.51 28.35 19.21
CA PRO C 159 -5.85 29.68 19.79
C PRO C 159 -7.19 29.48 20.49
N THR C 160 -7.58 30.28 21.46
CA THR C 160 -8.83 29.84 22.07
C THR C 160 -10.11 30.41 21.37
N LYS C 161 -10.02 30.60 20.03
CA LYS C 161 -11.06 31.10 19.11
C LYS C 161 -12.14 30.05 18.84
N THR C 162 -13.40 30.51 18.66
CA THR C 162 -14.62 29.69 18.48
C THR C 162 -14.57 28.74 17.26
N PHE C 163 -14.33 29.28 16.04
CA PHE C 163 -14.32 28.46 14.84
C PHE C 163 -13.35 27.24 14.93
N PRO C 164 -12.02 27.39 15.21
CA PRO C 164 -11.15 26.20 15.33
C PRO C 164 -11.59 25.26 16.46
N ASN C 165 -12.02 25.85 17.60
CA ASN C 165 -12.47 25.12 18.77
C ASN C 165 -13.68 24.25 18.49
N HIS C 166 -14.59 24.71 17.61
CA HIS C 166 -15.75 23.90 17.26
C HIS C 166 -15.35 22.71 16.41
N TYR C 167 -14.38 22.91 15.49
CA TYR C 167 -13.87 21.81 14.66
C TYR C 167 -13.08 20.81 15.51
N THR C 168 -12.30 21.31 16.49
CA THR C 168 -11.56 20.49 17.45
C THR C 168 -12.55 19.55 18.16
N ILE C 169 -13.69 20.11 18.70
CA ILE C 169 -14.75 19.37 19.43
C ILE C 169 -15.19 18.11 18.66
N VAL C 170 -15.64 18.31 17.41
CA VAL C 170 -16.15 17.24 16.55
C VAL C 170 -15.04 16.34 15.94
N THR C 171 -13.77 16.78 15.86
CA THR C 171 -12.74 15.92 15.24
C THR C 171 -11.84 15.16 16.21
N GLY C 172 -11.70 15.72 17.41
CA GLY C 172 -10.84 15.20 18.47
C GLY C 172 -9.38 15.57 18.28
N LEU C 173 -9.07 16.43 17.29
CA LEU C 173 -7.69 16.85 16.97
C LEU C 173 -7.31 18.26 17.39
N TYR C 174 -6.00 18.51 17.57
CA TYR C 174 -5.47 19.85 17.85
C TYR C 174 -5.55 20.62 16.52
N PRO C 175 -5.75 21.95 16.51
CA PRO C 175 -5.83 22.67 15.24
C PRO C 175 -4.67 22.35 14.28
N GLU C 176 -3.43 22.19 14.83
CA GLU C 176 -2.23 21.87 14.02
C GLU C 176 -2.39 20.58 13.22
N SER C 177 -3.25 19.68 13.74
CA SER C 177 -3.55 18.37 13.19
C SER C 177 -4.83 18.33 12.36
N HIS C 178 -5.88 19.12 12.70
CA HIS C 178 -7.13 19.11 11.89
C HIS C 178 -7.10 20.16 10.75
N GLY C 179 -6.12 21.06 10.79
CA GLY C 179 -5.93 22.06 9.74
C GLY C 179 -6.45 23.46 9.99
N ILE C 180 -7.58 23.60 10.73
CA ILE C 180 -8.16 24.93 10.98
C ILE C 180 -7.44 25.58 12.16
N ILE C 181 -6.28 26.19 11.88
CA ILE C 181 -5.39 26.77 12.89
C ILE C 181 -5.79 28.20 13.33
N ASP C 182 -6.71 28.84 12.60
CA ASP C 182 -7.21 30.20 12.83
C ASP C 182 -8.30 30.50 11.77
N ASN C 183 -9.14 31.55 12.00
CA ASN C 183 -10.18 31.96 11.04
C ASN C 183 -9.53 32.46 9.72
N ASN C 184 -8.29 32.95 9.82
CA ASN C 184 -7.53 33.42 8.67
C ASN C 184 -6.21 32.72 8.59
N MET C 185 -5.88 32.22 7.38
CA MET C 185 -4.63 31.49 7.14
C MET C 185 -4.20 31.40 5.67
N TYR C 186 -2.92 31.10 5.44
CA TYR C 186 -2.37 30.91 4.11
C TYR C 186 -1.55 29.63 4.12
N ASP C 187 -1.90 28.68 3.22
CA ASP C 187 -1.15 27.43 3.05
C ASP C 187 -0.24 27.64 1.85
N VAL C 188 1.09 27.56 2.05
CA VAL C 188 2.08 27.77 0.98
C VAL C 188 1.97 26.70 -0.11
N TYR C 189 1.72 25.43 0.29
CA TYR C 189 1.63 24.28 -0.62
C TYR C 189 0.40 24.31 -1.52
N LEU C 190 -0.65 24.99 -1.06
CA LEU C 190 -1.85 25.21 -1.84
C LEU C 190 -1.67 26.52 -2.57
N ASN C 191 -0.92 27.47 -1.95
CA ASN C 191 -0.76 28.88 -2.36
C ASN C 191 -2.18 29.43 -2.50
N LYS C 192 -2.93 29.30 -1.39
CA LYS C 192 -4.32 29.71 -1.26
C LYS C 192 -4.51 30.36 0.08
N ASN C 193 -5.46 31.30 0.17
CA ASN C 193 -5.79 32.02 1.39
C ASN C 193 -7.14 31.53 1.95
N PHE C 194 -7.25 31.27 3.26
CA PHE C 194 -8.50 30.86 3.93
C PHE C 194 -8.98 31.98 4.83
N SER C 195 -10.30 32.22 4.77
CA SER C 195 -11.06 33.20 5.56
C SER C 195 -12.52 32.75 5.56
N LEU C 196 -13.28 33.12 6.59
CA LEU C 196 -14.67 32.72 6.69
C LEU C 196 -15.56 33.42 5.63
N SER C 197 -15.18 34.64 5.24
CA SER C 197 -15.87 35.43 4.21
C SER C 197 -15.61 34.87 2.77
N SER C 198 -14.47 34.19 2.58
CA SER C 198 -14.03 33.59 1.31
C SER C 198 -14.74 32.30 0.91
N VAL C 199 -14.73 32.02 -0.40
CA VAL C 199 -15.27 30.81 -1.05
C VAL C 199 -14.37 29.61 -0.64
N GLU C 200 -13.08 29.89 -0.38
CA GLU C 200 -12.06 28.94 0.05
C GLU C 200 -12.39 28.27 1.36
N LYS C 201 -13.28 28.87 2.18
CA LYS C 201 -13.75 28.30 3.44
C LYS C 201 -14.38 26.93 3.14
N SER C 202 -14.99 26.80 1.94
CA SER C 202 -15.67 25.60 1.45
C SER C 202 -14.74 24.58 0.79
N ASN C 203 -13.50 24.97 0.39
CA ASN C 203 -12.47 24.09 -0.21
C ASN C 203 -12.09 22.98 0.78
N PRO C 204 -12.36 21.69 0.44
CA PRO C 204 -12.12 20.60 1.41
C PRO C 204 -10.66 20.30 1.81
N ALA C 205 -9.69 20.88 1.06
CA ALA C 205 -8.26 20.71 1.31
C ALA C 205 -7.82 21.32 2.64
N TRP C 206 -8.58 22.35 3.11
CA TRP C 206 -8.29 23.03 4.36
C TRP C 206 -8.69 22.15 5.54
N TRP C 207 -9.68 21.31 5.29
CA TRP C 207 -10.30 20.49 6.32
C TRP C 207 -9.73 19.10 6.42
N SER C 208 -8.78 18.94 7.36
CA SER C 208 -8.17 17.66 7.66
C SER C 208 -8.91 17.03 8.86
N GLY C 209 -8.60 15.79 9.16
CA GLY C 209 -9.30 15.04 10.20
C GLY C 209 -10.60 14.40 9.71
N GLN C 210 -11.31 13.73 10.63
CA GLN C 210 -12.58 13.07 10.35
C GLN C 210 -13.60 13.46 11.43
N PRO C 211 -14.52 14.40 11.09
CA PRO C 211 -15.51 14.84 12.08
C PRO C 211 -16.50 13.74 12.43
N ILE C 212 -17.03 13.82 13.66
CA ILE C 212 -17.95 12.85 14.26
C ILE C 212 -19.09 12.47 13.32
N TRP C 213 -19.62 13.41 12.52
CA TRP C 213 -20.69 13.05 11.60
C TRP C 213 -20.24 12.03 10.60
N LEU C 214 -19.02 12.21 10.02
CA LEU C 214 -18.45 11.25 9.05
C LEU C 214 -18.21 9.92 9.69
N THR C 215 -17.61 9.90 10.92
CA THR C 215 -17.32 8.68 11.67
C THR C 215 -18.58 7.84 11.81
N ALA C 216 -19.70 8.45 12.22
CA ALA C 216 -21.00 7.79 12.36
C ALA C 216 -21.51 7.26 11.02
N MET C 217 -21.40 8.09 9.96
CA MET C 217 -21.83 7.77 8.60
C MET C 217 -21.06 6.58 8.04
N TYR C 218 -19.71 6.63 8.14
CA TYR C 218 -18.79 5.58 7.72
C TYR C 218 -19.05 4.30 8.54
N GLN C 219 -19.71 4.41 9.71
CA GLN C 219 -20.01 3.25 10.55
C GLN C 219 -21.51 2.94 10.62
N GLY C 220 -22.19 3.16 9.52
CA GLY C 220 -23.60 2.79 9.40
C GLY C 220 -24.61 3.84 9.72
N LEU C 221 -24.40 4.61 10.80
CA LEU C 221 -25.36 5.64 11.28
C LEU C 221 -25.54 6.80 10.30
N LYS C 222 -26.62 7.59 10.51
CA LYS C 222 -26.93 8.80 9.73
C LYS C 222 -26.78 10.03 10.62
N ALA C 223 -26.34 11.15 10.04
CA ALA C 223 -26.07 12.34 10.82
C ALA C 223 -26.61 13.59 10.19
N ALA C 224 -27.14 14.50 11.03
CA ALA C 224 -27.68 15.77 10.59
C ALA C 224 -27.00 16.91 11.29
N SER C 225 -27.04 18.10 10.66
CA SER C 225 -26.44 19.31 11.22
C SER C 225 -27.18 20.58 10.84
N TYR C 226 -27.49 21.40 11.84
CA TYR C 226 -28.14 22.68 11.70
C TYR C 226 -27.14 23.72 12.19
N TYR C 227 -26.15 24.03 11.32
CA TYR C 227 -24.99 24.92 11.54
C TYR C 227 -24.03 24.29 12.53
N TRP C 228 -22.74 24.26 12.15
CA TRP C 228 -21.60 23.80 12.90
C TRP C 228 -20.40 23.85 11.96
N PRO C 229 -19.30 24.50 12.43
CA PRO C 229 -18.10 24.60 11.59
C PRO C 229 -17.65 23.32 10.88
N GLY C 230 -17.58 23.39 9.56
CA GLY C 230 -17.19 22.27 8.73
C GLY C 230 -18.29 21.30 8.36
N SER C 231 -19.51 21.46 8.94
CA SER C 231 -20.65 20.61 8.59
C SER C 231 -21.31 21.03 7.29
N ASP C 232 -21.01 22.26 6.81
CA ASP C 232 -21.46 22.74 5.53
C ASP C 232 -20.29 22.64 4.53
N VAL C 233 -19.35 21.66 4.80
CA VAL C 233 -18.12 21.36 4.03
C VAL C 233 -18.01 19.86 3.68
N ALA C 234 -17.74 19.54 2.39
CA ALA C 234 -17.57 18.16 1.92
C ALA C 234 -16.19 17.63 2.32
N VAL C 235 -15.97 17.55 3.66
CA VAL C 235 -14.76 17.07 4.35
C VAL C 235 -14.58 15.61 3.96
N ASN C 236 -13.43 15.28 3.38
CA ASN C 236 -13.17 13.95 2.85
C ASN C 236 -14.29 13.53 1.85
N GLY C 237 -14.58 14.49 0.94
CA GLY C 237 -15.52 14.42 -0.18
C GLY C 237 -16.96 14.07 0.15
N SER C 238 -17.42 14.36 1.38
CA SER C 238 -18.79 14.08 1.79
C SER C 238 -19.26 15.02 2.87
N PHE C 239 -20.53 15.43 2.75
CA PHE C 239 -21.22 16.31 3.70
C PHE C 239 -22.03 15.41 4.64
N PRO C 240 -22.65 15.94 5.73
CA PRO C 240 -23.54 15.09 6.54
C PRO C 240 -24.80 14.73 5.75
N ASN C 241 -25.47 13.61 6.09
CA ASN C 241 -26.71 13.18 5.41
C ASN C 241 -27.68 14.36 5.27
N ILE C 242 -27.90 15.11 6.37
CA ILE C 242 -28.69 16.34 6.37
C ILE C 242 -27.84 17.47 6.94
N TYR C 243 -27.81 18.60 6.24
CA TYR C 243 -27.06 19.78 6.66
C TYR C 243 -27.71 21.06 6.18
N ARG C 244 -27.40 22.17 6.86
CA ARG C 244 -27.91 23.50 6.49
C ARG C 244 -26.73 24.45 6.30
N ASN C 245 -26.75 25.24 5.18
CA ASN C 245 -25.70 26.20 4.83
C ASN C 245 -25.92 27.48 5.66
N SER C 249 -30.23 34.45 10.38
CA SER C 249 -31.53 35.07 10.06
C SER C 249 -32.69 34.25 10.68
N VAL C 250 -32.68 32.90 10.47
CA VAL C 250 -33.63 31.85 10.91
C VAL C 250 -33.97 31.90 12.39
N PRO C 251 -35.28 31.98 12.76
CA PRO C 251 -35.64 31.97 14.18
C PRO C 251 -35.37 30.60 14.81
N TYR C 252 -35.10 30.61 16.13
CA TYR C 252 -34.77 29.39 16.87
C TYR C 252 -35.85 28.34 16.81
N GLU C 253 -37.15 28.78 16.87
CA GLU C 253 -38.27 27.85 16.82
C GLU C 253 -38.30 27.12 15.49
N SER C 254 -37.96 27.84 14.40
CA SER C 254 -37.89 27.26 13.07
C SER C 254 -36.82 26.16 13.01
N ARG C 255 -35.69 26.37 13.72
CA ARG C 255 -34.56 25.41 13.82
C ARG C 255 -34.97 24.18 14.64
N ILE C 256 -35.61 24.41 15.80
CA ILE C 256 -36.06 23.34 16.69
C ILE C 256 -37.13 22.49 16.01
N ALA C 257 -38.03 23.13 15.23
CA ALA C 257 -39.06 22.43 14.46
C ALA C 257 -38.43 21.47 13.45
N THR C 258 -37.38 21.90 12.72
CA THR C 258 -36.64 21.10 11.76
C THR C 258 -35.96 19.93 12.45
N LEU C 259 -35.40 20.19 13.63
CA LEU C 259 -34.71 19.20 14.44
C LEU C 259 -35.67 18.06 14.81
N LEU C 260 -36.93 18.42 15.15
CA LEU C 260 -37.99 17.47 15.50
C LEU C 260 -38.54 16.74 14.30
N GLN C 261 -38.53 17.39 13.10
CA GLN C 261 -38.98 16.79 11.84
C GLN C 261 -38.05 15.68 11.48
N TRP C 262 -36.72 15.92 11.70
CA TRP C 262 -35.63 14.99 11.43
C TRP C 262 -35.77 13.75 12.29
N LEU C 263 -36.28 13.92 13.53
CA LEU C 263 -36.50 12.81 14.47
C LEU C 263 -37.80 12.10 14.15
N ASP C 264 -38.68 12.76 13.36
CA ASP C 264 -39.97 12.22 12.92
C ASP C 264 -39.81 11.48 11.60
N LEU C 265 -38.55 11.47 11.05
CA LEU C 265 -38.20 10.75 9.83
C LEU C 265 -38.30 9.24 10.03
N PRO C 266 -38.48 8.45 8.94
CA PRO C 266 -38.54 6.98 9.08
C PRO C 266 -37.15 6.46 9.49
N LYS C 267 -37.09 5.44 10.40
CA LYS C 267 -35.86 4.86 10.96
C LYS C 267 -34.70 4.81 9.97
N ALA C 268 -35.01 4.34 8.74
CA ALA C 268 -34.10 4.21 7.62
C ALA C 268 -33.31 5.51 7.35
N GLU C 269 -34.03 6.64 7.14
CA GLU C 269 -33.48 7.98 6.85
C GLU C 269 -33.07 8.77 8.09
N ARG C 270 -33.70 8.48 9.24
CA ARG C 270 -33.54 9.19 10.51
C ARG C 270 -32.12 9.21 11.09
N PRO C 271 -31.53 10.43 11.24
CA PRO C 271 -30.18 10.52 11.83
C PRO C 271 -30.11 10.11 13.30
N SER C 272 -28.95 9.57 13.66
CA SER C 272 -28.60 9.14 15.02
C SER C 272 -27.80 10.24 15.73
N PHE C 273 -27.10 11.09 14.96
CA PHE C 273 -26.30 12.17 15.52
C PHE C 273 -26.74 13.54 15.02
N TYR C 274 -26.75 14.53 15.92
CA TYR C 274 -27.17 15.89 15.57
C TYR C 274 -26.24 16.96 16.14
N THR C 275 -25.92 17.95 15.30
CA THR C 275 -25.11 19.11 15.66
C THR C 275 -25.96 20.31 15.38
N ILE C 276 -26.09 21.19 16.37
CA ILE C 276 -26.86 22.40 16.24
C ILE C 276 -26.06 23.51 16.93
N TYR C 277 -25.62 24.49 16.11
CA TYR C 277 -24.82 25.63 16.53
C TYR C 277 -25.65 26.95 16.46
N VAL C 278 -25.75 27.63 17.63
CA VAL C 278 -26.50 28.87 17.88
C VAL C 278 -25.54 29.99 18.41
N GLU C 279 -25.53 31.17 17.77
CA GLU C 279 -24.74 32.37 18.13
C GLU C 279 -25.62 33.64 18.26
N ALA C 293 -28.14 43.57 29.11
CA ALA C 293 -29.54 43.93 29.41
C ALA C 293 -30.52 43.22 28.46
N GLY C 294 -30.21 43.30 27.17
CA GLY C 294 -30.93 42.63 26.08
C GLY C 294 -30.23 41.31 25.83
N VAL C 295 -29.24 41.03 26.69
CA VAL C 295 -28.40 39.83 26.79
C VAL C 295 -29.28 38.75 27.41
N ILE C 296 -29.97 39.09 28.51
CA ILE C 296 -30.87 38.18 29.20
C ILE C 296 -32.02 37.85 28.27
N LYS C 297 -32.59 38.90 27.63
CA LYS C 297 -33.67 38.77 26.65
C LYS C 297 -33.27 37.77 25.56
N ALA C 298 -32.03 37.89 25.05
CA ALA C 298 -31.47 37.00 24.02
C ALA C 298 -31.25 35.57 24.52
N LEU C 299 -30.69 35.42 25.74
CA LEU C 299 -30.42 34.11 26.36
C LEU C 299 -31.71 33.36 26.62
N GLN C 300 -32.75 34.11 27.06
CA GLN C 300 -34.07 33.55 27.33
C GLN C 300 -34.64 32.95 26.07
N LEU C 301 -34.45 33.62 24.90
CA LEU C 301 -34.88 33.10 23.59
C LEU C 301 -34.24 31.73 23.26
N VAL C 302 -32.94 31.51 23.64
CA VAL C 302 -32.31 30.21 23.40
C VAL C 302 -32.85 29.19 24.44
N ASP C 303 -33.12 29.64 25.69
CA ASP C 303 -33.64 28.73 26.70
C ASP C 303 -35.04 28.28 26.34
N ASP C 304 -35.84 29.17 25.73
CA ASP C 304 -37.18 28.87 25.28
C ASP C 304 -37.12 27.84 24.15
N ALA C 305 -36.19 28.03 23.19
CA ALA C 305 -35.93 27.13 22.07
C ALA C 305 -35.47 25.79 22.59
N PHE C 306 -34.69 25.80 23.68
CA PHE C 306 -34.21 24.58 24.31
C PHE C 306 -35.37 23.83 24.96
N GLY C 307 -36.25 24.57 25.64
CA GLY C 307 -37.44 24.04 26.31
C GLY C 307 -38.42 23.49 25.31
N MET C 308 -38.40 24.05 24.08
CA MET C 308 -39.24 23.61 22.96
C MET C 308 -38.75 22.26 22.51
N LEU C 309 -37.43 22.11 22.42
CA LEU C 309 -36.81 20.85 22.03
C LEU C 309 -37.17 19.76 23.02
N MET C 310 -37.03 20.05 24.32
CA MET C 310 -37.32 19.07 25.36
C MET C 310 -38.78 18.67 25.37
N GLU C 311 -39.68 19.65 25.19
CA GLU C 311 -41.12 19.40 25.17
C GLU C 311 -41.49 18.54 23.96
N GLY C 312 -40.89 18.85 22.81
CA GLY C 312 -41.09 18.10 21.57
C GLY C 312 -40.70 16.65 21.77
N LEU C 313 -39.54 16.41 22.44
CA LEU C 313 -39.03 15.09 22.77
C LEU C 313 -39.97 14.35 23.71
N LYS C 314 -40.46 15.02 24.78
CA LYS C 314 -41.40 14.42 25.72
C LYS C 314 -42.64 13.88 25.00
N GLN C 315 -43.22 14.71 24.09
CA GLN C 315 -44.38 14.38 23.25
C GLN C 315 -44.13 13.11 22.43
N ARG C 316 -42.85 12.89 22.03
CA ARG C 316 -42.39 11.77 21.22
C ARG C 316 -41.91 10.59 22.06
N ASN C 317 -41.84 10.78 23.40
CA ASN C 317 -41.35 9.82 24.39
C ASN C 317 -39.84 9.62 24.27
N LEU C 318 -39.16 10.67 23.82
CA LEU C 318 -37.72 10.66 23.59
C LEU C 318 -36.92 11.43 24.65
N HIS C 319 -37.60 12.15 25.55
CA HIS C 319 -36.97 12.95 26.59
C HIS C 319 -36.00 12.16 27.52
N ASN C 320 -36.26 10.85 27.72
CA ASN C 320 -35.39 9.98 28.52
C ASN C 320 -34.68 8.95 27.63
N CYS C 321 -34.62 9.25 26.32
CA CYS C 321 -33.98 8.44 25.31
C CYS C 321 -32.78 9.22 24.77
N VAL C 322 -33.01 10.39 24.20
CA VAL C 322 -31.96 11.21 23.61
C VAL C 322 -30.92 11.62 24.64
N ASN C 323 -29.64 11.45 24.31
CA ASN C 323 -28.48 11.91 25.09
C ASN C 323 -28.15 13.28 24.48
N ILE C 324 -28.44 14.34 25.24
CA ILE C 324 -28.23 15.71 24.80
C ILE C 324 -27.07 16.33 25.55
N ILE C 325 -26.13 16.92 24.80
CA ILE C 325 -24.97 17.65 25.33
C ILE C 325 -25.14 19.10 24.91
N VAL C 326 -25.08 20.03 25.88
CA VAL C 326 -25.17 21.47 25.66
C VAL C 326 -23.86 22.12 26.08
N LEU C 327 -23.35 22.99 25.22
CA LEU C 327 -22.12 23.71 25.48
C LEU C 327 -22.52 25.17 25.58
N ALA C 328 -22.44 25.76 26.77
CA ALA C 328 -22.84 27.15 26.91
C ALA C 328 -21.63 28.09 27.11
N ASP C 329 -21.18 28.71 26.00
CA ASP C 329 -20.04 29.64 25.98
C ASP C 329 -20.36 30.93 26.72
N HIS C 330 -19.68 31.10 27.86
CA HIS C 330 -19.79 32.22 28.77
C HIS C 330 -18.74 33.30 28.49
N GLY C 331 -17.95 33.09 27.45
CA GLY C 331 -16.89 33.99 27.04
C GLY C 331 -17.38 35.39 26.73
N MET C 332 -16.57 36.39 27.11
CA MET C 332 -16.87 37.81 26.88
C MET C 332 -15.69 38.50 26.22
N ASP C 333 -15.98 39.52 25.38
CA ASP C 333 -14.94 40.35 24.73
C ASP C 333 -14.21 41.20 25.80
N GLN C 334 -13.03 40.73 26.21
CA GLN C 334 -12.19 41.37 27.22
C GLN C 334 -11.22 42.40 26.62
N THR C 335 -11.41 42.72 25.32
CA THR C 335 -10.58 43.66 24.57
C THR C 335 -11.11 45.10 24.67
N SER C 336 -10.22 46.08 24.46
CA SER C 336 -10.50 47.52 24.44
C SER C 336 -9.53 48.13 23.45
N CYS C 337 -9.81 49.33 22.98
CA CYS C 337 -8.89 50.02 22.09
C CYS C 337 -7.71 50.63 22.91
N ASP C 338 -7.85 50.67 24.27
CA ASP C 338 -6.84 51.18 25.20
C ASP C 338 -5.79 50.06 25.49
N ARG C 339 -6.22 48.79 25.36
CA ARG C 339 -5.39 47.60 25.57
C ARG C 339 -4.95 46.99 24.22
N VAL C 340 -4.13 47.75 23.45
CA VAL C 340 -3.61 47.33 22.15
C VAL C 340 -2.12 47.68 22.05
N GLU C 341 -1.30 46.69 21.62
CA GLU C 341 0.14 46.84 21.37
C GLU C 341 0.34 47.02 19.88
N TYR C 342 1.20 47.96 19.46
CA TYR C 342 1.44 48.20 18.04
C TYR C 342 2.88 47.94 17.68
N MET C 343 3.10 47.25 16.56
CA MET C 343 4.43 46.87 16.07
C MET C 343 5.26 48.06 15.64
N THR C 344 4.60 49.18 15.32
CA THR C 344 5.22 50.45 14.96
C THR C 344 6.19 50.94 16.05
N ASP C 345 5.86 50.63 17.33
CA ASP C 345 6.63 50.97 18.53
C ASP C 345 7.90 50.13 18.65
N TYR C 346 7.95 49.00 17.94
CA TYR C 346 9.07 48.07 18.00
C TYR C 346 9.91 48.06 16.71
N PHE C 347 9.30 48.47 15.58
CA PHE C 347 9.98 48.51 14.30
C PHE C 347 9.95 49.88 13.63
N PRO C 348 11.11 50.36 13.12
CA PRO C 348 11.12 51.64 12.38
C PRO C 348 10.36 51.51 11.05
N GLU C 349 10.39 50.28 10.48
CA GLU C 349 9.72 49.90 9.24
C GLU C 349 9.08 48.50 9.37
N ILE C 350 7.87 48.35 8.84
CA ILE C 350 7.11 47.10 8.84
C ILE C 350 6.86 46.66 7.39
N ASN C 351 7.55 45.61 6.96
CA ASN C 351 7.40 45.06 5.61
C ASN C 351 6.88 43.61 5.61
N PHE C 352 6.50 43.13 6.79
CA PHE C 352 5.97 41.80 6.97
C PHE C 352 4.44 41.87 7.03
N TYR C 353 3.78 40.73 6.78
CA TYR C 353 2.34 40.58 6.93
C TYR C 353 2.13 40.05 8.33
N MET C 354 1.12 40.59 9.02
CA MET C 354 0.77 40.18 10.37
C MET C 354 -0.71 39.80 10.47
N TYR C 355 -0.97 38.59 11.00
CA TYR C 355 -2.30 38.09 11.30
C TYR C 355 -2.50 38.69 12.67
N GLN C 356 -3.42 39.65 12.77
CA GLN C 356 -3.61 40.43 13.99
C GLN C 356 -4.60 39.88 15.01
N GLY C 357 -4.63 40.53 16.18
CA GLY C 357 -5.54 40.17 17.25
C GLY C 357 -4.90 39.54 18.46
N PRO C 358 -5.53 38.46 19.00
CA PRO C 358 -5.03 37.85 20.25
C PRO C 358 -4.00 36.74 20.14
N ALA C 359 -3.89 36.07 18.97
CA ALA C 359 -2.90 35.02 18.74
C ALA C 359 -2.17 35.37 17.43
N PRO C 360 -1.39 36.50 17.42
CA PRO C 360 -0.75 36.97 16.19
C PRO C 360 0.33 36.07 15.64
N ARG C 361 0.49 36.13 14.30
CA ARG C 361 1.49 35.38 13.54
C ARG C 361 2.03 36.34 12.48
N ILE C 362 3.36 36.36 12.28
CA ILE C 362 4.01 37.23 11.30
C ILE C 362 4.64 36.40 10.15
N ARG C 363 4.48 36.87 8.89
CA ARG C 363 5.01 36.22 7.68
C ARG C 363 5.48 37.26 6.66
N THR C 364 6.12 36.80 5.57
CA THR C 364 6.54 37.68 4.47
C THR C 364 5.30 38.10 3.65
N ARG C 365 5.40 39.22 2.95
CA ARG C 365 4.33 39.65 2.07
C ARG C 365 4.51 38.92 0.73
N ASN C 366 5.79 38.66 0.37
CA ASN C 366 6.17 37.97 -0.87
C ASN C 366 5.99 36.44 -0.76
N ILE C 367 4.72 36.03 -0.87
CA ILE C 367 4.28 34.64 -0.81
C ILE C 367 3.89 34.14 -2.21
N PRO C 368 4.27 32.91 -2.63
CA PRO C 368 5.00 31.87 -1.88
C PRO C 368 6.51 32.01 -1.89
N GLN C 369 7.04 32.71 -2.90
CA GLN C 369 8.47 32.94 -3.20
C GLN C 369 9.39 33.01 -1.97
N ASP C 370 9.10 33.91 -0.99
CA ASP C 370 9.97 34.10 0.17
C ASP C 370 9.53 33.45 1.48
N PHE C 371 8.42 32.68 1.45
CA PHE C 371 7.82 32.05 2.62
C PHE C 371 8.80 31.35 3.56
N PHE C 372 9.69 30.52 3.02
CA PHE C 372 10.64 29.76 3.85
C PHE C 372 11.95 30.50 4.10
N THR C 373 12.28 31.50 3.25
CA THR C 373 13.50 32.30 3.39
C THR C 373 13.37 33.39 4.45
N PHE C 374 12.13 33.91 4.66
CA PHE C 374 11.78 34.98 5.62
C PHE C 374 12.51 34.79 6.94
N ASN C 375 13.20 35.85 7.43
CA ASN C 375 13.94 35.78 8.69
C ASN C 375 13.01 35.87 9.88
N SER C 376 12.44 34.73 10.26
CA SER C 376 11.52 34.61 11.36
C SER C 376 12.25 34.81 12.69
N GLU C 377 13.51 34.29 12.77
CA GLU C 377 14.36 34.35 13.95
C GLU C 377 14.67 35.78 14.33
N GLU C 378 14.92 36.64 13.32
CA GLU C 378 15.21 38.07 13.51
C GLU C 378 14.01 38.78 14.12
N ILE C 379 12.79 38.47 13.63
CA ILE C 379 11.55 39.09 14.13
C ILE C 379 11.39 38.83 15.64
N VAL C 380 11.49 37.55 16.07
CA VAL C 380 11.36 37.19 17.49
C VAL C 380 12.41 37.91 18.34
N ARG C 381 13.64 38.01 17.83
CA ARG C 381 14.76 38.67 18.47
C ARG C 381 14.49 40.17 18.63
N ASP C 382 14.06 40.82 17.54
CA ASP C 382 13.76 42.25 17.51
C ASP C 382 12.52 42.64 18.33
N LEU C 383 11.73 41.67 18.75
CA LEU C 383 10.55 41.91 19.57
C LEU C 383 10.75 41.41 21.02
N SER C 384 11.92 40.78 21.29
CA SER C 384 12.25 40.21 22.60
C SER C 384 12.81 41.21 23.60
N CYS C 385 12.18 41.27 24.79
CA CYS C 385 12.54 42.14 25.93
C CYS C 385 12.80 43.57 25.48
N ARG C 386 11.82 44.14 24.76
CA ARG C 386 11.93 45.48 24.23
C ARG C 386 11.41 46.53 25.20
N LYS C 387 10.31 46.22 25.89
CA LYS C 387 9.71 47.08 26.91
C LYS C 387 9.51 46.26 28.19
N SER C 388 9.58 46.92 29.36
CA SER C 388 9.42 46.28 30.66
C SER C 388 7.95 45.91 30.90
N ASP C 389 7.04 46.77 30.43
CA ASP C 389 5.58 46.62 30.56
C ASP C 389 4.97 45.77 29.45
N GLN C 390 5.72 45.61 28.30
CA GLN C 390 5.39 44.86 27.08
C GLN C 390 4.33 43.80 27.34
N HIS C 391 3.16 43.97 26.72
CA HIS C 391 2.00 43.11 26.91
C HIS C 391 1.88 41.94 25.91
N PHE C 392 3.05 41.39 25.45
CA PHE C 392 3.18 40.21 24.55
C PHE C 392 4.58 39.60 24.66
N LYS C 393 4.73 38.34 24.20
CA LYS C 393 6.01 37.65 24.16
C LYS C 393 6.21 36.94 22.81
N PRO C 394 7.15 37.40 21.95
CA PRO C 394 7.38 36.69 20.67
C PRO C 394 8.01 35.33 20.90
N TYR C 395 7.67 34.38 20.04
CA TYR C 395 8.18 33.02 20.07
C TYR C 395 8.32 32.50 18.66
N LEU C 396 9.26 31.58 18.45
CA LEU C 396 9.33 30.81 17.23
C LEU C 396 8.44 29.65 17.65
N THR C 397 7.58 29.15 16.75
CA THR C 397 6.61 28.12 17.11
C THR C 397 7.23 26.90 17.91
N PRO C 398 8.43 26.35 17.59
CA PRO C 398 8.95 25.25 18.44
C PRO C 398 9.27 25.64 19.88
N ASP C 399 9.56 26.93 20.12
CA ASP C 399 9.86 27.47 21.45
C ASP C 399 8.60 27.78 22.30
N LEU C 400 7.42 27.72 21.67
CA LEU C 400 6.14 27.97 22.34
C LEU C 400 5.88 26.88 23.39
N PRO C 401 5.14 27.20 24.51
CA PRO C 401 4.79 26.17 25.51
C PRO C 401 4.23 24.91 24.85
N LYS C 402 4.84 23.73 25.19
CA LYS C 402 4.48 22.44 24.58
C LYS C 402 3.00 22.03 24.72
N ARG C 403 2.36 22.45 25.84
CA ARG C 403 0.96 22.15 26.13
C ARG C 403 0.00 22.68 25.05
N LEU C 404 0.39 23.77 24.36
CA LEU C 404 -0.41 24.42 23.33
C LEU C 404 -0.56 23.59 22.07
N HIS C 405 0.45 22.77 21.70
CA HIS C 405 0.43 21.93 20.48
C HIS C 405 0.07 22.78 19.27
N TYR C 406 0.85 23.83 19.06
CA TYR C 406 0.56 24.81 18.01
C TYR C 406 1.81 25.14 17.23
N ALA C 407 2.30 24.14 16.49
CA ALA C 407 3.53 24.34 15.71
C ALA C 407 3.63 23.48 14.46
N LYS C 408 3.19 22.20 14.55
CA LYS C 408 3.30 21.23 13.45
C LYS C 408 2.20 21.34 12.37
N ASN C 409 2.31 22.41 11.55
CA ASN C 409 1.46 22.72 10.39
C ASN C 409 2.10 23.90 9.65
N VAL C 410 2.23 23.79 8.28
CA VAL C 410 2.81 24.85 7.45
C VAL C 410 2.03 26.16 7.60
N ARG C 411 0.69 26.04 7.81
CA ARG C 411 -0.28 27.10 8.02
C ARG C 411 0.08 27.94 9.24
N ILE C 412 0.75 27.32 10.25
CA ILE C 412 1.21 27.99 11.48
C ILE C 412 2.56 28.59 11.22
N ASP C 413 2.57 29.92 11.02
CA ASP C 413 3.76 30.71 10.75
C ASP C 413 4.71 30.61 11.95
N LYS C 414 6.03 30.46 11.67
CA LYS C 414 7.09 30.34 12.67
C LYS C 414 7.06 31.44 13.70
N VAL C 415 6.83 32.69 13.25
CA VAL C 415 6.71 33.82 14.15
C VAL C 415 5.35 33.78 14.80
N HIS C 416 5.34 33.74 16.14
CA HIS C 416 4.09 33.76 16.87
C HIS C 416 4.24 34.67 18.07
N LEU C 417 3.20 35.47 18.36
CA LEU C 417 3.19 36.39 19.50
C LEU C 417 2.22 35.89 20.53
N MET C 418 2.67 35.82 21.77
CA MET C 418 1.81 35.41 22.87
C MET C 418 1.35 36.68 23.55
N VAL C 419 0.14 37.12 23.23
CA VAL C 419 -0.41 38.35 23.77
C VAL C 419 -1.03 38.05 25.12
N ASP C 420 -0.88 38.98 26.07
CA ASP C 420 -1.48 38.92 27.42
C ASP C 420 -3.00 38.90 27.30
N ARG C 421 -3.69 38.34 28.31
CA ARG C 421 -5.15 38.33 28.35
C ARG C 421 -5.63 39.79 28.39
N GLN C 422 -6.75 40.10 27.70
CA GLN C 422 -7.35 41.45 27.59
C GLN C 422 -6.61 42.40 26.60
N TRP C 423 -5.42 41.98 26.13
CA TRP C 423 -4.61 42.73 25.18
C TRP C 423 -4.68 42.16 23.78
N LEU C 424 -4.40 43.02 22.78
CA LEU C 424 -4.37 42.69 21.36
C LEU C 424 -3.10 43.27 20.73
N ALA C 425 -2.63 42.67 19.62
CA ALA C 425 -1.45 43.17 18.91
C ALA C 425 -1.80 43.41 17.45
N TYR C 426 -1.37 44.57 16.93
CA TYR C 426 -1.66 45.03 15.58
C TYR C 426 -0.46 45.60 14.87
N ARG C 427 -0.53 45.60 13.53
CA ARG C 427 0.51 46.12 12.63
C ARG C 427 0.82 47.58 12.97
N ASN C 428 -0.20 48.45 12.87
CA ASN C 428 -0.14 49.90 13.13
C ASN C 428 -1.50 50.35 13.69
N LYS C 429 -1.63 51.66 13.97
CA LYS C 429 -2.92 52.20 14.42
C LYS C 429 -3.80 52.45 13.19
N GLY C 430 -4.79 51.57 13.02
CA GLY C 430 -5.75 51.55 11.92
C GLY C 430 -6.51 50.23 11.82
N SER C 447 -12.83 34.60 22.78
CA SER C 447 -12.28 33.37 23.40
C SER C 447 -13.33 32.45 24.06
N MET C 448 -13.54 31.22 23.48
CA MET C 448 -14.52 30.20 23.89
C MET C 448 -14.29 29.73 25.33
N GLU C 449 -15.26 30.01 26.21
CA GLU C 449 -15.28 29.69 27.65
C GLU C 449 -16.62 28.99 27.97
N ALA C 450 -16.81 27.77 27.44
CA ALA C 450 -18.07 27.03 27.62
C ALA C 450 -18.16 26.08 28.83
N ILE C 451 -19.38 25.96 29.33
CA ILE C 451 -19.78 25.06 30.40
C ILE C 451 -20.43 23.82 29.71
N PHE C 452 -19.91 22.63 30.03
CA PHE C 452 -20.37 21.38 29.46
C PHE C 452 -21.55 20.87 30.27
N LEU C 453 -22.68 20.60 29.60
CA LEU C 453 -23.91 20.10 30.22
C LEU C 453 -24.39 18.87 29.46
N ALA C 454 -24.76 17.82 30.19
CA ALA C 454 -25.19 16.58 29.55
C ALA C 454 -26.31 15.93 30.31
N HIS C 455 -27.29 15.47 29.56
CA HIS C 455 -28.47 14.81 30.09
C HIS C 455 -28.81 13.67 29.17
N GLY C 456 -29.25 12.57 29.73
CA GLY C 456 -29.58 11.41 28.92
C GLY C 456 -29.35 10.10 29.65
N PRO C 457 -29.94 9.01 29.10
CA PRO C 457 -29.82 7.71 29.78
C PRO C 457 -28.42 7.11 29.86
N SER C 458 -27.49 7.52 28.97
CA SER C 458 -26.12 6.98 28.97
C SER C 458 -25.20 7.70 29.99
N PHE C 459 -25.61 8.94 30.39
CA PHE C 459 -24.90 9.83 31.30
C PHE C 459 -25.30 9.69 32.75
N LYS C 460 -24.31 9.93 33.66
CA LYS C 460 -24.45 9.93 35.12
C LYS C 460 -25.42 11.05 35.51
N GLU C 461 -26.25 10.79 36.54
CA GLU C 461 -27.27 11.74 36.98
C GLU C 461 -26.82 12.57 38.16
N LYS C 462 -27.24 13.87 38.18
CA LYS C 462 -26.98 14.83 39.26
C LYS C 462 -25.52 14.76 39.74
N THR C 463 -24.58 14.96 38.77
CA THR C 463 -23.13 14.86 38.98
C THR C 463 -22.40 16.12 38.48
N VAL C 464 -21.44 16.61 39.29
CA VAL C 464 -20.59 17.74 38.92
C VAL C 464 -19.28 17.09 38.51
N ILE C 465 -18.85 17.35 37.25
CA ILE C 465 -17.61 16.74 36.79
C ILE C 465 -16.50 17.83 36.64
N GLU C 466 -15.27 17.40 36.93
CA GLU C 466 -14.06 18.20 36.93
C GLU C 466 -13.73 18.68 35.53
N PRO C 467 -13.30 19.96 35.36
CA PRO C 467 -12.98 20.48 34.02
C PRO C 467 -12.11 19.56 33.14
N PHE C 468 -12.30 19.64 31.83
CA PHE C 468 -11.56 18.80 30.88
C PHE C 468 -11.34 19.50 29.53
N GLU C 469 -10.30 19.04 28.80
CA GLU C 469 -9.96 19.61 27.51
C GLU C 469 -11.05 19.14 26.51
N ASN C 470 -11.39 20.00 25.53
CA ASN C 470 -12.43 19.72 24.54
C ASN C 470 -11.96 18.72 23.47
N ILE C 471 -10.71 18.26 23.53
CA ILE C 471 -10.20 17.24 22.59
C ILE C 471 -10.70 15.80 22.97
N GLU C 472 -11.21 15.68 24.21
CA GLU C 472 -11.69 14.44 24.81
C GLU C 472 -13.13 14.08 24.41
N VAL C 473 -13.94 15.11 24.07
CA VAL C 473 -15.36 15.01 23.70
C VAL C 473 -15.62 14.05 22.53
N TYR C 474 -14.77 14.12 21.45
CA TYR C 474 -14.92 13.26 20.26
C TYR C 474 -15.00 11.73 20.59
N ASN C 475 -14.12 11.21 21.48
CA ASN C 475 -14.16 9.81 21.93
C ASN C 475 -15.50 9.51 22.63
N LEU C 476 -16.00 10.49 23.44
CA LEU C 476 -17.25 10.36 24.17
C LEU C 476 -18.40 10.26 23.20
N LEU C 477 -18.40 11.12 22.15
CA LEU C 477 -19.44 11.11 21.13
C LEU C 477 -19.52 9.74 20.45
N CYS C 478 -18.33 9.15 20.16
CA CYS C 478 -18.17 7.83 19.57
C CYS C 478 -18.69 6.79 20.55
N ASP C 479 -18.39 6.98 21.84
CA ASP C 479 -18.83 6.06 22.88
C ASP C 479 -20.33 6.02 22.89
N LEU C 480 -20.98 7.21 22.96
CA LEU C 480 -22.43 7.41 23.03
C LEU C 480 -23.11 6.83 21.82
N LEU C 481 -22.44 6.92 20.64
CA LEU C 481 -23.00 6.43 19.37
C LEU C 481 -22.64 4.97 19.07
N HIS C 482 -21.86 4.33 19.96
CA HIS C 482 -21.41 2.94 19.85
C HIS C 482 -20.60 2.68 18.56
N ILE C 483 -19.68 3.60 18.26
CA ILE C 483 -18.82 3.56 17.06
C ILE C 483 -17.38 3.77 17.48
N GLN C 484 -16.44 3.24 16.68
CA GLN C 484 -15.01 3.36 16.96
C GLN C 484 -14.46 4.73 16.55
N PRO C 485 -13.78 5.45 17.45
CA PRO C 485 -13.22 6.75 17.05
C PRO C 485 -12.11 6.59 16.05
N ALA C 486 -11.94 7.62 15.21
CA ALA C 486 -10.88 7.69 14.22
C ALA C 486 -9.65 8.17 15.03
N PRO C 487 -8.38 7.96 14.57
CA PRO C 487 -7.22 8.44 15.37
C PRO C 487 -7.31 9.93 15.76
N ASN C 488 -7.28 10.22 17.09
CA ASN C 488 -7.41 11.60 17.57
C ASN C 488 -6.42 11.89 18.66
N ASN C 489 -6.54 13.05 19.33
CA ASN C 489 -5.61 13.46 20.40
C ASN C 489 -6.22 13.30 21.81
N GLY C 490 -7.43 12.75 21.82
CA GLY C 490 -8.15 12.47 23.04
C GLY C 490 -7.80 11.10 23.56
N SER C 491 -7.44 11.05 24.85
CA SER C 491 -7.15 9.83 25.58
C SER C 491 -8.48 9.08 25.77
N HIS C 492 -8.62 7.93 25.07
CA HIS C 492 -9.84 7.11 25.13
C HIS C 492 -10.02 6.39 26.46
N GLY C 493 -11.07 6.80 27.16
CA GLY C 493 -11.46 6.32 28.48
C GLY C 493 -11.38 7.40 29.55
N SER C 494 -10.77 8.58 29.23
CA SER C 494 -10.61 9.73 30.15
C SER C 494 -11.96 10.13 30.78
N LEU C 495 -12.96 10.44 29.89
CA LEU C 495 -14.34 10.84 30.23
C LEU C 495 -15.32 9.70 30.53
N ASN C 496 -14.81 8.47 30.77
CA ASN C 496 -15.66 7.34 31.12
C ASN C 496 -16.50 7.64 32.37
N HIS C 497 -16.00 8.51 33.28
CA HIS C 497 -16.65 8.93 34.53
C HIS C 497 -17.95 9.70 34.31
N LEU C 498 -18.18 10.16 33.07
CA LEU C 498 -19.39 10.88 32.67
C LEU C 498 -20.48 9.90 32.27
N LEU C 499 -20.10 8.61 32.11
CA LEU C 499 -21.00 7.56 31.63
C LEU C 499 -21.42 6.56 32.66
N LYS C 500 -22.72 6.18 32.59
CA LYS C 500 -23.38 5.19 33.44
C LYS C 500 -22.75 3.80 33.18
N ALA C 501 -22.62 3.41 31.90
CA ALA C 501 -22.00 2.15 31.51
C ALA C 501 -21.09 2.40 30.32
N PRO C 502 -19.80 2.69 30.60
CA PRO C 502 -18.86 3.02 29.52
C PRO C 502 -18.74 1.95 28.43
N PHE C 503 -18.77 2.39 27.17
CA PHE C 503 -18.73 1.54 25.99
C PHE C 503 -17.32 1.01 25.72
N TYR C 504 -16.27 1.77 26.14
CA TYR C 504 -14.88 1.36 25.92
C TYR C 504 -14.10 1.26 27.22
N GLN C 505 -13.48 0.12 27.50
CA GLN C 505 -12.71 -0.07 28.71
C GLN C 505 -11.22 0.05 28.44
N PRO C 506 -10.59 1.16 28.88
CA PRO C 506 -9.18 1.39 28.56
C PRO C 506 -8.18 0.53 29.29
N SER C 507 -7.12 0.16 28.57
CA SER C 507 -6.03 -0.62 29.13
C SER C 507 -4.72 0.15 29.05
N HIS C 508 -3.87 -0.03 30.07
CA HIS C 508 -2.56 0.62 30.18
C HIS C 508 -1.72 0.24 28.97
N ALA C 509 -0.92 1.20 28.47
CA ALA C 509 -0.07 1.02 27.30
C ALA C 509 0.89 -0.14 27.51
N GLU C 510 1.01 -1.02 26.52
CA GLU C 510 1.91 -2.19 26.63
C GLU C 510 3.36 -1.78 26.31
N GLU C 511 4.30 -2.09 27.24
CA GLU C 511 5.74 -1.79 27.13
C GLU C 511 6.30 -2.60 25.96
N LEU C 512 7.10 -1.96 25.11
CA LEU C 512 7.60 -2.57 23.88
C LEU C 512 9.05 -2.99 23.94
N SER C 513 9.75 -2.66 25.06
CA SER C 513 11.17 -3.02 25.27
C SER C 513 11.42 -3.24 26.76
N LYS C 514 11.88 -4.45 27.13
CA LYS C 514 12.16 -4.89 28.51
C LYS C 514 13.56 -4.48 28.98
N SER C 515 13.70 -4.10 30.26
CA SER C 515 15.00 -3.72 30.82
C SER C 515 15.97 -4.90 30.74
N ALA C 516 17.24 -4.59 30.43
CA ALA C 516 18.27 -5.62 30.26
C ALA C 516 19.64 -5.11 30.65
N GLY C 517 20.43 -6.00 31.23
CA GLY C 517 21.80 -5.73 31.65
C GLY C 517 21.87 -4.85 32.89
N CYS C 518 22.89 -3.96 32.93
CA CYS C 518 23.16 -3.01 34.01
C CYS C 518 23.50 -3.70 35.34
N GLY C 519 23.68 -5.03 35.31
CA GLY C 519 24.01 -5.86 36.47
C GLY C 519 25.29 -5.47 37.17
N PHE C 520 25.33 -5.63 38.51
CA PHE C 520 26.50 -5.33 39.33
C PHE C 520 27.55 -6.44 39.09
N THR C 521 28.81 -6.05 38.84
CA THR C 521 29.84 -7.03 38.50
C THR C 521 31.15 -6.80 39.28
N THR C 522 31.70 -5.56 39.23
CA THR C 522 32.94 -5.21 39.95
C THR C 522 32.78 -3.88 40.70
N PRO C 523 33.45 -3.68 41.87
CA PRO C 523 33.33 -2.40 42.57
C PRO C 523 34.39 -1.37 42.10
N LEU C 524 35.20 -1.77 41.11
CA LEU C 524 36.24 -0.93 40.49
C LEU C 524 35.93 -0.83 38.98
N PRO C 525 36.00 0.37 38.38
CA PRO C 525 35.66 0.49 36.95
C PRO C 525 36.81 0.16 36.01
N LYS C 526 36.45 -0.38 34.83
CA LYS C 526 37.38 -0.77 33.76
C LYS C 526 38.08 0.47 33.16
N ASP C 527 37.27 1.40 32.60
CA ASP C 527 37.67 2.66 31.98
C ASP C 527 37.31 3.78 32.98
N SER C 528 38.26 4.67 33.27
CA SER C 528 38.10 5.82 34.18
C SER C 528 37.14 6.90 33.62
N LEU C 529 37.02 6.92 32.26
CA LEU C 529 36.21 7.82 31.43
C LEU C 529 36.66 9.27 31.56
N ASN C 530 37.98 9.49 31.77
CA ASN C 530 38.63 10.79 31.94
C ASN C 530 37.98 11.64 33.06
N CYS C 531 37.63 10.97 34.18
CA CYS C 531 37.04 11.61 35.37
C CYS C 531 38.03 11.62 36.55
N ASN C 546 31.61 2.60 45.78
CA ASN C 546 31.02 1.89 44.65
C ASN C 546 30.41 0.53 45.03
N GLN C 547 30.16 0.32 46.33
CA GLN C 547 29.47 -0.84 46.90
C GLN C 547 28.02 -0.45 47.26
N ARG C 548 27.79 0.86 47.48
CA ARG C 548 26.48 1.48 47.78
C ARG C 548 25.53 1.35 46.57
N LEU C 549 26.08 0.98 45.39
CA LEU C 549 25.37 0.77 44.13
C LEU C 549 24.94 -0.70 44.01
N ASN C 550 25.45 -1.56 44.93
CA ASN C 550 25.12 -2.99 45.03
C ASN C 550 24.05 -3.19 46.11
N LEU C 551 22.78 -3.11 45.69
CA LEU C 551 21.60 -3.26 46.54
C LEU C 551 21.17 -4.73 46.54
N ASN C 552 20.83 -5.28 47.73
CA ASN C 552 20.34 -6.66 47.86
C ASN C 552 18.84 -6.70 47.50
N ARG C 553 18.25 -7.92 47.34
CA ARG C 553 16.82 -8.11 47.00
C ARG C 553 15.88 -7.32 47.92
N GLY C 554 16.24 -7.24 49.21
CA GLY C 554 15.52 -6.50 50.23
C GLY C 554 15.69 -5.00 50.11
N GLU C 555 16.93 -4.55 49.81
CA GLU C 555 17.29 -3.14 49.62
C GLU C 555 16.66 -2.57 48.35
N VAL C 556 16.55 -3.42 47.30
CA VAL C 556 15.94 -3.12 46.00
C VAL C 556 14.44 -2.87 46.22
N SER C 557 13.78 -3.81 46.93
CA SER C 557 12.36 -3.73 47.25
C SER C 557 12.03 -2.45 48.03
N ALA C 558 12.94 -2.04 48.93
CA ALA C 558 12.81 -0.84 49.76
C ALA C 558 12.76 0.44 48.93
N THR C 559 13.72 0.63 48.00
CA THR C 559 13.77 1.82 47.13
C THR C 559 12.59 1.79 46.16
N GLU C 560 12.26 0.61 45.62
CA GLU C 560 11.13 0.43 44.71
C GLU C 560 9.85 0.91 45.38
N LYS C 561 9.64 0.53 46.66
CA LYS C 561 8.45 0.92 47.45
C LYS C 561 8.34 2.44 47.63
N THR C 562 9.47 3.07 47.99
CA THR C 562 9.61 4.49 48.30
C THR C 562 9.69 5.40 47.03
N ASN C 563 10.74 5.22 46.20
CA ASN C 563 11.02 6.03 45.02
C ASN C 563 10.26 5.63 43.73
N LEU C 564 9.66 4.42 43.65
CA LEU C 564 8.81 4.00 42.50
C LEU C 564 7.44 3.52 43.04
N PRO C 565 6.67 4.38 43.76
CA PRO C 565 5.44 3.89 44.37
C PRO C 565 4.35 3.53 43.38
N PHE C 566 4.15 4.46 42.43
CA PHE C 566 3.17 4.37 41.39
C PHE C 566 3.60 3.33 40.36
N GLY C 567 4.75 2.73 40.60
CA GLY C 567 5.35 1.75 39.73
C GLY C 567 6.46 2.43 38.98
N ARG C 568 6.97 1.79 37.94
CA ARG C 568 8.03 2.38 37.13
C ARG C 568 7.49 2.80 35.77
N PRO C 569 8.05 3.88 35.17
CA PRO C 569 7.63 4.26 33.81
C PRO C 569 7.90 3.12 32.84
N ARG C 570 6.93 2.82 31.98
CA ARG C 570 7.06 1.77 30.99
C ARG C 570 7.48 2.37 29.65
N VAL C 571 8.43 1.70 28.99
CA VAL C 571 9.01 2.13 27.72
C VAL C 571 8.15 1.68 26.56
N ILE C 572 7.34 2.60 26.08
CA ILE C 572 6.45 2.35 24.96
C ILE C 572 7.16 2.80 23.67
N GLN C 573 8.29 2.16 23.38
CA GLN C 573 9.16 2.41 22.22
C GLN C 573 9.72 1.05 21.82
N LYS C 574 9.50 0.61 20.56
CA LYS C 574 10.06 -0.68 20.15
C LYS C 574 11.60 -0.58 19.95
N ASN C 575 12.36 -1.62 20.39
CA ASN C 575 13.82 -1.73 20.27
C ASN C 575 14.58 -0.59 20.98
N LYS C 576 14.04 -0.08 22.10
CA LYS C 576 14.71 0.95 22.90
C LYS C 576 15.56 0.26 23.99
N ASP C 577 16.90 0.15 23.78
CA ASP C 577 17.78 -0.51 24.75
C ASP C 577 18.00 0.29 26.01
N HIS C 578 17.46 -0.22 27.11
CA HIS C 578 17.52 0.42 28.40
C HIS C 578 17.75 -0.58 29.53
N CYS C 579 17.97 -0.05 30.74
CA CYS C 579 18.14 -0.80 31.99
C CYS C 579 17.81 0.07 33.18
N LEU C 580 17.34 -0.54 34.26
CA LEU C 580 17.04 0.19 35.48
C LEU C 580 18.25 0.20 36.38
N LEU C 581 18.40 1.28 37.14
CA LEU C 581 19.50 1.47 38.08
C LEU C 581 18.91 1.71 39.46
N TYR C 582 19.24 0.83 40.39
CA TYR C 582 18.68 0.88 41.73
C TYR C 582 19.67 1.47 42.73
N HIS C 583 19.26 2.59 43.39
CA HIS C 583 20.02 3.33 44.42
C HIS C 583 19.12 3.52 45.62
N ARG C 584 19.70 3.85 46.76
CA ARG C 584 18.97 4.06 48.01
C ARG C 584 17.97 5.20 47.96
N GLU C 585 18.41 6.35 47.44
CA GLU C 585 17.63 7.59 47.35
C GLU C 585 16.88 7.81 46.03
N TYR C 586 17.16 7.00 44.97
CA TYR C 586 16.54 7.14 43.65
C TYR C 586 16.70 5.90 42.72
N VAL C 587 15.86 5.83 41.65
CA VAL C 587 15.88 4.78 40.62
C VAL C 587 15.72 5.46 39.24
N SER C 588 16.45 5.00 38.21
CA SER C 588 16.40 5.58 36.87
C SER C 588 16.40 4.53 35.76
N GLY C 589 15.76 4.88 34.64
CA GLY C 589 15.71 4.06 33.43
C GLY C 589 16.69 4.59 32.40
N PHE C 590 17.92 4.02 32.38
CA PHE C 590 19.05 4.45 31.56
C PHE C 590 18.95 4.11 30.07
N GLY C 591 18.97 5.15 29.24
CA GLY C 591 18.96 5.04 27.79
C GLY C 591 20.36 4.76 27.29
N LYS C 592 20.63 3.48 26.95
CA LYS C 592 21.97 3.02 26.54
C LYS C 592 22.54 3.73 25.28
N ALA C 593 21.74 3.82 24.21
CA ALA C 593 22.14 4.46 22.96
C ALA C 593 22.37 5.96 23.13
N MET C 594 21.57 6.63 23.99
CA MET C 594 21.73 8.05 24.25
C MET C 594 22.72 8.32 25.40
N LYS C 595 23.23 7.23 26.04
CA LYS C 595 24.25 7.26 27.12
C LYS C 595 23.85 8.14 28.33
N MET C 596 22.53 8.32 28.54
CA MET C 596 21.98 9.13 29.64
C MET C 596 20.59 8.58 30.06
N PRO C 597 20.08 8.85 31.29
CA PRO C 597 18.74 8.33 31.65
C PRO C 597 17.58 8.81 30.74
N MET C 598 16.45 8.08 30.76
CA MET C 598 15.25 8.44 30.00
C MET C 598 14.30 9.14 31.01
N TRP C 599 14.48 8.76 32.32
CA TRP C 599 13.75 9.19 33.51
C TRP C 599 14.52 8.90 34.79
N SER C 600 14.25 9.66 35.88
CA SER C 600 14.84 9.45 37.20
C SER C 600 13.84 9.77 38.34
N SER C 601 13.35 8.70 38.98
CA SER C 601 12.38 8.74 40.07
C SER C 601 13.04 8.69 41.44
N TYR C 602 12.51 9.53 42.30
CA TYR C 602 12.91 9.73 43.69
C TYR C 602 11.76 10.44 44.37
N THR C 603 11.60 10.24 45.68
CA THR C 603 10.54 10.92 46.38
C THR C 603 11.18 11.76 47.49
N VAL C 604 10.88 13.07 47.50
CA VAL C 604 11.45 14.04 48.43
C VAL C 604 10.61 14.20 49.71
N PRO C 605 11.14 13.90 50.94
CA PRO C 605 10.31 14.03 52.14
C PRO C 605 10.20 15.46 52.66
N LYS C 606 9.09 15.74 53.39
CA LYS C 606 8.79 17.07 53.98
C LYS C 606 9.94 17.61 54.85
N LEU C 621 33.24 13.38 40.65
CA LEU C 621 32.63 12.65 39.54
C LEU C 621 33.40 11.38 39.23
N ARG C 622 32.68 10.28 38.97
CA ARG C 622 33.27 8.96 38.68
C ARG C 622 32.44 8.11 37.73
N ALA C 623 33.06 7.10 37.07
CA ALA C 623 32.40 6.16 36.16
C ALA C 623 31.41 5.26 36.89
N ASP C 624 30.29 4.91 36.25
CA ASP C 624 29.33 4.00 36.87
C ASP C 624 29.77 2.57 36.57
N VAL C 625 30.11 1.81 37.64
CA VAL C 625 30.57 0.42 37.63
C VAL C 625 29.48 -0.61 37.09
N ARG C 626 28.35 -0.11 36.48
CA ARG C 626 27.25 -0.90 35.86
C ARG C 626 27.09 -0.59 34.36
N LYS C 634 31.48 10.22 29.09
CA LYS C 634 32.81 10.52 29.64
C LYS C 634 32.87 11.99 30.06
N CYS C 635 33.67 12.30 31.08
CA CYS C 635 33.86 13.67 31.58
C CYS C 635 34.54 14.53 30.51
N SER C 636 35.38 13.88 29.67
CA SER C 636 36.13 14.42 28.56
C SER C 636 35.26 14.93 27.41
N PHE C 637 33.96 14.60 27.42
CA PHE C 637 33.02 15.03 26.40
C PHE C 637 32.70 16.54 26.50
N TYR C 638 33.04 17.15 27.65
CA TYR C 638 32.80 18.57 27.91
C TYR C 638 34.14 19.35 28.07
N ILE C 644 27.79 24.40 26.56
CA ILE C 644 27.08 23.21 27.05
C ILE C 644 27.98 22.39 28.02
N ASP C 645 27.46 22.14 29.24
CA ASP C 645 28.14 21.43 30.33
C ASP C 645 27.23 20.35 30.92
N HIS C 646 27.81 19.35 31.58
CA HIS C 646 27.06 18.27 32.21
C HIS C 646 26.27 18.79 33.39
N GLY C 647 25.06 18.29 33.56
CA GLY C 647 24.16 18.64 34.66
C GLY C 647 23.70 17.38 35.35
N PHE C 648 23.16 17.52 36.55
CA PHE C 648 22.65 16.36 37.32
C PHE C 648 21.13 16.26 37.21
N LEU C 649 20.61 15.13 36.64
CA LEU C 649 19.17 14.91 36.47
C LEU C 649 18.42 14.78 37.82
N TYR C 650 19.01 14.03 38.77
CA TYR C 650 18.53 13.93 40.15
C TYR C 650 19.49 14.88 40.90
N PRO C 651 19.00 15.83 41.73
CA PRO C 651 19.94 16.73 42.46
C PRO C 651 20.67 15.99 43.60
N PRO C 652 22.02 15.90 43.60
CA PRO C 652 22.70 15.04 44.57
C PRO C 652 22.45 15.33 46.06
N ALA C 653 22.35 16.63 46.42
CA ALA C 653 22.19 17.06 47.80
C ALA C 653 20.74 17.08 48.35
N ILE C 654 19.72 16.80 47.50
CA ILE C 654 18.30 16.84 47.88
C ILE C 654 17.94 15.88 49.03
N LYS C 655 18.52 14.66 49.00
CA LYS C 655 18.34 13.57 49.97
C LYS C 655 19.71 12.93 50.19
N GLN C 661 25.06 11.28 48.52
CA GLN C 661 25.44 12.09 47.35
C GLN C 661 26.30 11.32 46.37
N TYR C 662 27.23 10.46 46.86
CA TYR C 662 28.12 9.64 46.02
C TYR C 662 27.33 8.74 45.05
N ASP C 663 26.11 8.31 45.47
CA ASP C 663 25.17 7.50 44.69
C ASP C 663 24.67 8.27 43.45
N ALA C 664 24.81 9.62 43.44
CA ALA C 664 24.37 10.51 42.35
C ALA C 664 25.54 11.10 41.55
N LEU C 665 26.75 11.17 42.17
CA LEU C 665 27.99 11.71 41.57
C LEU C 665 28.70 10.69 40.64
N ILE C 666 27.92 10.13 39.68
CA ILE C 666 28.30 9.12 38.69
C ILE C 666 27.84 9.50 37.26
N THR C 667 28.59 9.02 36.24
CA THR C 667 28.35 9.22 34.79
C THR C 667 26.93 8.87 34.35
N SER C 668 26.27 7.93 35.04
CA SER C 668 24.90 7.52 34.73
C SER C 668 23.85 8.59 35.09
N ASN C 669 24.22 9.61 35.92
CA ASN C 669 23.31 10.70 36.33
C ASN C 669 23.56 12.01 35.57
N LEU C 670 24.57 12.02 34.68
CA LEU C 670 24.94 13.19 33.91
C LEU C 670 24.08 13.36 32.67
N VAL C 671 23.65 14.60 32.42
CA VAL C 671 22.82 15.00 31.27
C VAL C 671 23.36 16.29 30.62
N PRO C 672 23.44 16.37 29.27
CA PRO C 672 23.94 17.60 28.62
C PRO C 672 23.03 18.83 28.85
N MET C 673 23.60 19.91 29.42
CA MET C 673 22.85 21.15 29.71
C MET C 673 23.56 22.40 29.27
N TYR C 674 22.80 23.38 28.76
CA TYR C 674 23.38 24.66 28.40
C TYR C 674 23.68 25.38 29.70
N LYS C 675 24.79 26.15 29.75
CA LYS C 675 25.23 26.90 30.94
C LYS C 675 24.05 27.67 31.55
N GLU C 676 23.29 28.38 30.68
CA GLU C 676 22.11 29.17 31.03
C GLU C 676 20.93 28.35 31.52
N PHE C 677 20.70 27.14 30.96
CA PHE C 677 19.62 26.25 31.40
C PHE C 677 19.95 25.72 32.80
N LYS C 678 21.21 25.21 33.00
CA LYS C 678 21.71 24.67 34.26
C LYS C 678 21.35 25.61 35.41
N LYS C 679 21.49 26.95 35.20
CA LYS C 679 21.14 28.03 36.14
C LYS C 679 19.70 27.87 36.65
N MET C 680 18.73 27.73 35.71
CA MET C 680 17.30 27.54 36.00
C MET C 680 17.06 26.22 36.67
N TRP C 681 17.70 25.16 36.13
CA TRP C 681 17.59 23.78 36.58
C TRP C 681 17.98 23.64 38.05
N ASP C 682 19.18 24.14 38.37
CA ASP C 682 19.75 24.10 39.70
C ASP C 682 18.95 24.92 40.69
N TYR C 683 18.46 26.11 40.28
CA TYR C 683 17.64 26.95 41.17
C TYR C 683 16.34 26.22 41.54
N PHE C 684 15.68 25.58 40.56
CA PHE C 684 14.44 24.85 40.81
C PHE C 684 14.67 23.72 41.81
N HIS C 685 15.77 22.97 41.65
CA HIS C 685 16.09 21.83 42.49
C HIS C 685 16.63 22.23 43.87
N LYS C 686 17.30 23.38 43.97
CA LYS C 686 17.89 23.86 45.22
C LYS C 686 16.92 24.67 46.08
N VAL C 687 15.99 25.40 45.42
CA VAL C 687 15.08 26.32 46.12
C VAL C 687 13.60 25.96 45.99
N LEU C 688 13.06 26.01 44.77
CA LEU C 688 11.64 25.80 44.48
C LEU C 688 11.09 24.42 44.92
N LEU C 689 11.81 23.33 44.59
CA LEU C 689 11.44 21.95 44.90
C LEU C 689 11.20 21.72 46.39
N ILE C 690 12.08 22.28 47.26
CA ILE C 690 11.99 22.16 48.73
C ILE C 690 10.77 22.92 49.24
N LYS C 691 10.46 24.07 48.64
CA LYS C 691 9.27 24.87 48.93
C LYS C 691 8.02 24.02 48.64
N TYR C 692 7.99 23.34 47.46
CA TYR C 692 6.87 22.48 47.05
C TYR C 692 6.76 21.25 47.96
N ALA C 693 7.90 20.63 48.31
CA ALA C 693 7.95 19.46 49.19
C ALA C 693 7.29 19.74 50.53
N ILE C 694 7.42 20.99 51.04
CA ILE C 694 6.81 21.44 52.30
C ILE C 694 5.29 21.55 52.08
N GLU C 695 4.88 22.29 51.02
CA GLU C 695 3.49 22.52 50.62
C GLU C 695 2.68 21.22 50.48
N ARG C 696 3.30 20.19 49.86
CA ARG C 696 2.72 18.90 49.49
C ARG C 696 2.98 17.73 50.46
N ASN C 697 3.75 17.96 51.56
CA ASN C 697 4.17 16.94 52.57
C ASN C 697 4.89 15.79 51.83
N GLY C 698 6.04 16.12 51.27
CA GLY C 698 6.79 15.24 50.40
C GLY C 698 6.26 15.33 48.97
N VAL C 699 7.12 15.08 47.96
CA VAL C 699 6.70 15.14 46.55
C VAL C 699 7.50 14.15 45.69
N ASN C 700 6.83 13.36 44.81
CA ASN C 700 7.54 12.42 43.93
C ASN C 700 7.95 13.17 42.68
N VAL C 701 9.24 13.13 42.37
CA VAL C 701 9.79 13.85 41.23
C VAL C 701 10.35 12.90 40.19
N VAL C 702 9.85 13.01 38.96
CA VAL C 702 10.40 12.26 37.83
C VAL C 702 10.86 13.25 36.76
N SER C 703 12.17 13.29 36.56
CA SER C 703 12.85 14.15 35.60
C SER C 703 13.37 13.30 34.44
N GLY C 704 13.82 13.94 33.37
CA GLY C 704 14.34 13.23 32.21
C GLY C 704 14.42 14.13 30.99
N PRO C 705 15.25 13.75 29.98
CA PRO C 705 15.38 14.60 28.79
C PRO C 705 14.22 14.43 27.81
N ILE C 706 14.05 15.38 26.89
CA ILE C 706 13.03 15.27 25.83
C ILE C 706 13.66 15.64 24.51
N PHE C 707 13.49 14.81 23.47
CA PHE C 707 13.97 15.13 22.13
C PHE C 707 12.78 15.26 21.15
N ASP C 708 12.49 16.50 20.72
CA ASP C 708 11.41 16.76 19.77
C ASP C 708 11.88 17.81 18.78
N TYR C 709 12.94 17.45 18.05
CA TYR C 709 13.55 18.32 17.03
C TYR C 709 12.59 18.73 15.92
N ASN C 710 11.68 17.82 15.53
CA ASN C 710 10.68 18.08 14.49
C ASN C 710 9.38 18.67 15.06
N TYR C 711 9.36 18.99 16.37
CA TYR C 711 8.24 19.58 17.12
C TYR C 711 6.87 18.99 16.71
N ASP C 712 6.76 17.66 16.75
CA ASP C 712 5.49 17.01 16.44
C ASP C 712 4.74 16.64 17.73
N GLY C 713 5.41 16.87 18.87
CA GLY C 713 4.86 16.58 20.19
C GLY C 713 5.14 15.17 20.64
N HIS C 714 5.86 14.42 19.75
CA HIS C 714 6.29 13.04 19.92
C HIS C 714 7.76 12.95 20.03
N PHE C 715 8.22 11.96 20.81
CA PHE C 715 9.63 11.66 20.98
C PHE C 715 10.21 11.39 19.59
N ASP C 716 11.40 11.90 19.36
CA ASP C 716 12.10 11.71 18.11
C ASP C 716 12.68 10.30 18.03
N ALA C 717 12.67 9.72 16.80
CA ALA C 717 13.33 8.45 16.47
C ALA C 717 14.84 8.83 16.44
N PRO C 718 15.80 7.90 16.62
CA PRO C 718 17.23 8.30 16.63
C PRO C 718 17.67 9.15 15.43
N ASP C 719 17.25 8.74 14.22
CA ASP C 719 17.54 9.41 12.95
C ASP C 719 16.96 10.84 12.85
N GLU C 720 16.07 11.21 13.77
CA GLU C 720 15.45 12.54 13.81
C GLU C 720 16.26 13.57 14.63
N ILE C 721 17.06 13.10 15.62
CA ILE C 721 17.94 13.97 16.44
C ILE C 721 19.04 14.55 15.53
N THR C 722 19.04 15.89 15.39
CA THR C 722 19.96 16.64 14.53
C THR C 722 21.18 17.21 15.27
N ASN C 723 21.11 17.50 16.60
CA ASN C 723 22.30 18.04 17.23
C ASN C 723 22.73 17.25 18.50
N TYR C 724 24.07 17.14 18.67
CA TYR C 724 24.82 16.40 19.69
C TYR C 724 25.86 17.27 20.38
N VAL C 725 26.35 16.83 21.56
CA VAL C 725 27.42 17.53 22.27
C VAL C 725 28.62 17.44 21.32
N ALA C 726 29.32 18.55 21.11
CA ALA C 726 30.44 18.70 20.20
C ALA C 726 31.42 17.52 20.18
N GLY C 727 31.52 16.90 19.00
CA GLY C 727 32.42 15.79 18.71
C GLY C 727 31.99 14.44 19.24
N THR C 728 30.79 14.36 19.82
CA THR C 728 30.27 13.12 20.41
C THR C 728 28.96 12.68 19.76
N ASP C 729 28.42 11.52 20.21
CA ASP C 729 27.16 10.94 19.77
C ASP C 729 26.05 11.04 20.86
N VAL C 730 26.31 11.84 21.93
CA VAL C 730 25.34 12.11 23.00
C VAL C 730 24.36 13.20 22.50
N PRO C 731 23.06 12.87 22.35
CA PRO C 731 22.10 13.86 21.80
C PRO C 731 21.74 15.01 22.76
N VAL C 732 21.48 16.18 22.20
CA VAL C 732 21.12 17.33 23.03
C VAL C 732 19.58 17.34 23.22
N PRO C 733 19.04 17.37 24.46
CA PRO C 733 17.58 17.40 24.62
C PRO C 733 16.93 18.73 24.20
N THR C 734 15.79 18.66 23.50
CA THR C 734 15.04 19.87 23.10
C THR C 734 14.39 20.47 24.35
N HIS C 735 14.06 19.59 25.32
CA HIS C 735 13.45 19.96 26.58
C HIS C 735 13.91 19.04 27.71
N TYR C 736 13.39 19.35 28.90
CA TYR C 736 13.57 18.63 30.13
C TYR C 736 12.24 18.62 30.87
N PHE C 737 11.85 17.41 31.35
CA PHE C 737 10.60 17.22 32.09
C PHE C 737 10.85 17.03 33.59
N VAL C 738 9.91 17.57 34.41
CA VAL C 738 9.87 17.48 35.86
C VAL C 738 8.39 17.22 36.17
N VAL C 739 8.06 15.98 36.56
CA VAL C 739 6.67 15.62 36.92
C VAL C 739 6.56 15.46 38.46
N LEU C 740 5.86 16.43 39.07
CA LEU C 740 5.69 16.45 40.52
C LEU C 740 4.40 15.76 40.90
N THR C 741 4.51 14.49 41.34
CA THR C 741 3.39 13.66 41.75
C THR C 741 3.34 13.55 43.27
N SER C 742 2.50 14.36 43.86
CA SER C 742 2.33 14.34 45.31
C SER C 742 0.93 13.78 45.59
N CYS C 743 0.47 13.81 46.84
CA CYS C 743 -0.88 13.34 47.04
C CYS C 743 -1.89 14.44 47.33
N LYS C 744 -3.13 14.26 46.82
CA LYS C 744 -4.25 15.17 46.99
C LYS C 744 -4.59 15.30 48.48
N ASN C 745 -4.73 14.17 49.23
CA ASN C 745 -4.93 14.25 50.67
C ASN C 745 -3.53 14.42 51.23
N LYS C 746 -3.22 15.66 51.65
CA LYS C 746 -1.90 16.09 52.10
C LYS C 746 -1.47 15.43 53.40
N THR C 747 -2.40 14.74 54.11
CA THR C 747 -2.11 14.01 55.35
C THR C 747 -1.13 12.84 55.13
N HIS C 748 -1.10 12.30 53.89
CA HIS C 748 -0.20 11.21 53.47
C HIS C 748 0.88 11.74 52.53
N THR C 749 2.06 11.12 52.63
CA THR C 749 3.24 11.38 51.79
C THR C 749 3.00 10.61 50.46
N PRO C 750 3.57 11.05 49.30
CA PRO C 750 3.29 10.35 48.02
C PRO C 750 3.39 8.81 48.04
N ASP C 751 4.54 8.23 48.46
CA ASP C 751 4.75 6.78 48.50
C ASP C 751 3.57 6.02 49.09
N SER C 752 3.08 6.48 50.26
CA SER C 752 1.95 5.85 50.94
C SER C 752 0.61 6.62 50.78
N CYS C 753 0.11 6.76 49.50
CA CYS C 753 -1.19 7.39 49.27
C CYS C 753 -2.24 6.50 48.59
N PRO C 754 -3.36 6.24 49.36
CA PRO C 754 -4.44 5.39 48.83
C PRO C 754 -5.39 6.04 47.83
N GLY C 755 -5.70 7.31 48.05
CA GLY C 755 -6.61 8.06 47.19
C GLY C 755 -5.93 8.60 45.95
N TRP C 756 -6.53 9.63 45.37
CA TRP C 756 -6.09 10.32 44.17
C TRP C 756 -4.77 11.05 44.37
N LEU C 757 -4.02 11.21 43.27
CA LEU C 757 -2.72 11.90 43.29
C LEU C 757 -2.86 13.32 42.77
N ASP C 758 -2.00 14.23 43.24
CA ASP C 758 -1.97 15.59 42.73
C ASP C 758 -0.74 15.70 41.88
N VAL C 759 -0.92 16.08 40.61
CA VAL C 759 0.18 16.17 39.68
C VAL C 759 0.51 17.64 39.28
N LEU C 760 1.79 17.88 38.91
CA LEU C 760 2.34 19.17 38.51
C LEU C 760 3.50 18.96 37.51
N PRO C 761 3.20 18.76 36.19
CA PRO C 761 4.28 18.50 35.22
C PRO C 761 4.81 19.72 34.45
N PHE C 762 6.14 19.80 34.33
CA PHE C 762 6.81 20.86 33.60
C PHE C 762 7.54 20.24 32.42
N VAL C 763 7.35 20.81 31.22
CA VAL C 763 8.03 20.44 29.97
C VAL C 763 8.74 21.76 29.56
N VAL C 764 9.87 22.02 30.26
CA VAL C 764 10.66 23.24 30.14
C VAL C 764 11.65 23.18 28.99
N PRO C 765 11.61 24.16 28.05
CA PRO C 765 12.54 24.12 26.91
C PRO C 765 14.01 24.21 27.28
N HIS C 766 14.84 23.31 26.71
CA HIS C 766 16.28 23.29 26.94
C HIS C 766 16.97 24.21 25.91
N ARG C 767 16.90 25.53 26.18
CA ARG C 767 17.40 26.65 25.37
C ARG C 767 18.75 27.20 25.87
N PRO C 768 19.66 27.67 24.95
CA PRO C 768 21.00 28.13 25.39
C PRO C 768 21.07 29.49 26.09
N THR C 769 20.03 30.33 25.89
CA THR C 769 19.93 31.66 26.51
C THR C 769 18.54 31.76 27.12
N ASN C 770 18.40 32.55 28.21
CA ASN C 770 17.14 32.75 28.92
C ASN C 770 16.36 33.98 28.46
N VAL C 771 16.53 34.39 27.18
CA VAL C 771 15.83 35.54 26.58
C VAL C 771 14.33 35.50 26.87
N GLU C 772 13.73 34.29 26.87
CA GLU C 772 12.31 34.08 27.13
C GLU C 772 11.89 34.71 28.44
N SER C 773 12.68 34.47 29.50
CA SER C 773 12.39 34.94 30.85
C SER C 773 12.68 36.43 31.05
N CYS C 774 13.44 37.05 30.12
CA CYS C 774 13.90 38.45 30.17
C CYS C 774 14.51 38.70 31.57
N PRO C 775 15.68 38.07 31.87
CA PRO C 775 16.23 38.15 33.24
C PRO C 775 17.05 39.39 33.57
N GLU C 776 16.95 40.46 32.74
CA GLU C 776 17.62 41.77 32.88
C GLU C 776 17.94 42.13 34.35
N ASN C 777 19.17 41.75 34.78
CA ASN C 777 19.76 41.94 36.11
C ASN C 777 19.02 41.25 37.29
N LYS C 778 17.68 40.98 37.18
CA LYS C 778 16.87 40.36 38.24
C LYS C 778 17.30 38.94 38.61
N ALA C 779 17.40 38.68 39.94
CA ALA C 779 17.81 37.41 40.56
C ALA C 779 16.80 36.32 40.23
N GLU C 780 17.25 35.05 40.26
CA GLU C 780 16.46 33.87 39.94
C GLU C 780 15.10 33.80 40.66
N ASP C 781 15.00 34.34 41.89
CA ASP C 781 13.78 34.36 42.71
C ASP C 781 12.63 35.19 42.10
N LEU C 782 12.94 35.91 40.99
CA LEU C 782 12.02 36.76 40.25
C LEU C 782 11.53 36.17 38.92
N TRP C 783 12.30 35.24 38.30
CA TRP C 783 11.92 34.75 36.98
C TRP C 783 11.93 33.23 36.77
N VAL C 784 12.75 32.45 37.52
CA VAL C 784 12.86 31.00 37.31
C VAL C 784 11.50 30.29 37.52
N GLU C 785 10.82 30.54 38.66
CA GLU C 785 9.52 29.93 38.94
C GLU C 785 8.48 30.29 37.88
N GLU C 786 8.46 31.59 37.49
CA GLU C 786 7.59 32.15 36.47
C GLU C 786 7.74 31.37 35.17
N ARG C 787 9.00 31.01 34.80
CA ARG C 787 9.36 30.25 33.60
C ARG C 787 8.89 28.79 33.69
N PHE C 788 9.09 28.12 34.84
CA PHE C 788 8.63 26.74 35.05
C PHE C 788 7.11 26.70 34.97
N LYS C 789 6.40 27.63 35.69
CA LYS C 789 4.93 27.74 35.65
C LYS C 789 4.41 28.03 34.22
N ALA C 790 5.18 28.80 33.44
CA ALA C 790 4.88 29.14 32.04
C ALA C 790 4.94 27.91 31.14
N HIS C 791 5.67 26.87 31.58
CA HIS C 791 5.81 25.64 30.82
C HIS C 791 5.21 24.46 31.54
N ILE C 792 4.11 24.70 32.23
CA ILE C 792 3.37 23.66 32.89
C ILE C 792 2.67 22.88 31.74
N ALA C 793 2.62 21.55 31.82
CA ALA C 793 1.99 20.71 30.80
C ALA C 793 1.11 19.61 31.40
N ARG C 794 0.75 18.58 30.58
CA ARG C 794 -0.06 17.42 31.00
C ARG C 794 0.86 16.26 31.12
N VAL C 795 0.46 15.25 31.94
CA VAL C 795 1.23 14.03 32.14
C VAL C 795 1.27 13.18 30.86
N ARG C 796 0.14 13.18 30.10
CA ARG C 796 -0.04 12.53 28.81
C ARG C 796 0.84 13.24 27.76
N ASP C 797 1.00 14.59 27.92
CA ASP C 797 1.88 15.42 27.09
C ASP C 797 3.31 14.92 27.25
N VAL C 798 3.76 14.66 28.49
CA VAL C 798 5.10 14.11 28.75
C VAL C 798 5.21 12.71 28.11
N GLU C 799 4.17 11.87 28.33
CA GLU C 799 4.06 10.49 27.83
C GLU C 799 4.32 10.40 26.35
N LEU C 800 3.87 11.44 25.60
CA LEU C 800 4.00 11.57 24.15
C LEU C 800 5.41 11.87 23.65
N LEU C 801 6.11 12.82 24.32
CA LEU C 801 7.46 13.33 24.04
C LEU C 801 8.60 12.43 24.53
N THR C 802 8.24 11.43 25.33
CA THR C 802 9.19 10.51 25.96
C THR C 802 9.08 9.08 25.43
N GLY C 803 7.87 8.66 25.07
CA GLY C 803 7.58 7.28 24.72
C GLY C 803 7.69 6.49 26.01
N LEU C 804 7.01 7.00 27.08
CA LEU C 804 6.97 6.42 28.45
C LEU C 804 5.57 6.52 29.04
N ASP C 805 5.08 5.48 29.72
CA ASP C 805 3.77 5.50 30.36
C ASP C 805 3.98 5.42 31.84
N PHE C 806 3.37 6.36 32.57
CA PHE C 806 3.53 6.46 34.02
C PHE C 806 2.34 5.96 34.80
N TYR C 807 2.54 5.61 36.09
CA TYR C 807 1.54 5.17 37.06
C TYR C 807 0.82 3.86 36.70
N GLN C 808 1.46 2.95 35.93
CA GLN C 808 0.82 1.68 35.54
C GLN C 808 0.57 0.72 36.71
N GLU C 809 1.07 1.10 37.92
CA GLU C 809 0.95 0.33 39.17
C GLU C 809 0.24 1.12 40.30
N LYS C 810 -0.62 2.08 39.90
CA LYS C 810 -1.41 2.85 40.85
C LYS C 810 -2.76 2.13 41.04
N THR C 811 -3.04 1.70 42.30
CA THR C 811 -4.26 1.00 42.73
C THR C 811 -5.53 1.87 42.56
N GLN C 812 -5.91 2.10 41.29
CA GLN C 812 -7.01 2.92 40.79
C GLN C 812 -7.30 2.37 39.39
N PRO C 813 -8.54 2.46 38.85
CA PRO C 813 -8.78 1.97 37.48
C PRO C 813 -8.09 2.85 36.44
N VAL C 814 -7.70 2.27 35.28
CA VAL C 814 -7.04 3.01 34.17
C VAL C 814 -7.81 4.31 33.89
N SER C 815 -9.15 4.20 33.79
CA SER C 815 -10.11 5.29 33.51
C SER C 815 -9.84 6.50 34.36
N GLU C 816 -9.56 6.26 35.67
CA GLU C 816 -9.22 7.26 36.67
C GLU C 816 -7.80 7.83 36.47
N ILE C 817 -6.83 6.98 36.02
CA ILE C 817 -5.43 7.39 35.80
C ILE C 817 -5.35 8.26 34.57
N LEU C 818 -6.27 8.03 33.63
CA LEU C 818 -6.39 8.84 32.41
C LEU C 818 -6.81 10.27 32.76
N GLN C 819 -7.75 10.44 33.75
CA GLN C 819 -8.17 11.75 34.26
C GLN C 819 -6.93 12.51 34.73
N LEU C 820 -6.05 11.87 35.52
CA LEU C 820 -4.79 12.41 36.05
C LEU C 820 -3.81 12.75 34.91
N LYS C 821 -3.63 11.78 33.98
CA LYS C 821 -2.73 11.96 32.85
C LYS C 821 -3.16 13.12 31.90
N THR C 822 -4.46 13.46 31.89
CA THR C 822 -4.98 14.50 31.02
C THR C 822 -5.26 15.82 31.76
N TYR C 823 -4.97 15.88 33.06
CA TYR C 823 -5.20 17.09 33.85
C TYR C 823 -4.07 18.09 33.64
N LEU C 824 -4.43 19.38 33.50
CA LEU C 824 -3.50 20.50 33.37
C LEU C 824 -3.67 21.42 34.59
N PRO C 825 -2.58 21.69 35.35
CA PRO C 825 -2.71 22.56 36.53
C PRO C 825 -3.05 24.01 36.16
N THR C 826 -3.92 24.63 36.96
CA THR C 826 -4.47 25.97 36.71
C THR C 826 -3.63 27.13 37.30
N PHE C 827 -3.35 28.15 36.44
CA PHE C 827 -2.61 29.38 36.77
C PHE C 827 -3.02 30.53 35.84
N GLY D 9 71.68 -31.50 -16.57
CA GLY D 9 72.93 -30.76 -16.40
C GLY D 9 72.78 -29.31 -15.97
N SER D 10 71.53 -28.90 -15.62
CA SER D 10 71.17 -27.54 -15.19
C SER D 10 69.91 -27.60 -14.26
N CYS D 11 69.34 -26.44 -13.84
CA CYS D 11 68.18 -26.38 -12.94
C CYS D 11 66.83 -26.62 -13.60
N ARG D 12 66.79 -26.65 -14.94
CA ARG D 12 65.59 -26.86 -15.76
C ARG D 12 64.95 -28.21 -15.38
N LYS D 13 63.65 -28.16 -15.02
CA LYS D 13 62.84 -29.32 -14.64
C LYS D 13 63.36 -30.11 -13.40
N LYS D 14 64.20 -29.46 -12.56
CA LYS D 14 64.81 -30.05 -11.37
C LYS D 14 64.81 -29.12 -10.13
N CYS D 15 64.05 -28.02 -10.21
CA CYS D 15 63.90 -27.02 -9.15
C CYS D 15 63.60 -27.60 -7.75
N PHE D 16 64.53 -27.38 -6.80
CA PHE D 16 64.46 -27.83 -5.40
C PHE D 16 64.43 -29.35 -5.31
N ASP D 17 65.62 -29.98 -5.36
CA ASP D 17 65.84 -31.42 -5.42
C ASP D 17 67.15 -31.82 -4.76
N SER D 18 67.23 -33.08 -4.30
CA SER D 18 68.46 -33.64 -3.74
C SER D 18 69.48 -33.96 -4.86
N SER D 19 69.12 -33.64 -6.12
CA SER D 19 69.94 -33.83 -7.33
C SER D 19 71.23 -33.04 -7.23
N HIS D 20 72.33 -33.73 -7.50
CA HIS D 20 73.69 -33.18 -7.52
C HIS D 20 74.11 -33.10 -8.95
N ARG D 21 73.36 -33.79 -9.84
CA ARG D 21 73.64 -33.78 -11.27
C ARG D 21 73.50 -32.33 -11.70
N GLY D 22 74.49 -31.88 -12.45
CA GLY D 22 74.55 -30.52 -12.96
C GLY D 22 75.92 -30.18 -13.47
N LEU D 23 76.05 -29.01 -14.14
CA LEU D 23 77.33 -28.55 -14.67
C LEU D 23 78.31 -28.33 -13.53
N GLU D 24 79.27 -29.29 -13.47
CA GLU D 24 80.31 -29.47 -12.47
C GLU D 24 79.73 -29.63 -11.05
N GLY D 25 78.70 -30.49 -10.94
CA GLY D 25 78.01 -30.79 -9.68
C GLY D 25 77.21 -29.65 -9.08
N CYS D 26 76.66 -28.78 -9.92
CA CYS D 26 75.84 -27.68 -9.43
C CYS D 26 74.51 -28.20 -8.90
N ARG D 27 73.94 -27.49 -7.90
CA ARG D 27 72.70 -27.84 -7.20
C ARG D 27 71.53 -26.92 -7.54
N CYS D 28 70.32 -27.34 -7.17
CA CYS D 28 69.08 -26.62 -7.46
C CYS D 28 68.15 -26.51 -6.25
N ASP D 29 68.64 -26.85 -5.03
CA ASP D 29 67.93 -26.75 -3.76
C ASP D 29 67.99 -25.30 -3.27
N SER D 30 67.11 -24.91 -2.33
CA SER D 30 67.09 -23.51 -1.85
C SER D 30 68.34 -23.09 -1.05
N GLY D 31 69.13 -24.05 -0.60
CA GLY D 31 70.35 -23.73 0.11
C GLY D 31 71.54 -23.45 -0.79
N CYS D 32 71.42 -23.73 -2.11
CA CYS D 32 72.50 -23.56 -3.10
C CYS D 32 72.98 -22.13 -3.21
N THR D 33 72.08 -21.14 -2.96
CA THR D 33 72.37 -19.71 -3.08
C THR D 33 73.49 -19.30 -2.13
N ASP D 34 73.31 -19.63 -0.84
CA ASP D 34 74.25 -19.35 0.24
C ASP D 34 75.52 -20.17 0.14
N ARG D 35 75.45 -21.32 -0.54
CA ARG D 35 76.62 -22.19 -0.77
C ARG D 35 77.36 -21.80 -2.05
N GLY D 36 76.66 -21.09 -2.93
CA GLY D 36 77.18 -20.70 -4.25
C GLY D 36 77.13 -21.84 -5.25
N ASP D 37 76.52 -22.98 -4.87
CA ASP D 37 76.37 -24.20 -5.66
C ASP D 37 75.31 -24.12 -6.76
N CYS D 38 74.49 -23.06 -6.83
CA CYS D 38 73.42 -22.99 -7.84
C CYS D 38 73.92 -23.14 -9.25
N CYS D 39 73.10 -23.77 -10.12
CA CYS D 39 73.41 -23.88 -11.55
C CYS D 39 73.11 -22.48 -12.12
N TRP D 40 73.84 -22.09 -13.15
CA TRP D 40 73.75 -20.80 -13.83
C TRP D 40 72.31 -20.34 -14.13
N ASP D 41 71.39 -21.28 -14.39
CA ASP D 41 69.99 -20.95 -14.69
C ASP D 41 69.05 -21.00 -13.46
N PHE D 42 69.60 -21.22 -12.25
CA PHE D 42 68.80 -21.30 -11.02
C PHE D 42 67.88 -20.11 -10.80
N GLU D 43 68.42 -18.88 -10.66
CA GLU D 43 67.60 -17.71 -10.36
C GLU D 43 66.62 -17.41 -11.48
N ASP D 44 67.03 -17.66 -12.73
CA ASP D 44 66.19 -17.46 -13.92
C ASP D 44 64.99 -18.43 -13.91
N THR D 45 65.28 -19.75 -13.81
CA THR D 45 64.31 -20.83 -13.77
C THR D 45 63.59 -20.90 -12.43
N CYS D 46 64.28 -21.37 -11.39
CA CYS D 46 63.76 -21.72 -10.07
C CYS D 46 63.19 -20.57 -9.27
N VAL D 47 63.81 -19.37 -9.31
CA VAL D 47 63.23 -18.30 -8.53
C VAL D 47 62.35 -17.40 -9.43
N LYS D 48 62.96 -16.62 -10.35
CA LYS D 48 62.33 -15.67 -11.28
C LYS D 48 61.04 -16.15 -12.00
N SER D 49 61.05 -17.38 -12.55
CA SER D 49 59.90 -17.92 -13.31
C SER D 49 58.66 -18.26 -12.42
N THR D 50 58.51 -17.54 -11.29
CA THR D 50 57.37 -17.65 -10.37
C THR D 50 56.75 -16.28 -10.30
N GLN D 51 57.61 -15.24 -10.42
CA GLN D 51 57.32 -13.79 -10.42
C GLN D 51 56.58 -13.26 -11.67
N ILE D 52 56.62 -13.98 -12.82
CA ILE D 52 55.93 -13.55 -14.05
C ILE D 52 54.53 -14.19 -14.24
N TRP D 53 53.76 -13.62 -15.17
CA TRP D 53 52.40 -14.02 -15.50
C TRP D 53 52.27 -14.59 -16.93
N THR D 54 53.41 -15.00 -17.54
CA THR D 54 53.36 -15.60 -18.86
C THR D 54 54.37 -16.74 -18.99
N CYS D 55 54.00 -17.76 -19.81
CA CYS D 55 54.83 -18.90 -20.16
C CYS D 55 55.77 -18.33 -21.21
N ASN D 56 57.04 -18.27 -20.98
CA ASN D 56 57.68 -17.64 -22.13
C ASN D 56 58.07 -18.79 -23.09
N SER D 57 59.18 -18.73 -23.82
CA SER D 57 59.51 -19.89 -24.63
C SER D 57 59.75 -21.01 -23.57
N PHE D 58 60.66 -20.70 -22.61
CA PHE D 58 61.31 -21.53 -21.58
C PHE D 58 60.44 -22.15 -20.47
N ARG D 59 59.29 -21.55 -20.15
CA ARG D 59 58.47 -22.07 -19.05
C ARG D 59 57.71 -23.33 -19.43
N CYS D 60 57.46 -23.52 -20.74
CA CYS D 60 56.72 -24.62 -21.32
C CYS D 60 57.27 -25.97 -20.86
N GLY D 61 56.38 -26.78 -20.29
CA GLY D 61 56.71 -28.11 -19.79
C GLY D 61 57.44 -28.14 -18.47
N GLU D 62 57.47 -27.03 -17.75
CA GLU D 62 58.16 -26.93 -16.47
C GLU D 62 57.64 -27.85 -15.37
N THR D 63 58.48 -28.08 -14.34
CA THR D 63 58.15 -28.83 -13.14
C THR D 63 57.35 -27.83 -12.33
N ARG D 64 56.21 -28.25 -11.75
CA ARG D 64 55.36 -27.42 -10.90
C ARG D 64 56.06 -26.79 -9.70
N LEU D 65 55.88 -25.48 -9.51
CA LEU D 65 56.58 -24.72 -8.47
C LEU D 65 55.83 -24.28 -7.16
N GLU D 66 54.48 -24.21 -7.09
CA GLU D 66 53.70 -23.85 -5.86
C GLU D 66 53.90 -22.40 -5.38
N ALA D 67 55.13 -21.86 -5.33
CA ALA D 67 55.34 -20.44 -5.08
C ALA D 67 54.89 -19.64 -6.36
N ALA D 68 54.67 -20.33 -7.52
CA ALA D 68 54.28 -19.74 -8.83
C ALA D 68 52.88 -19.08 -8.87
N LEU D 69 52.76 -17.97 -9.63
CA LEU D 69 51.57 -17.14 -9.85
C LEU D 69 50.53 -17.89 -10.69
N CYS D 70 50.97 -18.45 -11.84
CA CYS D 70 50.22 -19.24 -12.82
C CYS D 70 51.11 -20.52 -13.09
N SER D 71 50.68 -21.45 -13.99
CA SER D 71 51.46 -22.65 -14.36
C SER D 71 51.67 -22.83 -15.86
N CYS D 72 52.77 -23.54 -16.22
CA CYS D 72 53.12 -23.90 -17.59
C CYS D 72 53.44 -25.39 -17.65
N ALA D 73 53.18 -26.10 -16.53
CA ALA D 73 53.34 -27.54 -16.37
C ALA D 73 52.39 -28.29 -17.26
N ASP D 74 52.77 -29.51 -17.63
CA ASP D 74 52.01 -30.41 -18.51
C ASP D 74 50.58 -30.69 -18.08
N ASP D 75 50.27 -30.56 -16.79
CA ASP D 75 48.92 -30.80 -16.26
C ASP D 75 48.18 -29.52 -15.94
N CYS D 76 48.65 -28.36 -16.45
CA CYS D 76 47.98 -27.11 -16.10
C CYS D 76 46.59 -26.95 -16.73
N LEU D 77 46.34 -27.52 -17.93
CA LEU D 77 45.01 -27.37 -18.57
C LEU D 77 43.96 -28.13 -17.79
N GLN D 78 44.30 -29.36 -17.36
CA GLN D 78 43.42 -30.21 -16.56
C GLN D 78 43.27 -29.60 -15.16
N ARG D 79 44.41 -29.09 -14.60
CA ARG D 79 44.41 -28.44 -13.27
C ARG D 79 43.76 -27.03 -13.30
N LYS D 80 43.46 -26.49 -14.49
CA LYS D 80 42.84 -25.17 -14.73
C LYS D 80 43.71 -23.99 -14.26
N ASP D 81 45.06 -24.17 -14.18
CA ASP D 81 45.92 -23.07 -13.71
C ASP D 81 46.95 -22.56 -14.70
N CYS D 82 46.78 -22.82 -16.01
CA CYS D 82 47.70 -22.32 -17.04
C CYS D 82 47.77 -20.83 -17.06
N CYS D 83 48.84 -20.32 -17.63
CA CYS D 83 49.00 -18.92 -17.91
C CYS D 83 48.20 -18.69 -19.17
N THR D 84 47.74 -17.45 -19.43
CA THR D 84 46.84 -17.19 -20.59
C THR D 84 47.46 -17.57 -21.94
N ASP D 85 48.79 -17.33 -22.07
CA ASP D 85 49.52 -17.61 -23.29
C ASP D 85 49.98 -19.09 -23.48
N TYR D 86 49.62 -20.01 -22.53
CA TYR D 86 49.96 -21.44 -22.58
C TYR D 86 49.67 -22.07 -23.92
N LYS D 87 48.41 -22.02 -24.39
CA LYS D 87 48.03 -22.63 -25.66
C LYS D 87 48.77 -22.05 -26.88
N ALA D 88 48.96 -20.73 -26.93
CA ALA D 88 49.65 -20.14 -28.08
C ALA D 88 51.16 -20.35 -28.08
N VAL D 89 51.79 -20.25 -26.89
CA VAL D 89 53.24 -20.35 -26.70
C VAL D 89 53.72 -21.80 -26.67
N CYS D 90 53.09 -22.62 -25.81
CA CYS D 90 53.42 -24.02 -25.60
C CYS D 90 52.79 -24.99 -26.60
N GLN D 91 51.63 -24.62 -27.20
CA GLN D 91 50.95 -25.48 -28.17
C GLN D 91 50.81 -24.88 -29.60
N GLY D 92 51.48 -23.74 -29.82
CA GLY D 92 51.51 -23.07 -31.12
C GLY D 92 50.17 -22.76 -31.74
N GLU D 93 49.14 -22.55 -30.89
CA GLU D 93 47.81 -22.21 -31.35
C GLU D 93 47.79 -20.74 -31.75
N VAL D 94 46.87 -20.35 -32.66
CA VAL D 94 46.78 -18.96 -33.11
C VAL D 94 46.06 -18.14 -32.04
N PRO D 95 46.72 -17.13 -31.43
CA PRO D 95 46.05 -16.34 -30.36
C PRO D 95 44.85 -15.56 -30.83
N TRP D 96 43.87 -15.35 -29.91
CA TRP D 96 42.64 -14.60 -30.17
C TRP D 96 42.91 -13.33 -30.98
N VAL D 97 43.93 -12.54 -30.55
CA VAL D 97 44.35 -11.27 -31.12
C VAL D 97 44.72 -11.39 -32.63
N THR D 98 45.53 -12.39 -33.02
CA THR D 98 45.90 -12.56 -34.43
C THR D 98 44.77 -13.24 -35.25
N GLU D 99 44.09 -14.24 -34.65
CA GLU D 99 42.98 -15.03 -35.19
C GLU D 99 41.94 -14.12 -35.86
N ALA D 100 41.24 -14.61 -36.91
CA ALA D 100 40.23 -13.81 -37.62
C ALA D 100 39.03 -13.49 -36.76
N CYS D 101 38.17 -12.57 -37.24
CA CYS D 101 36.97 -12.16 -36.51
C CYS D 101 35.94 -13.29 -36.47
N ALA D 102 35.21 -13.38 -35.37
CA ALA D 102 34.15 -14.37 -35.16
C ALA D 102 32.85 -14.02 -35.88
N SER D 103 32.20 -15.03 -36.48
CA SER D 103 30.94 -14.86 -37.22
C SER D 103 29.70 -15.29 -36.39
N SER D 104 29.95 -15.81 -35.14
CA SER D 104 29.00 -16.33 -34.12
C SER D 104 27.61 -15.60 -34.03
N GLN D 105 26.70 -15.88 -35.00
CA GLN D 105 25.33 -15.33 -35.04
C GLN D 105 24.54 -15.93 -33.86
N GLU D 106 24.77 -17.23 -33.62
CA GLU D 106 24.21 -17.93 -32.47
C GLU D 106 25.26 -18.10 -31.36
N PRO D 107 24.93 -17.70 -30.08
CA PRO D 107 25.90 -17.87 -28.98
C PRO D 107 26.53 -19.26 -28.94
N GLN D 108 27.86 -19.27 -28.84
CA GLN D 108 28.69 -20.47 -28.82
C GLN D 108 29.26 -20.63 -27.43
N CYS D 109 28.59 -21.43 -26.59
CA CYS D 109 29.01 -21.59 -25.21
C CYS D 109 29.40 -23.03 -24.83
N PRO D 110 30.38 -23.18 -23.91
CA PRO D 110 30.74 -24.51 -23.42
C PRO D 110 29.64 -25.19 -22.61
N GLU D 111 29.95 -26.40 -22.11
CA GLU D 111 29.08 -27.21 -21.26
C GLU D 111 28.94 -26.45 -19.94
N GLY D 112 27.70 -26.29 -19.48
CA GLY D 112 27.42 -25.62 -18.22
C GLY D 112 26.96 -24.21 -18.48
N PHE D 113 27.59 -23.58 -19.48
CA PHE D 113 27.24 -22.23 -19.87
C PHE D 113 25.93 -22.27 -20.65
N ASP D 114 24.83 -22.17 -19.90
CA ASP D 114 23.48 -22.16 -20.43
C ASP D 114 23.28 -20.80 -21.10
N GLN D 115 23.61 -19.74 -20.37
CA GLN D 115 23.51 -18.37 -20.84
C GLN D 115 24.88 -17.64 -20.78
N PRO D 116 25.21 -16.94 -21.88
CA PRO D 116 26.50 -16.23 -21.95
C PRO D 116 26.72 -15.15 -20.89
N PRO D 117 27.87 -15.20 -20.20
CA PRO D 117 28.17 -14.18 -19.18
C PRO D 117 28.39 -12.78 -19.75
N VAL D 118 28.22 -11.75 -18.93
CA VAL D 118 28.37 -10.36 -19.31
C VAL D 118 29.50 -9.78 -18.49
N ILE D 119 30.48 -9.17 -19.15
CA ILE D 119 31.60 -8.51 -18.48
C ILE D 119 31.59 -7.04 -18.90
N LEU D 120 31.29 -6.16 -17.93
CA LEU D 120 31.30 -4.71 -18.11
C LEU D 120 32.63 -4.26 -17.56
N PHE D 121 33.48 -3.73 -18.45
CA PHE D 121 34.85 -3.33 -18.16
C PHE D 121 35.03 -1.84 -18.39
N SER D 122 35.46 -1.08 -17.36
CA SER D 122 35.71 0.36 -17.54
C SER D 122 37.14 0.74 -17.35
N MET D 123 37.66 1.48 -18.33
CA MET D 123 39.05 1.92 -18.45
C MET D 123 39.14 3.41 -18.60
N ASP D 124 40.29 3.91 -18.20
CA ASP D 124 40.63 5.30 -18.12
C ASP D 124 41.89 5.66 -18.90
N GLY D 125 42.23 6.93 -18.86
CA GLY D 125 43.43 7.48 -19.47
C GLY D 125 43.59 7.27 -20.96
N PHE D 126 42.48 7.16 -21.71
CA PHE D 126 42.56 7.01 -23.16
C PHE D 126 42.76 8.37 -23.76
N ARG D 127 43.39 8.45 -24.94
CA ARG D 127 43.61 9.74 -25.61
C ARG D 127 43.26 9.66 -27.09
N ALA D 128 42.48 10.66 -27.57
CA ALA D 128 41.96 10.77 -28.93
C ALA D 128 43.05 10.88 -30.00
N GLU D 129 44.28 11.20 -29.57
CA GLU D 129 45.48 11.32 -30.41
C GLU D 129 45.93 9.94 -30.95
N TYR D 130 45.84 8.93 -30.09
CA TYR D 130 46.23 7.55 -30.37
C TYR D 130 45.19 6.82 -31.19
N LEU D 131 43.97 7.40 -31.34
CA LEU D 131 42.82 6.78 -32.03
C LEU D 131 43.13 6.21 -33.42
N GLN D 132 44.09 6.85 -34.16
CA GLN D 132 44.52 6.38 -35.49
C GLN D 132 45.67 5.35 -35.40
N THR D 133 46.38 5.30 -34.24
CA THR D 133 47.46 4.35 -33.95
C THR D 133 47.00 3.17 -33.04
N TRP D 134 45.67 2.94 -32.91
CA TRP D 134 45.09 1.87 -32.07
C TRP D 134 45.62 0.51 -32.49
N SER D 135 45.64 0.29 -33.81
CA SER D 135 46.13 -0.92 -34.47
C SER D 135 47.54 -1.34 -34.00
N THR D 136 48.41 -0.37 -33.66
CA THR D 136 49.79 -0.65 -33.25
C THR D 136 50.04 -0.48 -31.73
N LEU D 137 49.43 0.53 -31.09
CA LEU D 137 49.65 0.77 -29.65
C LEU D 137 48.83 -0.20 -28.78
N LEU D 138 47.57 -0.35 -29.13
CA LEU D 138 46.64 -1.18 -28.38
C LEU D 138 45.98 -2.23 -29.30
N PRO D 139 46.67 -3.36 -29.58
CA PRO D 139 46.11 -4.36 -30.53
C PRO D 139 44.87 -5.15 -30.08
N ASN D 140 44.72 -5.42 -28.77
CA ASN D 140 43.64 -6.24 -28.23
C ASN D 140 42.33 -5.48 -28.22
N ILE D 141 42.36 -4.24 -27.64
CA ILE D 141 41.20 -3.34 -27.57
C ILE D 141 40.83 -2.95 -29.02
N ASN D 142 41.85 -2.84 -29.92
CA ASN D 142 41.54 -2.55 -31.30
C ASN D 142 40.78 -3.72 -31.95
N LYS D 143 41.18 -4.98 -31.67
CA LYS D 143 40.51 -6.17 -32.21
C LYS D 143 39.03 -6.19 -31.84
N LEU D 144 38.73 -5.71 -30.66
CA LEU D 144 37.38 -5.62 -30.16
C LEU D 144 36.55 -4.59 -30.97
N LYS D 145 37.14 -3.40 -31.24
CA LYS D 145 36.55 -2.34 -32.04
C LYS D 145 36.35 -2.88 -33.47
N THR D 146 37.40 -3.59 -34.00
CA THR D 146 37.51 -4.23 -35.31
C THR D 146 36.39 -5.25 -35.56
N CYS D 147 36.30 -6.29 -34.72
CA CYS D 147 35.30 -7.35 -34.91
C CYS D 147 33.95 -6.99 -34.39
N GLY D 148 33.92 -6.31 -33.24
CA GLY D 148 32.67 -5.99 -32.57
C GLY D 148 31.95 -4.75 -32.99
N LEU D 149 31.39 -4.08 -32.00
CA LEU D 149 30.55 -2.90 -32.08
C LEU D 149 31.15 -1.73 -31.29
N HIS D 150 31.15 -0.52 -31.86
CA HIS D 150 31.66 0.65 -31.16
C HIS D 150 30.81 1.89 -31.41
N SER D 151 30.59 2.67 -30.34
CA SER D 151 29.84 3.92 -30.44
C SER D 151 30.82 5.05 -30.42
N LYS D 152 30.60 6.00 -31.34
CA LYS D 152 31.37 7.24 -31.58
C LYS D 152 31.91 7.83 -30.29
N TYR D 153 30.99 8.25 -29.39
CA TYR D 153 31.18 8.69 -28.01
C TYR D 153 29.84 8.61 -27.27
N MET D 154 29.77 7.82 -26.19
CA MET D 154 28.53 7.70 -25.47
C MET D 154 28.41 8.82 -24.40
N ARG D 155 27.26 9.54 -24.48
CA ARG D 155 26.81 10.72 -23.73
C ARG D 155 26.60 10.50 -22.24
N ALA D 156 27.29 11.31 -21.42
CA ALA D 156 27.22 11.25 -19.97
C ALA D 156 26.23 12.25 -19.43
N VAL D 157 25.58 11.88 -18.33
CA VAL D 157 24.59 12.71 -17.65
C VAL D 157 25.27 13.76 -16.75
N TYR D 158 24.55 14.88 -16.42
CA TYR D 158 25.06 15.97 -15.59
C TYR D 158 25.11 15.49 -14.13
N PRO D 159 26.15 15.84 -13.33
CA PRO D 159 27.38 16.56 -13.71
C PRO D 159 28.15 15.56 -14.57
N THR D 160 29.06 15.98 -15.43
CA THR D 160 29.60 14.89 -16.25
C THR D 160 30.83 14.15 -15.61
N LYS D 161 30.84 14.06 -14.27
CA LYS D 161 31.86 13.44 -13.41
C LYS D 161 31.79 11.90 -13.45
N THR D 162 32.97 11.23 -13.33
CA THR D 162 33.16 9.76 -13.40
C THR D 162 32.37 8.96 -12.35
N PHE D 163 32.54 9.28 -11.05
CA PHE D 163 31.87 8.54 -9.99
C PHE D 163 30.34 8.49 -10.16
N PRO D 164 29.57 9.63 -10.27
CA PRO D 164 28.11 9.51 -10.48
C PRO D 164 27.77 8.78 -11.78
N ASN D 165 28.55 9.04 -12.86
CA ASN D 165 28.36 8.46 -14.16
C ASN D 165 28.52 6.94 -14.14
N HIS D 166 29.41 6.40 -13.29
CA HIS D 166 29.56 4.96 -13.16
C HIS D 166 28.34 4.34 -12.48
N TYR D 167 27.80 5.02 -11.43
CA TYR D 167 26.59 4.56 -10.75
C TYR D 167 25.37 4.64 -11.67
N THR D 168 25.28 5.70 -12.50
CA THR D 168 24.20 5.82 -13.48
C THR D 168 24.25 4.61 -14.42
N ILE D 169 25.46 4.30 -14.97
CA ILE D 169 25.63 3.19 -15.92
C ILE D 169 24.93 1.94 -15.41
N VAL D 170 25.29 1.49 -14.18
CA VAL D 170 24.76 0.28 -13.57
C VAL D 170 23.31 0.41 -13.00
N THR D 171 22.81 1.63 -12.75
CA THR D 171 21.46 1.74 -12.17
C THR D 171 20.36 2.09 -13.15
N GLY D 172 20.74 2.77 -14.25
CA GLY D 172 19.85 3.26 -15.28
C GLY D 172 19.13 4.52 -14.87
N LEU D 173 19.56 5.12 -13.75
CA LEU D 173 18.98 6.33 -13.17
C LEU D 173 19.80 7.62 -13.29
N TYR D 174 19.09 8.73 -13.27
CA TYR D 174 19.68 10.07 -13.30
C TYR D 174 20.22 10.27 -11.87
N PRO D 175 21.38 10.99 -11.69
CA PRO D 175 21.92 11.18 -10.33
C PRO D 175 20.89 11.66 -9.30
N GLU D 176 19.97 12.57 -9.72
CA GLU D 176 18.90 13.11 -8.83
C GLU D 176 18.01 12.02 -8.23
N SER D 177 17.88 10.88 -8.95
CA SER D 177 17.09 9.74 -8.54
C SER D 177 17.96 8.66 -7.87
N HIS D 178 19.20 8.39 -8.35
CA HIS D 178 20.00 7.33 -7.70
C HIS D 178 20.73 7.82 -6.43
N GLY D 179 20.77 9.14 -6.23
CA GLY D 179 21.36 9.73 -5.03
C GLY D 179 22.77 10.27 -5.12
N ILE D 180 23.63 9.69 -5.95
CA ILE D 180 25.02 10.15 -6.06
C ILE D 180 25.05 11.30 -7.06
N ILE D 181 24.75 12.50 -6.56
CA ILE D 181 24.64 13.72 -7.38
C ILE D 181 25.98 14.42 -7.64
N ASP D 182 27.06 14.03 -6.94
CA ASP D 182 28.42 14.57 -7.03
C ASP D 182 29.33 13.77 -6.10
N ASN D 183 30.68 13.88 -6.25
CA ASN D 183 31.65 13.16 -5.39
C ASN D 183 31.56 13.73 -3.97
N ASN D 184 31.13 15.00 -3.85
CA ASN D 184 30.96 15.64 -2.57
C ASN D 184 29.56 16.14 -2.42
N MET D 185 28.92 15.84 -1.27
CA MET D 185 27.54 16.26 -0.99
C MET D 185 27.17 16.25 0.49
N TYR D 186 26.10 16.97 0.83
CA TYR D 186 25.57 17.02 2.19
C TYR D 186 24.07 16.80 2.13
N ASP D 187 23.57 15.76 2.84
CA ASP D 187 22.14 15.47 2.94
C ASP D 187 21.70 16.05 4.26
N VAL D 188 20.77 17.03 4.24
CA VAL D 188 20.28 17.67 5.46
C VAL D 188 19.52 16.69 6.39
N TYR D 189 18.73 15.77 5.80
CA TYR D 189 17.92 14.79 6.52
C TYR D 189 18.75 13.75 7.24
N LEU D 190 19.95 13.49 6.74
CA LEU D 190 20.90 12.59 7.37
C LEU D 190 21.78 13.44 8.29
N ASN D 191 21.99 14.72 7.92
CA ASN D 191 22.94 15.67 8.50
C ASN D 191 24.29 14.96 8.51
N LYS D 192 24.69 14.51 7.31
CA LYS D 192 25.93 13.79 7.06
C LYS D 192 26.54 14.32 5.79
N ASN D 193 27.87 14.24 5.71
CA ASN D 193 28.64 14.70 4.56
C ASN D 193 29.17 13.47 3.79
N PHE D 194 29.04 13.46 2.44
CA PHE D 194 29.54 12.38 1.60
C PHE D 194 30.73 12.90 0.80
N SER D 195 31.79 12.08 0.74
CA SER D 195 33.05 12.29 0.02
C SER D 195 33.66 10.92 -0.19
N LEU D 196 34.45 10.76 -1.27
CA LEU D 196 35.07 9.47 -1.59
C LEU D 196 36.12 9.05 -0.58
N SER D 197 36.84 10.03 0.01
CA SER D 197 37.86 9.83 1.04
C SER D 197 37.24 9.40 2.39
N SER D 198 35.97 9.79 2.67
CA SER D 198 35.21 9.52 3.89
C SER D 198 34.69 8.10 4.02
N VAL D 199 34.44 7.68 5.27
CA VAL D 199 33.85 6.41 5.70
C VAL D 199 32.39 6.39 5.22
N GLU D 200 31.78 7.61 5.15
CA GLU D 200 30.40 7.86 4.76
C GLU D 200 30.09 7.37 3.38
N LYS D 201 31.13 7.25 2.51
CA LYS D 201 31.02 6.75 1.14
C LYS D 201 30.37 5.36 1.16
N SER D 202 30.63 4.61 2.26
CA SER D 202 30.17 3.25 2.51
C SER D 202 28.76 3.16 3.10
N ASN D 203 28.21 4.28 3.65
CA ASN D 203 26.86 4.32 4.21
C ASN D 203 25.80 4.04 3.11
N PRO D 204 25.00 2.96 3.24
CA PRO D 204 24.03 2.61 2.19
C PRO D 204 22.89 3.60 1.94
N ALA D 205 22.67 4.56 2.88
CA ALA D 205 21.60 5.58 2.80
C ALA D 205 21.81 6.56 1.64
N TRP D 206 23.10 6.73 1.24
CA TRP D 206 23.46 7.61 0.15
C TRP D 206 23.07 6.96 -1.19
N TRP D 207 23.07 5.63 -1.18
CA TRP D 207 22.89 4.85 -2.37
C TRP D 207 21.46 4.42 -2.61
N SER D 208 20.78 5.19 -3.46
CA SER D 208 19.41 4.88 -3.87
C SER D 208 19.47 4.14 -5.22
N GLY D 209 18.33 3.64 -5.68
CA GLY D 209 18.26 2.87 -6.92
C GLY D 209 18.57 1.40 -6.71
N GLN D 210 18.57 0.60 -7.81
CA GLN D 210 18.86 -0.82 -7.78
C GLN D 210 19.91 -1.17 -8.87
N PRO D 211 21.19 -1.31 -8.48
CA PRO D 211 22.22 -1.58 -9.50
C PRO D 211 22.07 -2.96 -10.13
N ILE D 212 22.54 -3.08 -11.38
CA ILE D 212 22.44 -4.26 -12.23
C ILE D 212 22.84 -5.54 -11.49
N TRP D 213 23.85 -5.49 -10.59
CA TRP D 213 24.23 -6.70 -9.86
C TRP D 213 23.08 -7.18 -9.02
N LEU D 214 22.40 -6.25 -8.29
CA LEU D 214 21.23 -6.61 -7.45
C LEU D 214 20.11 -7.17 -8.28
N THR D 215 19.79 -6.50 -9.41
CA THR D 215 18.72 -6.91 -10.35
C THR D 215 18.90 -8.38 -10.75
N ALA D 216 20.12 -8.75 -11.15
CA ALA D 216 20.50 -10.11 -11.54
C ALA D 216 20.36 -11.09 -10.36
N MET D 217 20.85 -10.68 -9.18
CA MET D 217 20.80 -11.45 -7.95
C MET D 217 19.36 -11.72 -7.53
N TYR D 218 18.53 -10.67 -7.47
CA TYR D 218 17.11 -10.72 -7.14
C TYR D 218 16.36 -11.60 -8.17
N GLN D 219 16.95 -11.82 -9.37
CA GLN D 219 16.32 -12.61 -10.42
C GLN D 219 17.04 -13.95 -10.70
N GLY D 220 17.61 -14.51 -9.64
CA GLY D 220 18.26 -15.81 -9.67
C GLY D 220 19.74 -15.84 -9.98
N LEU D 221 20.20 -14.96 -10.91
CA LEU D 221 21.63 -14.95 -11.31
C LEU D 221 22.58 -14.54 -10.18
N LYS D 222 23.86 -14.76 -10.39
CA LYS D 222 24.89 -14.42 -9.43
C LYS D 222 25.76 -13.34 -10.06
N ALA D 223 26.33 -12.43 -9.28
CA ALA D 223 27.11 -11.33 -9.80
C ALA D 223 28.36 -11.08 -9.03
N ALA D 224 29.44 -10.76 -9.74
CA ALA D 224 30.73 -10.43 -9.14
C ALA D 224 31.20 -9.05 -9.56
N SER D 225 32.08 -8.46 -8.73
CA SER D 225 32.64 -7.13 -9.01
C SER D 225 34.05 -6.97 -8.49
N TYR D 226 34.93 -6.46 -9.36
CA TYR D 226 36.31 -6.15 -9.05
C TYR D 226 36.46 -4.67 -9.23
N TYR D 227 35.87 -3.93 -8.29
CA TYR D 227 35.79 -2.47 -8.25
C TYR D 227 34.70 -1.99 -9.21
N TRP D 228 33.90 -1.05 -8.76
CA TRP D 228 32.86 -0.37 -9.50
C TRP D 228 32.10 0.41 -8.50
N PRO D 229 32.01 1.74 -8.69
CA PRO D 229 31.25 2.57 -7.73
C PRO D 229 29.97 1.94 -7.19
N GLY D 230 29.94 1.80 -5.87
CA GLY D 230 28.78 1.24 -5.17
C GLY D 230 28.71 -0.26 -5.06
N SER D 231 29.66 -0.99 -5.70
CA SER D 231 29.71 -2.45 -5.63
C SER D 231 30.37 -2.92 -4.33
N ASP D 232 31.07 -2.00 -3.63
CA ASP D 232 31.66 -2.28 -2.34
C ASP D 232 30.78 -1.65 -1.24
N VAL D 233 29.46 -1.52 -1.52
CA VAL D 233 28.41 -0.96 -0.64
C VAL D 233 27.21 -1.94 -0.61
N ALA D 234 26.64 -2.15 0.61
CA ALA D 234 25.46 -2.99 0.83
C ALA D 234 24.19 -2.19 0.47
N VAL D 235 24.08 -1.82 -0.83
CA VAL D 235 22.98 -1.06 -1.46
C VAL D 235 21.73 -1.91 -1.31
N ASN D 236 20.68 -1.35 -0.67
CA ASN D 236 19.47 -2.11 -0.37
C ASN D 236 19.81 -3.40 0.45
N GLY D 237 20.70 -3.19 1.43
CA GLY D 237 21.17 -4.17 2.40
C GLY D 237 21.84 -5.41 1.90
N SER D 238 22.44 -5.34 0.69
CA SER D 238 23.15 -6.48 0.09
C SER D 238 24.24 -6.03 -0.86
N PHE D 239 25.36 -6.74 -0.77
CA PHE D 239 26.54 -6.56 -1.61
C PHE D 239 26.46 -7.55 -2.77
N PRO D 240 27.30 -7.45 -3.81
CA PRO D 240 27.28 -8.50 -4.85
C PRO D 240 27.78 -9.84 -4.27
N ASN D 241 27.37 -10.99 -4.86
CA ASN D 241 27.81 -12.31 -4.43
C ASN D 241 29.33 -12.33 -4.16
N ILE D 242 30.11 -11.83 -5.14
CA ILE D 242 31.56 -11.65 -5.00
C ILE D 242 31.88 -10.17 -5.27
N TYR D 243 32.66 -9.56 -4.38
CA TYR D 243 33.10 -8.18 -4.51
C TYR D 243 34.47 -7.97 -3.90
N ARG D 244 35.17 -6.93 -4.35
CA ARG D 244 36.49 -6.56 -3.83
C ARG D 244 36.43 -5.10 -3.35
N ASN D 245 36.95 -4.85 -2.12
CA ASN D 245 37.01 -3.51 -1.53
C ASN D 245 38.24 -2.83 -2.15
N TYR D 246 38.04 -1.58 -2.64
CA TYR D 246 39.04 -0.72 -3.30
C TYR D 246 40.41 -0.81 -2.60
N SER D 247 41.26 -1.73 -3.12
CA SER D 247 42.60 -2.00 -2.57
C SER D 247 43.65 -0.88 -2.91
N ASN D 248 44.92 -1.09 -2.41
CA ASN D 248 46.02 -0.14 -2.50
C ASN D 248 46.71 -0.02 -3.86
N SER D 249 47.09 -1.15 -4.54
CA SER D 249 47.81 -1.08 -5.84
C SER D 249 47.77 -2.37 -6.72
N VAL D 250 46.79 -3.29 -6.52
CA VAL D 250 46.63 -4.58 -7.24
C VAL D 250 47.02 -4.53 -8.72
N PRO D 251 47.98 -5.38 -9.18
CA PRO D 251 48.34 -5.41 -10.60
C PRO D 251 47.19 -5.93 -11.46
N TYR D 252 47.12 -5.46 -12.73
CA TYR D 252 46.06 -5.85 -13.66
C TYR D 252 45.97 -7.35 -13.88
N GLU D 253 47.13 -8.03 -14.00
CA GLU D 253 47.16 -9.48 -14.22
C GLU D 253 46.53 -10.19 -13.04
N SER D 254 46.70 -9.61 -11.85
CA SER D 254 46.19 -10.15 -10.61
C SER D 254 44.69 -10.05 -10.58
N ARG D 255 44.12 -9.02 -11.22
CA ARG D 255 42.69 -8.77 -11.35
C ARG D 255 42.08 -9.72 -12.40
N ILE D 256 42.76 -9.84 -13.57
CA ILE D 256 42.31 -10.69 -14.67
C ILE D 256 42.32 -12.17 -14.24
N ALA D 257 43.32 -12.56 -13.45
CA ALA D 257 43.42 -13.93 -12.94
C ALA D 257 42.21 -14.26 -12.08
N THR D 258 41.80 -13.34 -11.18
CA THR D 258 40.65 -13.49 -10.28
C THR D 258 39.38 -13.59 -11.10
N LEU D 259 39.29 -12.76 -12.15
CA LEU D 259 38.16 -12.74 -13.05
C LEU D 259 37.95 -14.11 -13.70
N LEU D 260 39.06 -14.77 -14.11
CA LEU D 260 39.07 -16.09 -14.73
C LEU D 260 38.81 -17.20 -13.74
N GLN D 261 39.21 -17.02 -12.46
CA GLN D 261 38.98 -17.98 -11.38
C GLN D 261 37.49 -18.05 -11.12
N TRP D 262 36.83 -16.88 -11.15
CA TRP D 262 35.39 -16.70 -10.95
C TRP D 262 34.60 -17.44 -12.03
N LEU D 263 35.16 -17.47 -13.26
CA LEU D 263 34.54 -18.13 -14.40
C LEU D 263 34.82 -19.61 -14.36
N ASP D 264 35.83 -20.00 -13.55
CA ASP D 264 36.24 -21.40 -13.35
C ASP D 264 35.45 -22.03 -12.18
N LEU D 265 34.62 -21.20 -11.50
CA LEU D 265 33.75 -21.62 -10.40
C LEU D 265 32.69 -22.60 -10.89
N PRO D 266 32.15 -23.48 -9.97
CA PRO D 266 31.07 -24.42 -10.39
C PRO D 266 29.82 -23.60 -10.74
N LYS D 267 29.07 -24.02 -11.79
CA LYS D 267 27.86 -23.36 -12.32
C LYS D 267 27.01 -22.70 -11.22
N ALA D 268 26.76 -23.48 -10.14
CA ALA D 268 26.01 -23.09 -8.96
C ALA D 268 26.46 -21.76 -8.40
N GLU D 269 27.77 -21.62 -8.06
CA GLU D 269 28.40 -20.41 -7.49
C GLU D 269 28.81 -19.35 -8.52
N ARG D 270 29.06 -19.79 -9.78
CA ARG D 270 29.59 -18.97 -10.88
C ARG D 270 28.73 -17.80 -11.28
N PRO D 271 29.26 -16.55 -11.14
CA PRO D 271 28.50 -15.37 -11.56
C PRO D 271 28.26 -15.29 -13.06
N SER D 272 27.11 -14.70 -13.40
CA SER D 272 26.63 -14.47 -14.76
C SER D 272 26.99 -13.03 -15.17
N PHE D 273 27.14 -12.11 -14.21
CA PHE D 273 27.46 -10.71 -14.46
C PHE D 273 28.74 -10.28 -13.79
N TYR D 274 29.55 -9.48 -14.48
CA TYR D 274 30.83 -9.01 -13.96
C TYR D 274 31.06 -7.53 -14.22
N THR D 275 31.52 -6.80 -13.18
CA THR D 275 31.92 -5.41 -13.26
C THR D 275 33.38 -5.35 -12.88
N ILE D 276 34.18 -4.72 -13.72
CA ILE D 276 35.59 -4.51 -13.47
C ILE D 276 35.95 -3.07 -13.86
N TYR D 277 36.40 -2.30 -12.88
CA TYR D 277 36.79 -0.89 -13.02
C TYR D 277 38.33 -0.80 -12.93
N VAL D 278 38.92 -0.04 -13.86
CA VAL D 278 40.37 0.17 -13.97
C VAL D 278 40.63 1.67 -14.15
N GLU D 279 41.20 2.27 -13.11
CA GLU D 279 41.51 3.70 -12.95
C GLU D 279 43.03 3.99 -13.10
N GLU D 280 43.37 5.23 -13.50
CA GLU D 280 44.74 5.69 -13.84
C GLU D 280 45.81 5.47 -12.73
N ALA D 293 52.83 10.57 -22.28
CA ALA D 293 54.10 9.90 -22.54
C ALA D 293 54.16 8.52 -21.89
N GLY D 294 53.91 8.51 -20.57
CA GLY D 294 53.82 7.31 -19.73
C GLY D 294 52.37 6.92 -19.68
N VAL D 295 51.55 7.64 -20.48
CA VAL D 295 50.12 7.49 -20.75
C VAL D 295 49.98 6.27 -21.64
N ILE D 296 50.79 6.22 -22.73
CA ILE D 296 50.79 5.10 -23.67
C ILE D 296 51.26 3.86 -22.93
N LYS D 297 52.33 4.00 -22.15
CA LYS D 297 52.89 2.94 -21.34
C LYS D 297 51.81 2.36 -20.42
N ALA D 298 51.02 3.21 -19.76
CA ALA D 298 49.92 2.81 -18.88
C ALA D 298 48.73 2.18 -19.61
N LEU D 299 48.37 2.74 -20.79
CA LEU D 299 47.30 2.23 -21.65
C LEU D 299 47.65 0.85 -22.19
N GLN D 300 48.91 0.65 -22.58
CA GLN D 300 49.41 -0.62 -23.07
C GLN D 300 49.27 -1.69 -22.01
N LEU D 301 49.56 -1.35 -20.74
CA LEU D 301 49.38 -2.27 -19.60
C LEU D 301 47.93 -2.74 -19.46
N VAL D 302 46.92 -1.85 -19.73
CA VAL D 302 45.51 -2.26 -19.68
C VAL D 302 45.19 -3.11 -20.91
N ASP D 303 45.78 -2.77 -22.09
CA ASP D 303 45.52 -3.54 -23.30
C ASP D 303 46.09 -4.94 -23.16
N ASP D 304 47.24 -5.08 -22.47
CA ASP D 304 47.85 -6.36 -22.22
C ASP D 304 46.97 -7.20 -21.31
N ALA D 305 46.44 -6.56 -20.23
CA ALA D 305 45.51 -7.16 -19.26
C ALA D 305 44.23 -7.56 -19.95
N PHE D 306 43.80 -6.76 -20.94
CA PHE D 306 42.61 -7.05 -21.72
C PHE D 306 42.85 -8.28 -22.59
N GLY D 307 44.03 -8.34 -23.21
CA GLY D 307 44.45 -9.44 -24.08
C GLY D 307 44.61 -10.71 -23.31
N MET D 308 44.92 -10.59 -22.01
CA MET D 308 45.08 -11.71 -21.06
C MET D 308 43.70 -12.28 -20.81
N LEU D 309 42.72 -11.39 -20.61
CA LEU D 309 41.33 -11.81 -20.39
C LEU D 309 40.80 -12.58 -21.61
N MET D 310 41.03 -12.05 -22.81
CA MET D 310 40.58 -12.71 -24.03
C MET D 310 41.23 -14.06 -24.25
N GLU D 311 42.54 -14.14 -23.98
CA GLU D 311 43.29 -15.37 -24.12
C GLU D 311 42.81 -16.44 -23.12
N GLY D 312 42.55 -16.00 -21.89
CA GLY D 312 42.01 -16.85 -20.82
C GLY D 312 40.69 -17.44 -21.24
N LEU D 313 39.82 -16.60 -21.85
CA LEU D 313 38.49 -17.00 -22.35
C LEU D 313 38.62 -18.01 -23.49
N LYS D 314 39.53 -17.75 -24.46
CA LYS D 314 39.75 -18.67 -25.58
C LYS D 314 40.10 -20.06 -25.08
N GLN D 315 41.03 -20.14 -24.10
CA GLN D 315 41.46 -21.37 -23.41
C GLN D 315 40.23 -22.15 -22.86
N ARG D 316 39.24 -21.41 -22.36
CA ARG D 316 38.05 -21.93 -21.73
C ARG D 316 36.90 -22.17 -22.71
N ASN D 317 37.13 -21.76 -23.99
CA ASN D 317 36.17 -21.81 -25.10
C ASN D 317 34.99 -20.81 -24.85
N LEU D 318 35.31 -19.71 -24.15
CA LEU D 318 34.35 -18.68 -23.80
C LEU D 318 34.48 -17.41 -24.62
N HIS D 319 35.54 -17.31 -25.44
CA HIS D 319 35.80 -16.12 -26.26
C HIS D 319 34.64 -15.73 -27.21
N ASN D 320 33.84 -16.71 -27.67
CA ASN D 320 32.65 -16.45 -28.52
C ASN D 320 31.34 -16.74 -27.76
N CYS D 321 31.43 -16.75 -26.43
CA CYS D 321 30.34 -16.98 -25.51
C CYS D 321 30.11 -15.69 -24.74
N VAL D 322 31.12 -15.24 -23.98
CA VAL D 322 31.01 -14.04 -23.16
C VAL D 322 30.71 -12.80 -24.00
N ASN D 323 29.70 -12.00 -23.57
CA ASN D 323 29.35 -10.70 -24.12
C ASN D 323 30.13 -9.71 -23.26
N ILE D 324 31.15 -9.10 -23.82
CA ILE D 324 32.02 -8.16 -23.15
C ILE D 324 31.77 -6.74 -23.66
N ILE D 325 31.55 -5.80 -22.72
CA ILE D 325 31.37 -4.38 -23.00
C ILE D 325 32.55 -3.66 -22.36
N VAL D 326 33.26 -2.83 -23.14
CA VAL D 326 34.39 -2.04 -22.68
C VAL D 326 34.05 -0.57 -22.85
N LEU D 327 34.30 0.22 -21.80
CA LEU D 327 34.05 1.65 -21.79
C LEU D 327 35.38 2.27 -21.59
N ALA D 328 35.80 3.08 -22.55
CA ALA D 328 37.11 3.71 -22.54
C ALA D 328 36.97 5.24 -22.50
N ASP D 329 37.10 5.81 -21.27
CA ASP D 329 36.94 7.25 -21.07
C ASP D 329 38.06 7.99 -21.74
N HIS D 330 37.72 8.84 -22.73
CA HIS D 330 38.70 9.60 -23.51
C HIS D 330 38.80 11.03 -23.00
N GLY D 331 38.18 11.27 -21.85
CA GLY D 331 38.14 12.58 -21.20
C GLY D 331 39.50 13.12 -20.86
N MET D 332 39.71 14.40 -21.15
CA MET D 332 40.96 15.12 -20.86
C MET D 332 40.69 16.39 -20.07
N ASP D 333 41.65 16.75 -19.20
CA ASP D 333 41.60 17.95 -18.38
C ASP D 333 41.68 19.20 -19.28
N GLN D 334 40.50 19.79 -19.55
CA GLN D 334 40.34 21.00 -20.36
C GLN D 334 40.43 22.29 -19.53
N THR D 335 40.82 22.15 -18.24
CA THR D 335 40.96 23.25 -17.30
C THR D 335 42.34 23.91 -17.37
N SER D 336 42.37 25.21 -17.06
CA SER D 336 43.57 26.05 -17.04
C SER D 336 43.42 26.99 -15.86
N CYS D 337 44.52 27.27 -15.13
CA CYS D 337 44.53 28.21 -14.00
C CYS D 337 44.19 29.63 -14.49
N ASP D 338 44.25 29.85 -15.83
CA ASP D 338 43.91 31.09 -16.52
C ASP D 338 42.40 31.20 -16.76
N ARG D 339 41.72 30.05 -16.90
CA ARG D 339 40.28 29.96 -17.09
C ARG D 339 39.59 29.51 -15.77
N VAL D 340 39.63 30.40 -14.75
CA VAL D 340 39.02 30.20 -13.43
C VAL D 340 38.29 31.49 -13.04
N GLU D 341 37.01 31.36 -12.63
CA GLU D 341 36.17 32.46 -12.15
C GLU D 341 36.16 32.40 -10.63
N TYR D 342 36.28 33.57 -9.96
CA TYR D 342 36.30 33.61 -8.50
C TYR D 342 35.15 34.44 -7.99
N MET D 343 34.49 33.94 -6.95
CA MET D 343 33.32 34.58 -6.33
C MET D 343 33.65 35.88 -5.64
N THR D 344 34.94 36.06 -5.26
CA THR D 344 35.48 37.27 -4.65
C THR D 344 35.21 38.52 -5.52
N ASP D 345 35.20 38.32 -6.86
CA ASP D 345 34.96 39.33 -7.88
C ASP D 345 33.49 39.76 -7.94
N TYR D 346 32.61 38.93 -7.39
CA TYR D 346 31.16 39.18 -7.40
C TYR D 346 30.59 39.55 -6.02
N PHE D 347 31.30 39.14 -4.95
CA PHE D 347 30.86 39.41 -3.58
C PHE D 347 31.94 40.14 -2.77
N PRO D 348 31.56 41.21 -2.03
CA PRO D 348 32.55 41.89 -1.16
C PRO D 348 32.96 40.99 0.01
N GLU D 349 32.02 40.11 0.42
CA GLU D 349 32.17 39.11 1.48
C GLU D 349 31.49 37.78 1.08
N ILE D 350 32.14 36.66 1.39
CA ILE D 350 31.63 35.32 1.10
C ILE D 350 31.43 34.56 2.42
N ASN D 351 30.16 34.34 2.78
CA ASN D 351 29.80 33.63 4.01
C ASN D 351 29.07 32.31 3.74
N PHE D 352 28.99 31.92 2.46
CA PHE D 352 28.35 30.70 2.01
C PHE D 352 29.40 29.64 1.76
N TYR D 353 28.99 28.37 1.76
CA TYR D 353 29.83 27.25 1.41
C TYR D 353 29.59 27.00 -0.08
N MET D 354 30.68 26.73 -0.81
CA MET D 354 30.62 26.47 -2.24
C MET D 354 31.30 25.16 -2.57
N TYR D 355 30.58 24.29 -3.30
CA TYR D 355 31.09 23.03 -3.85
C TYR D 355 31.70 23.52 -5.14
N GLN D 356 33.04 23.47 -5.23
CA GLN D 356 33.78 24.08 -6.32
C GLN D 356 34.07 23.20 -7.54
N GLY D 357 34.58 23.84 -8.59
CA GLY D 357 34.93 23.16 -9.82
C GLY D 357 34.05 23.44 -11.00
N PRO D 358 33.66 22.36 -11.74
CA PRO D 358 32.91 22.56 -12.98
C PRO D 358 31.38 22.60 -12.88
N ALA D 359 30.79 22.03 -11.81
CA ALA D 359 29.34 22.04 -11.61
C ALA D 359 29.09 22.57 -10.18
N PRO D 360 29.43 23.86 -9.92
CA PRO D 360 29.32 24.38 -8.57
C PRO D 360 27.92 24.49 -8.01
N ARG D 361 27.83 24.40 -6.68
CA ARG D 361 26.60 24.52 -5.90
C ARG D 361 26.93 25.32 -4.66
N ILE D 362 26.05 26.28 -4.30
CA ILE D 362 26.27 27.13 -3.13
C ILE D 362 25.20 26.83 -2.05
N ARG D 363 25.66 26.78 -0.76
CA ARG D 363 24.81 26.53 0.42
C ARG D 363 25.25 27.35 1.62
N THR D 364 24.48 27.33 2.73
CA THR D 364 24.86 28.02 3.97
C THR D 364 25.97 27.23 4.67
N ARG D 365 26.73 27.90 5.53
CA ARG D 365 27.76 27.21 6.31
C ARG D 365 27.07 26.62 7.54
N ASN D 366 26.00 27.31 8.03
CA ASN D 366 25.22 26.92 9.20
C ASN D 366 24.21 25.84 8.87
N ILE D 367 24.74 24.60 8.74
CA ILE D 367 23.99 23.39 8.44
C ILE D 367 23.85 22.51 9.71
N PRO D 368 22.68 21.92 9.99
CA PRO D 368 21.42 21.92 9.21
C PRO D 368 20.52 23.12 9.43
N GLN D 369 20.66 23.78 10.60
CA GLN D 369 19.89 24.91 11.11
C GLN D 369 19.36 25.87 10.02
N ASP D 370 20.24 26.40 9.15
CA ASP D 370 19.84 27.38 8.14
C ASP D 370 19.67 26.87 6.73
N PHE D 371 19.83 25.56 6.50
CA PHE D 371 19.74 24.93 5.18
C PHE D 371 18.57 25.38 4.30
N PHE D 372 17.34 25.39 4.84
CA PHE D 372 16.16 25.77 4.06
C PHE D 372 15.86 27.25 4.10
N THR D 373 16.41 27.97 5.10
CA THR D 373 16.20 29.42 5.25
C THR D 373 17.14 30.24 4.35
N PHE D 374 18.33 29.68 4.02
CA PHE D 374 19.36 30.30 3.18
C PHE D 374 18.75 30.94 1.94
N ASN D 375 19.08 32.22 1.71
CA ASN D 375 18.52 32.95 0.57
C ASN D 375 19.22 32.55 -0.72
N SER D 376 18.74 31.47 -1.32
CA SER D 376 19.29 30.94 -2.55
C SER D 376 18.97 31.87 -3.71
N GLU D 377 17.76 32.47 -3.70
CA GLU D 377 17.27 33.38 -4.75
C GLU D 377 18.14 34.60 -4.86
N GLU D 378 18.62 35.15 -3.71
CA GLU D 378 19.48 36.32 -3.63
C GLU D 378 20.82 36.02 -4.26
N ILE D 379 21.39 34.81 -4.01
CA ILE D 379 22.69 34.42 -4.57
C ILE D 379 22.63 34.44 -6.09
N VAL D 380 21.60 33.76 -6.71
CA VAL D 380 21.45 33.72 -8.18
C VAL D 380 21.33 35.13 -8.75
N ARG D 381 20.59 35.99 -8.06
CA ARG D 381 20.36 37.38 -8.44
C ARG D 381 21.68 38.18 -8.40
N ASP D 382 22.42 38.05 -7.29
CA ASP D 382 23.67 38.76 -7.08
C ASP D 382 24.79 38.28 -8.00
N LEU D 383 24.61 37.14 -8.67
CA LEU D 383 25.59 36.58 -9.60
C LEU D 383 25.11 36.71 -11.06
N SER D 384 23.86 37.21 -11.27
CA SER D 384 23.25 37.34 -12.59
C SER D 384 23.66 38.59 -13.35
N CYS D 385 24.15 38.40 -14.59
CA CYS D 385 24.59 39.45 -15.52
C CYS D 385 25.45 40.50 -14.83
N ARG D 386 26.51 40.02 -14.16
CA ARG D 386 27.44 40.87 -13.41
C ARG D 386 28.59 41.37 -14.28
N LYS D 387 29.11 40.48 -15.16
CA LYS D 387 30.17 40.78 -16.11
C LYS D 387 29.72 40.39 -17.51
N SER D 388 30.23 41.11 -18.53
CA SER D 388 29.87 40.86 -19.92
C SER D 388 30.51 39.57 -20.44
N ASP D 389 31.76 39.32 -20.01
CA ASP D 389 32.54 38.15 -20.38
C ASP D 389 32.23 36.93 -19.52
N GLN D 390 31.52 37.11 -18.37
CA GLN D 390 31.12 36.12 -17.35
C GLN D 390 31.08 34.67 -17.86
N HIS D 391 31.96 33.83 -17.30
CA HIS D 391 32.14 32.45 -17.74
C HIS D 391 31.37 31.41 -16.94
N PHE D 392 30.19 31.83 -16.45
CA PHE D 392 29.26 30.99 -15.73
C PHE D 392 27.87 31.64 -15.74
N LYS D 393 26.84 30.85 -15.44
CA LYS D 393 25.49 31.38 -15.32
C LYS D 393 24.78 30.80 -14.09
N PRO D 394 24.47 31.62 -13.05
CA PRO D 394 23.78 31.09 -11.88
C PRO D 394 22.35 30.72 -12.24
N TYR D 395 21.84 29.68 -11.58
CA TYR D 395 20.49 29.18 -11.73
C TYR D 395 19.99 28.67 -10.41
N LEU D 396 18.67 28.71 -10.22
CA LEU D 396 18.01 28.02 -9.13
C LEU D 396 17.76 26.70 -9.83
N THR D 397 17.92 25.58 -9.14
CA THR D 397 17.82 24.26 -9.77
C THR D 397 16.53 24.09 -10.67
N PRO D 398 15.31 24.53 -10.31
CA PRO D 398 14.17 24.34 -11.24
C PRO D 398 14.28 25.12 -12.57
N ASP D 399 15.06 26.22 -12.54
CA ASP D 399 15.28 27.06 -13.72
C ASP D 399 16.38 26.51 -14.66
N LEU D 400 17.12 25.47 -14.20
CA LEU D 400 18.19 24.82 -14.96
C LEU D 400 17.62 24.14 -16.21
N PRO D 401 18.38 24.02 -17.34
CA PRO D 401 17.88 23.30 -18.52
C PRO D 401 17.31 21.92 -18.16
N LYS D 402 16.03 21.67 -18.57
CA LYS D 402 15.30 20.44 -18.21
C LYS D 402 15.97 19.13 -18.65
N ARG D 403 16.77 19.16 -19.74
CA ARG D 403 17.50 18.00 -20.27
C ARG D 403 18.46 17.43 -19.26
N LEU D 404 19.00 18.29 -18.36
CA LEU D 404 19.99 17.89 -17.36
C LEU D 404 19.42 16.96 -16.27
N HIS D 405 18.13 17.11 -15.91
CA HIS D 405 17.44 16.33 -14.86
C HIS D 405 18.24 16.41 -13.57
N TYR D 406 18.50 17.65 -13.11
CA TYR D 406 19.39 17.86 -11.98
C TYR D 406 18.79 18.82 -11.00
N ALA D 407 17.70 18.39 -10.34
CA ALA D 407 17.00 19.28 -9.40
C ALA D 407 16.25 18.57 -8.28
N LYS D 408 15.61 17.42 -8.61
CA LYS D 408 14.76 16.69 -7.67
C LYS D 408 15.56 15.74 -6.73
N ASN D 409 16.27 16.36 -5.74
CA ASN D 409 17.03 15.74 -4.64
C ASN D 409 17.45 16.84 -3.66
N VAL D 410 17.26 16.60 -2.31
CA VAL D 410 17.67 17.55 -1.25
C VAL D 410 19.18 17.83 -1.31
N ARG D 411 19.96 16.81 -1.71
CA ARG D 411 21.41 16.81 -1.90
C ARG D 411 21.83 17.84 -2.95
N ILE D 412 20.96 18.13 -3.93
CA ILE D 412 21.19 19.12 -4.99
C ILE D 412 20.74 20.47 -4.45
N ASP D 413 21.73 21.29 -4.06
CA ASP D 413 21.52 22.63 -3.53
C ASP D 413 20.83 23.47 -4.58
N LYS D 414 19.83 24.29 -4.16
CA LYS D 414 19.03 25.18 -5.03
C LYS D 414 19.92 26.08 -5.89
N VAL D 415 21.00 26.65 -5.29
CA VAL D 415 21.95 27.46 -6.04
C VAL D 415 22.83 26.55 -6.85
N HIS D 416 22.85 26.78 -8.15
CA HIS D 416 23.70 26.02 -9.03
C HIS D 416 24.32 26.96 -10.06
N LEU D 417 25.60 26.75 -10.35
CA LEU D 417 26.30 27.55 -11.33
C LEU D 417 26.59 26.71 -12.55
N MET D 418 26.27 27.25 -13.74
CA MET D 418 26.57 26.54 -14.98
C MET D 418 27.82 27.17 -15.53
N VAL D 419 28.94 26.48 -15.31
CA VAL D 419 30.23 26.99 -15.77
C VAL D 419 30.43 26.59 -17.21
N ASP D 420 31.00 27.53 -18.01
CA ASP D 420 31.36 27.34 -19.41
C ASP D 420 32.36 26.19 -19.55
N ARG D 421 32.40 25.55 -20.73
CA ARG D 421 33.35 24.48 -21.03
C ARG D 421 34.77 25.06 -20.88
N GLN D 422 35.72 24.26 -20.32
CA GLN D 422 37.13 24.66 -20.09
C GLN D 422 37.35 25.66 -18.89
N TRP D 423 36.25 26.15 -18.31
CA TRP D 423 36.29 27.05 -17.17
C TRP D 423 35.91 26.35 -15.87
N LEU D 424 36.35 26.94 -14.74
CA LEU D 424 36.07 26.46 -13.37
C LEU D 424 35.65 27.63 -12.49
N ALA D 425 34.90 27.37 -11.41
CA ALA D 425 34.48 28.40 -10.48
C ALA D 425 34.87 28.02 -9.08
N TYR D 426 35.45 28.99 -8.34
CA TYR D 426 35.97 28.81 -6.98
C TYR D 426 35.57 29.92 -6.03
N ARG D 427 35.60 29.61 -4.72
CA ARG D 427 35.27 30.52 -3.62
C ARG D 427 36.16 31.77 -3.71
N ASN D 428 37.50 31.56 -3.62
CA ASN D 428 38.55 32.59 -3.67
C ASN D 428 39.80 31.99 -4.34
N LYS D 429 40.89 32.78 -4.46
CA LYS D 429 42.12 32.24 -5.01
C LYS D 429 42.87 31.51 -3.88
N GLY D 430 42.84 30.17 -3.96
CA GLY D 430 43.43 29.27 -2.97
C GLY D 430 42.93 27.84 -3.09
N SER D 447 35.44 14.58 -15.99
CA SER D 447 34.52 14.96 -17.07
C SER D 447 34.41 13.86 -18.12
N MET D 448 33.84 12.73 -17.70
CA MET D 448 33.63 11.53 -18.52
C MET D 448 33.02 11.82 -19.91
N GLU D 449 33.61 11.16 -20.93
CA GLU D 449 33.29 11.11 -22.37
C GLU D 449 34.00 9.85 -22.94
N ALA D 450 33.29 8.72 -22.76
CA ALA D 450 33.75 7.36 -23.04
C ALA D 450 33.35 6.82 -24.38
N ILE D 451 34.14 5.87 -24.87
CA ILE D 451 33.87 5.17 -26.11
C ILE D 451 33.30 3.81 -25.73
N PHE D 452 32.11 3.50 -26.21
CA PHE D 452 31.43 2.24 -25.91
C PHE D 452 31.89 1.18 -26.93
N LEU D 453 32.38 0.03 -26.44
CA LEU D 453 32.85 -1.09 -27.25
C LEU D 453 32.19 -2.37 -26.77
N ALA D 454 31.71 -3.18 -27.69
CA ALA D 454 31.02 -4.42 -27.32
C ALA D 454 31.33 -5.52 -28.29
N HIS D 455 31.57 -6.70 -27.74
CA HIS D 455 31.90 -7.90 -28.49
C HIS D 455 31.20 -9.05 -27.83
N GLY D 456 30.70 -9.97 -28.63
CA GLY D 456 29.98 -11.10 -28.07
C GLY D 456 28.89 -11.60 -28.98
N PRO D 457 28.42 -12.84 -28.72
CA PRO D 457 27.42 -13.45 -29.60
C PRO D 457 26.03 -12.78 -29.65
N SER D 458 25.67 -12.00 -28.61
CA SER D 458 24.37 -11.34 -28.57
C SER D 458 24.38 -9.99 -29.32
N PHE D 459 25.59 -9.41 -29.53
CA PHE D 459 25.86 -8.13 -30.19
C PHE D 459 26.11 -8.24 -31.68
N LYS D 460 25.70 -7.18 -32.42
CA LYS D 460 25.91 -7.02 -33.87
C LYS D 460 27.43 -6.97 -34.13
N GLU D 461 27.88 -7.58 -35.25
CA GLU D 461 29.30 -7.64 -35.60
C GLU D 461 29.70 -6.58 -36.57
N LYS D 462 30.93 -6.05 -36.42
CA LYS D 462 31.56 -5.04 -37.30
C LYS D 462 30.54 -3.93 -37.65
N THR D 463 30.01 -3.26 -36.59
CA THR D 463 29.00 -2.21 -36.65
C THR D 463 29.44 -0.96 -35.88
N VAL D 464 29.21 0.23 -36.49
CA VAL D 464 29.47 1.50 -35.84
C VAL D 464 28.09 1.98 -35.41
N ILE D 465 27.91 2.25 -34.10
CA ILE D 465 26.60 2.72 -33.65
C ILE D 465 26.69 4.21 -33.20
N GLU D 466 25.57 4.92 -33.43
CA GLU D 466 25.41 6.34 -33.15
C GLU D 466 25.45 6.63 -31.65
N PRO D 467 25.97 7.80 -31.23
CA PRO D 467 26.04 8.14 -29.80
C PRO D 467 24.74 8.06 -29.03
N PHE D 468 24.83 7.61 -27.78
CA PHE D 468 23.67 7.44 -26.90
C PHE D 468 24.02 7.80 -25.43
N GLU D 469 23.05 7.92 -24.54
CA GLU D 469 23.33 8.20 -23.13
C GLU D 469 23.56 6.94 -22.28
N ASN D 470 24.32 7.10 -21.18
CA ASN D 470 24.61 6.00 -20.29
C ASN D 470 23.36 5.49 -19.52
N ILE D 471 22.28 6.30 -19.46
CA ILE D 471 21.04 5.89 -18.78
C ILE D 471 20.34 4.73 -19.53
N GLU D 472 20.77 4.49 -20.78
CA GLU D 472 20.24 3.45 -21.65
C GLU D 472 20.79 2.04 -21.40
N VAL D 473 22.13 1.95 -21.13
CA VAL D 473 22.95 0.76 -20.91
C VAL D 473 22.33 -0.30 -19.97
N TYR D 474 21.76 0.10 -18.80
CA TYR D 474 21.15 -0.82 -17.81
C TYR D 474 20.12 -1.80 -18.44
N ASN D 475 19.18 -1.29 -19.27
CA ASN D 475 18.21 -2.13 -19.96
C ASN D 475 18.91 -3.11 -20.88
N LEU D 476 20.00 -2.67 -21.52
CA LEU D 476 20.76 -3.56 -22.40
C LEU D 476 21.38 -4.62 -21.56
N LEU D 477 21.92 -4.26 -20.35
CA LEU D 477 22.55 -5.25 -19.44
C LEU D 477 21.52 -6.28 -19.03
N CYS D 478 20.30 -5.79 -18.77
CA CYS D 478 19.21 -6.67 -18.42
C CYS D 478 18.87 -7.64 -19.59
N ASP D 479 18.74 -7.10 -20.81
CA ASP D 479 18.43 -7.86 -22.03
C ASP D 479 19.48 -8.92 -22.28
N LEU D 480 20.78 -8.54 -22.08
CA LEU D 480 21.87 -9.47 -22.26
C LEU D 480 21.79 -10.59 -21.21
N LEU D 481 21.39 -10.27 -19.94
CA LEU D 481 21.26 -11.23 -18.82
C LEU D 481 19.88 -11.91 -18.77
N HIS D 482 18.95 -11.58 -19.71
CA HIS D 482 17.59 -12.13 -19.80
C HIS D 482 16.77 -11.90 -18.50
N ILE D 483 16.84 -10.68 -17.95
CA ILE D 483 16.18 -10.32 -16.71
C ILE D 483 15.38 -9.06 -16.90
N GLN D 484 14.33 -8.87 -16.07
CA GLN D 484 13.47 -7.69 -16.12
C GLN D 484 14.13 -6.46 -15.48
N PRO D 485 14.25 -5.33 -16.18
CA PRO D 485 14.87 -4.17 -15.56
C PRO D 485 13.99 -3.62 -14.47
N ALA D 486 14.60 -3.01 -13.46
CA ALA D 486 13.88 -2.35 -12.37
C ALA D 486 13.50 -0.98 -12.98
N PRO D 487 12.54 -0.19 -12.44
CA PRO D 487 12.24 1.11 -13.05
C PRO D 487 13.47 2.01 -13.14
N ASN D 488 13.73 2.50 -14.35
CA ASN D 488 14.85 3.38 -14.62
C ASN D 488 14.46 4.48 -15.62
N ASN D 489 15.42 5.29 -16.06
CA ASN D 489 15.20 6.42 -16.94
C ASN D 489 15.56 6.15 -18.43
N GLY D 490 16.08 4.94 -18.70
CA GLY D 490 16.36 4.52 -20.07
C GLY D 490 15.06 4.19 -20.79
N SER D 491 15.05 4.33 -22.12
CA SER D 491 13.85 3.98 -22.86
C SER D 491 14.08 2.59 -23.44
N HIS D 492 13.57 1.54 -22.74
CA HIS D 492 13.73 0.12 -23.09
C HIS D 492 13.22 -0.21 -24.49
N GLY D 493 14.14 -0.77 -25.29
CA GLY D 493 13.98 -1.11 -26.70
C GLY D 493 14.77 -0.17 -27.60
N SER D 494 15.34 0.93 -27.02
CA SER D 494 16.13 2.00 -27.64
C SER D 494 17.43 1.43 -28.33
N LEU D 495 18.34 0.83 -27.54
CA LEU D 495 19.59 0.19 -27.95
C LEU D 495 19.41 -1.26 -28.55
N ASN D 496 18.18 -1.67 -28.98
CA ASN D 496 17.93 -2.97 -29.59
C ASN D 496 18.77 -3.15 -30.85
N HIS D 497 19.18 -2.03 -31.48
CA HIS D 497 20.00 -2.00 -32.70
C HIS D 497 21.42 -2.49 -32.45
N LEU D 498 21.82 -2.61 -31.17
CA LEU D 498 23.14 -3.13 -30.78
C LEU D 498 23.08 -4.65 -30.65
N LEU D 499 21.85 -5.22 -30.68
CA LEU D 499 21.60 -6.65 -30.48
C LEU D 499 21.21 -7.41 -31.72
N LYS D 500 21.77 -8.63 -31.85
CA LYS D 500 21.51 -9.57 -32.94
C LYS D 500 20.04 -10.05 -32.85
N ALA D 501 19.60 -10.45 -31.64
CA ALA D 501 18.23 -10.89 -31.41
C ALA D 501 17.72 -10.28 -30.11
N PRO D 502 17.09 -9.09 -30.22
CA PRO D 502 16.61 -8.40 -29.02
C PRO D 502 15.66 -9.23 -28.15
N PHE D 503 15.90 -9.20 -26.81
CA PHE D 503 15.15 -9.92 -25.78
C PHE D 503 13.86 -9.22 -25.50
N TYR D 504 13.84 -7.87 -25.73
CA TYR D 504 12.71 -6.98 -25.49
C TYR D 504 12.16 -6.38 -26.76
N GLN D 505 10.84 -6.57 -27.02
CA GLN D 505 10.24 -5.95 -28.19
C GLN D 505 9.37 -4.81 -27.74
N PRO D 506 9.85 -3.55 -27.85
CA PRO D 506 9.06 -2.42 -27.34
C PRO D 506 7.84 -2.16 -28.20
N SER D 507 6.72 -1.71 -27.56
CA SER D 507 5.46 -1.34 -28.20
C SER D 507 5.07 0.06 -27.80
N HIS D 508 4.42 0.81 -28.73
CA HIS D 508 3.99 2.19 -28.53
C HIS D 508 3.06 2.31 -27.32
N ALA D 509 3.25 3.39 -26.54
CA ALA D 509 2.50 3.69 -25.32
C ALA D 509 1.03 3.79 -25.64
N GLU D 510 0.18 3.15 -24.81
CA GLU D 510 -1.26 3.15 -25.05
C GLU D 510 -1.88 4.42 -24.49
N GLU D 511 -2.67 5.11 -25.32
CA GLU D 511 -3.33 6.35 -24.96
C GLU D 511 -4.47 6.04 -23.96
N LEU D 512 -4.52 6.79 -22.83
CA LEU D 512 -5.41 6.56 -21.69
C LEU D 512 -6.64 7.43 -21.62
N SER D 513 -6.72 8.41 -22.53
CA SER D 513 -7.88 9.30 -22.64
C SER D 513 -8.25 9.47 -24.11
N LYS D 514 -9.53 9.18 -24.44
CA LYS D 514 -10.08 9.23 -25.79
C LYS D 514 -10.60 10.60 -26.11
N SER D 515 -10.33 11.14 -27.30
CA SER D 515 -10.84 12.47 -27.67
C SER D 515 -12.37 12.44 -27.72
N ALA D 516 -13.02 13.52 -27.27
CA ALA D 516 -14.47 13.60 -27.21
C ALA D 516 -14.97 14.99 -27.33
N GLY D 517 -16.10 15.11 -28.01
CA GLY D 517 -16.76 16.39 -28.21
C GLY D 517 -16.08 17.33 -29.19
N CYS D 518 -16.39 18.62 -29.06
CA CYS D 518 -15.86 19.73 -29.86
C CYS D 518 -16.20 19.60 -31.35
N GLY D 519 -17.41 19.18 -31.62
CA GLY D 519 -17.94 19.11 -32.97
C GLY D 519 -18.56 20.45 -33.27
N PHE D 520 -18.66 20.76 -34.57
CA PHE D 520 -19.28 21.96 -35.06
C PHE D 520 -20.78 21.77 -34.99
N THR D 521 -21.43 22.55 -34.11
CA THR D 521 -22.86 22.51 -33.85
C THR D 521 -23.58 23.77 -34.38
N THR D 522 -23.06 24.98 -34.05
CA THR D 522 -23.63 26.24 -34.56
C THR D 522 -22.54 27.17 -35.08
N PRO D 523 -22.80 28.03 -36.09
CA PRO D 523 -21.75 28.92 -36.58
C PRO D 523 -21.71 30.25 -35.82
N LEU D 524 -22.59 30.40 -34.80
CA LEU D 524 -22.67 31.56 -33.94
C LEU D 524 -22.47 31.08 -32.50
N PRO D 525 -21.62 31.78 -31.70
CA PRO D 525 -21.39 31.33 -30.31
C PRO D 525 -22.46 31.81 -29.33
N LYS D 526 -22.73 30.98 -28.31
CA LYS D 526 -23.72 31.26 -27.24
C LYS D 526 -23.23 32.42 -26.37
N ASP D 527 -22.04 32.25 -25.74
CA ASP D 527 -21.33 33.19 -24.88
C ASP D 527 -20.21 33.84 -25.71
N SER D 528 -20.16 35.18 -25.74
CA SER D 528 -19.16 35.97 -26.45
C SER D 528 -17.75 35.86 -25.81
N LEU D 529 -17.74 35.55 -24.48
CA LEU D 529 -16.59 35.40 -23.60
C LEU D 529 -15.83 36.70 -23.40
N ASN D 530 -16.56 37.84 -23.42
CA ASN D 530 -16.02 39.19 -23.30
C ASN D 530 -14.88 39.46 -24.32
N CYS D 531 -14.97 38.79 -25.50
CA CYS D 531 -14.02 38.84 -26.60
C CYS D 531 -14.38 39.84 -27.67
N SER D 532 -13.37 40.37 -28.37
CA SER D 532 -13.58 41.42 -29.36
C SER D 532 -12.74 41.28 -30.64
N CYS D 533 -13.46 41.40 -31.76
CA CYS D 533 -12.98 41.48 -33.13
C CYS D 533 -13.97 42.35 -33.91
N LEU D 534 -13.61 43.62 -34.11
CA LEU D 534 -14.46 44.61 -34.75
C LEU D 534 -14.54 44.43 -36.27
N ALA D 535 -13.67 43.58 -36.86
CA ALA D 535 -13.70 43.35 -38.29
C ALA D 535 -14.93 42.53 -38.75
N LEU D 536 -15.93 42.36 -37.83
CA LEU D 536 -17.19 41.66 -38.10
C LEU D 536 -18.40 42.62 -37.97
N GLN D 537 -19.37 42.50 -38.89
CA GLN D 537 -20.55 43.36 -38.90
C GLN D 537 -21.81 42.53 -39.22
N GLY D 540 -22.64 38.87 -37.83
CA GLY D 540 -23.03 38.47 -39.18
C GLY D 540 -21.92 37.85 -40.02
N GLN D 541 -20.86 38.64 -40.31
CA GLN D 541 -19.66 38.25 -41.09
C GLN D 541 -18.86 37.12 -40.37
N GLU D 542 -19.05 37.04 -39.05
CA GLU D 542 -18.45 36.08 -38.14
C GLU D 542 -18.89 34.66 -38.53
N GLU D 543 -20.20 34.50 -38.84
CA GLU D 543 -20.82 33.25 -39.26
C GLU D 543 -20.04 32.52 -40.36
N GLN D 544 -19.52 33.28 -41.37
CA GLN D 544 -18.76 32.74 -42.51
C GLN D 544 -17.34 32.33 -42.10
N VAL D 545 -16.63 33.13 -41.25
CA VAL D 545 -15.30 32.69 -40.77
C VAL D 545 -15.42 31.49 -39.85
N ASN D 546 -16.53 31.43 -39.08
CA ASN D 546 -16.83 30.33 -38.16
C ASN D 546 -17.19 29.06 -38.95
N GLN D 547 -17.51 29.22 -40.23
CA GLN D 547 -17.82 28.09 -41.08
C GLN D 547 -16.52 27.38 -41.54
N ARG D 548 -15.40 28.12 -41.56
CA ARG D 548 -14.06 27.63 -41.91
C ARG D 548 -13.54 26.61 -40.88
N LEU D 549 -14.23 26.52 -39.72
CA LEU D 549 -13.95 25.61 -38.61
C LEU D 549 -14.73 24.32 -38.80
N ASN D 550 -15.67 24.31 -39.77
CA ASN D 550 -16.50 23.17 -40.14
C ASN D 550 -15.88 22.46 -41.35
N LEU D 551 -14.96 21.52 -41.08
CA LEU D 551 -14.22 20.77 -42.09
C LEU D 551 -14.98 19.48 -42.37
N ASN D 552 -15.10 19.11 -43.67
CA ASN D 552 -15.74 17.86 -44.09
C ASN D 552 -14.76 16.71 -43.92
N ARG D 553 -15.22 15.45 -44.01
CA ARG D 553 -14.41 14.23 -43.89
C ARG D 553 -13.18 14.26 -44.80
N GLY D 554 -13.34 14.86 -45.99
CA GLY D 554 -12.29 15.02 -46.98
C GLY D 554 -11.29 16.11 -46.62
N GLU D 555 -11.82 17.24 -46.11
CA GLU D 555 -11.06 18.40 -45.65
C GLU D 555 -10.23 18.07 -44.38
N VAL D 556 -10.79 17.19 -43.52
CA VAL D 556 -10.18 16.70 -42.29
C VAL D 556 -8.98 15.86 -42.67
N SER D 557 -9.19 14.89 -43.60
CA SER D 557 -8.16 13.98 -44.10
C SER D 557 -6.98 14.74 -44.70
N ALA D 558 -7.28 15.85 -45.38
CA ALA D 558 -6.30 16.72 -46.02
C ALA D 558 -5.36 17.33 -45.01
N THR D 559 -5.93 17.95 -43.91
CA THR D 559 -5.10 18.59 -42.88
C THR D 559 -4.36 17.58 -42.04
N GLU D 560 -4.97 16.40 -41.81
CA GLU D 560 -4.38 15.30 -41.07
C GLU D 560 -3.13 14.85 -41.82
N LYS D 561 -3.24 14.67 -43.16
CA LYS D 561 -2.11 14.24 -44.02
C LYS D 561 -0.91 15.20 -43.91
N THR D 562 -1.22 16.52 -43.89
CA THR D 562 -0.25 17.60 -43.90
C THR D 562 0.35 17.94 -42.55
N ASN D 563 -0.50 18.39 -41.64
CA ASN D 563 -0.13 18.90 -40.34
C ASN D 563 -0.06 17.81 -39.26
N LEU D 564 -0.53 16.58 -39.53
CA LEU D 564 -0.35 15.47 -38.59
C LEU D 564 0.27 14.29 -39.38
N PRO D 565 1.52 14.42 -39.91
CA PRO D 565 2.02 13.38 -40.80
C PRO D 565 2.62 12.18 -40.10
N PHE D 566 2.96 12.32 -38.78
CA PHE D 566 3.54 11.21 -38.00
C PHE D 566 2.50 10.66 -37.07
N GLY D 567 1.27 11.10 -37.27
CA GLY D 567 0.14 10.75 -36.43
C GLY D 567 0.01 11.76 -35.31
N ARG D 568 -1.15 11.78 -34.69
CA ARG D 568 -1.36 12.75 -33.62
C ARG D 568 -0.65 12.35 -32.35
N PRO D 569 -0.17 13.33 -31.53
CA PRO D 569 0.40 12.95 -30.22
C PRO D 569 -0.68 12.23 -29.43
N ARG D 570 -0.34 11.17 -28.71
CA ARG D 570 -1.31 10.42 -27.94
C ARG D 570 -1.26 10.86 -26.48
N VAL D 571 -2.44 10.99 -25.85
CA VAL D 571 -2.61 11.41 -24.46
C VAL D 571 -2.37 10.22 -23.48
N ILE D 572 -1.15 10.10 -22.95
CA ILE D 572 -0.83 9.03 -22.04
C ILE D 572 -1.07 9.52 -20.60
N GLN D 573 -2.33 9.86 -20.31
CA GLN D 573 -2.81 10.36 -19.00
C GLN D 573 -4.21 9.84 -18.79
N LYS D 574 -4.47 9.28 -17.63
CA LYS D 574 -5.83 8.78 -17.34
C LYS D 574 -6.77 9.97 -16.94
N ASN D 575 -8.03 9.95 -17.43
CA ASN D 575 -9.05 10.96 -17.13
C ASN D 575 -8.62 12.41 -17.50
N LYS D 576 -7.87 12.58 -18.60
CA LYS D 576 -7.51 13.89 -19.13
C LYS D 576 -8.54 14.26 -20.20
N ASP D 577 -9.54 15.12 -19.86
CA ASP D 577 -10.60 15.47 -20.81
C ASP D 577 -10.12 16.39 -21.92
N HIS D 578 -10.09 15.83 -23.14
CA HIS D 578 -9.61 16.56 -24.30
C HIS D 578 -10.46 16.31 -25.54
N CYS D 579 -10.17 17.07 -26.61
CA CYS D 579 -10.78 16.96 -27.93
C CYS D 579 -9.85 17.53 -28.98
N LEU D 580 -9.91 16.99 -30.19
CA LEU D 580 -9.07 17.47 -31.28
C LEU D 580 -9.80 18.54 -32.03
N LEU D 581 -9.04 19.53 -32.49
CA LEU D 581 -9.59 20.64 -33.25
C LEU D 581 -8.95 20.64 -34.65
N TYR D 582 -9.80 20.52 -35.69
CA TYR D 582 -9.32 20.44 -37.06
C TYR D 582 -9.53 21.71 -37.83
N HIS D 583 -8.41 22.28 -38.30
CA HIS D 583 -8.32 23.51 -39.10
C HIS D 583 -7.42 23.27 -40.32
N ARG D 584 -7.68 24.03 -41.41
CA ARG D 584 -6.98 23.94 -42.69
C ARG D 584 -5.45 23.98 -42.54
N GLU D 585 -4.96 24.91 -41.71
CA GLU D 585 -3.53 25.15 -41.52
C GLU D 585 -2.86 24.45 -40.33
N TYR D 586 -3.63 24.05 -39.29
CA TYR D 586 -3.07 23.43 -38.08
C TYR D 586 -4.06 22.54 -37.37
N VAL D 587 -3.58 21.58 -36.56
CA VAL D 587 -4.43 20.64 -35.81
C VAL D 587 -4.00 20.64 -34.31
N SER D 588 -4.95 20.81 -33.38
CA SER D 588 -4.65 20.84 -31.96
C SER D 588 -5.45 19.85 -31.08
N GLY D 589 -4.87 19.53 -29.93
CA GLY D 589 -5.46 18.69 -28.91
C GLY D 589 -5.80 19.61 -27.78
N PHE D 590 -7.07 19.83 -27.54
CA PHE D 590 -7.56 20.79 -26.57
C PHE D 590 -7.80 20.22 -25.16
N GLY D 591 -7.16 20.84 -24.16
CA GLY D 591 -7.29 20.49 -22.75
C GLY D 591 -8.48 21.25 -22.21
N LYS D 592 -9.58 20.52 -21.96
CA LYS D 592 -10.84 21.12 -21.47
C LYS D 592 -10.73 21.70 -20.05
N ALA D 593 -10.13 20.96 -19.08
CA ALA D 593 -9.97 21.40 -17.70
C ALA D 593 -9.02 22.59 -17.59
N MET D 594 -7.97 22.63 -18.43
CA MET D 594 -7.04 23.74 -18.38
C MET D 594 -7.45 24.87 -19.33
N LYS D 595 -8.56 24.65 -20.08
CA LYS D 595 -9.19 25.60 -21.01
C LYS D 595 -8.22 26.13 -22.09
N MET D 596 -7.15 25.38 -22.38
CA MET D 596 -6.16 25.73 -23.39
C MET D 596 -5.71 24.44 -24.13
N PRO D 597 -4.99 24.55 -25.28
CA PRO D 597 -4.47 23.32 -25.93
C PRO D 597 -3.42 22.61 -25.10
N MET D 598 -3.07 21.40 -25.51
CA MET D 598 -2.11 20.50 -24.88
C MET D 598 -0.87 20.43 -25.79
N TRP D 599 -1.15 20.52 -27.12
CA TRP D 599 -0.28 20.55 -28.30
C TRP D 599 -1.00 21.16 -29.48
N SER D 600 -0.25 21.78 -30.37
CA SER D 600 -0.70 22.34 -31.65
C SER D 600 0.28 21.73 -32.66
N SER D 601 -0.23 21.22 -33.78
CA SER D 601 0.56 20.60 -34.82
C SER D 601 0.36 21.34 -36.14
N TYR D 602 1.46 21.73 -36.78
CA TYR D 602 1.43 22.39 -38.07
C TYR D 602 2.71 22.10 -38.85
N THR D 603 2.60 21.98 -40.18
CA THR D 603 3.77 21.78 -41.04
C THR D 603 3.97 23.07 -41.81
N VAL D 604 5.04 23.80 -41.47
CA VAL D 604 5.41 25.06 -42.09
C VAL D 604 6.22 24.71 -43.34
N PRO D 605 5.67 24.93 -44.55
CA PRO D 605 6.39 24.53 -45.77
C PRO D 605 7.52 25.48 -46.13
N LYS D 606 8.50 25.02 -46.93
CA LYS D 606 9.67 25.82 -47.34
C LYS D 606 9.28 27.17 -47.97
N PRO D 607 9.67 28.27 -47.28
CA PRO D 607 9.33 29.62 -47.77
C PRO D 607 10.05 30.05 -49.06
N PRO D 614 3.76 39.35 -44.00
CA PRO D 614 2.41 39.16 -43.49
C PRO D 614 2.29 39.33 -41.96
N PRO D 615 1.68 40.43 -41.47
CA PRO D 615 1.55 40.63 -40.01
C PRO D 615 0.38 39.86 -39.39
N THR D 616 0.30 39.81 -38.05
CA THR D 616 -0.80 39.14 -37.35
C THR D 616 -1.99 40.11 -37.26
N VAL D 617 -3.21 39.62 -37.58
CA VAL D 617 -4.46 40.41 -37.56
C VAL D 617 -4.71 41.00 -36.13
N PRO D 618 -4.69 42.35 -36.04
CA PRO D 618 -4.81 42.97 -34.71
C PRO D 618 -6.23 43.13 -34.18
N ASP D 619 -6.32 43.23 -32.82
CA ASP D 619 -7.54 43.44 -32.00
C ASP D 619 -8.70 42.54 -32.43
N CYS D 620 -8.35 41.31 -32.86
CA CYS D 620 -9.31 40.34 -33.34
C CYS D 620 -9.16 39.03 -32.62
N LEU D 621 -10.22 38.67 -31.89
CA LEU D 621 -10.35 37.47 -31.07
C LEU D 621 -11.82 37.15 -30.88
N ARG D 622 -12.16 35.87 -30.97
CA ARG D 622 -13.55 35.40 -30.85
C ARG D 622 -13.64 34.01 -30.21
N ALA D 623 -14.81 33.66 -29.64
CA ALA D 623 -15.05 32.39 -28.97
C ALA D 623 -15.02 31.24 -29.97
N ASP D 624 -14.54 30.06 -29.56
CA ASP D 624 -14.54 28.95 -30.49
C ASP D 624 -15.91 28.28 -30.39
N VAL D 625 -16.67 28.31 -31.50
CA VAL D 625 -18.02 27.73 -31.66
C VAL D 625 -18.11 26.18 -31.46
N ARG D 626 -16.94 25.51 -31.26
CA ARG D 626 -16.85 24.07 -31.03
C ARG D 626 -16.65 23.76 -29.56
N VAL D 627 -15.97 24.69 -28.84
CA VAL D 627 -15.62 24.54 -27.43
C VAL D 627 -16.61 25.25 -26.52
N ASP D 628 -17.14 24.51 -25.53
CA ASP D 628 -18.10 25.00 -24.52
C ASP D 628 -17.54 26.21 -23.77
N PRO D 629 -18.35 27.23 -23.42
CA PRO D 629 -17.80 28.39 -22.68
C PRO D 629 -17.29 27.97 -21.32
N SER D 630 -17.92 26.91 -20.76
CA SER D 630 -17.55 26.33 -19.46
C SER D 630 -16.14 25.81 -19.50
N GLU D 631 -15.70 25.37 -20.70
CA GLU D 631 -14.38 24.80 -20.99
C GLU D 631 -13.46 25.73 -21.79
N SER D 632 -13.81 27.01 -21.92
CA SER D 632 -12.92 27.88 -22.68
C SER D 632 -12.59 29.20 -21.96
N GLN D 633 -11.35 29.70 -22.20
CA GLN D 633 -10.81 30.95 -21.69
C GLN D 633 -11.60 32.11 -22.24
N LYS D 634 -11.73 33.17 -21.42
CA LYS D 634 -12.39 34.43 -21.76
C LYS D 634 -11.32 35.51 -21.92
N CYS D 635 -11.58 36.48 -22.77
CA CYS D 635 -10.68 37.61 -23.02
C CYS D 635 -10.53 38.48 -21.76
N SER D 636 -11.63 38.51 -20.95
CA SER D 636 -11.78 39.20 -19.68
C SER D 636 -10.87 38.63 -18.57
N PHE D 637 -10.24 37.48 -18.79
CA PHE D 637 -9.35 36.87 -17.79
C PHE D 637 -8.01 37.60 -17.69
N TYR D 638 -7.60 38.19 -18.83
CA TYR D 638 -6.34 38.93 -18.97
C TYR D 638 -6.66 40.38 -18.70
N LEU D 639 -7.36 40.61 -17.57
CA LEU D 639 -7.81 41.88 -17.01
C LEU D 639 -7.67 41.73 -15.52
N GLN D 642 -2.10 41.42 -16.33
CA GLN D 642 -1.26 41.90 -15.20
C GLN D 642 0.23 41.72 -15.56
N ASN D 643 0.84 40.63 -15.10
CA ASN D 643 2.15 40.29 -15.59
C ASN D 643 1.96 39.14 -16.60
N ILE D 644 0.70 38.70 -16.79
CA ILE D 644 0.37 37.70 -17.78
C ILE D 644 -0.56 38.27 -18.82
N ASP D 645 -0.34 37.92 -20.08
CA ASP D 645 -1.21 38.22 -21.21
C ASP D 645 -1.37 36.96 -22.07
N HIS D 646 -2.48 36.87 -22.79
CA HIS D 646 -2.72 35.73 -23.65
C HIS D 646 -1.76 35.74 -24.85
N GLY D 647 -1.31 34.56 -25.25
CA GLY D 647 -0.42 34.38 -26.38
C GLY D 647 -1.00 33.36 -27.33
N PHE D 648 -0.48 33.31 -28.56
CA PHE D 648 -0.95 32.34 -29.55
C PHE D 648 -0.03 31.12 -29.63
N LEU D 649 -0.59 29.94 -29.31
CA LEU D 649 0.18 28.71 -29.39
C LEU D 649 0.58 28.40 -30.85
N TYR D 650 -0.40 28.53 -31.79
CA TYR D 650 -0.11 28.36 -33.20
C TYR D 650 -0.06 29.78 -33.77
N PRO D 651 1.12 30.19 -34.31
CA PRO D 651 1.27 31.54 -34.89
C PRO D 651 0.25 31.82 -36.03
N PRO D 652 -0.68 32.81 -35.90
CA PRO D 652 -1.73 32.96 -36.93
C PRO D 652 -1.29 33.31 -38.36
N ALA D 653 -0.25 34.14 -38.48
CA ALA D 653 0.23 34.60 -39.79
C ALA D 653 1.27 33.69 -40.48
N ILE D 654 1.69 32.56 -39.83
CA ILE D 654 2.72 31.65 -40.34
C ILE D 654 2.37 30.99 -41.70
N LYS D 655 1.10 30.59 -41.88
CA LYS D 655 0.61 29.92 -43.09
C LYS D 655 -0.74 30.51 -43.55
N GLY D 656 -0.93 30.57 -44.86
CA GLY D 656 -2.18 31.01 -45.49
C GLY D 656 -2.28 32.49 -45.74
N ASN D 657 -3.49 32.96 -46.11
CA ASN D 657 -3.73 34.38 -46.37
C ASN D 657 -4.25 35.13 -45.12
N ASN D 658 -4.86 36.32 -45.32
CA ASN D 658 -5.40 37.15 -44.24
C ASN D 658 -6.62 36.50 -43.57
N GLU D 659 -7.41 35.73 -44.33
CA GLU D 659 -8.62 35.09 -43.80
C GLU D 659 -8.31 33.75 -43.18
N SER D 660 -7.18 33.10 -43.59
CA SER D 660 -6.69 31.84 -43.01
C SER D 660 -6.38 32.03 -41.53
N GLN D 661 -6.01 33.27 -41.17
CA GLN D 661 -5.68 33.73 -39.82
C GLN D 661 -6.87 33.64 -38.88
N TYR D 662 -8.11 33.88 -39.38
CA TYR D 662 -9.32 33.80 -38.56
C TYR D 662 -9.49 32.41 -37.86
N ASP D 663 -8.93 31.32 -38.44
CA ASP D 663 -8.92 29.96 -37.87
C ASP D 663 -8.03 29.85 -36.59
N ALA D 664 -7.09 30.81 -36.42
CA ALA D 664 -6.17 30.84 -35.28
C ALA D 664 -6.56 31.92 -34.29
N LEU D 665 -7.41 32.89 -34.72
CA LEU D 665 -7.85 34.00 -33.88
C LEU D 665 -9.11 33.65 -33.06
N ILE D 666 -9.01 32.57 -32.28
CA ILE D 666 -10.06 32.04 -31.41
C ILE D 666 -9.51 31.60 -30.03
N THR D 667 -10.39 31.65 -29.00
CA THR D 667 -10.14 31.32 -27.59
C THR D 667 -9.44 29.99 -27.36
N SER D 668 -9.63 29.06 -28.29
CA SER D 668 -9.03 27.73 -28.24
C SER D 668 -7.52 27.72 -28.59
N ASN D 669 -6.96 28.85 -29.15
CA ASN D 669 -5.54 28.98 -29.51
C ASN D 669 -4.85 29.95 -28.55
N LEU D 670 -5.50 30.23 -27.43
CA LEU D 670 -4.92 31.13 -26.43
C LEU D 670 -4.23 30.37 -25.33
N VAL D 671 -3.05 30.85 -24.94
CA VAL D 671 -2.22 30.27 -23.87
C VAL D 671 -1.67 31.38 -22.96
N PRO D 672 -1.73 31.22 -21.61
CA PRO D 672 -1.23 32.29 -20.72
C PRO D 672 0.29 32.50 -20.82
N MET D 673 0.72 33.73 -21.12
CA MET D 673 2.14 34.06 -21.26
C MET D 673 2.56 35.31 -20.54
N TYR D 674 3.77 35.29 -19.97
CA TYR D 674 4.32 36.47 -19.34
C TYR D 674 4.69 37.45 -20.46
N LYS D 675 4.52 38.78 -20.23
CA LYS D 675 4.84 39.79 -21.23
C LYS D 675 6.26 39.54 -21.83
N GLU D 676 7.25 39.28 -20.94
CA GLU D 676 8.63 39.01 -21.30
C GLU D 676 8.84 37.69 -22.06
N PHE D 677 8.07 36.63 -21.72
CA PHE D 677 8.16 35.34 -22.44
C PHE D 677 7.60 35.51 -23.86
N LYS D 678 6.40 36.16 -23.99
CA LYS D 678 5.71 36.43 -25.27
C LYS D 678 6.68 37.00 -26.27
N LYS D 679 7.59 37.92 -25.82
CA LYS D 679 8.66 38.55 -26.60
C LYS D 679 9.52 37.48 -27.30
N MET D 680 10.03 36.52 -26.52
CA MET D 680 10.86 35.42 -27.02
C MET D 680 10.04 34.50 -27.95
N TRP D 681 8.82 34.15 -27.51
CA TRP D 681 7.89 33.26 -28.18
C TRP D 681 7.58 33.77 -29.57
N ASP D 682 7.16 35.04 -29.68
CA ASP D 682 6.79 35.69 -30.92
C ASP D 682 7.96 35.84 -31.85
N TYR D 683 9.17 36.16 -31.32
CA TYR D 683 10.37 36.28 -32.14
C TYR D 683 10.72 34.93 -32.79
N PHE D 684 10.64 33.84 -32.01
CA PHE D 684 10.94 32.52 -32.53
C PHE D 684 9.99 32.14 -33.67
N HIS D 685 8.69 32.43 -33.51
CA HIS D 685 7.66 32.09 -34.48
C HIS D 685 7.65 33.04 -35.68
N LYS D 686 8.06 34.31 -35.51
CA LYS D 686 8.08 35.31 -36.58
C LYS D 686 9.38 35.28 -37.41
N VAL D 687 10.52 34.95 -36.76
CA VAL D 687 11.83 35.02 -37.40
C VAL D 687 12.55 33.66 -37.51
N LEU D 688 12.88 33.05 -36.35
CA LEU D 688 13.68 31.82 -36.29
C LEU D 688 13.06 30.61 -37.01
N LEU D 689 11.76 30.36 -36.79
CA LEU D 689 10.99 29.24 -37.37
C LEU D 689 11.06 29.22 -38.90
N ILE D 690 10.94 30.42 -39.55
CA ILE D 690 10.97 30.58 -41.01
C ILE D 690 12.37 30.28 -41.53
N LYS D 691 13.40 30.66 -40.76
CA LYS D 691 14.79 30.38 -41.06
C LYS D 691 15.00 28.88 -41.06
N TYR D 692 14.47 28.17 -40.03
CA TYR D 692 14.56 26.70 -39.93
C TYR D 692 13.80 26.00 -41.05
N ALA D 693 12.58 26.47 -41.37
CA ALA D 693 11.70 25.97 -42.41
C ALA D 693 12.44 25.92 -43.72
N ILE D 694 13.29 26.95 -44.02
CA ILE D 694 14.13 27.04 -45.23
C ILE D 694 15.24 25.97 -45.17
N GLU D 695 16.00 25.97 -44.07
CA GLU D 695 17.12 25.08 -43.81
C GLU D 695 16.78 23.60 -44.03
N ARG D 696 15.61 23.19 -43.51
CA ARG D 696 15.06 21.84 -43.43
C ARG D 696 14.15 21.41 -44.58
N ASN D 697 13.71 22.38 -45.46
CA ASN D 697 12.75 22.20 -46.55
C ASN D 697 11.43 21.78 -45.93
N GLY D 698 10.86 22.74 -45.22
CA GLY D 698 9.64 22.61 -44.43
C GLY D 698 9.97 22.09 -43.04
N VAL D 699 9.02 22.19 -42.10
CA VAL D 699 9.19 21.66 -40.74
C VAL D 699 7.84 21.35 -40.09
N ASN D 700 7.73 20.24 -39.36
CA ASN D 700 6.52 19.95 -38.62
C ASN D 700 6.76 20.40 -37.17
N VAL D 701 5.97 21.38 -36.74
CA VAL D 701 6.06 21.99 -35.42
C VAL D 701 4.99 21.45 -34.45
N VAL D 702 5.40 21.00 -33.23
CA VAL D 702 4.46 20.63 -32.15
C VAL D 702 4.84 21.44 -30.87
N SER D 703 3.94 22.30 -30.44
CA SER D 703 4.15 23.16 -29.31
C SER D 703 3.07 22.99 -28.27
N GLY D 704 3.34 23.35 -27.02
CA GLY D 704 2.33 23.28 -25.97
C GLY D 704 2.78 23.61 -24.57
N PRO D 705 1.78 23.73 -23.67
CA PRO D 705 2.09 24.04 -22.25
C PRO D 705 2.72 22.90 -21.47
N ILE D 706 3.59 23.26 -20.53
CA ILE D 706 4.16 22.27 -19.64
C ILE D 706 3.92 22.71 -18.22
N PHE D 707 3.41 21.82 -17.39
CA PHE D 707 3.25 22.18 -15.99
C PHE D 707 4.08 21.22 -15.16
N ASP D 708 5.23 21.71 -14.63
CA ASP D 708 6.11 20.94 -13.76
C ASP D 708 6.57 21.73 -12.53
N TYR D 709 5.59 22.06 -11.67
CA TYR D 709 5.77 22.86 -10.45
C TYR D 709 6.70 22.19 -9.46
N ASN D 710 6.65 20.86 -9.34
CA ASN D 710 7.51 20.14 -8.40
C ASN D 710 8.85 19.68 -9.00
N TYR D 711 9.14 20.13 -10.23
CA TYR D 711 10.36 19.84 -10.99
C TYR D 711 10.81 18.36 -10.84
N ASP D 712 9.87 17.42 -11.09
CA ASP D 712 10.17 15.99 -10.98
C ASP D 712 10.34 15.33 -12.37
N GLY D 713 10.37 16.16 -13.39
CA GLY D 713 10.63 15.70 -14.75
C GLY D 713 9.42 15.25 -15.52
N HIS D 714 8.28 15.01 -14.81
CA HIS D 714 7.05 14.59 -15.50
C HIS D 714 5.98 15.51 -15.20
N PHE D 715 4.98 15.61 -16.11
CA PHE D 715 3.82 16.51 -15.99
C PHE D 715 3.17 16.45 -14.62
N ASP D 716 2.67 17.58 -14.15
CA ASP D 716 1.98 17.69 -12.89
C ASP D 716 0.56 17.12 -12.98
N ALA D 717 0.09 16.57 -11.84
CA ALA D 717 -1.30 16.17 -11.60
C ALA D 717 -2.05 17.49 -11.33
N PRO D 718 -3.38 17.59 -11.51
CA PRO D 718 -4.05 18.89 -11.28
C PRO D 718 -3.78 19.55 -9.91
N ASP D 719 -3.83 18.73 -8.85
CA ASP D 719 -3.59 19.13 -7.46
C ASP D 719 -2.17 19.65 -7.21
N GLU D 720 -1.24 19.43 -8.17
CA GLU D 720 0.16 19.87 -8.08
C GLU D 720 0.36 21.30 -8.58
N ILE D 721 -0.48 21.75 -9.54
CA ILE D 721 -0.41 23.13 -10.07
C ILE D 721 -0.78 24.14 -8.95
N THR D 722 0.18 24.96 -8.56
CA THR D 722 0.08 25.95 -7.50
C THR D 722 -0.27 27.36 -7.98
N ASN D 723 0.06 27.77 -9.25
CA ASN D 723 -0.32 29.14 -9.64
C ASN D 723 -1.14 29.20 -10.96
N TYR D 724 -2.11 30.14 -10.98
CA TYR D 724 -3.11 30.40 -12.02
C TYR D 724 -3.16 31.87 -12.43
N VAL D 725 -3.82 32.16 -13.57
CA VAL D 725 -4.00 33.55 -14.03
C VAL D 725 -4.90 34.19 -12.96
N ALA D 726 -4.48 35.35 -12.45
CA ALA D 726 -5.19 36.04 -11.36
C ALA D 726 -6.72 36.06 -11.49
N GLY D 727 -7.35 35.50 -10.45
CA GLY D 727 -8.79 35.42 -10.30
C GLY D 727 -9.45 34.34 -11.12
N THR D 728 -8.66 33.51 -11.81
CA THR D 728 -9.16 32.44 -12.66
C THR D 728 -8.63 31.05 -12.26
N ASP D 729 -9.10 30.00 -12.98
CA ASP D 729 -8.72 28.61 -12.79
C ASP D 729 -7.83 28.09 -13.98
N VAL D 730 -7.36 29.03 -14.84
CA VAL D 730 -6.46 28.73 -15.95
C VAL D 730 -5.01 28.60 -15.39
N PRO D 731 -4.40 27.39 -15.45
CA PRO D 731 -3.05 27.24 -14.87
C PRO D 731 -1.92 27.91 -15.64
N VAL D 732 -0.90 28.39 -14.93
CA VAL D 732 0.22 29.05 -15.58
C VAL D 732 1.28 27.99 -15.95
N PRO D 733 1.68 27.87 -17.23
CA PRO D 733 2.72 26.87 -17.56
C PRO D 733 4.06 27.16 -16.87
N THR D 734 4.78 26.10 -16.50
CA THR D 734 6.13 26.26 -15.92
C THR D 734 7.09 26.48 -17.06
N HIS D 735 6.83 25.77 -18.19
CA HIS D 735 7.55 25.83 -19.47
C HIS D 735 6.59 25.77 -20.65
N TYR D 736 7.21 25.81 -21.84
CA TYR D 736 6.54 25.69 -23.12
C TYR D 736 7.48 24.89 -23.97
N PHE D 737 6.93 23.85 -24.62
CA PHE D 737 7.66 22.95 -25.49
C PHE D 737 7.49 23.30 -26.96
N VAL D 738 8.56 23.13 -27.76
CA VAL D 738 8.54 23.21 -29.22
C VAL D 738 9.35 22.08 -29.77
N VAL D 739 8.68 21.18 -30.47
CA VAL D 739 9.36 20.10 -31.16
C VAL D 739 9.29 20.36 -32.67
N LEU D 740 10.49 20.47 -33.29
CA LEU D 740 10.69 20.72 -34.72
C LEU D 740 11.18 19.45 -35.31
N THR D 741 10.34 18.88 -36.18
CA THR D 741 10.57 17.60 -36.84
C THR D 741 10.46 17.78 -38.33
N SER D 742 11.61 17.67 -39.01
CA SER D 742 11.69 17.74 -40.46
C SER D 742 12.30 16.42 -40.86
N CYS D 743 12.75 16.32 -42.10
CA CYS D 743 13.38 15.11 -42.50
C CYS D 743 14.87 15.19 -42.68
N LYS D 744 15.58 14.08 -42.37
CA LYS D 744 17.02 13.91 -42.49
C LYS D 744 17.43 14.08 -43.96
N ASN D 745 16.73 13.39 -44.90
CA ASN D 745 17.02 13.59 -46.34
C ASN D 745 16.21 14.80 -46.68
N LYS D 746 16.91 15.95 -46.84
CA LYS D 746 16.31 17.27 -47.07
C LYS D 746 15.60 17.39 -48.40
N THR D 747 15.77 16.43 -49.29
CA THR D 747 15.10 16.40 -50.61
C THR D 747 13.57 16.27 -50.47
N HIS D 748 13.10 15.66 -49.34
CA HIS D 748 11.69 15.48 -49.03
C HIS D 748 11.27 16.41 -47.90
N THR D 749 10.00 16.87 -47.98
CA THR D 749 9.39 17.70 -46.95
C THR D 749 9.03 16.83 -45.70
N PRO D 750 8.67 17.42 -44.53
CA PRO D 750 8.33 16.58 -43.36
C PRO D 750 7.13 15.65 -43.59
N ASP D 751 6.12 16.15 -44.32
CA ASP D 751 4.88 15.46 -44.64
C ASP D 751 5.04 14.26 -45.56
N SER D 752 6.15 14.23 -46.35
CA SER D 752 6.43 13.14 -47.30
C SER D 752 7.80 12.50 -47.10
N CYS D 753 8.11 12.01 -45.88
CA CYS D 753 9.43 11.40 -45.72
C CYS D 753 9.48 9.91 -45.34
N PRO D 754 10.10 9.09 -46.25
CA PRO D 754 10.21 7.64 -46.02
C PRO D 754 11.27 7.19 -45.01
N GLY D 755 12.41 7.86 -45.02
CA GLY D 755 13.50 7.51 -44.12
C GLY D 755 13.36 8.13 -42.76
N TRP D 756 14.48 8.23 -42.06
CA TRP D 756 14.60 8.80 -40.71
C TRP D 756 14.24 10.27 -40.67
N LEU D 757 13.77 10.72 -39.49
CA LEU D 757 13.40 12.12 -39.25
C LEU D 757 14.50 12.86 -38.50
N ASP D 758 14.62 14.17 -38.73
CA ASP D 758 15.56 14.99 -37.99
C ASP D 758 14.72 15.79 -37.06
N VAL D 759 15.07 15.70 -35.78
CA VAL D 759 14.36 16.32 -34.67
C VAL D 759 15.18 17.47 -33.97
N LEU D 760 14.52 18.32 -33.20
CA LEU D 760 15.14 19.44 -32.49
C LEU D 760 14.18 19.91 -31.41
N PRO D 761 14.14 19.26 -30.23
CA PRO D 761 13.11 19.63 -29.25
C PRO D 761 13.56 20.70 -28.25
N PHE D 762 12.67 21.67 -27.96
CA PHE D 762 12.96 22.74 -27.01
C PHE D 762 12.01 22.68 -25.90
N VAL D 763 12.48 22.76 -24.66
CA VAL D 763 11.61 22.81 -23.50
C VAL D 763 12.07 24.11 -22.84
N VAL D 764 11.49 25.25 -23.27
CA VAL D 764 11.90 26.60 -22.81
C VAL D 764 11.15 27.02 -21.53
N PRO D 765 11.87 27.47 -20.46
CA PRO D 765 11.16 27.88 -19.23
C PRO D 765 10.25 29.10 -19.42
N HIS D 766 9.00 29.00 -18.92
CA HIS D 766 8.03 30.09 -18.98
C HIS D 766 8.21 31.00 -17.74
N ARG D 767 9.25 31.87 -17.82
CA ARG D 767 9.70 32.79 -16.78
C ARG D 767 9.23 34.25 -17.02
N PRO D 768 8.93 35.03 -15.93
CA PRO D 768 8.42 36.40 -16.11
C PRO D 768 9.42 37.46 -16.54
N THR D 769 10.71 37.24 -16.32
CA THR D 769 11.78 38.14 -16.73
C THR D 769 12.81 37.32 -17.50
N ASN D 770 13.54 37.96 -18.45
CA ASN D 770 14.56 37.29 -19.25
C ASN D 770 15.99 37.46 -18.70
N VAL D 771 16.13 37.63 -17.36
CA VAL D 771 17.44 37.75 -16.70
C VAL D 771 18.45 36.68 -17.19
N GLU D 772 17.97 35.43 -17.43
CA GLU D 772 18.78 34.31 -17.90
C GLU D 772 19.55 34.67 -19.15
N SER D 773 18.88 35.28 -20.13
CA SER D 773 19.44 35.66 -21.42
C SER D 773 20.37 36.88 -21.35
N CYS D 774 20.29 37.64 -20.23
CA CYS D 774 21.02 38.90 -20.00
C CYS D 774 20.81 39.79 -21.24
N PRO D 775 19.54 40.18 -21.53
CA PRO D 775 19.25 40.93 -22.76
C PRO D 775 19.89 42.31 -22.82
N GLU D 776 20.08 42.99 -21.65
CA GLU D 776 20.74 44.29 -21.45
C GLU D 776 20.74 45.22 -22.69
N ASN D 777 19.52 45.66 -23.10
CA ASN D 777 19.22 46.58 -24.23
C ASN D 777 19.32 45.95 -25.64
N LYS D 778 20.03 44.79 -25.76
CA LYS D 778 20.24 44.03 -27.00
C LYS D 778 18.92 43.65 -27.66
N ALA D 779 18.90 43.66 -29.00
CA ALA D 779 17.74 43.25 -29.77
C ALA D 779 17.66 41.72 -29.77
N GLU D 780 16.44 41.19 -29.96
CA GLU D 780 16.14 39.76 -29.95
C GLU D 780 17.06 38.90 -30.83
N ASP D 781 17.55 39.46 -31.95
CA ASP D 781 18.44 38.79 -32.90
C ASP D 781 19.81 38.40 -32.29
N LEU D 782 20.07 38.86 -31.06
CA LEU D 782 21.31 38.63 -30.32
C LEU D 782 21.16 37.60 -29.15
N TRP D 783 19.94 37.37 -28.63
CA TRP D 783 19.80 36.48 -27.48
C TRP D 783 18.68 35.42 -27.53
N VAL D 784 17.57 35.66 -28.28
CA VAL D 784 16.42 34.73 -28.29
C VAL D 784 16.82 33.31 -28.78
N GLU D 785 17.50 33.20 -29.94
CA GLU D 785 17.93 31.89 -30.46
C GLU D 785 18.85 31.18 -29.49
N GLU D 786 19.82 31.95 -28.93
CA GLU D 786 20.79 31.48 -27.95
C GLU D 786 20.08 30.82 -26.78
N ARG D 787 18.95 31.44 -26.33
CA ARG D 787 18.11 30.95 -25.23
C ARG D 787 17.34 29.67 -25.59
N PHE D 788 16.80 29.59 -26.81
CA PHE D 788 16.13 28.39 -27.25
C PHE D 788 17.16 27.25 -27.36
N LYS D 789 18.27 27.50 -28.04
CA LYS D 789 19.33 26.50 -28.12
C LYS D 789 19.82 26.03 -26.74
N ALA D 790 19.86 26.95 -25.77
CA ALA D 790 20.22 26.67 -24.39
C ALA D 790 19.26 25.73 -23.68
N HIS D 791 18.04 25.64 -24.21
CA HIS D 791 17.00 24.78 -23.67
C HIS D 791 16.59 23.70 -24.64
N ILE D 792 17.58 23.19 -25.35
CA ILE D 792 17.33 22.07 -26.22
C ILE D 792 17.13 20.79 -25.31
N ALA D 793 16.45 19.72 -25.82
CA ALA D 793 16.20 18.49 -25.05
C ALA D 793 16.03 17.24 -25.93
N ARG D 794 15.43 16.17 -25.39
CA ARG D 794 15.14 14.91 -26.09
C ARG D 794 13.64 14.90 -26.25
N VAL D 795 13.11 14.25 -27.30
CA VAL D 795 11.66 14.20 -27.49
C VAL D 795 11.04 13.58 -26.25
N ARG D 796 11.72 12.57 -25.70
CA ARG D 796 11.34 11.84 -24.53
C ARG D 796 11.22 12.79 -23.33
N ASP D 797 12.21 13.70 -23.11
CA ASP D 797 12.18 14.71 -22.03
C ASP D 797 10.84 15.43 -22.06
N VAL D 798 10.41 15.77 -23.30
CA VAL D 798 9.14 16.43 -23.60
C VAL D 798 8.00 15.51 -23.22
N GLU D 799 8.00 14.28 -23.80
CA GLU D 799 6.98 13.25 -23.63
C GLU D 799 6.65 13.13 -22.18
N LEU D 800 7.72 13.02 -21.33
CA LEU D 800 7.58 12.87 -19.86
C LEU D 800 6.85 14.01 -19.23
N LEU D 801 7.29 15.27 -19.51
CA LEU D 801 6.68 16.52 -18.99
C LEU D 801 5.27 16.76 -19.51
N THR D 802 4.90 16.14 -20.63
CA THR D 802 3.59 16.39 -21.18
C THR D 802 2.57 15.31 -21.00
N GLY D 803 2.95 14.08 -20.74
CA GLY D 803 2.00 12.98 -20.72
C GLY D 803 1.49 12.72 -22.14
N LEU D 804 2.40 12.92 -23.13
CA LEU D 804 2.12 12.77 -24.57
C LEU D 804 3.11 11.85 -25.30
N ASP D 805 2.60 10.99 -26.22
CA ASP D 805 3.48 10.11 -27.00
C ASP D 805 3.44 10.51 -28.46
N PHE D 806 4.61 10.70 -29.06
CA PHE D 806 4.74 11.22 -30.42
C PHE D 806 5.14 10.20 -31.47
N TYR D 807 4.85 10.51 -32.75
CA TYR D 807 5.28 9.71 -33.92
C TYR D 807 4.81 8.27 -33.98
N GLN D 808 3.73 7.93 -33.23
CA GLN D 808 3.04 6.61 -33.13
C GLN D 808 2.73 6.05 -34.52
N GLU D 809 2.42 6.95 -35.47
CA GLU D 809 2.10 6.60 -36.82
C GLU D 809 3.25 6.72 -37.83
N LYS D 810 4.53 6.69 -37.41
CA LYS D 810 5.70 6.77 -38.31
C LYS D 810 6.07 5.34 -38.77
N THR D 811 6.03 5.09 -40.11
CA THR D 811 6.33 3.79 -40.74
C THR D 811 7.80 3.39 -40.57
N GLN D 812 8.15 2.97 -39.36
CA GLN D 812 9.48 2.57 -38.88
C GLN D 812 9.17 1.72 -37.64
N PRO D 813 10.03 0.80 -37.20
CA PRO D 813 9.74 0.05 -35.95
C PRO D 813 9.82 0.95 -34.72
N VAL D 814 9.01 0.65 -33.67
CA VAL D 814 8.97 1.37 -32.37
C VAL D 814 10.38 1.66 -31.91
N SER D 815 11.28 0.63 -31.96
CA SER D 815 12.69 0.68 -31.56
C SER D 815 13.43 1.85 -32.21
N GLU D 816 13.27 1.97 -33.53
CA GLU D 816 13.86 3.04 -34.30
C GLU D 816 13.30 4.39 -33.87
N ILE D 817 11.98 4.49 -33.63
CA ILE D 817 11.34 5.74 -33.16
C ILE D 817 11.87 6.05 -31.73
N LEU D 818 12.19 5.00 -30.99
CA LEU D 818 12.78 5.14 -29.67
C LEU D 818 14.18 5.74 -29.76
N GLN D 819 14.93 5.40 -30.83
CA GLN D 819 16.24 6.01 -31.06
C GLN D 819 16.05 7.52 -31.26
N LEU D 820 15.04 7.90 -32.07
CA LEU D 820 14.72 9.28 -32.40
C LEU D 820 14.29 10.03 -31.15
N LYS D 821 13.48 9.35 -30.34
CA LYS D 821 12.94 10.03 -29.17
C LYS D 821 13.99 10.12 -28.05
N THR D 822 15.10 9.39 -28.19
CA THR D 822 16.16 9.44 -27.19
C THR D 822 17.28 10.38 -27.62
N TYR D 823 17.39 10.67 -28.91
CA TYR D 823 18.38 11.61 -29.46
C TYR D 823 18.26 13.05 -28.97
N LEU D 824 19.43 13.62 -28.61
CA LEU D 824 19.62 15.02 -28.19
C LEU D 824 20.43 15.79 -29.26
N PRO D 825 19.90 16.87 -29.90
CA PRO D 825 20.70 17.62 -30.89
C PRO D 825 21.93 18.27 -30.26
N THR D 826 23.07 18.22 -30.98
CA THR D 826 24.41 18.68 -30.54
C THR D 826 24.68 20.15 -30.87
N PHE D 827 25.29 20.91 -29.89
CA PHE D 827 25.64 22.35 -30.01
C PHE D 827 26.87 22.76 -29.17
#